data_8ZM3
#
_entry.id   8ZM3
#
loop_
_entity.id
_entity.type
_entity.pdbx_description
1 polymer 'RNA (61-MER)'
2 polymer 'CRISPR-associated protein Cse1 (CRISPR_cse1)'
3 polymer 'CRISPR-associated protein Cse2 (CRISPR_cse2)'
4 polymer 'CRISPR system Cascade subunit CasC'
5 polymer 'CRISPR system Cascade subunit CasD'
6 polymer 'CRISPR-associated endoribonuclease Cse3'
7 non-polymer 'MAGNESIUM ION'
#
loop_
_entity_poly.entity_id
_entity_poly.type
_entity_poly.pdbx_seq_one_letter_code
_entity_poly.pdbx_strand_id
1 'polyribonucleotide' GUGAACCGGAUUGCCGUCAGGAAAUUAGGUGCGCUUAGCAGUAUUCCCCACGCAUGUGGGG A
2 'polypeptide(L)'
;MYCAAVCFPQTKYQQRGTALKKPLVGLRKMGVEAAAWNTLKVTRDRPKLTFPDLITPQSKFLDNDLWLKYKVPIEQKEHV
MYNLLCDNWVNVVYLSGKPDRISLVQTLKDAHCLQLAYSNPMDRFTVFRFLLALGYWCFANTNVEPEPDKPLPVSWIPWL
EENKEYFELFGDGKRFFQADPSSRIRAITDLIHEIPTAHNLCHFKHVTDYIDGLCEACCIKGLLRLPVFTTVGGRGIGAG
INNTPPFYLLWHANDLAGMLAQNWQPWDNMGIPAWLGSFQKESREVGLLAGMTWLPRKVYLHDPVPGQAACCSCGLPSEA
LVYSCSIEVEPVPKGLEWKDPHGVYTDQGKSLQSKIKLMSNDRYTFADRDWYSPLFSYLHAEGNSRQGKLWLVGFASDKA
KSIDIWDKIIELEGTDTNDELLAQLANRATALNAMRKKPLRGDFKKSVGTPQIADIIPHAENRIAINAGKMTENRGYSWQ
DADTEYGELLTKVAYSLEPAQTVDARLKRGNFISRKPWPIIPESKTKPAEGDQNE
;
C
3 'polypeptide(L)'
;MNRGTVDFIASLENLKEGDLGILRKLRGARLDEKLPGFDLFSALWWPLRQKNQRAPKREVAWLIAKLFAEFRFEQREGAT
LPILMGGICRKLEPKKELPRVLARFDQLASLDIMQMEEPLSVIMGILRKHQQVCLDWVGLTDVLSFWEQEPVKREWSDSF
IKAYKINKEDSDVD
;
E
4 'polypeptide(L)'
;MLIEIHMIQNHSPANLNRDDLGAPKTCYFGGVLRSRISSQCIKRSIRTSNDFKALLGGVRTRRLADLIQQEAGETECWKK
AQEILNKCGFKNKDDNTKMLVFMSKDKIKDLARIVLDNSLGLTEAAQQVANVIAQATLAPDIALCGRMLEPNDKDKDKKV
KWSNTTVEAALQVAHAISTHIARPEIDYFVAADDVPGEDAGAGHIGESMFASACFYKYFSIDWEQLVKNLKGDTNLAAHT
VGAFLLAAAKTNPSGKQNSFAAHNYPDGILVEFKNSPISYANAFVRPVSVVKESDLVEQSIGQLSNYVNDIRLGYYDEQS
PVIGFWFSPNNRYPLGYKHSKLASRNIGNLNELVGAVLDYIGGFKWEEVQKSKAYIGG
;
F,H,I,J,K,G
5 'polypeptide(L)'
;MSAPPNTLFLRLEGALQSWGSNEAKFALRRTADAPTKSGVLGLLCAAMGIGRAEAADSWLPKLANLRMGVRIDRPGIRWW
DFHTVGAGQRMRMAELKAPKKPSMVGAALAETLTPSKVKTRAETLLSRREYLADASFLVALQGEPELVAKLSAALAKPVW
AIYLGRKSCPPSRPVCEHPPGFYNTLEEALSAVPLQKRWHNEPLPQILPCVMDWIPGYDGEHAPDDAEIHYDLPVSFQPP
RHLPRFVIRRELVVGEDVQVSRETGTSVWRPKGTRADYNNSEYKKVRAERLVMDHAACMVCKAPATTVQHVNYRRAGGKE
IPEDLRALCRLCHDACTMLEYGSGMTTNRIDPCDPIWRERILAKRKEIVEFRSRGQRFRKMKPEEENG
;
B
6 'polypeptide(L)'
;MIYLSRLLIDTGGNPDRPRPGRKWLDNIYNVHRRLSMAFPSGLRREQDPHFLKPFSPNDFQKTPFLFRVDNNIDGNDKRA
IIIVQSVLEPDWDYCFQNALDFLAAPPETKEYNPEFKAGQLLRFRLRVNASVRRHIPEMVQQDGQTIETGKILHKRVSLT
WDASSTPDQALADWLAAKSPKLGFTLQRCELLQLGWVYGSKPEPKNVKVKEQGQGYWREHKYNPLRFRAALLEGVLEVDD
PKLFLKTLSSGIGKAKSFGFGLLSVLPIRNDG
;
D
#
loop_
_chem_comp.id
_chem_comp.type
_chem_comp.name
_chem_comp.formula
A RNA linking ADENOSINE-5'-MONOPHOSPHATE 'C10 H14 N5 O7 P'
C RNA linking CYTIDINE-5'-MONOPHOSPHATE 'C9 H14 N3 O8 P'
G RNA linking GUANOSINE-5'-MONOPHOSPHATE 'C10 H14 N5 O8 P'
MG non-polymer 'MAGNESIUM ION' 'Mg 2'
U RNA linking URIDINE-5'-MONOPHOSPHATE 'C9 H13 N2 O9 P'
#
# COMPACT_ATOMS: atom_id res chain seq x y z
N VAL B 80 45.80 -78.82 9.47
CA VAL B 80 45.22 -79.79 10.40
C VAL B 80 45.72 -79.53 11.82
N MET B 81 47.03 -79.45 11.99
CA MET B 81 47.64 -79.18 13.29
C MET B 81 47.88 -77.68 13.44
N TYR B 82 47.43 -77.12 14.56
CA TYR B 82 47.57 -75.69 14.79
C TYR B 82 47.87 -75.42 16.26
N ASN B 83 48.89 -74.59 16.50
CA ASN B 83 49.32 -74.21 17.83
C ASN B 83 49.52 -72.71 17.87
N LEU B 84 48.99 -72.06 18.91
CA LEU B 84 49.07 -70.61 19.00
C LEU B 84 50.49 -70.10 19.27
N LEU B 85 51.27 -70.83 20.06
CA LEU B 85 52.62 -70.40 20.42
C LEU B 85 53.53 -70.30 19.20
N CYS B 86 53.36 -71.18 18.22
CA CYS B 86 54.21 -71.22 17.04
C CYS B 86 53.58 -70.53 15.84
N ASP B 87 52.31 -70.83 15.53
CA ASP B 87 51.66 -70.22 14.38
C ASP B 87 51.32 -68.76 14.67
N ASN B 88 51.39 -67.95 13.62
CA ASN B 88 51.24 -66.50 13.73
C ASN B 88 49.77 -66.13 13.64
N TRP B 89 49.24 -65.48 14.67
CA TRP B 89 47.88 -64.99 14.63
C TRP B 89 47.70 -63.59 15.18
N VAL B 90 48.67 -63.04 15.91
CA VAL B 90 48.49 -61.78 16.65
C VAL B 90 48.76 -60.63 15.68
N ASN B 91 47.69 -59.98 15.23
CA ASN B 91 47.79 -58.86 14.30
C ASN B 91 48.21 -57.62 15.09
N VAL B 92 49.50 -57.31 15.02
CA VAL B 92 50.07 -56.15 15.72
C VAL B 92 50.70 -55.23 14.69
N VAL B 93 51.02 -54.01 15.14
CA VAL B 93 51.72 -53.03 14.32
C VAL B 93 52.95 -52.57 15.07
N TYR B 94 54.10 -52.60 14.40
CA TYR B 94 55.32 -52.12 15.02
C TYR B 94 55.26 -50.60 15.18
N LEU B 95 56.05 -50.09 16.13
CA LEU B 95 56.11 -48.64 16.32
C LEU B 95 56.84 -47.93 15.18
N SER B 96 57.64 -48.66 14.40
CA SER B 96 58.28 -48.05 13.23
C SER B 96 57.27 -47.76 12.11
N GLY B 97 56.18 -48.52 12.04
CA GLY B 97 55.13 -48.23 11.07
C GLY B 97 54.70 -49.40 10.22
N LYS B 98 55.23 -50.60 10.50
CA LYS B 98 54.94 -51.78 9.72
C LYS B 98 54.04 -52.72 10.52
N PRO B 99 52.80 -52.95 10.12
CA PRO B 99 51.98 -53.99 10.76
C PRO B 99 52.38 -55.38 10.29
N ASP B 100 52.02 -56.38 11.09
CA ASP B 100 52.39 -57.76 10.82
C ASP B 100 51.47 -58.69 11.61
N ARG B 101 51.67 -59.99 11.39
CA ARG B 101 51.03 -61.06 12.17
C ARG B 101 52.14 -61.97 12.70
N ILE B 102 52.38 -61.92 14.00
CA ILE B 102 53.37 -62.77 14.64
C ILE B 102 52.68 -63.61 15.71
N SER B 103 53.45 -64.52 16.30
CA SER B 103 52.90 -65.51 17.21
C SER B 103 52.86 -64.99 18.64
N LEU B 104 52.27 -65.79 19.52
CA LEU B 104 52.16 -65.44 20.94
C LEU B 104 53.53 -65.34 21.59
N VAL B 105 54.41 -66.29 21.29
CA VAL B 105 55.77 -66.29 21.83
C VAL B 105 56.53 -65.07 21.38
N GLN B 106 56.37 -64.68 20.11
CA GLN B 106 57.08 -63.51 19.60
C GLN B 106 56.56 -62.21 20.21
N THR B 107 55.23 -62.12 20.46
CA THR B 107 54.69 -60.95 21.14
C THR B 107 55.20 -60.86 22.57
N LEU B 108 55.31 -62.01 23.25
CA LEU B 108 55.94 -62.02 24.56
C LEU B 108 57.43 -61.68 24.50
N LYS B 109 58.07 -62.01 23.38
CA LYS B 109 59.50 -61.77 23.23
C LYS B 109 59.79 -60.27 23.06
N ASP B 110 59.11 -59.62 22.11
CA ASP B 110 59.45 -58.23 21.82
C ASP B 110 58.81 -57.28 22.83
N ALA B 111 57.48 -57.20 22.81
CA ALA B 111 56.67 -56.67 23.92
C ALA B 111 56.92 -55.21 24.31
N HIS B 112 57.78 -54.48 23.60
CA HIS B 112 57.97 -53.08 23.94
C HIS B 112 58.19 -52.14 22.75
N CYS B 113 58.10 -52.62 21.51
CA CYS B 113 58.28 -51.78 20.33
C CYS B 113 57.06 -51.81 19.41
N LEU B 114 55.89 -52.19 19.90
CA LEU B 114 54.74 -52.44 19.04
C LEU B 114 53.47 -52.02 19.74
N GLN B 115 52.37 -52.06 18.98
CA GLN B 115 51.02 -51.92 19.50
C GLN B 115 50.13 -53.00 18.91
N LEU B 116 49.08 -53.37 19.64
CA LEU B 116 48.12 -54.35 19.14
C LEU B 116 47.23 -53.68 18.10
N ALA B 117 47.10 -54.31 16.93
CA ALA B 117 46.40 -53.72 15.79
C ALA B 117 45.12 -54.50 15.52
N TYR B 118 44.01 -54.02 16.06
CA TYR B 118 42.71 -54.64 15.81
C TYR B 118 41.65 -53.55 15.74
N SER B 119 41.03 -53.41 14.56
CA SER B 119 40.12 -52.31 14.30
C SER B 119 38.89 -52.38 15.19
N ASN B 120 38.29 -53.56 15.32
CA ASN B 120 37.13 -53.73 16.17
C ASN B 120 37.54 -53.66 17.64
N PRO B 121 36.74 -53.00 18.49
CA PRO B 121 37.06 -52.99 19.93
C PRO B 121 37.04 -54.36 20.57
N MET B 122 36.22 -55.29 20.05
CA MET B 122 36.07 -56.59 20.68
C MET B 122 37.36 -57.39 20.66
N ASP B 123 37.99 -57.45 19.49
CA ASP B 123 39.23 -58.23 19.36
C ASP B 123 40.36 -57.60 20.15
N ARG B 124 40.44 -56.26 20.13
CA ARG B 124 41.46 -55.55 20.88
C ARG B 124 41.29 -55.72 22.38
N PHE B 125 40.06 -55.91 22.85
CA PHE B 125 39.85 -56.16 24.28
C PHE B 125 40.12 -57.62 24.63
N THR B 126 39.74 -58.55 23.75
CA THR B 126 39.89 -59.97 24.07
C THR B 126 41.34 -60.42 24.05
N VAL B 127 42.10 -60.00 23.03
CA VAL B 127 43.52 -60.35 22.97
C VAL B 127 44.25 -59.75 24.17
N PHE B 128 43.86 -58.52 24.53
CA PHE B 128 44.38 -57.94 25.75
C PHE B 128 44.08 -58.78 26.98
N ARG B 129 42.84 -59.25 27.14
CA ARG B 129 42.53 -60.00 28.36
C ARG B 129 43.21 -61.37 28.35
N PHE B 130 43.44 -61.96 27.18
CA PHE B 130 44.18 -63.22 27.15
C PHE B 130 45.63 -63.02 27.54
N LEU B 131 46.25 -61.92 27.08
CA LEU B 131 47.61 -61.61 27.54
C LEU B 131 47.63 -61.30 29.03
N LEU B 132 46.57 -60.66 29.53
CA LEU B 132 46.45 -60.37 30.95
C LEU B 132 46.42 -61.66 31.77
N ALA B 133 45.63 -62.64 31.32
CA ALA B 133 45.56 -63.93 32.01
C ALA B 133 46.87 -64.69 31.89
N LEU B 134 47.54 -64.60 30.74
CA LEU B 134 48.84 -65.24 30.57
C LEU B 134 49.88 -64.67 31.51
N GLY B 135 49.94 -63.34 31.63
CA GLY B 135 50.86 -62.73 32.57
C GLY B 135 50.53 -63.05 34.01
N TYR B 136 49.23 -63.14 34.34
CA TYR B 136 48.83 -63.54 35.69
C TYR B 136 49.28 -64.96 36.01
N TRP B 137 49.13 -65.89 35.05
CA TRP B 137 49.58 -67.26 35.29
C TRP B 137 51.10 -67.36 35.33
N CYS B 138 51.80 -66.56 34.52
CA CYS B 138 53.25 -66.56 34.55
C CYS B 138 53.77 -66.04 35.89
N PHE B 139 53.12 -65.01 36.44
CA PHE B 139 53.47 -64.57 37.79
C PHE B 139 53.09 -65.61 38.83
N ALA B 140 51.99 -66.34 38.58
CA ALA B 140 51.57 -67.37 39.52
C ALA B 140 52.59 -68.51 39.62
N ASN B 141 53.12 -68.95 38.49
CA ASN B 141 54.01 -70.10 38.46
C ASN B 141 55.48 -69.74 38.28
N THR B 142 55.82 -68.45 38.32
CA THR B 142 57.21 -68.04 38.16
C THR B 142 57.61 -67.07 39.26
N ASN B 143 56.64 -66.26 39.72
CA ASN B 143 56.84 -65.27 40.79
C ASN B 143 57.92 -64.25 40.44
N VAL B 144 57.82 -63.69 39.23
CA VAL B 144 58.68 -62.60 38.78
C VAL B 144 57.78 -61.50 38.23
N GLU B 145 57.98 -60.23 38.74
CA GLU B 145 57.10 -59.20 38.22
C GLU B 145 57.70 -58.51 37.01
N PRO B 146 56.87 -58.00 36.09
CA PRO B 146 57.37 -57.22 34.96
C PRO B 146 57.64 -55.77 35.37
N GLU B 147 58.92 -55.38 35.34
CA GLU B 147 59.30 -54.03 35.70
C GLU B 147 58.85 -53.05 34.62
N PRO B 148 58.40 -51.85 34.99
CA PRO B 148 58.03 -50.87 33.97
C PRO B 148 59.25 -50.34 33.24
N ASP B 149 59.03 -49.90 31.99
CA ASP B 149 60.07 -49.38 31.10
C ASP B 149 61.22 -50.38 30.94
N LYS B 150 60.87 -51.64 30.73
CA LYS B 150 61.85 -52.71 30.57
C LYS B 150 61.23 -53.81 29.72
N PRO B 151 62.04 -54.67 29.13
CA PRO B 151 61.50 -55.89 28.51
C PRO B 151 60.91 -56.82 29.56
N LEU B 152 59.94 -57.61 29.11
CA LEU B 152 59.26 -58.56 29.96
C LEU B 152 60.24 -59.64 30.44
N PRO B 153 59.98 -60.24 31.61
CA PRO B 153 60.89 -61.26 32.13
C PRO B 153 61.06 -62.45 31.19
N VAL B 154 62.30 -62.95 31.12
CA VAL B 154 62.65 -63.98 30.16
C VAL B 154 62.15 -65.35 30.60
N SER B 155 61.99 -65.54 31.92
CA SER B 155 61.55 -66.82 32.44
C SER B 155 60.08 -67.12 32.13
N TRP B 156 59.35 -66.13 31.60
CA TRP B 156 57.97 -66.37 31.19
C TRP B 156 57.89 -67.33 30.01
N ILE B 157 58.87 -67.24 29.11
CA ILE B 157 58.81 -68.03 27.87
C ILE B 157 58.89 -69.54 28.10
N PRO B 158 59.86 -70.09 28.85
CA PRO B 158 59.97 -71.57 28.91
C PRO B 158 58.80 -72.27 29.59
N TRP B 159 58.02 -71.58 30.42
CA TRP B 159 56.93 -72.24 31.12
C TRP B 159 55.80 -72.60 30.16
N LEU B 160 55.51 -71.72 29.19
CA LEU B 160 54.54 -72.05 28.16
C LEU B 160 55.08 -73.11 27.21
N GLU B 161 56.41 -73.19 27.07
CA GLU B 161 57.01 -74.27 26.29
C GLU B 161 56.83 -75.61 26.97
N GLU B 162 57.01 -75.66 28.30
CA GLU B 162 56.82 -76.90 29.05
C GLU B 162 55.37 -77.37 28.98
N ASN B 163 54.42 -76.47 29.15
CA ASN B 163 53.01 -76.79 29.07
C ASN B 163 52.47 -76.61 27.65
N LYS B 164 53.18 -77.20 26.69
CA LYS B 164 52.82 -77.03 25.28
C LYS B 164 51.55 -77.78 24.91
N GLU B 165 51.16 -78.79 25.68
CA GLU B 165 49.98 -79.57 25.35
C GLU B 165 48.68 -78.86 25.68
N TYR B 166 48.72 -77.79 26.46
CA TYR B 166 47.52 -77.09 26.90
C TYR B 166 47.09 -75.99 25.94
N PHE B 167 47.86 -75.72 24.89
CA PHE B 167 47.50 -74.72 23.87
C PHE B 167 47.47 -75.42 22.52
N GLU B 168 46.33 -76.02 22.17
CA GLU B 168 46.15 -76.68 20.88
C GLU B 168 44.79 -76.32 20.33
N LEU B 169 44.71 -76.15 19.01
CA LEU B 169 43.45 -75.78 18.39
C LEU B 169 42.73 -76.95 17.74
N PHE B 170 43.40 -78.07 17.50
CA PHE B 170 42.80 -79.24 16.88
C PHE B 170 43.35 -80.49 17.57
N GLY B 171 43.09 -81.65 16.96
CA GLY B 171 43.58 -82.91 17.46
C GLY B 171 42.53 -83.65 18.29
N ASP B 172 42.74 -84.95 18.45
CA ASP B 172 41.86 -85.80 19.24
C ASP B 172 42.44 -85.88 20.65
N GLY B 173 42.06 -84.92 21.49
CA GLY B 173 42.54 -84.87 22.85
C GLY B 173 42.27 -83.56 23.56
N LYS B 174 43.26 -83.06 24.28
CA LYS B 174 43.12 -81.81 25.01
C LYS B 174 43.08 -80.64 24.05
N ARG B 175 42.07 -79.77 24.20
CA ARG B 175 41.81 -78.69 23.26
C ARG B 175 41.66 -77.37 23.99
N PHE B 176 42.01 -76.29 23.30
CA PHE B 176 41.95 -74.93 23.83
C PHE B 176 40.60 -74.31 23.46
N PHE B 177 39.87 -73.85 24.47
CA PHE B 177 38.52 -73.28 24.33
C PHE B 177 37.58 -74.22 23.58
N GLN B 178 37.67 -75.51 23.90
CA GLN B 178 36.81 -76.52 23.30
C GLN B 178 36.50 -77.57 24.34
N ALA B 179 35.53 -78.44 24.01
CA ALA B 179 35.09 -79.49 24.91
C ALA B 179 34.67 -80.68 24.06
N ASP B 180 33.91 -81.59 24.66
CA ASP B 180 33.42 -82.75 23.95
C ASP B 180 32.42 -82.33 22.87
N PRO B 181 32.42 -82.99 21.71
CA PRO B 181 31.49 -82.62 20.65
C PRO B 181 30.07 -83.09 20.96
N SER B 182 29.12 -82.50 20.24
CA SER B 182 27.71 -82.81 20.43
C SER B 182 27.01 -82.90 19.07
N SER B 183 25.69 -82.97 19.07
CA SER B 183 24.92 -83.11 17.85
C SER B 183 24.31 -81.80 17.36
N ARG B 184 24.28 -80.76 18.19
CA ARG B 184 23.71 -79.47 17.80
C ARG B 184 24.69 -78.80 16.85
N ILE B 185 24.53 -79.07 15.56
CA ILE B 185 25.47 -78.63 14.54
C ILE B 185 25.13 -77.22 14.10
N ARG B 186 26.08 -76.30 14.26
CA ARG B 186 25.95 -74.94 13.77
C ARG B 186 27.21 -74.55 13.02
N ALA B 187 27.04 -73.74 11.98
CA ALA B 187 28.19 -73.22 11.26
C ALA B 187 28.93 -72.21 12.12
N ILE B 188 30.19 -71.96 11.74
CA ILE B 188 31.03 -71.02 12.51
C ILE B 188 30.76 -69.64 11.91
N THR B 189 29.64 -69.06 12.32
CA THR B 189 29.30 -67.67 12.05
C THR B 189 28.67 -66.99 13.27
N ASP B 190 28.04 -67.74 14.18
CA ASP B 190 27.48 -67.24 15.42
C ASP B 190 28.54 -66.73 16.39
N LEU B 191 29.79 -67.11 16.19
CA LEU B 191 30.90 -66.65 17.01
C LEU B 191 31.30 -65.21 16.69
N ILE B 192 30.59 -64.55 15.76
CA ILE B 192 30.87 -63.16 15.41
C ILE B 192 29.60 -62.36 15.66
N HIS B 193 29.74 -61.23 16.33
CA HIS B 193 28.57 -60.39 16.54
C HIS B 193 28.26 -59.51 15.33
N GLU B 194 29.21 -59.33 14.40
CA GLU B 194 28.98 -58.44 13.28
C GLU B 194 28.65 -59.16 11.98
N ILE B 195 29.01 -60.43 11.84
CA ILE B 195 28.69 -61.22 10.65
C ILE B 195 27.34 -61.89 10.91
N PRO B 196 26.30 -61.56 10.13
CA PRO B 196 24.97 -62.10 10.41
C PRO B 196 24.87 -63.60 10.17
N THR B 197 24.02 -64.24 10.96
CA THR B 197 23.75 -65.68 10.87
C THR B 197 22.32 -65.93 11.27
N ALA B 198 21.84 -67.14 10.93
CA ALA B 198 20.47 -67.59 11.20
C ALA B 198 19.43 -66.61 10.67
N HIS B 199 18.69 -65.97 11.56
CA HIS B 199 17.61 -65.07 11.19
C HIS B 199 18.05 -63.61 11.11
N ASN B 200 19.34 -63.32 11.24
CA ASN B 200 19.82 -61.95 11.15
C ASN B 200 19.74 -61.44 9.71
N LEU B 201 19.71 -60.12 9.56
CA LEU B 201 19.60 -59.47 8.26
C LEU B 201 21.00 -59.33 7.67
N CYS B 202 21.25 -60.01 6.55
CA CYS B 202 22.52 -59.91 5.84
C CYS B 202 22.41 -58.92 4.68
N HIS B 203 22.03 -57.69 5.01
CA HIS B 203 21.84 -56.63 4.03
C HIS B 203 23.07 -55.73 3.88
N PHE B 204 23.82 -55.49 4.95
CA PHE B 204 25.07 -54.76 4.88
C PHE B 204 26.29 -55.67 4.76
N LYS B 205 26.09 -56.99 4.81
CA LYS B 205 27.17 -57.94 4.62
C LYS B 205 26.55 -59.23 4.13
N HIS B 206 26.74 -59.53 2.84
CA HIS B 206 26.04 -60.61 2.18
C HIS B 206 26.75 -61.93 2.48
N VAL B 207 26.25 -62.65 3.47
CA VAL B 207 26.85 -63.91 3.92
C VAL B 207 25.81 -65.02 3.76
N THR B 208 26.26 -66.17 3.26
CA THR B 208 25.40 -67.32 3.03
C THR B 208 25.89 -68.50 3.85
N ASP B 209 24.96 -69.20 4.47
CA ASP B 209 25.32 -70.22 5.46
C ASP B 209 25.90 -71.46 4.76
N TYR B 210 26.92 -72.05 5.40
CA TYR B 210 27.67 -73.20 4.90
C TYR B 210 28.24 -72.95 3.51
N ILE B 211 28.69 -71.73 3.27
CA ILE B 211 29.36 -71.36 2.02
C ILE B 211 30.71 -70.74 2.33
N ASP B 212 30.77 -69.87 3.32
CA ASP B 212 32.00 -69.15 3.66
C ASP B 212 32.37 -69.41 5.12
N GLY B 213 33.68 -69.47 5.39
CA GLY B 213 34.18 -69.81 6.72
C GLY B 213 35.32 -68.92 7.17
N LEU B 214 35.93 -69.27 8.31
CA LEU B 214 36.95 -68.45 8.94
C LEU B 214 38.26 -69.22 9.08
N CYS B 215 39.35 -68.46 9.20
CA CYS B 215 40.67 -69.03 9.39
C CYS B 215 40.95 -69.25 10.88
N GLU B 216 42.06 -69.94 11.16
CA GLU B 216 42.37 -70.35 12.53
C GLU B 216 42.63 -69.14 13.44
N ALA B 217 43.30 -68.11 12.92
CA ALA B 217 43.46 -66.87 13.67
C ALA B 217 42.10 -66.24 13.98
N CYS B 218 41.21 -66.22 12.99
CA CYS B 218 39.85 -65.74 13.21
C CYS B 218 39.08 -66.65 14.17
N CYS B 219 39.34 -67.97 14.10
CA CYS B 219 38.71 -68.89 15.05
C CYS B 219 39.15 -68.59 16.48
N ILE B 220 40.44 -68.30 16.69
CA ILE B 220 40.95 -67.95 18.01
C ILE B 220 40.33 -66.64 18.49
N LYS B 221 40.24 -65.65 17.61
CA LYS B 221 39.61 -64.39 17.97
C LYS B 221 38.13 -64.56 18.33
N GLY B 222 37.39 -65.40 17.60
CA GLY B 222 35.99 -65.61 17.92
C GLY B 222 35.81 -66.46 19.16
N LEU B 223 36.80 -67.28 19.47
CA LEU B 223 36.78 -68.08 20.69
C LEU B 223 36.91 -67.22 21.94
N LEU B 224 37.79 -66.22 21.93
CA LEU B 224 38.10 -65.45 23.12
C LEU B 224 37.05 -64.39 23.43
N ARG B 225 36.02 -64.24 22.59
CA ARG B 225 34.99 -63.23 22.83
C ARG B 225 33.76 -63.79 23.54
N LEU B 226 33.62 -65.12 23.58
CA LEU B 226 32.57 -65.73 24.38
C LEU B 226 32.60 -65.38 25.88
N PRO B 227 33.77 -65.29 26.56
CA PRO B 227 33.72 -64.91 27.99
C PRO B 227 33.15 -63.53 28.30
N VAL B 228 33.22 -62.56 27.37
CA VAL B 228 32.93 -61.18 27.78
C VAL B 228 31.75 -60.56 27.04
N PHE B 229 31.44 -61.04 25.82
CA PHE B 229 30.29 -60.49 25.11
C PHE B 229 29.24 -61.53 24.81
N THR B 230 28.87 -62.33 25.82
CA THR B 230 27.84 -63.33 25.66
C THR B 230 26.53 -62.77 26.22
N THR B 231 25.60 -62.45 25.33
CA THR B 231 24.26 -62.03 25.71
C THR B 231 23.30 -63.22 25.61
N VAL B 232 22.02 -62.98 25.91
CA VAL B 232 21.05 -64.06 25.88
C VAL B 232 20.76 -64.47 24.44
N GLY B 233 20.29 -65.70 24.27
CA GLY B 233 20.07 -66.25 22.94
C GLY B 233 18.66 -66.73 22.69
N GLY B 234 17.71 -66.27 23.52
CA GLY B 234 16.33 -66.62 23.32
C GLY B 234 15.72 -67.43 24.45
N ARG B 235 15.20 -68.61 24.13
CA ARG B 235 14.54 -69.49 25.10
C ARG B 235 15.51 -70.58 25.51
N GLY B 236 15.80 -70.66 26.81
CA GLY B 236 16.69 -71.67 27.34
C GLY B 236 18.17 -71.37 27.20
N ILE B 237 18.54 -70.21 26.67
CA ILE B 237 19.93 -69.83 26.47
C ILE B 237 20.18 -68.53 27.22
N GLY B 238 21.14 -68.52 28.13
CA GLY B 238 21.43 -67.37 28.94
C GLY B 238 22.54 -66.51 28.37
N ALA B 239 23.00 -65.58 29.20
CA ALA B 239 24.12 -64.70 28.88
C ALA B 239 25.42 -65.34 29.41
N GLY B 240 26.48 -64.54 29.47
CA GLY B 240 27.73 -64.98 30.05
C GLY B 240 27.69 -64.93 31.56
N ILE B 241 28.89 -64.90 32.16
CA ILE B 241 28.99 -64.90 33.62
C ILE B 241 28.63 -63.53 34.19
N ASN B 242 28.71 -62.47 33.38
CA ASN B 242 28.40 -61.13 33.81
C ASN B 242 26.98 -60.69 33.47
N ASN B 243 26.15 -61.62 32.98
CA ASN B 243 24.80 -61.35 32.49
C ASN B 243 24.91 -60.34 31.36
N THR B 244 24.34 -59.15 31.47
CA THR B 244 24.51 -58.15 30.42
C THR B 244 25.93 -57.60 30.44
N PRO B 245 26.65 -57.62 29.33
CA PRO B 245 27.99 -57.01 29.29
C PRO B 245 27.91 -55.50 29.39
N PRO B 246 28.50 -54.92 30.44
CA PRO B 246 28.44 -53.46 30.63
C PRO B 246 29.52 -52.72 29.85
N PHE B 247 29.66 -51.41 30.16
CA PHE B 247 30.85 -50.65 29.81
C PHE B 247 32.12 -51.40 30.21
N TYR B 248 33.18 -51.20 29.44
CA TYR B 248 34.50 -51.76 29.76
C TYR B 248 35.51 -50.62 29.72
N LEU B 249 35.85 -50.09 30.89
CA LEU B 249 36.79 -48.98 31.02
C LEU B 249 38.13 -49.51 31.50
N LEU B 250 39.19 -49.04 30.88
CA LEU B 250 40.55 -49.39 31.29
C LEU B 250 41.46 -48.24 30.90
N TRP B 251 42.76 -48.43 31.16
CA TRP B 251 43.76 -47.41 30.99
C TRP B 251 44.70 -47.76 29.84
N HIS B 252 44.91 -46.80 28.95
CA HIS B 252 45.60 -47.03 27.69
C HIS B 252 47.04 -46.53 27.77
N ALA B 253 47.93 -47.23 27.05
CA ALA B 253 49.32 -46.82 26.95
C ALA B 253 49.86 -47.30 25.61
N ASN B 254 51.01 -46.76 25.23
CA ASN B 254 51.47 -46.76 23.84
C ASN B 254 52.38 -47.95 23.50
N ASP B 255 52.63 -48.86 24.43
CA ASP B 255 53.43 -50.05 24.16
C ASP B 255 52.88 -51.20 25.00
N LEU B 256 53.31 -52.42 24.65
CA LEU B 256 52.71 -53.62 25.25
C LEU B 256 52.97 -53.68 26.76
N ALA B 257 54.21 -53.37 27.17
CA ALA B 257 54.50 -53.26 28.59
C ALA B 257 53.78 -52.08 29.23
N GLY B 258 53.42 -51.06 28.43
CA GLY B 258 52.81 -49.87 29.02
C GLY B 258 51.44 -50.15 29.60
N MET B 259 50.59 -50.77 28.80
CA MET B 259 49.27 -51.17 29.28
C MET B 259 49.34 -52.39 30.20
N LEU B 260 50.25 -53.36 29.94
CA LEU B 260 50.41 -54.47 30.89
C LEU B 260 50.80 -53.99 32.28
N ALA B 261 51.61 -52.93 32.36
CA ALA B 261 52.13 -52.41 33.62
C ALA B 261 51.20 -51.41 34.29
N GLN B 262 50.10 -51.02 33.64
CA GLN B 262 49.13 -50.15 34.29
C GLN B 262 47.97 -50.90 34.93
N ASN B 263 47.83 -52.20 34.69
CA ASN B 263 46.72 -53.00 35.20
C ASN B 263 47.23 -54.31 35.80
N TRP B 264 48.23 -54.23 36.67
CA TRP B 264 48.89 -55.44 37.14
C TRP B 264 48.35 -55.98 38.46
N GLN B 265 47.42 -55.27 39.13
CA GLN B 265 46.95 -55.60 40.49
C GLN B 265 46.46 -57.04 40.63
N PRO B 266 47.18 -57.88 41.37
CA PRO B 266 46.78 -59.27 41.55
C PRO B 266 45.94 -59.46 42.81
N TRP B 267 45.49 -60.70 42.99
CA TRP B 267 44.69 -61.10 44.13
C TRP B 267 45.36 -62.27 44.84
N ASP B 268 44.93 -62.51 46.08
CA ASP B 268 45.43 -63.66 46.83
C ASP B 268 44.92 -64.98 46.24
N ASN B 269 43.70 -64.97 45.69
CA ASN B 269 43.12 -66.14 45.06
C ASN B 269 43.16 -65.96 43.55
N MET B 270 43.67 -66.97 42.84
CA MET B 270 43.79 -66.92 41.39
C MET B 270 42.74 -67.77 40.69
N GLY B 271 42.62 -69.03 41.09
CA GLY B 271 41.75 -69.95 40.39
C GLY B 271 42.49 -70.75 39.33
N ILE B 272 41.70 -71.43 38.51
CA ILE B 272 42.22 -72.23 37.41
C ILE B 272 41.72 -71.61 36.11
N PRO B 273 42.60 -71.12 35.24
CA PRO B 273 42.16 -70.56 33.96
C PRO B 273 41.66 -71.64 33.01
N ALA B 274 41.03 -71.19 31.92
CA ALA B 274 40.37 -72.11 31.00
C ALA B 274 41.33 -72.97 30.19
N TRP B 275 42.56 -72.50 29.96
CA TRP B 275 43.49 -73.28 29.14
C TRP B 275 44.06 -74.49 29.87
N LEU B 276 43.84 -74.61 31.17
CA LEU B 276 44.26 -75.77 31.94
C LEU B 276 43.26 -76.92 31.75
N GLY B 277 43.30 -77.90 32.64
CA GLY B 277 42.41 -79.05 32.56
C GLY B 277 40.93 -78.74 32.68
N SER B 278 40.12 -79.80 32.79
CA SER B 278 38.66 -79.65 32.78
C SER B 278 38.19 -78.79 33.95
N PHE B 279 37.66 -77.62 33.63
CA PHE B 279 37.25 -76.68 34.65
C PHE B 279 36.02 -77.18 35.39
N GLN B 280 35.96 -76.86 36.68
CA GLN B 280 34.84 -77.23 37.54
C GLN B 280 34.37 -75.99 38.28
N LYS B 281 33.04 -75.84 38.37
CA LYS B 281 32.47 -74.77 39.17
C LYS B 281 32.82 -74.94 40.64
N GLU B 282 32.73 -76.17 41.14
CA GLU B 282 33.06 -76.56 42.52
C GLU B 282 32.16 -75.76 43.46
N SER B 283 32.70 -75.05 44.44
CA SER B 283 31.89 -74.22 45.32
C SER B 283 31.72 -72.84 44.69
N ARG B 284 31.22 -71.89 45.48
CA ARG B 284 31.03 -70.52 45.02
C ARG B 284 32.37 -69.82 44.86
N VAL B 286 35.00 -67.14 42.91
CA VAL B 286 35.89 -67.55 41.82
C VAL B 286 37.30 -67.04 42.07
N GLY B 287 37.65 -65.90 41.48
CA GLY B 287 38.97 -65.34 41.66
C GLY B 287 39.41 -64.43 40.54
N LEU B 288 40.62 -64.66 40.02
CA LEU B 288 41.20 -63.83 38.96
C LEU B 288 41.39 -64.60 37.66
N LEU B 289 42.14 -65.71 37.70
CA LEU B 289 42.35 -66.49 36.48
C LEU B 289 41.07 -67.20 36.06
N ALA B 290 40.36 -67.81 37.01
CA ALA B 290 39.12 -68.50 36.69
C ALA B 290 37.97 -67.52 36.45
N GLY B 291 38.08 -66.31 36.99
CA GLY B 291 37.01 -65.34 36.83
C GLY B 291 36.87 -64.84 35.41
N MET B 292 38.00 -64.57 34.74
CA MET B 292 37.97 -63.98 33.40
C MET B 292 37.59 -65.00 32.34
N THR B 293 38.05 -66.25 32.49
CA THR B 293 38.01 -67.26 31.45
C THR B 293 36.84 -68.21 31.61
N TRP B 294 35.71 -67.71 32.09
CA TRP B 294 34.51 -68.51 32.24
C TRP B 294 34.01 -68.97 30.88
N LEU B 295 33.52 -70.20 30.81
CA LEU B 295 33.07 -70.78 29.54
C LEU B 295 31.56 -70.98 29.58
N PRO B 296 30.77 -70.02 29.09
CA PRO B 296 29.33 -70.24 28.99
C PRO B 296 28.93 -71.18 27.87
N ARG B 297 29.83 -71.43 26.91
CA ARG B 297 29.55 -72.28 25.76
C ARG B 297 30.74 -73.20 25.52
N LYS B 298 30.45 -74.34 24.90
CA LYS B 298 31.47 -75.25 24.39
C LYS B 298 31.45 -75.17 22.87
N VAL B 299 32.62 -75.34 22.24
CA VAL B 299 32.75 -75.25 20.79
C VAL B 299 33.44 -76.53 20.30
N TYR B 300 33.11 -76.94 19.06
CA TYR B 300 33.70 -78.14 18.49
C TYR B 300 34.96 -77.82 17.69
N LEU B 301 34.83 -76.95 16.68
CA LEU B 301 35.92 -76.55 15.78
C LEU B 301 36.53 -77.77 15.07
N HIS B 302 35.78 -78.34 14.12
CA HIS B 302 36.31 -79.40 13.27
C HIS B 302 37.50 -78.91 12.45
N ASP B 303 38.18 -79.85 11.82
CA ASP B 303 39.36 -79.55 11.01
C ASP B 303 38.98 -78.72 9.78
N PRO B 304 39.88 -77.82 9.34
CA PRO B 304 39.59 -77.00 8.15
C PRO B 304 39.30 -77.80 6.89
N VAL B 305 38.06 -77.71 6.43
CA VAL B 305 37.63 -78.39 5.19
C VAL B 305 38.20 -77.64 4.00
N PRO B 306 38.63 -78.34 2.93
CA PRO B 306 39.18 -77.63 1.77
C PRO B 306 38.16 -76.84 0.96
N GLY B 307 37.58 -75.79 1.56
CA GLY B 307 36.82 -74.80 0.84
C GLY B 307 37.64 -73.54 0.67
N GLN B 308 37.57 -72.95 -0.53
CA GLN B 308 38.47 -71.86 -0.89
C GLN B 308 37.68 -70.67 -1.42
N ALA B 309 37.84 -69.50 -0.79
CA ALA B 309 37.70 -68.24 -1.52
C ALA B 309 38.82 -67.24 -1.26
N ALA B 310 38.94 -66.80 0.01
CA ALA B 310 39.84 -65.78 0.51
C ALA B 310 39.59 -65.62 2.02
N CYS B 311 38.71 -64.68 2.38
CA CYS B 311 38.20 -64.50 3.74
C CYS B 311 36.96 -63.59 3.72
N CYS B 312 36.37 -63.32 4.88
CA CYS B 312 35.30 -62.35 4.97
C CYS B 312 35.48 -61.42 6.16
N SER B 313 36.29 -61.83 7.14
CA SER B 313 36.51 -61.02 8.34
C SER B 313 37.59 -59.97 8.10
N CYS B 314 38.82 -60.41 7.87
CA CYS B 314 39.92 -59.52 7.55
C CYS B 314 40.25 -59.50 6.07
N GLY B 315 39.51 -60.23 5.23
CA GLY B 315 39.67 -60.17 3.79
C GLY B 315 40.91 -60.83 3.23
N LEU B 316 41.75 -61.43 4.07
CA LEU B 316 43.03 -61.97 3.63
C LEU B 316 42.83 -63.19 2.74
N PRO B 317 43.54 -63.29 1.61
CA PRO B 317 43.49 -64.53 0.82
C PRO B 317 44.27 -65.62 1.54
N SER B 318 43.59 -66.75 1.78
CA SER B 318 44.11 -67.77 2.67
C SER B 318 43.77 -69.14 2.08
N GLU B 319 43.83 -70.17 2.93
CA GLU B 319 43.72 -71.58 2.59
C GLU B 319 42.45 -72.14 3.20
N ALA B 320 42.36 -73.47 3.23
CA ALA B 320 41.21 -74.21 3.74
C ALA B 320 40.74 -73.71 5.11
N LEU B 321 39.45 -73.49 5.24
CA LEU B 321 38.84 -72.92 6.43
C LEU B 321 37.88 -73.93 7.07
N VAL B 322 37.50 -73.64 8.30
CA VAL B 322 36.48 -74.40 9.00
C VAL B 322 35.12 -73.76 8.69
N TYR B 323 34.10 -74.59 8.51
CA TYR B 323 32.80 -74.11 8.11
C TYR B 323 31.66 -74.53 9.03
N SER B 324 31.78 -75.66 9.73
CA SER B 324 30.71 -76.15 10.60
C SER B 324 31.31 -76.68 11.89
N CYS B 325 30.52 -76.57 12.96
CA CYS B 325 30.98 -76.95 14.30
C CYS B 325 29.77 -77.23 15.17
N SER B 326 29.99 -77.25 16.49
CA SER B 326 28.94 -77.45 17.47
C SER B 326 29.07 -76.42 18.58
N ILE B 327 27.93 -76.02 19.14
CA ILE B 327 27.89 -75.15 20.32
C ILE B 327 26.76 -75.63 21.23
N GLU B 328 27.10 -75.88 22.49
CA GLU B 328 26.13 -76.17 23.54
C GLU B 328 26.23 -75.10 24.62
N VAL B 329 25.12 -74.90 25.32
CA VAL B 329 24.96 -73.78 26.24
C VAL B 329 25.12 -74.29 27.66
N GLU B 330 25.99 -73.63 28.43
CA GLU B 330 26.22 -73.96 29.82
C GLU B 330 25.58 -72.90 30.71
N PRO B 331 24.56 -73.23 31.50
CA PRO B 331 23.95 -72.24 32.39
C PRO B 331 24.87 -71.88 33.55
N VAL B 332 24.74 -70.65 34.03
CA VAL B 332 25.48 -70.17 35.18
C VAL B 332 24.66 -70.45 36.43
N PRO B 333 25.21 -71.12 37.44
CA PRO B 333 24.45 -71.38 38.67
C PRO B 333 24.18 -70.10 39.44
N LYS B 334 23.14 -70.15 40.27
CA LYS B 334 22.75 -69.02 41.09
C LYS B 334 23.81 -68.72 42.15
N GLY B 335 23.89 -67.47 42.54
CA GLY B 335 24.95 -67.01 43.44
C GLY B 335 26.18 -66.56 42.66
N LEU B 336 27.34 -67.13 42.99
CA LEU B 336 28.60 -66.91 42.28
C LEU B 336 28.96 -65.42 42.25
N GLU B 337 29.20 -64.88 43.44
CA GLU B 337 29.54 -63.47 43.59
C GLU B 337 30.87 -63.17 42.89
N TRP B 338 30.79 -62.48 41.75
CA TRP B 338 31.95 -62.20 40.92
C TRP B 338 31.89 -60.75 40.48
N LYS B 339 33.04 -60.07 40.58
CA LYS B 339 33.16 -58.66 40.25
C LYS B 339 34.23 -58.51 39.17
N ASP B 340 33.81 -58.11 37.97
CA ASP B 340 34.78 -57.82 36.92
C ASP B 340 35.43 -56.47 37.20
N PRO B 341 36.76 -56.41 37.29
CA PRO B 341 37.41 -55.12 37.57
C PRO B 341 37.16 -54.06 36.52
N HIS B 342 37.14 -54.44 35.24
CA HIS B 342 36.84 -53.51 34.16
C HIS B 342 35.35 -53.25 34.00
N GLY B 343 34.50 -54.16 34.45
CA GLY B 343 33.07 -53.95 34.35
C GLY B 343 32.57 -52.89 35.29
N VAL B 344 31.44 -52.28 34.92
CA VAL B 344 30.84 -51.20 35.68
C VAL B 344 29.44 -51.64 36.10
N TYR B 345 29.17 -51.59 37.40
CA TYR B 345 27.88 -51.96 37.95
C TYR B 345 27.13 -50.73 38.46
N THR B 346 25.81 -50.88 38.60
CA THR B 346 24.92 -49.78 38.95
C THR B 346 24.75 -49.68 40.46
N ASP B 347 23.77 -48.89 40.89
CA ASP B 347 23.46 -48.75 42.31
C ASP B 347 22.89 -50.03 42.89
N GLN B 348 22.07 -50.75 42.14
CA GLN B 348 21.46 -51.99 42.61
C GLN B 348 22.35 -53.20 42.40
N GLY B 349 23.50 -53.03 41.77
CA GLY B 349 24.34 -54.15 41.42
C GLY B 349 24.11 -54.71 40.03
N LYS B 350 23.14 -54.17 39.30
CA LYS B 350 22.97 -54.53 37.90
C LYS B 350 24.06 -53.87 37.06
N SER B 351 24.23 -54.38 35.85
CA SER B 351 25.24 -53.84 34.95
C SER B 351 24.81 -52.48 34.41
N LEU B 352 25.80 -51.65 34.08
CA LEU B 352 25.60 -50.36 33.45
C LEU B 352 26.05 -50.44 32.00
N GLN B 353 25.07 -50.50 31.10
CA GLN B 353 25.31 -50.69 29.68
C GLN B 353 25.11 -49.36 28.94
N SER B 354 25.47 -49.39 27.65
CA SER B 354 25.42 -48.19 26.82
C SER B 354 23.98 -47.70 26.65
N LYS B 355 23.85 -46.47 26.19
CA LYS B 355 22.56 -45.79 26.08
C LYS B 355 22.37 -45.28 24.66
N ILE B 356 22.58 -46.16 23.68
CA ILE B 356 22.49 -45.79 22.29
C ILE B 356 21.56 -46.74 21.54
N LYS B 357 20.91 -46.21 20.51
CA LYS B 357 20.02 -46.94 19.62
C LYS B 357 20.04 -46.22 18.27
N LEU B 358 19.06 -46.56 17.43
CA LEU B 358 18.96 -45.98 16.09
C LEU B 358 17.73 -45.09 15.93
N MET B 359 17.10 -44.67 17.02
CA MET B 359 15.79 -44.03 16.96
C MET B 359 15.65 -43.10 18.15
N SER B 360 15.00 -41.95 17.92
CA SER B 360 14.80 -40.93 18.95
C SER B 360 13.34 -41.02 19.42
N ASN B 361 13.11 -41.88 20.41
CA ASN B 361 11.77 -42.17 20.89
C ASN B 361 11.32 -41.11 21.89
N ASP B 362 10.24 -41.40 22.61
CA ASP B 362 9.71 -40.47 23.61
C ASP B 362 10.59 -40.38 24.84
N ARG B 363 11.43 -41.39 25.11
CA ARG B 363 12.29 -41.39 26.28
C ARG B 363 13.77 -41.41 25.92
N TYR B 364 14.12 -40.96 24.71
CA TYR B 364 15.52 -40.92 24.28
C TYR B 364 15.64 -39.91 23.16
N THR B 365 16.79 -39.24 23.11
CA THR B 365 17.11 -38.34 22.02
C THR B 365 18.54 -38.60 21.58
N PHE B 366 18.76 -38.71 20.27
CA PHE B 366 20.03 -39.17 19.71
C PHE B 366 21.02 -38.01 19.70
N ALA B 367 22.08 -38.11 20.52
CA ALA B 367 23.10 -37.07 20.58
C ALA B 367 24.46 -37.55 20.10
N ASP B 368 25.06 -38.53 20.77
CA ASP B 368 26.39 -39.06 20.49
C ASP B 368 26.58 -40.31 21.31
N ARG B 369 27.82 -40.81 21.37
CA ARG B 369 28.16 -41.89 22.28
C ARG B 369 28.06 -41.39 23.72
N ASP B 370 27.72 -42.31 24.63
CA ASP B 370 27.50 -41.96 26.04
C ASP B 370 28.78 -42.20 26.82
N TRP B 371 29.65 -41.19 26.82
CA TRP B 371 30.86 -41.20 27.63
C TRP B 371 30.62 -40.69 29.04
N TYR B 372 29.44 -40.16 29.32
CA TYR B 372 29.09 -39.55 30.59
C TYR B 372 28.38 -40.51 31.54
N SER B 373 28.02 -41.71 31.07
CA SER B 373 27.35 -42.67 31.96
C SER B 373 28.31 -43.22 33.02
N PRO B 374 29.44 -43.93 32.66
CA PRO B 374 30.24 -44.61 33.69
C PRO B 374 31.31 -43.71 34.29
N LEU B 375 30.87 -42.49 34.69
CA LEU B 375 31.77 -41.45 35.27
C LEU B 375 31.49 -41.10 36.73
N PHE B 376 30.23 -40.86 37.11
CA PHE B 376 29.87 -40.64 38.53
C PHE B 376 29.71 -42.06 39.07
N SER B 377 30.69 -42.90 38.78
CA SER B 377 30.65 -44.28 39.19
C SER B 377 32.08 -44.83 39.19
N TYR B 378 32.79 -44.72 38.07
CA TYR B 378 34.17 -45.15 38.02
C TYR B 378 34.90 -44.37 39.06
N LEU B 379 34.48 -43.12 39.25
CA LEU B 379 35.18 -42.22 40.17
C LEU B 379 34.92 -42.41 41.67
N HIS B 380 34.32 -43.54 42.05
CA HIS B 380 34.04 -43.79 43.46
C HIS B 380 34.15 -45.24 43.88
N ALA B 381 34.13 -46.21 42.93
CA ALA B 381 34.07 -47.60 43.34
C ALA B 381 35.33 -48.37 42.96
N GLU B 382 35.69 -48.39 41.68
CA GLU B 382 36.84 -49.16 41.21
C GLU B 382 37.54 -48.38 40.11
N GLY B 383 38.84 -48.14 40.29
CA GLY B 383 39.63 -47.39 39.34
C GLY B 383 40.05 -46.04 39.89
N ASN B 384 39.11 -45.36 40.54
CA ASN B 384 39.31 -44.10 41.25
C ASN B 384 39.89 -43.04 40.30
N SER B 385 40.63 -42.08 40.84
CA SER B 385 41.26 -41.04 40.05
C SER B 385 42.75 -41.34 39.93
N ARG B 386 43.24 -41.42 38.69
CA ARG B 386 44.65 -41.72 38.47
C ARG B 386 45.06 -41.12 37.13
N GLN B 387 46.36 -40.94 36.95
CA GLN B 387 46.87 -40.23 35.78
C GLN B 387 47.08 -41.19 34.62
N GLY B 388 46.47 -40.87 33.48
CA GLY B 388 46.58 -41.71 32.30
C GLY B 388 45.47 -41.39 31.31
N LYS B 389 45.28 -42.32 30.38
CA LYS B 389 44.26 -42.21 29.34
C LYS B 389 43.16 -43.22 29.66
N LEU B 390 41.95 -42.72 29.90
CA LEU B 390 40.83 -43.60 30.22
C LEU B 390 40.09 -43.98 28.95
N TRP B 391 40.24 -45.24 28.53
CA TRP B 391 39.60 -45.74 27.32
C TRP B 391 38.21 -46.27 27.68
N LEU B 392 37.20 -45.78 26.98
CA LEU B 392 35.82 -46.21 27.18
C LEU B 392 35.38 -47.09 26.01
N VAL B 393 34.85 -48.26 26.34
CA VAL B 393 34.25 -49.17 25.35
C VAL B 393 32.77 -49.25 25.66
N GLY B 394 31.95 -48.79 24.73
CA GLY B 394 30.51 -48.85 24.91
C GLY B 394 29.84 -49.81 23.97
N PHE B 395 29.39 -50.96 24.50
CA PHE B 395 28.81 -52.02 23.69
C PHE B 395 27.32 -52.08 23.99
N ALA B 396 26.49 -51.72 23.02
CA ALA B 396 25.05 -51.71 23.19
C ALA B 396 24.45 -53.05 22.78
N SER B 397 23.24 -53.31 23.28
CA SER B 397 22.53 -54.54 22.98
C SER B 397 21.05 -54.36 23.30
N ASP B 398 20.24 -55.28 22.77
CA ASP B 398 18.85 -55.45 23.21
C ASP B 398 18.43 -56.85 22.77
N LYS B 399 17.97 -57.66 23.72
CA LYS B 399 17.70 -59.08 23.55
C LYS B 399 18.96 -59.81 23.07
N ALA B 400 19.06 -60.09 21.77
CA ALA B 400 20.16 -60.88 21.24
C ALA B 400 20.84 -60.21 20.05
N LYS B 401 20.57 -58.93 19.81
CA LYS B 401 21.13 -58.21 18.68
C LYS B 401 21.98 -57.04 19.17
N SER B 402 23.23 -56.97 18.72
CA SER B 402 24.06 -55.81 18.96
C SER B 402 23.69 -54.70 17.98
N ILE B 403 23.71 -53.46 18.45
CA ILE B 403 23.29 -52.30 17.66
C ILE B 403 24.48 -51.37 17.36
N ASP B 404 25.28 -51.06 18.38
CA ASP B 404 26.42 -50.17 18.15
C ASP B 404 27.49 -50.40 19.21
N ILE B 405 28.74 -50.48 18.77
CA ILE B 405 29.91 -50.53 19.65
C ILE B 405 30.86 -49.42 19.24
N TRP B 406 31.40 -48.71 20.23
CA TRP B 406 32.28 -47.57 20.00
C TRP B 406 33.42 -47.58 21.00
N ASP B 407 34.46 -46.79 20.71
CA ASP B 407 35.56 -46.56 21.63
C ASP B 407 35.81 -45.06 21.77
N LYS B 408 36.54 -44.69 22.83
CA LYS B 408 36.88 -43.31 23.11
C LYS B 408 38.08 -43.27 24.03
N ILE B 409 38.78 -42.13 24.04
CA ILE B 409 39.95 -41.90 24.89
C ILE B 409 39.85 -40.51 25.50
N ILE B 410 40.02 -40.42 26.82
CA ILE B 410 39.97 -39.16 27.55
C ILE B 410 41.20 -39.03 28.44
N GLU B 411 41.62 -37.80 28.70
CA GLU B 411 42.81 -37.51 29.49
C GLU B 411 42.44 -36.98 30.87
N LEU B 412 43.05 -37.55 31.90
CA LEU B 412 42.77 -37.18 33.29
C LEU B 412 44.07 -37.06 34.06
N GLU B 413 44.03 -36.37 35.19
CA GLU B 413 45.13 -36.40 36.13
C GLU B 413 44.64 -36.62 37.57
N GLY B 414 43.42 -36.19 37.87
CA GLY B 414 42.90 -36.31 39.22
C GLY B 414 42.64 -34.99 39.92
N THR B 415 42.23 -33.97 39.17
CA THR B 415 42.03 -32.63 39.70
C THR B 415 40.78 -32.53 40.58
N ASP B 416 40.87 -33.05 41.81
CA ASP B 416 39.82 -33.01 42.82
C ASP B 416 38.53 -33.69 42.35
N THR B 417 37.47 -33.57 43.15
CA THR B 417 36.18 -34.12 42.76
C THR B 417 35.07 -33.32 43.44
N ASN B 418 34.09 -32.91 42.63
CA ASN B 418 32.84 -32.34 43.10
C ASN B 418 31.78 -33.40 42.81
N ASP B 419 31.25 -34.01 43.87
CA ASP B 419 30.37 -35.16 43.71
C ASP B 419 29.07 -34.75 43.03
N GLU B 420 28.56 -33.57 43.38
CA GLU B 420 27.30 -33.08 42.79
C GLU B 420 27.44 -32.85 41.29
N LEU B 421 28.54 -32.23 40.86
CA LEU B 421 28.72 -31.93 39.44
C LEU B 421 28.99 -33.19 38.64
N LEU B 422 29.72 -34.14 39.21
CA LEU B 422 29.84 -35.43 38.56
C LEU B 422 28.48 -36.11 38.44
N ALA B 423 27.56 -35.88 39.40
CA ALA B 423 26.26 -36.54 39.36
C ALA B 423 25.40 -36.00 38.26
N GLN B 424 25.42 -34.69 38.12
CA GLN B 424 24.75 -34.01 37.03
C GLN B 424 25.33 -34.46 35.70
N LEU B 425 26.65 -34.64 35.64
CA LEU B 425 27.28 -35.10 34.40
C LEU B 425 26.90 -36.55 34.09
N ALA B 426 26.69 -37.38 35.11
CA ALA B 426 26.21 -38.74 34.86
C ALA B 426 24.76 -38.77 34.37
N ASN B 427 24.01 -37.69 34.57
CA ASN B 427 22.60 -37.63 34.17
C ASN B 427 22.45 -36.44 33.23
N ARG B 428 22.68 -36.69 31.94
CA ARG B 428 22.63 -35.65 30.93
C ARG B 428 21.62 -35.92 29.82
N ALA B 429 21.38 -37.19 29.49
CA ALA B 429 20.47 -37.52 28.39
C ALA B 429 19.03 -37.11 28.70
N THR B 430 18.62 -37.19 29.97
CA THR B 430 17.29 -36.69 30.34
C THR B 430 17.20 -35.19 30.18
N ALA B 431 18.30 -34.48 30.45
CA ALA B 431 18.32 -33.03 30.23
C ALA B 431 18.18 -32.70 28.75
N LEU B 432 18.83 -33.46 27.89
CA LEU B 432 18.69 -33.26 26.45
C LEU B 432 17.28 -33.58 25.97
N ASN B 433 16.68 -34.64 26.52
CA ASN B 433 15.30 -34.98 26.18
C ASN B 433 14.34 -33.88 26.61
N ALA B 434 14.57 -33.29 27.79
CA ALA B 434 13.73 -32.21 28.28
C ALA B 434 13.93 -30.94 27.46
N MET B 435 15.16 -30.70 26.98
CA MET B 435 15.38 -29.52 26.14
C MET B 435 14.72 -29.67 24.78
N ARG B 436 14.83 -30.85 24.17
CA ARG B 436 14.17 -31.10 22.90
C ARG B 436 12.66 -31.04 23.03
N LYS B 437 12.12 -31.62 24.11
CA LYS B 437 10.69 -31.86 24.26
C LYS B 437 9.90 -30.58 24.56
N LYS B 438 10.57 -29.46 24.78
CA LYS B 438 9.86 -28.25 25.17
C LYS B 438 9.04 -27.70 24.01
N PRO B 439 7.76 -27.43 24.21
CA PRO B 439 6.94 -26.87 23.13
C PRO B 439 7.34 -25.45 22.78
N LEU B 440 7.10 -25.09 21.52
CA LEU B 440 7.41 -23.75 21.04
C LEU B 440 6.55 -22.71 21.73
N ARG B 441 5.27 -23.03 21.93
CA ARG B 441 4.35 -22.17 22.67
C ARG B 441 3.22 -23.05 23.19
N GLY B 442 2.69 -22.68 24.35
CA GLY B 442 1.66 -23.48 24.99
C GLY B 442 2.22 -24.80 25.51
N ASP B 443 1.29 -25.71 25.82
CA ASP B 443 1.65 -27.05 26.29
C ASP B 443 0.60 -28.05 25.82
N PHE B 444 1.06 -29.21 25.37
CA PHE B 444 0.18 -30.26 24.88
C PHE B 444 0.71 -31.62 25.33
N LYS B 445 -0.18 -32.54 25.64
CA LYS B 445 0.22 -33.88 26.02
C LYS B 445 0.71 -34.65 24.80
N LYS B 446 1.69 -35.53 25.02
CA LYS B 446 2.32 -36.36 23.98
C LYS B 446 2.83 -35.50 22.82
N SER B 447 3.42 -34.36 23.17
CA SER B 447 3.95 -33.42 22.20
C SER B 447 5.44 -33.69 21.99
N VAL B 448 5.84 -33.85 20.73
CA VAL B 448 7.23 -34.21 20.44
C VAL B 448 8.14 -33.00 20.62
N GLY B 449 7.81 -31.86 20.03
CA GLY B 449 8.49 -30.62 20.34
C GLY B 449 9.78 -30.39 19.58
N THR B 450 9.85 -29.29 18.80
CA THR B 450 11.00 -28.71 18.12
C THR B 450 11.97 -29.73 17.51
N PRO B 451 11.59 -30.44 16.46
CA PRO B 451 12.47 -31.50 15.93
C PRO B 451 13.69 -31.00 15.18
N GLN B 452 13.80 -29.71 14.89
CA GLN B 452 15.04 -29.19 14.31
C GLN B 452 16.15 -29.10 15.36
N ILE B 453 15.77 -28.84 16.61
CA ILE B 453 16.72 -28.95 17.71
C ILE B 453 17.25 -30.37 17.82
N ALA B 454 16.41 -31.38 17.55
CA ALA B 454 16.87 -32.75 17.48
C ALA B 454 17.87 -32.97 16.36
N ASP B 455 17.80 -32.17 15.28
CA ASP B 455 18.81 -32.26 14.23
C ASP B 455 20.12 -31.61 14.66
N ILE B 456 20.07 -30.52 15.43
CA ILE B 456 21.32 -29.81 15.77
C ILE B 456 21.96 -30.25 17.08
N ILE B 457 21.32 -31.12 17.86
CA ILE B 457 21.97 -31.66 19.06
C ILE B 457 23.32 -32.32 18.79
N PRO B 458 23.48 -33.22 17.78
CA PRO B 458 24.77 -33.91 17.64
C PRO B 458 25.97 -33.03 17.36
N HIS B 459 25.81 -31.91 16.64
CA HIS B 459 26.97 -31.09 16.30
C HIS B 459 27.55 -30.41 17.54
N ALA B 460 26.69 -29.78 18.35
CA ALA B 460 27.17 -29.17 19.59
C ALA B 460 27.67 -30.22 20.56
N GLU B 461 27.04 -31.41 20.56
CA GLU B 461 27.54 -32.49 21.41
C GLU B 461 28.94 -32.93 21.02
N ASN B 462 29.22 -33.06 19.71
CA ASN B 462 30.53 -33.49 19.28
C ASN B 462 31.56 -32.38 19.39
N ARG B 463 31.13 -31.12 19.35
CA ARG B 463 32.06 -30.03 19.61
C ARG B 463 32.41 -29.94 21.08
N ILE B 464 31.46 -30.29 21.96
CA ILE B 464 31.73 -30.34 23.39
C ILE B 464 32.62 -31.53 23.74
N ALA B 465 32.38 -32.68 23.09
CA ALA B 465 32.90 -33.97 23.55
C ALA B 465 34.41 -34.13 23.38
N ILE B 466 35.12 -33.16 22.81
CA ILE B 466 36.55 -33.30 22.65
C ILE B 466 37.28 -33.19 23.99
N ASN B 467 36.83 -32.29 24.88
CA ASN B 467 37.42 -32.17 26.21
C ASN B 467 36.58 -32.85 27.28
N ALA B 468 36.30 -34.14 27.10
CA ALA B 468 35.58 -34.89 28.11
C ALA B 468 36.39 -35.04 29.38
N GLY B 469 37.71 -35.25 29.25
CA GLY B 469 38.56 -35.34 30.41
C GLY B 469 38.73 -34.03 31.15
N LYS B 470 38.45 -32.91 30.49
CA LYS B 470 38.48 -31.61 31.15
C LYS B 470 37.14 -31.26 31.79
N MET B 471 36.03 -31.69 31.20
CA MET B 471 34.74 -31.53 31.86
C MET B 471 34.63 -32.44 33.08
N THR B 472 35.26 -33.61 33.05
CA THR B 472 35.16 -34.55 34.16
C THR B 472 35.78 -33.99 35.44
N GLU B 473 36.94 -33.33 35.33
CA GLU B 473 37.64 -32.83 36.51
C GLU B 473 37.41 -31.35 36.76
N ASN B 474 36.77 -30.63 35.85
CA ASN B 474 36.49 -29.20 35.94
C ASN B 474 37.77 -28.39 36.18
N ARG B 475 38.64 -28.44 35.19
CA ARG B 475 39.84 -27.61 35.20
C ARG B 475 39.54 -26.19 34.74
N GLY B 476 39.10 -26.04 33.49
CA GLY B 476 38.73 -24.72 32.99
C GLY B 476 37.40 -24.67 32.26
N TYR B 477 36.84 -25.83 31.91
CA TYR B 477 35.61 -25.92 31.15
C TYR B 477 34.47 -26.36 32.06
N SER B 478 33.38 -25.60 32.05
CA SER B 478 32.28 -25.79 32.97
C SER B 478 31.02 -26.15 32.20
N TRP B 479 29.93 -26.36 32.95
CA TRP B 479 28.61 -26.49 32.35
C TRP B 479 28.21 -25.21 31.61
N GLN B 480 28.52 -24.06 32.21
CA GLN B 480 28.21 -22.79 31.57
C GLN B 480 29.12 -22.51 30.39
N ASP B 481 30.38 -22.93 30.45
CA ASP B 481 31.26 -22.81 29.30
C ASP B 481 30.84 -23.76 28.17
N ALA B 482 30.31 -24.93 28.55
CA ALA B 482 29.75 -25.85 27.56
C ALA B 482 28.42 -25.35 27.01
N ASP B 483 27.77 -24.45 27.73
CA ASP B 483 26.46 -23.95 27.32
C ASP B 483 26.58 -23.01 26.12
N THR B 484 27.69 -22.28 26.01
CA THR B 484 27.85 -21.26 24.98
C THR B 484 27.96 -21.85 23.58
N GLU B 485 28.33 -23.13 23.47
CA GLU B 485 28.55 -23.76 22.17
C GLU B 485 27.27 -23.88 21.35
N TYR B 486 26.12 -23.87 22.01
CA TYR B 486 24.85 -24.05 21.32
C TYR B 486 24.37 -22.79 20.61
N GLY B 487 24.96 -21.64 20.92
CA GLY B 487 24.41 -20.37 20.49
C GLY B 487 24.44 -20.15 18.99
N GLU B 488 25.55 -20.51 18.33
CA GLU B 488 25.69 -20.29 16.89
C GLU B 488 24.69 -21.12 16.10
N LEU B 489 24.67 -22.43 16.34
CA LEU B 489 23.73 -23.32 15.66
C LEU B 489 22.30 -22.93 15.98
N LEU B 490 22.07 -22.48 17.20
CA LEU B 490 20.71 -22.27 17.61
C LEU B 490 20.19 -20.97 17.01
N THR B 491 21.07 -19.97 16.86
CA THR B 491 20.73 -18.74 16.15
C THR B 491 20.51 -19.02 14.67
N LYS B 492 21.23 -20.00 14.12
CA LYS B 492 20.95 -20.42 12.75
C LYS B 492 19.57 -21.08 12.64
N VAL B 493 19.17 -21.83 13.67
CA VAL B 493 17.86 -22.49 13.67
C VAL B 493 16.73 -21.47 13.79
N ALA B 494 16.93 -20.45 14.63
CA ALA B 494 15.87 -19.50 14.93
C ALA B 494 15.43 -18.71 13.71
N TYR B 495 16.31 -18.53 12.71
CA TYR B 495 15.90 -17.91 11.46
C TYR B 495 14.88 -18.77 10.72
N SER B 496 15.11 -20.08 10.68
CA SER B 496 14.21 -20.96 9.95
C SER B 496 12.89 -21.17 10.71
N LEU B 497 12.97 -21.36 12.03
CA LEU B 497 11.75 -21.66 12.78
C LEU B 497 10.84 -20.44 12.93
N GLU B 498 11.40 -19.24 12.84
CA GLU B 498 10.61 -18.01 12.81
C GLU B 498 11.13 -17.20 11.62
N PRO B 499 10.63 -17.50 10.41
CA PRO B 499 11.07 -16.76 9.22
C PRO B 499 10.15 -15.58 8.90
N ALA B 500 9.93 -14.73 9.90
CA ALA B 500 9.04 -13.59 9.74
C ALA B 500 9.85 -12.30 9.87
N GLN B 501 9.19 -11.18 9.59
CA GLN B 501 9.91 -9.91 9.67
C GLN B 501 9.10 -8.95 10.54
N THR B 502 8.80 -9.37 11.76
CA THR B 502 8.16 -8.50 12.72
C THR B 502 9.09 -8.24 13.89
N VAL B 503 8.68 -7.29 14.74
CA VAL B 503 9.33 -7.14 16.04
C VAL B 503 9.13 -8.39 16.87
N ASP B 504 7.94 -8.98 16.80
CA ASP B 504 7.65 -10.23 17.51
C ASP B 504 8.50 -11.37 17.00
N ALA B 505 8.84 -11.36 15.71
CA ALA B 505 9.68 -12.42 15.14
C ALA B 505 11.06 -12.43 15.78
N ARG B 506 11.73 -11.28 15.80
CA ARG B 506 13.05 -11.20 16.38
C ARG B 506 13.01 -11.36 17.90
N LEU B 507 11.93 -10.91 18.55
CA LEU B 507 11.82 -11.12 20.00
C LEU B 507 11.63 -12.60 20.33
N LYS B 508 10.85 -13.33 19.53
CA LYS B 508 10.73 -14.76 19.73
C LYS B 508 12.05 -15.47 19.46
N ARG B 509 12.81 -14.99 18.46
CA ARG B 509 14.14 -15.54 18.23
C ARG B 509 15.07 -15.28 19.42
N GLY B 510 14.96 -14.10 20.02
CA GLY B 510 15.78 -13.80 21.20
C GLY B 510 15.40 -14.64 22.41
N ASN B 511 14.11 -14.89 22.61
CA ASN B 511 13.70 -15.83 23.64
C ASN B 511 14.14 -17.25 23.31
N PHE B 512 14.16 -17.57 22.03
CA PHE B 512 14.51 -18.92 21.58
C PHE B 512 15.99 -19.18 21.75
N ILE B 513 16.81 -18.13 21.64
CA ILE B 513 18.26 -18.34 21.74
C ILE B 513 18.71 -18.45 23.18
N SER B 514 17.83 -18.20 24.12
CA SER B 514 18.12 -18.32 25.54
C SER B 514 17.72 -19.68 26.10
N ARG B 515 17.45 -20.66 25.25
CA ARG B 515 17.14 -22.01 25.70
C ARG B 515 18.44 -22.79 25.94
N LYS B 516 18.63 -23.24 27.17
CA LYS B 516 19.82 -23.95 27.60
C LYS B 516 19.41 -25.21 28.33
N PRO B 517 20.19 -26.28 28.24
CA PRO B 517 19.89 -27.46 29.05
C PRO B 517 20.07 -27.18 30.53
N TRP B 518 19.28 -27.90 31.33
CA TRP B 518 19.30 -27.68 32.76
C TRP B 518 19.69 -28.95 33.49
N PRO B 519 20.41 -28.83 34.60
CA PRO B 519 20.97 -30.03 35.24
C PRO B 519 19.96 -30.72 36.14
N ILE B 520 19.96 -32.06 36.08
CA ILE B 520 19.07 -32.90 36.86
C ILE B 520 19.92 -33.97 37.53
N ILE B 521 19.95 -33.96 38.86
CA ILE B 521 20.81 -34.85 39.64
C ILE B 521 20.24 -36.26 39.84
N PRO B 522 18.92 -36.46 40.15
CA PRO B 522 18.64 -37.85 40.53
C PRO B 522 18.42 -38.77 39.32
N ASN C 2 21.37 10.27 -0.28
CA ASN C 2 21.50 10.31 -1.74
C ASN C 2 20.96 11.61 -2.30
N ARG C 3 21.67 12.17 -3.27
CA ARG C 3 21.23 13.42 -3.90
C ARG C 3 20.00 13.20 -4.74
N GLY C 4 19.22 14.26 -4.92
CA GLY C 4 17.95 14.17 -5.61
C GLY C 4 16.81 13.95 -4.63
N THR C 5 17.01 13.04 -3.67
CA THR C 5 16.09 12.99 -2.54
C THR C 5 16.15 14.29 -1.76
N VAL C 6 17.35 14.75 -1.40
CA VAL C 6 17.51 15.92 -0.52
C VAL C 6 16.85 17.15 -1.13
N ASP C 7 17.00 17.35 -2.44
CA ASP C 7 16.31 18.47 -3.09
C ASP C 7 14.80 18.23 -3.16
N PHE C 8 14.36 16.97 -3.25
CA PHE C 8 12.92 16.70 -3.23
C PHE C 8 12.31 17.06 -1.88
N ILE C 9 12.97 16.67 -0.78
CA ILE C 9 12.50 17.06 0.54
C ILE C 9 12.61 18.56 0.75
N ALA C 10 13.65 19.20 0.20
CA ALA C 10 13.77 20.65 0.31
C ALA C 10 12.65 21.36 -0.44
N SER C 11 12.30 20.87 -1.63
CA SER C 11 11.19 21.44 -2.39
C SER C 11 9.86 21.17 -1.72
N LEU C 12 9.75 20.04 -1.00
CA LEU C 12 8.56 19.79 -0.19
C LEU C 12 8.47 20.80 0.96
N GLU C 13 9.60 21.14 1.56
CA GLU C 13 9.60 22.11 2.65
C GLU C 13 9.45 23.54 2.12
N ASN C 14 9.71 23.77 0.84
CA ASN C 14 9.54 25.10 0.27
C ASN C 14 8.09 25.42 -0.05
N LEU C 15 7.16 24.50 0.19
CA LEU C 15 5.77 24.69 -0.17
C LEU C 15 5.06 25.63 0.81
N LYS C 16 3.94 26.16 0.36
CA LYS C 16 3.16 27.14 1.10
C LYS C 16 1.78 26.56 1.43
N GLU C 17 0.91 27.38 2.00
CA GLU C 17 -0.35 26.89 2.58
C GLU C 17 -1.24 26.23 1.54
N GLY C 18 -1.43 26.89 0.39
CA GLY C 18 -2.36 26.38 -0.61
C GLY C 18 -1.90 25.05 -1.20
N ASP C 19 -0.60 24.90 -1.44
CA ASP C 19 -0.09 23.65 -1.96
C ASP C 19 -0.24 22.51 -0.96
N LEU C 20 0.00 22.78 0.32
CA LEU C 20 -0.20 21.72 1.31
C LEU C 20 -1.66 21.34 1.41
N GLY C 21 -2.56 22.31 1.32
CA GLY C 21 -3.98 21.99 1.33
C GLY C 21 -4.44 21.19 0.12
N ILE C 22 -3.90 21.51 -1.07
CA ILE C 22 -4.31 20.79 -2.27
C ILE C 22 -3.82 19.34 -2.23
N LEU C 23 -2.61 19.11 -1.71
CA LEU C 23 -2.21 17.71 -1.52
C LEU C 23 -2.93 17.05 -0.34
N ARG C 24 -3.49 17.85 0.57
CA ARG C 24 -4.25 17.28 1.68
C ARG C 24 -5.61 16.78 1.22
N LYS C 25 -6.25 17.50 0.29
CA LYS C 25 -7.58 17.11 -0.15
C LYS C 25 -7.55 15.86 -1.02
N LEU C 26 -6.37 15.48 -1.53
CA LEU C 26 -6.21 14.35 -2.44
C LEU C 26 -5.71 13.11 -1.71
N ARG C 27 -5.90 13.05 -0.39
CA ARG C 27 -5.50 11.90 0.39
C ARG C 27 -6.41 10.71 0.08
N GLY C 28 -5.82 9.52 0.01
CA GLY C 28 -6.58 8.33 -0.26
C GLY C 28 -6.96 8.12 -1.71
N ALA C 29 -6.29 8.80 -2.63
CA ALA C 29 -6.61 8.70 -4.05
C ALA C 29 -5.33 8.52 -4.85
N ARG C 30 -5.50 8.16 -6.11
CA ARG C 30 -4.41 8.16 -7.07
C ARG C 30 -4.20 9.58 -7.58
N LEU C 31 -3.33 9.75 -8.57
CA LEU C 31 -3.09 11.08 -9.12
C LEU C 31 -3.84 11.35 -10.40
N ASP C 32 -4.08 10.31 -11.21
CA ASP C 32 -4.61 10.50 -12.55
C ASP C 32 -6.03 11.04 -12.56
N GLU C 33 -6.77 10.94 -11.45
CA GLU C 33 -8.15 11.44 -11.43
C GLU C 33 -8.19 12.96 -11.40
N LYS C 34 -7.39 13.60 -10.55
CA LYS C 34 -7.44 15.04 -10.39
C LYS C 34 -6.24 15.68 -11.09
N LEU C 35 -6.52 16.67 -11.92
CA LEU C 35 -5.52 17.31 -12.77
C LEU C 35 -4.66 18.36 -12.06
N PRO C 36 -5.20 19.23 -11.19
CA PRO C 36 -4.29 20.13 -10.45
C PRO C 36 -3.24 19.42 -9.61
N GLY C 37 -3.60 18.29 -8.98
CA GLY C 37 -2.61 17.55 -8.24
C GLY C 37 -1.51 16.98 -9.13
N PHE C 38 -1.91 16.47 -10.30
CA PHE C 38 -0.95 15.94 -11.26
C PHE C 38 -0.01 17.04 -11.74
N ASP C 39 -0.56 18.22 -12.03
CA ASP C 39 0.26 19.32 -12.51
C ASP C 39 1.22 19.83 -11.43
N LEU C 40 0.75 19.96 -10.19
CA LEU C 40 1.62 20.41 -9.11
C LEU C 40 2.73 19.42 -8.84
N PHE C 41 2.40 18.13 -8.80
CA PHE C 41 3.40 17.09 -8.61
C PHE C 41 4.41 17.07 -9.75
N SER C 42 3.94 17.28 -10.98
CA SER C 42 4.85 17.30 -12.13
C SER C 42 5.82 18.47 -12.03
N ALA C 43 5.30 19.67 -11.76
CA ALA C 43 6.15 20.85 -11.66
C ALA C 43 7.11 20.76 -10.47
N LEU C 44 6.76 19.97 -9.45
CA LEU C 44 7.67 19.82 -8.32
C LEU C 44 8.65 18.67 -8.48
N TRP C 45 8.38 17.73 -9.38
CA TRP C 45 9.16 16.49 -9.43
C TRP C 45 9.95 16.29 -10.72
N TRP C 46 9.41 16.65 -11.89
CA TRP C 46 9.97 16.23 -13.18
C TRP C 46 11.34 16.84 -13.53
N PRO C 47 11.65 18.11 -13.20
CA PRO C 47 13.04 18.56 -13.42
C PRO C 47 14.09 17.74 -12.69
N LEU C 48 13.78 17.28 -11.47
CA LEU C 48 14.72 16.44 -10.73
C LEU C 48 14.94 15.11 -11.43
N ARG C 49 13.88 14.55 -12.02
CA ARG C 49 14.02 13.31 -12.77
C ARG C 49 14.76 13.52 -14.08
N GLN C 50 14.62 14.71 -14.68
CA GLN C 50 15.43 15.05 -15.84
C GLN C 50 16.91 15.09 -15.48
N LYS C 51 17.24 15.82 -14.40
CA LYS C 51 18.65 16.00 -14.04
C LYS C 51 19.24 14.74 -13.42
N ASN C 52 18.58 14.20 -12.40
CA ASN C 52 19.10 13.04 -11.67
C ASN C 52 18.33 11.79 -12.08
N GLN C 53 19.06 10.70 -12.30
CA GLN C 53 18.44 9.45 -12.67
C GLN C 53 17.79 8.74 -11.48
N ARG C 54 18.37 8.87 -10.28
CA ARG C 54 17.89 8.17 -9.09
C ARG C 54 16.87 8.98 -8.31
N ALA C 55 16.15 9.89 -8.97
CA ALA C 55 15.05 10.60 -8.33
C ALA C 55 13.95 9.61 -7.95
N PRO C 56 13.15 9.91 -6.92
CA PRO C 56 12.14 8.95 -6.46
C PRO C 56 11.10 8.62 -7.53
N LYS C 57 10.58 7.40 -7.46
CA LYS C 57 9.50 6.98 -8.35
C LYS C 57 8.26 7.84 -8.15
N ARG C 58 7.37 7.80 -9.14
CA ARG C 58 6.19 8.64 -9.11
C ARG C 58 5.28 8.29 -7.95
N GLU C 59 5.09 6.98 -7.69
CA GLU C 59 4.19 6.55 -6.63
C GLU C 59 4.74 6.89 -5.24
N VAL C 60 6.01 6.60 -5.00
CA VAL C 60 6.60 6.85 -3.69
C VAL C 60 6.69 8.35 -3.41
N ALA C 61 7.05 9.13 -4.43
CA ALA C 61 7.08 10.58 -4.28
C ALA C 61 5.70 11.14 -4.00
N TRP C 62 4.67 10.62 -4.69
CA TRP C 62 3.31 11.06 -4.45
C TRP C 62 2.84 10.71 -3.04
N LEU C 63 3.21 9.52 -2.56
CA LEU C 63 2.79 9.10 -1.23
C LEU C 63 3.47 9.95 -0.16
N ILE C 64 4.78 10.19 -0.32
CA ILE C 64 5.52 10.98 0.64
C ILE C 64 5.03 12.42 0.63
N ALA C 65 4.66 12.93 -0.54
CA ALA C 65 4.05 14.27 -0.61
C ALA C 65 2.73 14.32 0.16
N LYS C 66 1.91 13.27 0.02
CA LYS C 66 0.65 13.22 0.78
C LYS C 66 0.91 13.22 2.29
N LEU C 67 1.88 12.39 2.74
CA LEU C 67 2.12 12.30 4.18
C LEU C 67 2.70 13.60 4.73
N PHE C 68 3.60 14.23 3.98
CA PHE C 68 4.15 15.51 4.43
C PHE C 68 3.08 16.59 4.45
N ALA C 69 2.17 16.59 3.48
CA ALA C 69 1.09 17.57 3.48
C ALA C 69 0.14 17.34 4.65
N GLU C 70 -0.07 16.08 5.05
CA GLU C 70 -0.95 15.80 6.17
C GLU C 70 -0.29 16.17 7.50
N PHE C 71 0.95 15.76 7.72
CA PHE C 71 1.53 15.81 9.05
C PHE C 71 2.52 16.97 9.25
N ARG C 72 3.28 17.32 8.21
CA ARG C 72 4.13 18.52 8.20
C ARG C 72 5.17 18.47 9.32
N PHE C 73 5.81 17.31 9.44
CA PHE C 73 6.89 17.13 10.40
C PHE C 73 8.12 17.90 9.95
N GLU C 74 8.94 18.29 10.91
CA GLU C 74 10.17 19.01 10.61
C GLU C 74 11.24 18.00 10.25
N GLN C 75 12.06 18.35 9.25
CA GLN C 75 13.11 17.45 8.82
C GLN C 75 14.34 17.62 9.71
N ARG C 76 14.78 16.52 10.31
CA ARG C 76 15.97 16.51 11.14
C ARG C 76 16.58 15.13 11.09
N GLU C 77 17.88 15.07 10.86
CA GLU C 77 18.57 13.79 10.81
C GLU C 77 18.58 13.13 12.19
N GLY C 78 18.39 11.82 12.21
CA GLY C 78 18.43 11.07 13.45
C GLY C 78 17.12 11.00 14.21
N ALA C 79 16.00 11.29 13.57
CA ALA C 79 14.69 11.16 14.18
C ALA C 79 13.81 10.20 13.39
N THR C 80 14.40 9.09 12.93
CA THR C 80 13.71 8.18 12.03
C THR C 80 12.61 7.42 12.77
N LEU C 81 11.73 6.79 11.98
CA LEU C 81 10.54 6.16 12.53
C LEU C 81 10.81 5.00 13.49
N PRO C 82 11.67 4.01 13.20
CA PRO C 82 11.87 2.93 14.19
C PRO C 82 12.75 3.34 15.37
N ILE C 83 13.02 4.62 15.57
CA ILE C 83 13.65 5.07 16.80
C ILE C 83 12.62 5.71 17.73
N LEU C 84 11.82 6.61 17.16
CA LEU C 84 10.71 7.21 17.92
C LEU C 84 9.69 6.13 18.30
N MET C 85 9.36 5.22 17.39
CA MET C 85 8.78 3.95 17.82
C MET C 85 9.91 3.18 18.47
N GLY C 86 9.73 2.85 19.74
CA GLY C 86 10.79 2.25 20.52
C GLY C 86 11.16 3.16 21.67
N GLY C 87 11.28 4.47 21.40
CA GLY C 87 11.32 5.41 22.49
C GLY C 87 9.96 5.70 23.06
N ILE C 88 8.91 5.42 22.28
CA ILE C 88 7.55 5.67 22.75
C ILE C 88 6.99 4.45 23.49
N CYS C 89 7.31 3.24 23.00
CA CYS C 89 6.70 2.01 23.45
C CYS C 89 6.94 1.69 24.93
N ARG C 90 7.97 2.28 25.55
CA ARG C 90 8.28 2.01 26.94
C ARG C 90 7.24 2.55 27.91
N LYS C 91 6.60 3.69 27.60
CA LYS C 91 5.70 4.36 28.52
C LYS C 91 4.32 3.71 28.61
N LEU C 92 4.15 2.50 28.07
CA LEU C 92 2.85 1.83 28.06
C LEU C 92 2.87 0.62 28.98
N GLU C 93 1.67 0.15 29.29
CA GLU C 93 1.52 -1.04 30.15
C GLU C 93 1.97 -2.28 29.40
N PRO C 94 2.88 -3.08 29.97
CA PRO C 94 3.36 -4.29 29.27
C PRO C 94 2.29 -5.35 29.05
N LYS C 95 1.17 -5.32 29.77
CA LYS C 95 0.19 -6.40 29.63
C LYS C 95 -0.77 -6.16 28.47
N LYS C 96 -1.21 -4.92 28.27
CA LYS C 96 -2.31 -4.64 27.34
C LYS C 96 -1.89 -3.80 26.15
N GLU C 97 -1.31 -2.61 26.37
CA GLU C 97 -1.16 -1.65 25.29
C GLU C 97 0.04 -1.96 24.40
N LEU C 98 1.08 -2.60 24.94
CA LEU C 98 2.26 -2.91 24.15
C LEU C 98 1.99 -3.87 22.98
N PRO C 99 1.29 -5.00 23.14
CA PRO C 99 0.93 -5.78 21.94
C PRO C 99 0.03 -5.04 20.98
N ARG C 100 -0.83 -4.15 21.48
CA ARG C 100 -1.72 -3.39 20.59
C ARG C 100 -0.94 -2.46 19.68
N VAL C 101 0.06 -1.74 20.23
CA VAL C 101 0.88 -0.88 19.40
C VAL C 101 1.80 -1.72 18.51
N LEU C 102 2.31 -2.84 19.04
CA LEU C 102 3.24 -3.68 18.29
C LEU C 102 2.59 -4.31 17.07
N ALA C 103 1.31 -4.71 17.18
CA ALA C 103 0.63 -5.31 16.04
C ALA C 103 0.44 -4.31 14.90
N ARG C 104 0.01 -3.09 15.24
CA ARG C 104 -0.12 -2.04 14.23
C ARG C 104 1.23 -1.66 13.63
N PHE C 105 2.31 -1.79 14.40
CA PHE C 105 3.62 -1.52 13.83
C PHE C 105 4.12 -2.64 12.93
N ASP C 106 3.84 -3.90 13.27
CA ASP C 106 4.33 -5.01 12.46
C ASP C 106 3.39 -5.37 11.32
N GLN C 107 2.24 -4.71 11.21
CA GLN C 107 1.37 -4.94 10.05
C GLN C 107 1.97 -4.41 8.74
N LEU C 108 3.02 -3.59 8.80
CA LEU C 108 3.55 -2.97 7.59
C LEU C 108 4.28 -3.97 6.70
N ALA C 109 4.73 -5.10 7.24
CA ALA C 109 5.47 -6.09 6.47
C ALA C 109 4.57 -6.97 5.61
N SER C 110 3.28 -6.66 5.51
CA SER C 110 2.36 -7.41 4.67
C SER C 110 1.59 -6.49 3.71
N LEU C 111 2.04 -5.25 3.52
CA LEU C 111 1.33 -4.27 2.72
C LEU C 111 2.25 -3.71 1.65
N ASP C 112 1.65 -3.19 0.58
CA ASP C 112 2.37 -2.65 -0.56
C ASP C 112 2.36 -1.12 -0.48
N ILE C 113 3.16 -0.47 -1.34
CA ILE C 113 3.29 0.98 -1.32
C ILE C 113 1.97 1.65 -1.70
N MET C 114 1.18 1.01 -2.57
CA MET C 114 -0.16 1.51 -2.85
C MET C 114 -1.11 1.35 -1.67
N GLN C 115 -0.79 0.47 -0.72
CA GLN C 115 -1.65 0.16 0.41
C GLN C 115 -1.08 0.69 1.73
N MET C 116 -0.07 1.56 1.68
CA MET C 116 0.62 1.97 2.89
C MET C 116 0.39 3.45 3.17
N GLU C 117 -0.86 3.88 3.09
CA GLU C 117 -1.19 5.26 3.41
C GLU C 117 -1.89 5.38 4.76
N GLU C 118 -2.87 4.51 5.03
CA GLU C 118 -3.60 4.58 6.29
C GLU C 118 -2.81 4.08 7.51
N PRO C 119 -2.07 2.96 7.46
CA PRO C 119 -1.21 2.63 8.61
C PRO C 119 -0.16 3.69 8.93
N LEU C 120 0.45 4.27 7.89
CA LEU C 120 1.36 5.39 8.14
C LEU C 120 0.63 6.59 8.72
N SER C 121 -0.60 6.83 8.28
CA SER C 121 -1.40 7.91 8.82
C SER C 121 -1.63 7.73 10.32
N VAL C 122 -1.99 6.52 10.75
CA VAL C 122 -2.24 6.34 12.18
C VAL C 122 -0.95 6.28 12.99
N ILE C 123 0.17 5.85 12.39
CA ILE C 123 1.44 5.83 13.12
C ILE C 123 1.95 7.25 13.37
N MET C 124 1.94 8.10 12.34
CA MET C 124 2.25 9.50 12.60
C MET C 124 1.18 10.17 13.46
N GLY C 125 -0.04 9.63 13.48
CA GLY C 125 -1.03 10.12 14.42
C GLY C 125 -0.65 9.89 15.86
N ILE C 126 -0.12 8.69 16.17
CA ILE C 126 0.26 8.44 17.56
C ILE C 126 1.54 9.20 17.92
N LEU C 127 2.44 9.47 16.94
CA LEU C 127 3.48 10.49 17.14
C LEU C 127 2.93 11.85 17.49
N ARG C 128 1.99 12.36 16.70
CA ARG C 128 1.49 13.70 16.97
C ARG C 128 0.73 13.74 18.29
N LYS C 129 0.15 12.61 18.70
CA LYS C 129 -0.47 12.52 20.01
C LYS C 129 0.54 12.50 21.14
N HIS C 130 1.73 11.91 20.92
CA HIS C 130 2.75 11.82 21.95
C HIS C 130 3.78 12.95 21.88
N GLN C 131 3.41 14.07 21.26
CA GLN C 131 4.18 15.32 21.28
C GLN C 131 5.58 15.16 20.71
N GLN C 132 5.64 14.89 19.42
CA GLN C 132 6.89 14.86 18.66
C GLN C 132 6.81 15.86 17.52
N VAL C 133 7.94 16.47 17.19
CA VAL C 133 8.02 17.49 16.15
C VAL C 133 9.07 17.16 15.10
N CYS C 134 9.90 16.15 15.31
CA CYS C 134 11.01 15.85 14.42
C CYS C 134 10.89 14.44 13.85
N LEU C 135 11.27 14.30 12.59
CA LEU C 135 11.19 13.03 11.87
C LEU C 135 12.13 13.09 10.67
N ASP C 136 12.84 11.99 10.43
CA ASP C 136 13.75 11.88 9.29
C ASP C 136 12.94 11.43 8.09
N TRP C 137 12.58 12.37 7.23
CA TRP C 137 11.82 12.03 6.02
C TRP C 137 12.69 11.38 4.95
N VAL C 138 13.96 11.80 4.86
CA VAL C 138 14.86 11.29 3.82
C VAL C 138 15.10 9.80 4.02
N GLY C 139 15.36 9.39 5.26
CA GLY C 139 15.54 7.98 5.55
C GLY C 139 14.30 7.16 5.24
N LEU C 140 13.12 7.71 5.56
CA LEU C 140 11.87 7.00 5.26
C LEU C 140 11.65 6.87 3.76
N THR C 141 11.97 7.91 2.99
CA THR C 141 11.84 7.82 1.54
C THR C 141 12.82 6.81 0.96
N ASP C 142 14.05 6.80 1.47
CA ASP C 142 15.05 5.88 0.95
C ASP C 142 14.75 4.43 1.33
N VAL C 143 14.07 4.21 2.47
CA VAL C 143 13.71 2.84 2.79
C VAL C 143 12.41 2.43 2.10
N LEU C 144 11.51 3.37 1.82
CA LEU C 144 10.29 3.04 1.08
C LEU C 144 10.59 2.74 -0.39
N SER C 145 11.58 3.42 -0.96
CA SER C 145 11.94 3.19 -2.36
C SER C 145 12.49 1.78 -2.57
N PHE C 146 12.99 1.16 -1.51
CA PHE C 146 13.47 -0.22 -1.54
C PHE C 146 12.76 -1.05 -0.47
N TRP C 147 11.48 -0.72 -0.22
CA TRP C 147 10.68 -1.39 0.80
C TRP C 147 10.49 -2.88 0.53
N GLU C 148 10.65 -3.31 -0.71
CA GLU C 148 10.42 -4.70 -1.10
C GLU C 148 11.65 -5.57 -0.96
N GLN C 149 12.59 -5.18 -0.10
CA GLN C 149 13.79 -5.96 0.18
C GLN C 149 13.82 -6.34 1.65
N GLU C 150 14.22 -7.58 1.93
CA GLU C 150 14.25 -8.06 3.31
C GLU C 150 15.23 -7.29 4.21
N PRO C 151 16.48 -6.99 3.82
CA PRO C 151 17.36 -6.28 4.76
C PRO C 151 16.85 -4.91 5.19
N VAL C 152 15.98 -4.26 4.41
CA VAL C 152 15.46 -2.93 4.72
C VAL C 152 14.46 -2.99 5.88
N LYS C 153 13.56 -3.96 5.85
CA LYS C 153 12.66 -4.14 6.98
C LYS C 153 13.42 -4.94 8.04
N ARG C 154 14.57 -5.54 7.69
CA ARG C 154 15.39 -6.26 8.68
C ARG C 154 16.10 -5.27 9.56
N GLU C 155 16.42 -4.11 9.01
CA GLU C 155 17.06 -3.08 9.80
C GLU C 155 15.99 -2.14 10.29
N TRP C 156 14.74 -2.39 9.91
CA TRP C 156 13.65 -1.57 10.38
C TRP C 156 13.41 -1.85 11.83
N SER C 157 12.87 -3.01 12.12
CA SER C 157 12.60 -3.38 13.49
C SER C 157 13.86 -3.55 14.34
N ASP C 158 15.03 -3.62 13.74
CA ASP C 158 16.25 -3.73 14.52
C ASP C 158 16.57 -2.38 15.12
N SER C 159 16.41 -1.33 14.35
CA SER C 159 16.58 -0.03 14.93
C SER C 159 15.55 0.07 16.04
N PHE C 160 14.35 -0.47 15.82
CA PHE C 160 13.30 -0.46 16.85
C PHE C 160 13.71 -1.19 18.12
N ILE C 161 14.07 -2.46 17.98
CA ILE C 161 14.46 -3.22 19.17
C ILE C 161 15.54 -2.48 19.95
N LYS C 162 16.54 -1.92 19.26
CA LYS C 162 17.64 -1.27 19.95
C LYS C 162 17.21 0.03 20.61
N ALA C 163 16.24 0.75 20.03
CA ALA C 163 15.73 1.94 20.70
C ALA C 163 14.79 1.57 21.85
N TYR C 164 14.09 0.43 21.74
CA TYR C 164 13.14 0.02 22.78
C TYR C 164 13.88 -0.51 24.00
N LYS C 165 14.98 -1.24 23.79
CA LYS C 165 15.71 -1.87 24.88
C LYS C 165 16.41 -0.85 25.78
N ILE C 166 16.75 0.33 25.25
CA ILE C 166 17.35 1.40 26.05
C ILE C 166 16.38 1.89 27.12
N MET D 1 -8.65 -44.03 -15.08
CA MET D 1 -8.80 -42.61 -15.39
C MET D 1 -9.08 -41.80 -14.13
N LEU D 2 -8.90 -40.48 -14.23
CA LEU D 2 -9.08 -39.57 -13.11
C LEU D 2 -10.05 -38.46 -13.51
N ILE D 3 -10.73 -37.89 -12.52
CA ILE D 3 -11.57 -36.71 -12.69
C ILE D 3 -10.99 -35.60 -11.84
N GLU D 4 -10.76 -34.44 -12.44
CA GLU D 4 -10.09 -33.33 -11.77
C GLU D 4 -10.95 -32.08 -11.83
N ILE D 5 -11.04 -31.37 -10.71
CA ILE D 5 -11.82 -30.16 -10.59
C ILE D 5 -10.92 -29.02 -10.13
N HIS D 6 -11.02 -27.88 -10.80
CA HIS D 6 -10.38 -26.66 -10.35
C HIS D 6 -11.46 -25.65 -10.00
N MET D 7 -11.14 -24.74 -9.10
CA MET D 7 -12.15 -23.97 -8.38
C MET D 7 -11.53 -22.66 -7.91
N ILE D 8 -12.20 -21.56 -8.22
CA ILE D 8 -11.76 -20.21 -7.81
C ILE D 8 -12.91 -19.56 -7.07
N GLN D 9 -12.71 -19.28 -5.78
CA GLN D 9 -13.75 -18.71 -4.95
C GLN D 9 -13.21 -17.51 -4.18
N ASN D 10 -14.04 -16.50 -4.00
CA ASN D 10 -13.72 -15.34 -3.19
C ASN D 10 -14.63 -15.31 -1.97
N HIS D 11 -14.07 -14.95 -0.82
CA HIS D 11 -14.77 -15.02 0.46
C HIS D 11 -14.79 -13.66 1.13
N SER D 12 -15.79 -13.47 1.98
CA SER D 12 -15.95 -12.28 2.81
C SER D 12 -15.00 -12.39 3.99
N PRO D 13 -14.71 -11.28 4.69
CA PRO D 13 -13.95 -11.38 5.95
C PRO D 13 -14.63 -12.26 6.97
N ALA D 14 -13.90 -13.26 7.44
CA ALA D 14 -14.45 -14.30 8.28
C ALA D 14 -13.29 -15.02 8.97
N ASN D 15 -13.62 -16.11 9.67
CA ASN D 15 -12.63 -17.00 10.24
C ASN D 15 -13.17 -18.42 10.04
N LEU D 16 -12.85 -19.02 8.90
CA LEU D 16 -13.34 -20.36 8.59
C LEU D 16 -12.43 -21.46 9.10
N ASN D 17 -11.26 -21.11 9.63
CA ASN D 17 -10.39 -22.05 10.33
C ASN D 17 -9.42 -21.29 11.21
N ARG D 18 -9.27 -21.74 12.44
CA ARG D 18 -8.41 -21.07 13.41
C ARG D 18 -7.57 -22.09 14.16
N ASP D 19 -6.43 -21.61 14.66
CA ASP D 19 -5.52 -22.43 15.45
C ASP D 19 -5.92 -22.36 16.92
N ASP D 20 -5.04 -22.83 17.80
CA ASP D 20 -5.36 -22.85 19.24
C ASP D 20 -5.38 -21.44 19.82
N LEU D 21 -4.57 -20.53 19.27
CA LEU D 21 -4.49 -19.19 19.83
C LEU D 21 -5.69 -18.34 19.46
N GLY D 22 -6.26 -18.54 18.27
CA GLY D 22 -7.45 -17.79 17.88
C GLY D 22 -7.28 -16.84 16.70
N ALA D 23 -6.44 -17.21 15.75
CA ALA D 23 -6.16 -16.44 14.54
C ALA D 23 -6.35 -17.31 13.31
N PRO D 24 -6.62 -16.72 12.15
CA PRO D 24 -6.77 -17.53 10.93
C PRO D 24 -5.48 -18.26 10.56
N LYS D 25 -5.64 -19.43 9.96
CA LYS D 25 -4.50 -20.24 9.57
C LYS D 25 -3.81 -19.63 8.37
N THR D 26 -2.47 -19.67 8.39
CA THR D 26 -1.66 -19.03 7.37
C THR D 26 -0.57 -19.98 6.88
N CYS D 27 -0.04 -19.68 5.70
CA CYS D 27 0.96 -20.51 5.06
C CYS D 27 2.00 -19.62 4.39
N TYR D 28 3.10 -20.24 3.94
CA TYR D 28 4.15 -19.56 3.20
C TYR D 28 4.34 -20.26 1.87
N PHE D 29 3.79 -19.66 0.80
CA PHE D 29 3.94 -20.17 -0.55
C PHE D 29 4.57 -19.09 -1.43
N GLY D 30 5.70 -19.42 -2.05
CA GLY D 30 6.37 -18.47 -2.91
C GLY D 30 6.97 -17.27 -2.21
N GLY D 31 7.47 -17.46 -0.99
CA GLY D 31 8.19 -16.41 -0.30
C GLY D 31 7.35 -15.36 0.38
N VAL D 32 6.02 -15.46 0.32
CA VAL D 32 5.12 -14.51 0.97
C VAL D 32 4.03 -15.29 1.69
N LEU D 33 3.38 -14.63 2.64
CA LEU D 33 2.42 -15.30 3.50
C LEU D 33 1.00 -15.18 2.93
N ARG D 34 0.26 -16.28 3.01
CA ARG D 34 -1.07 -16.39 2.44
C ARG D 34 -2.04 -16.97 3.46
N SER D 35 -3.32 -16.66 3.31
CA SER D 35 -4.36 -17.24 4.14
C SER D 35 -4.60 -18.70 3.75
N ARG D 36 -5.03 -19.50 4.72
CA ARG D 36 -5.19 -20.93 4.51
C ARG D 36 -6.46 -21.45 5.19
N ILE D 37 -7.14 -22.37 4.52
CA ILE D 37 -8.21 -23.18 5.09
C ILE D 37 -7.81 -24.64 4.91
N SER D 38 -7.83 -25.40 6.00
CA SER D 38 -7.31 -26.76 5.96
C SER D 38 -8.18 -27.66 5.09
N SER D 39 -7.53 -28.65 4.48
CA SER D 39 -8.25 -29.59 3.64
C SER D 39 -9.25 -30.41 4.44
N GLN D 40 -8.84 -30.91 5.60
CA GLN D 40 -9.69 -31.78 6.41
C GLN D 40 -10.96 -31.05 6.86
N CYS D 41 -10.88 -29.73 7.05
CA CYS D 41 -12.08 -28.93 7.29
C CYS D 41 -13.04 -29.00 6.11
N ILE D 42 -12.51 -28.94 4.88
CA ILE D 42 -13.36 -29.02 3.70
C ILE D 42 -13.99 -30.41 3.56
N LYS D 43 -13.20 -31.47 3.80
CA LYS D 43 -13.75 -32.82 3.73
C LYS D 43 -14.83 -33.04 4.79
N ARG D 44 -14.62 -32.49 6.00
CA ARG D 44 -15.63 -32.61 7.05
C ARG D 44 -16.91 -31.85 6.68
N SER D 45 -16.78 -30.63 6.14
CA SER D 45 -17.96 -29.86 5.77
C SER D 45 -18.72 -30.51 4.62
N ILE D 46 -18.02 -31.11 3.66
CA ILE D 46 -18.69 -31.82 2.58
C ILE D 46 -19.37 -33.07 3.12
N ARG D 47 -18.71 -33.78 4.05
CA ARG D 47 -19.28 -35.01 4.60
C ARG D 47 -20.54 -34.73 5.42
N THR D 48 -20.63 -33.54 6.02
CA THR D 48 -21.76 -33.19 6.90
C THR D 48 -22.59 -32.08 6.25
N SER D 49 -22.75 -32.15 4.93
CA SER D 49 -23.54 -31.18 4.19
C SER D 49 -24.93 -31.75 3.91
N ASN D 50 -25.81 -30.88 3.39
CA ASN D 50 -27.17 -31.27 3.06
C ASN D 50 -27.33 -31.77 1.63
N ASP D 51 -26.30 -31.69 0.80
CA ASP D 51 -26.36 -32.34 -0.50
C ASP D 51 -25.65 -33.67 -0.50
N PHE D 52 -25.14 -34.09 0.66
CA PHE D 52 -24.51 -35.37 0.86
C PHE D 52 -25.25 -36.21 1.89
N LYS D 53 -26.49 -35.83 2.25
CA LYS D 53 -27.14 -36.44 3.41
C LYS D 53 -27.67 -37.83 3.10
N ALA D 54 -27.84 -38.15 1.83
CA ALA D 54 -28.26 -39.52 1.52
C ALA D 54 -27.11 -40.50 1.66
N LEU D 55 -25.90 -40.01 1.95
CA LEU D 55 -24.78 -40.86 1.59
C LEU D 55 -23.93 -41.11 2.86
N LEU D 56 -24.52 -40.94 4.06
CA LEU D 56 -23.79 -41.25 5.29
C LEU D 56 -24.34 -42.54 5.87
N GLY D 57 -23.59 -43.62 5.64
CA GLY D 57 -23.97 -44.91 6.19
C GLY D 57 -22.98 -45.38 7.23
N GLY D 58 -22.17 -44.46 7.76
CA GLY D 58 -21.09 -44.84 8.65
C GLY D 58 -20.82 -43.78 9.70
N VAL D 59 -19.99 -44.16 10.67
CA VAL D 59 -19.71 -43.34 11.84
C VAL D 59 -18.22 -43.42 12.16
N ARG D 60 -17.63 -42.30 12.60
CA ARG D 60 -16.28 -42.25 13.14
C ARG D 60 -16.38 -41.76 14.57
N THR D 61 -16.27 -42.67 15.53
CA THR D 61 -16.50 -42.32 16.92
C THR D 61 -15.83 -43.33 17.83
N ARG D 62 -15.75 -42.98 19.11
CA ARG D 62 -15.27 -43.88 20.16
C ARG D 62 -16.38 -44.32 21.11
N ARG D 63 -17.57 -43.72 21.02
CA ARG D 63 -18.69 -44.09 21.90
C ARG D 63 -19.52 -45.20 21.25
N LEU D 64 -18.84 -46.32 21.02
CA LEU D 64 -19.49 -47.51 20.49
C LEU D 64 -20.48 -48.12 21.46
N ALA D 65 -20.25 -47.98 22.76
CA ALA D 65 -21.16 -48.59 23.71
C ALA D 65 -22.45 -47.80 23.84
N ASP D 66 -22.39 -46.49 23.60
CA ASP D 66 -23.62 -45.71 23.45
C ASP D 66 -24.44 -46.22 22.26
N LEU D 67 -23.76 -46.61 21.19
CA LEU D 67 -24.46 -47.12 20.01
C LEU D 67 -25.00 -48.52 20.26
N ILE D 68 -24.28 -49.34 21.03
CA ILE D 68 -24.78 -50.68 21.36
C ILE D 68 -25.97 -50.60 22.29
N GLN D 69 -25.88 -49.78 23.34
CA GLN D 69 -26.99 -49.60 24.25
C GLN D 69 -28.17 -48.95 23.55
N GLN D 70 -27.90 -48.10 22.56
CA GLN D 70 -29.00 -47.55 21.79
C GLN D 70 -29.63 -48.60 20.88
N GLU D 71 -28.93 -49.70 20.60
CA GLU D 71 -29.56 -50.82 19.93
C GLU D 71 -30.22 -51.78 20.93
N ALA D 72 -31.04 -51.21 21.81
CA ALA D 72 -31.72 -51.95 22.86
C ALA D 72 -32.86 -51.09 23.40
N GLY D 73 -33.89 -51.75 23.91
CA GLY D 73 -35.00 -51.06 24.53
C GLY D 73 -34.88 -50.97 26.04
N GLU D 74 -34.65 -52.11 26.69
CA GLU D 74 -34.53 -52.17 28.15
C GLU D 74 -33.37 -53.01 28.64
N THR D 75 -32.82 -53.92 27.84
CA THR D 75 -31.81 -54.85 28.32
C THR D 75 -30.51 -54.12 28.65
N GLU D 76 -29.95 -54.44 29.81
CA GLU D 76 -28.72 -53.81 30.27
C GLU D 76 -27.54 -54.44 29.54
N CYS D 77 -27.13 -53.78 28.46
CA CYS D 77 -25.94 -54.18 27.70
C CYS D 77 -24.96 -53.02 27.64
N TRP D 78 -24.77 -52.32 28.76
CA TRP D 78 -23.80 -51.25 28.84
C TRP D 78 -22.44 -51.74 29.31
N LYS D 79 -22.39 -52.37 30.49
CA LYS D 79 -21.11 -52.83 31.04
C LYS D 79 -20.48 -53.91 30.16
N LYS D 80 -21.31 -54.78 29.57
CA LYS D 80 -20.74 -55.86 28.76
C LYS D 80 -20.25 -55.35 27.41
N ALA D 81 -20.92 -54.34 26.85
CA ALA D 81 -20.44 -53.72 25.62
C ALA D 81 -19.06 -53.08 25.82
N GLN D 82 -18.93 -52.26 26.87
CA GLN D 82 -17.64 -51.64 27.17
C GLN D 82 -16.60 -52.68 27.48
N GLU D 83 -17.03 -53.73 28.19
CA GLU D 83 -16.12 -54.80 28.55
C GLU D 83 -15.56 -55.45 27.29
N ILE D 84 -16.45 -55.89 26.39
CA ILE D 84 -16.00 -56.57 25.16
C ILE D 84 -15.20 -55.60 24.29
N LEU D 85 -15.52 -54.30 24.36
CA LEU D 85 -14.68 -53.26 23.74
C LEU D 85 -13.27 -53.24 24.32
N ASN D 86 -13.14 -53.45 25.63
CA ASN D 86 -11.83 -53.35 26.26
C ASN D 86 -11.01 -54.60 26.00
N LYS D 87 -11.64 -55.77 26.01
CA LYS D 87 -10.94 -56.97 25.54
C LYS D 87 -10.67 -56.98 24.04
N CYS D 88 -11.39 -56.18 23.25
CA CYS D 88 -11.15 -56.10 21.81
C CYS D 88 -9.80 -55.48 21.48
N GLY D 89 -9.42 -54.43 22.20
CA GLY D 89 -8.13 -53.79 21.95
C GLY D 89 -8.24 -52.30 21.69
N PHE D 90 -9.39 -51.71 22.02
CA PHE D 90 -9.63 -50.30 21.77
C PHE D 90 -9.32 -49.44 23.00
N LYS D 91 -8.43 -49.91 23.86
CA LYS D 91 -8.00 -49.15 25.03
C LYS D 91 -6.57 -48.64 24.85
N THR D 97 -8.97 -43.11 27.62
CA THR D 97 -9.18 -42.85 26.21
C THR D 97 -9.49 -44.13 25.46
N LYS D 98 -10.50 -44.07 24.58
CA LYS D 98 -10.86 -45.19 23.72
C LYS D 98 -10.54 -44.81 22.28
N MET D 99 -10.09 -45.80 21.51
CA MET D 99 -9.69 -45.56 20.13
C MET D 99 -10.90 -45.19 19.27
N LEU D 100 -10.66 -44.31 18.30
CA LEU D 100 -11.68 -43.91 17.34
C LEU D 100 -11.86 -45.02 16.31
N VAL D 101 -13.11 -45.46 16.13
CA VAL D 101 -13.43 -46.53 15.20
C VAL D 101 -14.32 -45.96 14.10
N PHE D 102 -13.96 -46.23 12.85
CA PHE D 102 -14.60 -45.66 11.68
C PHE D 102 -15.19 -46.78 10.84
N MET D 103 -16.49 -47.04 10.99
CA MET D 103 -17.14 -48.09 10.23
C MET D 103 -18.60 -47.73 10.00
N SER D 104 -19.30 -48.63 9.31
CA SER D 104 -20.67 -48.42 8.91
C SER D 104 -21.62 -48.50 10.11
N LYS D 105 -22.81 -47.89 9.95
CA LYS D 105 -23.77 -47.81 11.06
C LYS D 105 -24.51 -49.13 11.27
N ASP D 106 -25.26 -49.58 10.26
CA ASP D 106 -26.20 -50.67 10.44
C ASP D 106 -25.51 -51.97 10.77
N LYS D 107 -24.33 -52.21 10.20
CA LYS D 107 -23.62 -53.47 10.42
C LYS D 107 -23.24 -53.62 11.90
N ILE D 108 -22.56 -52.61 12.47
CA ILE D 108 -22.19 -52.71 13.87
C ILE D 108 -23.42 -52.67 14.77
N LYS D 109 -24.44 -51.89 14.40
CA LYS D 109 -25.65 -51.79 15.23
C LYS D 109 -26.33 -53.15 15.35
N ASP D 110 -26.72 -53.74 14.22
CA ASP D 110 -27.42 -55.02 14.23
C ASP D 110 -26.53 -56.14 14.78
N LEU D 111 -25.26 -56.19 14.38
CA LEU D 111 -24.44 -57.32 14.76
C LEU D 111 -24.03 -57.24 16.23
N ALA D 112 -23.76 -56.05 16.74
CA ALA D 112 -23.49 -55.91 18.17
C ALA D 112 -24.73 -56.20 18.99
N ARG D 113 -25.91 -55.82 18.48
CA ARG D 113 -27.15 -56.16 19.18
C ARG D 113 -27.37 -57.67 19.24
N ILE D 114 -27.07 -58.39 18.15
CA ILE D 114 -27.35 -59.82 18.15
C ILE D 114 -26.22 -60.65 18.74
N VAL D 115 -25.01 -60.12 18.84
CA VAL D 115 -23.86 -60.87 19.35
C VAL D 115 -23.60 -60.57 20.82
N LEU D 116 -23.70 -59.29 21.21
CA LEU D 116 -23.46 -58.92 22.60
C LEU D 116 -24.51 -59.51 23.53
N ASP D 117 -25.74 -59.66 23.03
CA ASP D 117 -26.83 -60.21 23.85
C ASP D 117 -26.82 -61.73 23.91
N ASN D 118 -25.94 -62.40 23.17
CA ASN D 118 -25.81 -63.84 23.29
C ASN D 118 -25.05 -64.20 24.56
N SER D 119 -25.36 -65.39 25.08
CA SER D 119 -24.66 -65.93 26.25
C SER D 119 -23.59 -66.89 25.75
N LEU D 120 -22.46 -66.31 25.33
CA LEU D 120 -21.29 -67.05 24.88
C LEU D 120 -20.08 -66.58 25.67
N GLY D 121 -18.91 -67.12 25.31
CA GLY D 121 -17.69 -66.70 25.97
C GLY D 121 -17.27 -65.30 25.58
N LEU D 122 -16.48 -64.67 26.46
CA LEU D 122 -15.98 -63.34 26.18
C LEU D 122 -14.97 -63.36 25.03
N THR D 123 -14.11 -64.39 24.99
CA THR D 123 -13.09 -64.48 23.95
C THR D 123 -13.72 -64.67 22.57
N GLU D 124 -14.68 -65.58 22.46
CA GLU D 124 -15.31 -65.85 21.17
C GLU D 124 -16.14 -64.66 20.70
N ALA D 125 -16.89 -64.03 21.62
CA ALA D 125 -17.70 -62.88 21.23
C ALA D 125 -16.81 -61.68 20.87
N ALA D 126 -15.67 -61.55 21.56
CA ALA D 126 -14.71 -60.51 21.18
C ALA D 126 -14.11 -60.77 19.80
N GLN D 127 -13.82 -62.03 19.49
CA GLN D 127 -13.35 -62.39 18.15
C GLN D 127 -14.39 -62.05 17.09
N GLN D 128 -15.66 -62.37 17.36
CA GLN D 128 -16.73 -62.05 16.42
C GLN D 128 -16.91 -60.53 16.25
N VAL D 129 -16.78 -59.78 17.35
CA VAL D 129 -16.88 -58.32 17.28
C VAL D 129 -15.72 -57.75 16.45
N ALA D 130 -14.51 -58.28 16.64
CA ALA D 130 -13.36 -57.85 15.85
C ALA D 130 -13.56 -58.17 14.37
N ASN D 131 -14.10 -59.35 14.07
CA ASN D 131 -14.36 -59.75 12.69
C ASN D 131 -15.38 -58.82 12.03
N VAL D 132 -16.47 -58.50 12.75
CA VAL D 132 -17.51 -57.69 12.13
C VAL D 132 -17.08 -56.23 12.05
N ILE D 133 -16.17 -55.80 12.94
CA ILE D 133 -15.63 -54.46 12.82
C ILE D 133 -14.71 -54.36 11.61
N ALA D 134 -13.88 -55.38 11.38
CA ALA D 134 -12.98 -55.36 10.24
C ALA D 134 -13.71 -55.55 8.92
N GLN D 135 -14.83 -56.26 8.93
CA GLN D 135 -15.54 -56.60 7.70
C GLN D 135 -16.59 -55.57 7.29
N ALA D 136 -16.82 -54.55 8.10
CA ALA D 136 -17.89 -53.58 7.82
C ALA D 136 -17.33 -52.39 7.05
N THR D 137 -16.76 -52.68 5.90
CA THR D 137 -16.08 -51.69 5.06
C THR D 137 -16.91 -51.35 3.83
N LEU D 138 -18.23 -51.38 3.97
CA LEU D 138 -19.16 -50.98 2.91
C LEU D 138 -19.80 -49.70 3.40
N ALA D 139 -19.08 -48.62 3.19
CA ALA D 139 -19.55 -47.30 3.59
C ALA D 139 -18.91 -46.28 2.66
N PRO D 140 -19.61 -45.17 2.39
CA PRO D 140 -19.17 -44.23 1.34
C PRO D 140 -18.03 -43.34 1.79
N ASP D 141 -18.09 -42.87 3.04
CA ASP D 141 -17.02 -42.07 3.60
C ASP D 141 -15.75 -42.90 3.79
N ILE D 142 -15.91 -44.19 4.02
CA ILE D 142 -14.75 -45.08 4.09
C ILE D 142 -14.06 -45.16 2.74
N ALA D 143 -14.84 -45.25 1.65
CA ALA D 143 -14.24 -45.30 0.32
C ALA D 143 -13.63 -43.96 -0.08
N LEU D 144 -14.28 -42.86 0.28
CA LEU D 144 -13.77 -41.54 -0.10
C LEU D 144 -12.53 -41.16 0.71
N CYS D 145 -12.57 -41.36 2.03
CA CYS D 145 -11.57 -40.80 2.94
C CYS D 145 -10.64 -41.83 3.56
N GLY D 146 -10.92 -43.13 3.41
CA GLY D 146 -10.00 -44.14 3.89
C GLY D 146 -10.17 -44.43 5.37
N ARG D 147 -9.37 -45.40 5.83
CA ARG D 147 -9.51 -45.93 7.18
C ARG D 147 -8.20 -46.59 7.60
N MET D 148 -7.77 -46.29 8.82
CA MET D 148 -6.66 -47.01 9.44
C MET D 148 -6.99 -47.23 10.91
N LEU D 149 -6.88 -48.48 11.35
CA LEU D 149 -7.17 -48.88 12.73
C LEU D 149 -6.02 -49.76 13.21
N GLU D 150 -5.63 -49.59 14.48
CA GLU D 150 -4.45 -50.27 15.03
C GLU D 150 -4.77 -50.88 16.39
N PRO D 151 -4.87 -52.20 16.48
CA PRO D 151 -5.13 -52.83 17.78
C PRO D 151 -3.94 -52.68 18.72
N ASN D 152 -4.19 -52.08 19.88
CA ASN D 152 -3.15 -51.86 20.87
C ASN D 152 -2.82 -53.19 21.53
N ASP D 153 -1.68 -53.78 21.16
CA ASP D 153 -1.27 -55.08 21.67
C ASP D 153 -0.76 -55.03 23.11
N LYS D 154 -0.62 -53.83 23.69
CA LYS D 154 -0.15 -53.72 25.07
C LYS D 154 -1.15 -54.33 26.05
N ASP D 155 -2.45 -54.20 25.77
CA ASP D 155 -3.48 -54.66 26.68
C ASP D 155 -4.42 -55.67 26.04
N LYS D 156 -3.97 -56.31 24.96
CA LYS D 156 -4.82 -57.18 24.16
C LYS D 156 -4.64 -58.63 24.58
N ASP D 157 -5.75 -59.35 24.65
CA ASP D 157 -5.72 -60.79 24.92
C ASP D 157 -4.95 -61.52 23.82
N LYS D 158 -4.14 -62.49 24.23
CA LYS D 158 -3.26 -63.19 23.30
C LYS D 158 -3.96 -64.32 22.54
N LYS D 159 -5.25 -64.54 22.79
CA LYS D 159 -5.94 -65.65 22.16
C LYS D 159 -6.33 -65.34 20.72
N VAL D 160 -7.19 -64.35 20.52
CA VAL D 160 -7.75 -64.06 19.20
C VAL D 160 -6.75 -63.28 18.36
N LYS D 161 -7.06 -63.15 17.07
CA LYS D 161 -6.19 -62.48 16.11
C LYS D 161 -7.00 -61.47 15.31
N TRP D 162 -6.34 -60.39 14.89
CA TRP D 162 -6.98 -59.39 14.04
C TRP D 162 -6.77 -59.73 12.57
N SER D 163 -7.52 -59.04 11.72
CA SER D 163 -7.48 -59.27 10.28
C SER D 163 -7.12 -57.98 9.55
N ASN D 164 -7.17 -58.04 8.22
CA ASN D 164 -6.90 -56.86 7.40
C ASN D 164 -8.05 -55.87 7.53
N THR D 165 -7.70 -54.59 7.72
CA THR D 165 -8.68 -53.55 7.93
C THR D 165 -8.40 -52.26 7.19
N THR D 166 -7.22 -52.10 6.59
CA THR D 166 -6.80 -50.84 5.99
C THR D 166 -7.60 -50.55 4.74
N VAL D 167 -7.99 -49.28 4.56
CA VAL D 167 -8.78 -48.85 3.42
C VAL D 167 -8.01 -47.77 2.68
N GLU D 168 -7.82 -47.97 1.38
CA GLU D 168 -7.18 -46.97 0.53
C GLU D 168 -8.24 -45.99 0.03
N ALA D 169 -8.00 -44.69 0.22
CA ALA D 169 -8.98 -43.68 -0.12
C ALA D 169 -8.96 -43.39 -1.62
N ALA D 170 -10.00 -42.70 -2.07
CA ALA D 170 -10.14 -42.34 -3.48
C ALA D 170 -10.52 -40.87 -3.66
N LEU D 171 -9.97 -39.98 -2.85
CA LEU D 171 -10.17 -38.54 -3.01
C LEU D 171 -8.97 -37.81 -2.44
N GLN D 172 -8.39 -36.92 -3.24
CA GLN D 172 -7.20 -36.15 -2.85
C GLN D 172 -7.48 -34.67 -3.04
N VAL D 173 -7.61 -33.95 -1.92
CA VAL D 173 -7.89 -32.52 -1.91
C VAL D 173 -6.76 -31.80 -1.19
N ALA D 174 -6.21 -30.76 -1.83
CA ALA D 174 -5.17 -29.95 -1.22
C ALA D 174 -5.78 -28.80 -0.44
N HIS D 175 -4.95 -28.19 0.41
CA HIS D 175 -5.39 -27.09 1.27
C HIS D 175 -5.74 -25.86 0.43
N ALA D 176 -6.75 -25.13 0.88
CA ALA D 176 -7.14 -23.91 0.18
C ALA D 176 -6.11 -22.82 0.43
N ILE D 177 -5.59 -22.26 -0.66
CA ILE D 177 -4.45 -21.33 -0.63
C ILE D 177 -4.88 -20.04 -1.29
N SER D 178 -4.59 -18.91 -0.65
CA SER D 178 -4.92 -17.61 -1.21
C SER D 178 -4.14 -17.36 -2.50
N THR D 179 -4.74 -16.56 -3.38
CA THR D 179 -4.09 -16.18 -4.63
C THR D 179 -3.18 -14.96 -4.48
N HIS D 180 -3.11 -14.38 -3.29
CA HIS D 180 -2.37 -13.14 -3.09
C HIS D 180 -1.74 -13.09 -1.71
N ILE D 181 -1.25 -11.92 -1.30
CA ILE D 181 -0.61 -11.78 0.01
C ILE D 181 -1.68 -11.82 1.09
N ALA D 182 -1.28 -12.26 2.28
CA ALA D 182 -2.18 -12.28 3.42
C ALA D 182 -2.13 -10.97 4.17
N ARG D 183 -3.31 -10.47 4.57
CA ARG D 183 -3.44 -9.21 5.27
C ARG D 183 -4.25 -9.44 6.54
N PRO D 184 -3.60 -9.81 7.63
CA PRO D 184 -4.33 -10.10 8.87
C PRO D 184 -4.84 -8.84 9.53
N GLU D 185 -5.94 -8.99 10.27
CA GLU D 185 -6.56 -7.88 10.96
C GLU D 185 -7.02 -8.33 12.34
N ILE D 186 -7.18 -7.35 13.24
CA ILE D 186 -7.54 -7.61 14.62
C ILE D 186 -8.73 -6.72 14.98
N ASP D 187 -9.73 -7.30 15.64
CA ASP D 187 -10.96 -6.61 16.02
C ASP D 187 -11.09 -6.60 17.53
N TYR D 188 -11.41 -5.44 18.10
CA TYR D 188 -11.51 -5.25 19.54
C TYR D 188 -12.98 -5.13 19.94
N PHE D 189 -13.39 -5.94 20.91
CA PHE D 189 -14.76 -5.96 21.38
C PHE D 189 -14.81 -5.75 22.89
N VAL D 190 -15.94 -5.23 23.36
CA VAL D 190 -16.21 -5.19 24.79
C VAL D 190 -17.68 -5.56 25.01
N ALA D 191 -17.95 -6.30 26.08
CA ALA D 191 -19.32 -6.61 26.43
C ALA D 191 -19.90 -5.49 27.30
N ALA D 192 -21.21 -5.35 27.25
CA ALA D 192 -21.90 -4.32 28.00
C ALA D 192 -22.80 -4.97 29.06
N ASP D 193 -23.29 -4.13 29.96
CA ASP D 193 -24.24 -4.53 30.99
C ASP D 193 -25.59 -3.94 30.65
N ASP D 194 -26.63 -4.77 30.69
CA ASP D 194 -27.98 -4.28 30.38
C ASP D 194 -28.46 -3.28 31.43
N VAL D 195 -28.21 -3.56 32.70
CA VAL D 195 -28.63 -2.70 33.80
C VAL D 195 -27.45 -1.87 34.29
N PRO D 196 -27.57 -0.55 34.35
CA PRO D 196 -26.50 0.28 34.93
C PRO D 196 -26.26 -0.09 36.40
N GLY D 197 -25.05 0.24 36.85
CA GLY D 197 -24.64 -0.07 38.21
C GLY D 197 -23.22 0.42 38.47
N GLU D 198 -22.46 -0.44 39.15
CA GLU D 198 -21.10 -0.07 39.55
C GLU D 198 -20.16 0.04 38.34
N ASP D 199 -20.28 -0.89 37.39
CA ASP D 199 -19.58 -0.91 36.10
C ASP D 199 -18.07 -1.05 36.24
N ALA D 200 -17.36 -1.11 35.13
CA ALA D 200 -15.94 -1.43 35.15
C ALA D 200 -15.10 -0.17 35.33
N GLY D 201 -13.78 -0.37 35.44
CA GLY D 201 -12.86 0.73 35.45
C GLY D 201 -12.53 1.17 34.03
N ALA D 202 -12.14 0.22 33.19
CA ALA D 202 -11.88 0.51 31.79
C ALA D 202 -12.75 -0.31 30.86
N GLY D 203 -12.80 -1.62 31.08
CA GLY D 203 -13.48 -2.53 30.19
C GLY D 203 -12.51 -3.44 29.45
N HIS D 204 -12.44 -4.71 29.88
CA HIS D 204 -11.49 -5.67 29.35
C HIS D 204 -11.67 -5.89 27.85
N ILE D 205 -10.65 -5.53 27.07
CA ILE D 205 -10.72 -5.60 25.62
C ILE D 205 -10.25 -6.97 25.16
N GLY D 206 -11.10 -7.67 24.41
CA GLY D 206 -10.73 -8.91 23.76
C GLY D 206 -10.19 -8.66 22.36
N GLU D 207 -9.93 -9.75 21.66
CA GLU D 207 -9.32 -9.64 20.33
C GLU D 207 -9.80 -10.78 19.46
N SER D 208 -10.31 -10.44 18.28
CA SER D 208 -10.81 -11.40 17.31
C SER D 208 -10.09 -11.19 16.00
N MET D 209 -9.33 -12.19 15.55
CA MET D 209 -8.52 -12.08 14.36
C MET D 209 -9.31 -12.57 13.16
N PHE D 210 -9.19 -11.88 12.03
CA PHE D 210 -9.90 -12.25 10.81
C PHE D 210 -9.17 -11.69 9.61
N ALA D 211 -9.54 -12.21 8.42
CA ALA D 211 -8.97 -11.76 7.16
C ALA D 211 -9.93 -12.15 6.04
N SER D 212 -9.66 -11.60 4.85
CA SER D 212 -10.43 -11.91 3.66
C SER D 212 -9.47 -12.22 2.51
N ALA D 213 -9.87 -13.17 1.65
CA ALA D 213 -8.99 -13.63 0.59
C ALA D 213 -9.81 -14.29 -0.51
N CYS D 214 -9.15 -14.52 -1.65
CA CYS D 214 -9.70 -15.29 -2.76
C CYS D 214 -8.93 -16.59 -2.87
N PHE D 215 -9.65 -17.71 -2.86
CA PHE D 215 -9.05 -19.02 -2.68
C PHE D 215 -9.13 -19.84 -3.96
N TYR D 216 -8.06 -20.56 -4.24
CA TYR D 216 -8.00 -21.55 -5.31
C TYR D 216 -8.02 -22.94 -4.68
N LYS D 217 -9.10 -23.67 -4.91
CA LYS D 217 -9.26 -25.01 -4.37
C LYS D 217 -9.09 -26.03 -5.47
N TYR D 218 -8.64 -27.23 -5.09
CA TYR D 218 -8.21 -28.24 -6.04
C TYR D 218 -8.75 -29.60 -5.59
N PHE D 219 -9.37 -30.32 -6.53
CA PHE D 219 -10.02 -31.59 -6.24
C PHE D 219 -9.60 -32.64 -7.26
N SER D 220 -9.50 -33.89 -6.80
CA SER D 220 -9.07 -35.01 -7.64
C SER D 220 -9.84 -36.26 -7.22
N ILE D 221 -10.37 -36.98 -8.21
CA ILE D 221 -11.23 -38.14 -7.97
C ILE D 221 -10.71 -39.32 -8.81
N ASP D 222 -10.44 -40.44 -8.15
CA ASP D 222 -10.00 -41.67 -8.81
C ASP D 222 -11.18 -42.61 -8.93
N TRP D 223 -11.59 -42.91 -10.17
CA TRP D 223 -12.78 -43.73 -10.39
C TRP D 223 -12.52 -45.21 -10.15
N GLU D 224 -11.36 -45.72 -10.54
CA GLU D 224 -11.08 -47.15 -10.41
C GLU D 224 -11.01 -47.58 -8.95
N GLN D 225 -10.35 -46.78 -8.10
CA GLN D 225 -10.30 -47.11 -6.68
C GLN D 225 -11.65 -46.94 -6.01
N LEU D 226 -12.44 -45.96 -6.47
CA LEU D 226 -13.80 -45.80 -5.94
C LEU D 226 -14.66 -47.01 -6.26
N VAL D 227 -14.51 -47.55 -7.48
CA VAL D 227 -15.24 -48.76 -7.86
C VAL D 227 -14.75 -49.94 -7.04
N LYS D 228 -13.43 -50.09 -6.91
CA LYS D 228 -12.85 -51.26 -6.24
C LYS D 228 -13.20 -51.29 -4.76
N ASN D 229 -13.32 -50.11 -4.12
CA ASN D 229 -13.65 -50.08 -2.70
C ASN D 229 -15.10 -50.47 -2.46
N LEU D 230 -16.00 -50.11 -3.37
CA LEU D 230 -17.43 -50.39 -3.23
C LEU D 230 -17.85 -51.70 -3.90
N LYS D 231 -16.94 -52.66 -4.00
CA LYS D 231 -17.16 -54.00 -4.54
C LYS D 231 -17.64 -53.88 -5.99
N GLY D 232 -18.53 -54.78 -6.42
CA GLY D 232 -18.98 -54.84 -7.79
C GLY D 232 -19.93 -53.74 -8.21
N ASP D 233 -20.29 -52.84 -7.31
CA ASP D 233 -21.18 -51.74 -7.67
C ASP D 233 -20.49 -50.76 -8.59
N THR D 234 -21.25 -50.22 -9.54
CA THR D 234 -20.78 -49.24 -10.51
C THR D 234 -21.58 -47.96 -10.48
N ASN D 235 -22.91 -48.05 -10.36
CA ASN D 235 -23.75 -46.86 -10.33
C ASN D 235 -23.51 -46.03 -9.08
N LEU D 236 -23.20 -46.68 -7.95
CA LEU D 236 -22.94 -45.95 -6.72
C LEU D 236 -21.69 -45.09 -6.84
N ALA D 237 -20.70 -45.53 -7.62
CA ALA D 237 -19.50 -44.72 -7.83
C ALA D 237 -19.82 -43.41 -8.52
N ALA D 238 -20.57 -43.48 -9.62
CA ALA D 238 -20.95 -42.27 -10.35
C ALA D 238 -21.87 -41.38 -9.53
N HIS D 239 -22.78 -42.00 -8.76
CA HIS D 239 -23.67 -41.20 -7.92
C HIS D 239 -22.88 -40.49 -6.82
N THR D 240 -21.87 -41.16 -6.26
CA THR D 240 -21.00 -40.52 -5.28
C THR D 240 -20.22 -39.37 -5.91
N VAL D 241 -19.74 -39.55 -7.14
CA VAL D 241 -18.99 -38.49 -7.82
C VAL D 241 -19.87 -37.26 -8.03
N GLY D 242 -21.10 -37.47 -8.53
CA GLY D 242 -22.00 -36.36 -8.75
C GLY D 242 -22.43 -35.68 -7.46
N ALA D 243 -22.69 -36.47 -6.41
CA ALA D 243 -23.07 -35.89 -5.12
C ALA D 243 -21.94 -35.09 -4.51
N PHE D 244 -20.70 -35.59 -4.63
CA PHE D 244 -19.55 -34.85 -4.10
C PHE D 244 -19.34 -33.55 -4.85
N LEU D 245 -19.50 -33.56 -6.18
CA LEU D 245 -19.38 -32.33 -6.94
C LEU D 245 -20.46 -31.32 -6.54
N LEU D 246 -21.70 -31.79 -6.40
CA LEU D 246 -22.80 -30.90 -6.04
C LEU D 246 -22.60 -30.32 -4.65
N ALA D 247 -22.13 -31.13 -3.70
CA ALA D 247 -21.90 -30.64 -2.35
C ALA D 247 -20.75 -29.64 -2.32
N ALA D 248 -19.60 -30.00 -2.90
CA ALA D 248 -18.42 -29.14 -2.83
C ALA D 248 -18.63 -27.83 -3.56
N ALA D 249 -19.47 -27.82 -4.61
CA ALA D 249 -19.81 -26.56 -5.23
C ALA D 249 -20.69 -25.70 -4.32
N LYS D 250 -21.38 -26.30 -3.36
CA LYS D 250 -22.45 -25.63 -2.63
C LYS D 250 -22.33 -25.84 -1.12
N THR D 251 -21.11 -25.92 -0.60
CA THR D 251 -20.91 -26.06 0.84
C THR D 251 -19.75 -25.18 1.28
N ASN D 252 -19.92 -24.56 2.44
CA ASN D 252 -18.88 -23.76 3.07
C ASN D 252 -18.47 -24.38 4.39
N PRO D 253 -17.25 -24.08 4.86
CA PRO D 253 -16.91 -24.44 6.24
C PRO D 253 -17.81 -23.73 7.24
N SER D 254 -18.15 -24.44 8.31
CA SER D 254 -19.02 -23.88 9.35
C SER D 254 -18.17 -23.34 10.49
N GLY D 255 -17.51 -22.22 10.22
CA GLY D 255 -16.64 -21.59 11.20
C GLY D 255 -17.41 -20.67 12.12
N LYS D 256 -16.97 -19.42 12.22
CA LYS D 256 -17.70 -18.40 12.99
C LYS D 256 -18.78 -17.76 12.12
N GLN D 257 -19.64 -18.61 11.56
CA GLN D 257 -20.62 -18.16 10.57
C GLN D 257 -21.78 -17.39 11.18
N ASN D 258 -21.91 -17.40 12.51
CA ASN D 258 -23.01 -16.70 13.15
C ASN D 258 -22.80 -15.19 13.14
N SER D 259 -21.55 -14.73 13.11
CA SER D 259 -21.25 -13.31 13.05
C SER D 259 -20.41 -12.92 11.85
N PHE D 260 -19.81 -13.89 11.16
CA PHE D 260 -19.09 -13.68 9.90
C PHE D 260 -19.76 -14.58 8.87
N ALA D 261 -20.78 -14.06 8.17
CA ALA D 261 -21.52 -14.88 7.21
C ALA D 261 -20.73 -14.97 5.92
N ALA D 262 -19.98 -16.06 5.76
CA ALA D 262 -19.22 -16.32 4.54
C ALA D 262 -20.00 -17.29 3.66
N HIS D 263 -21.09 -16.80 3.07
CA HIS D 263 -21.97 -17.60 2.22
C HIS D 263 -21.78 -17.29 0.73
N ASN D 264 -20.57 -16.92 0.34
CA ASN D 264 -20.31 -16.62 -1.06
C ASN D 264 -20.21 -17.91 -1.87
N TYR D 265 -20.39 -17.77 -3.18
CA TYR D 265 -20.30 -18.89 -4.10
C TYR D 265 -19.31 -18.56 -5.20
N PRO D 266 -18.62 -19.56 -5.75
CA PRO D 266 -17.49 -19.27 -6.64
C PRO D 266 -17.91 -18.67 -7.97
N ASP D 267 -16.91 -18.08 -8.65
CA ASP D 267 -17.10 -17.43 -9.93
C ASP D 267 -16.48 -18.20 -11.09
N GLY D 268 -15.93 -19.39 -10.85
CA GLY D 268 -15.39 -20.16 -11.96
C GLY D 268 -14.99 -21.57 -11.59
N ILE D 269 -15.47 -22.54 -12.38
CA ILE D 269 -15.13 -23.94 -12.16
C ILE D 269 -14.65 -24.54 -13.48
N LEU D 270 -13.41 -25.02 -13.48
CA LEU D 270 -12.85 -25.79 -14.58
C LEU D 270 -12.80 -27.24 -14.15
N VAL D 271 -13.36 -28.12 -14.98
CA VAL D 271 -13.33 -29.55 -14.74
C VAL D 271 -12.48 -30.19 -15.83
N GLU D 272 -11.85 -31.32 -15.49
CA GLU D 272 -10.83 -31.93 -16.33
C GLU D 272 -10.79 -33.44 -16.12
N PHE D 273 -10.09 -34.12 -17.03
CA PHE D 273 -9.98 -35.58 -17.01
C PHE D 273 -8.57 -35.96 -17.44
N LYS D 274 -7.89 -36.71 -16.58
CA LYS D 274 -6.52 -37.16 -16.84
C LYS D 274 -6.40 -38.67 -16.80
N ASN D 275 -5.16 -39.14 -16.90
CA ASN D 275 -4.73 -40.40 -16.33
C ASN D 275 -3.75 -40.22 -15.19
N SER D 276 -3.19 -39.03 -15.03
CA SER D 276 -2.17 -38.67 -14.04
C SER D 276 -2.52 -37.35 -13.39
N PRO D 277 -2.33 -37.23 -12.07
CA PRO D 277 -2.78 -36.01 -11.35
C PRO D 277 -1.83 -34.85 -11.61
N ILE D 278 -2.38 -33.74 -12.09
CA ILE D 278 -1.63 -32.52 -12.34
C ILE D 278 -2.29 -31.37 -11.60
N SER D 279 -1.57 -30.80 -10.63
CA SER D 279 -2.06 -29.68 -9.84
C SER D 279 -1.56 -28.36 -10.40
N TYR D 280 -2.44 -27.37 -10.43
CA TYR D 280 -2.19 -26.09 -11.10
C TYR D 280 -2.13 -24.96 -10.07
N ALA D 281 -1.53 -25.25 -8.92
CA ALA D 281 -1.40 -24.27 -7.85
C ALA D 281 -0.28 -23.26 -8.13
N ASN D 282 0.66 -23.61 -9.01
CA ASN D 282 1.82 -22.77 -9.25
C ASN D 282 1.54 -21.59 -10.17
N ALA D 283 0.29 -21.36 -10.55
CA ALA D 283 -0.06 -20.16 -11.30
C ALA D 283 0.10 -18.91 -10.46
N PHE D 284 0.17 -19.05 -9.13
CA PHE D 284 0.12 -17.93 -8.21
C PHE D 284 1.40 -17.84 -7.37
N VAL D 285 2.52 -18.34 -7.91
CA VAL D 285 3.80 -18.16 -7.25
C VAL D 285 4.14 -16.68 -7.15
N ARG D 286 3.90 -15.94 -8.21
CA ARG D 286 3.92 -14.49 -8.12
C ARG D 286 2.64 -14.01 -7.44
N PRO D 287 2.73 -13.14 -6.43
CA PRO D 287 1.51 -12.60 -5.83
C PRO D 287 0.76 -11.72 -6.81
N VAL D 288 -0.55 -11.66 -6.64
CA VAL D 288 -1.40 -10.87 -7.52
C VAL D 288 -1.55 -9.50 -6.88
N SER D 289 -1.15 -8.46 -7.60
CA SER D 289 -1.28 -7.08 -7.14
C SER D 289 -2.48 -6.45 -7.83
N VAL D 290 -3.39 -5.91 -7.03
CA VAL D 290 -4.60 -5.30 -7.58
C VAL D 290 -4.23 -3.99 -8.25
N VAL D 291 -4.63 -3.86 -9.52
CA VAL D 291 -4.40 -2.62 -10.26
C VAL D 291 -5.75 -1.94 -10.41
N LYS D 292 -5.73 -0.72 -10.96
CA LYS D 292 -6.94 0.10 -10.98
C LYS D 292 -8.02 -0.47 -11.89
N GLU D 293 -7.63 -1.21 -12.93
CA GLU D 293 -8.60 -1.68 -13.91
C GLU D 293 -9.44 -2.85 -13.39
N SER D 294 -8.80 -3.98 -13.12
CA SER D 294 -9.53 -5.21 -12.87
C SER D 294 -9.79 -5.44 -11.40
N ASP D 295 -10.33 -6.61 -11.07
CA ASP D 295 -10.53 -7.04 -9.69
C ASP D 295 -9.68 -8.26 -9.43
N LEU D 296 -9.69 -8.72 -8.16
CA LEU D 296 -8.87 -9.86 -7.77
C LEU D 296 -9.30 -11.14 -8.50
N VAL D 297 -10.61 -11.31 -8.71
CA VAL D 297 -11.12 -12.56 -9.25
C VAL D 297 -10.69 -12.73 -10.71
N GLU D 298 -10.87 -11.68 -11.53
CA GLU D 298 -10.54 -11.78 -12.95
C GLU D 298 -9.05 -12.01 -13.17
N GLN D 299 -8.21 -11.32 -12.41
CA GLN D 299 -6.77 -11.52 -12.55
C GLN D 299 -6.35 -12.89 -12.06
N SER D 300 -7.00 -13.40 -11.01
CA SER D 300 -6.70 -14.75 -10.54
C SER D 300 -7.03 -15.79 -11.61
N ILE D 301 -8.22 -15.69 -12.21
CA ILE D 301 -8.55 -16.69 -13.23
C ILE D 301 -7.79 -16.45 -14.53
N GLY D 302 -7.36 -15.21 -14.80
CA GLY D 302 -6.51 -14.98 -15.95
C GLY D 302 -5.13 -15.59 -15.79
N GLN D 303 -4.53 -15.46 -14.61
CA GLN D 303 -3.25 -16.12 -14.35
C GLN D 303 -3.41 -17.63 -14.37
N LEU D 304 -4.52 -18.14 -13.84
CA LEU D 304 -4.81 -19.56 -13.91
C LEU D 304 -4.94 -20.03 -15.35
N SER D 305 -5.61 -19.21 -16.19
CA SER D 305 -5.75 -19.54 -17.60
C SER D 305 -4.41 -19.53 -18.31
N ASN D 306 -3.53 -18.60 -17.94
CA ASN D 306 -2.20 -18.55 -18.53
C ASN D 306 -1.40 -19.81 -18.19
N TYR D 307 -1.43 -20.22 -16.93
CA TYR D 307 -0.73 -21.44 -16.54
C TYR D 307 -1.34 -22.66 -17.20
N VAL D 308 -2.67 -22.71 -17.31
CA VAL D 308 -3.35 -23.85 -17.94
C VAL D 308 -2.97 -23.93 -19.41
N ASN D 309 -2.96 -22.78 -20.10
CA ASN D 309 -2.56 -22.72 -21.50
C ASN D 309 -1.12 -23.17 -21.68
N ASP D 310 -0.22 -22.72 -20.81
CA ASP D 310 1.19 -23.07 -20.94
C ASP D 310 1.43 -24.55 -20.65
N ILE D 311 0.76 -25.11 -19.66
CA ILE D 311 0.89 -26.55 -19.40
C ILE D 311 0.27 -27.37 -20.51
N ARG D 312 -0.87 -26.93 -21.06
CA ARG D 312 -1.51 -27.65 -22.15
C ARG D 312 -0.63 -27.65 -23.40
N LEU D 313 0.04 -26.54 -23.68
CA LEU D 313 0.98 -26.49 -24.78
C LEU D 313 2.36 -27.03 -24.43
N GLY D 314 2.58 -27.43 -23.17
CA GLY D 314 3.85 -27.99 -22.77
C GLY D 314 3.83 -29.51 -22.73
N TYR D 315 3.66 -30.07 -21.54
CA TYR D 315 3.67 -31.53 -21.35
C TYR D 315 2.40 -32.10 -21.96
N TYR D 316 2.52 -32.62 -23.19
CA TYR D 316 1.36 -33.00 -23.97
C TYR D 316 1.72 -34.18 -24.87
N ASP D 317 1.02 -35.30 -24.69
CA ASP D 317 1.28 -36.53 -25.42
C ASP D 317 0.07 -36.85 -26.29
N GLU D 318 0.33 -37.11 -27.57
CA GLU D 318 -0.77 -37.35 -28.51
C GLU D 318 -1.45 -38.69 -28.25
N GLN D 319 -0.72 -39.68 -27.74
CA GLN D 319 -1.30 -40.99 -27.49
C GLN D 319 -2.35 -40.97 -26.38
N SER D 320 -2.36 -39.94 -25.54
CA SER D 320 -3.38 -39.79 -24.49
C SER D 320 -3.78 -38.33 -24.37
N PRO D 321 -4.56 -37.82 -25.32
CA PRO D 321 -4.99 -36.42 -25.24
C PRO D 321 -6.08 -36.22 -24.19
N VAL D 322 -6.16 -34.99 -23.70
CA VAL D 322 -7.11 -34.65 -22.64
C VAL D 322 -8.07 -33.58 -23.13
N ILE D 323 -9.22 -33.51 -22.47
CA ILE D 323 -10.26 -32.53 -22.75
C ILE D 323 -10.85 -32.06 -21.42
N GLY D 324 -11.68 -31.02 -21.48
CA GLY D 324 -12.33 -30.54 -20.28
C GLY D 324 -13.34 -29.47 -20.58
N PHE D 325 -14.26 -29.29 -19.63
CA PHE D 325 -15.32 -28.30 -19.74
C PHE D 325 -15.11 -27.23 -18.68
N TRP D 326 -15.70 -26.05 -18.89
CA TRP D 326 -15.53 -24.92 -17.98
C TRP D 326 -16.90 -24.37 -17.64
N PHE D 327 -17.08 -23.93 -16.38
CA PHE D 327 -18.33 -23.39 -15.90
C PHE D 327 -18.13 -22.07 -15.16
N SER D 328 -19.04 -21.14 -15.41
CA SER D 328 -19.13 -19.87 -14.71
C SER D 328 -20.60 -19.49 -14.61
N PRO D 329 -21.00 -18.72 -13.58
CA PRO D 329 -22.40 -18.26 -13.49
C PRO D 329 -22.79 -17.36 -14.65
N ASN D 330 -23.75 -17.80 -15.46
CA ASN D 330 -24.33 -17.08 -16.61
C ASN D 330 -23.29 -16.84 -17.70
N ASN D 331 -22.12 -17.47 -17.60
CA ASN D 331 -20.96 -17.22 -18.46
C ASN D 331 -20.60 -15.73 -18.50
N ARG D 332 -20.19 -15.23 -17.34
CA ARG D 332 -19.68 -13.87 -17.20
C ARG D 332 -18.15 -13.80 -17.19
N TYR D 333 -17.48 -14.83 -16.69
CA TYR D 333 -16.03 -14.82 -16.54
C TYR D 333 -15.43 -15.84 -17.48
N PRO D 334 -14.89 -15.42 -18.63
CA PRO D 334 -14.32 -16.40 -19.57
C PRO D 334 -12.88 -16.74 -19.23
N LEU D 335 -12.58 -18.04 -19.29
CA LEU D 335 -11.20 -18.49 -19.13
C LEU D 335 -10.34 -18.03 -20.29
N GLY D 336 -10.79 -18.29 -21.51
CA GLY D 336 -10.08 -17.85 -22.70
C GLY D 336 -10.39 -16.40 -23.00
N TYR D 337 -9.78 -15.51 -22.21
CA TYR D 337 -10.16 -14.10 -22.27
C TYR D 337 -9.78 -13.46 -23.61
N LYS D 338 -8.64 -13.85 -24.18
CA LYS D 338 -8.19 -13.21 -25.42
C LYS D 338 -8.56 -13.98 -26.69
N HIS D 339 -8.02 -15.17 -26.89
CA HIS D 339 -8.24 -15.94 -28.11
C HIS D 339 -8.29 -17.44 -27.91
N SER D 340 -7.72 -18.00 -26.85
CA SER D 340 -7.55 -19.45 -26.75
C SER D 340 -8.84 -20.12 -26.29
N LYS D 341 -9.09 -21.31 -26.81
CA LYS D 341 -10.25 -22.11 -26.38
C LYS D 341 -9.68 -23.27 -25.57
N LEU D 342 -9.44 -23.00 -24.29
CA LEU D 342 -8.85 -24.01 -23.41
C LEU D 342 -9.83 -25.13 -23.13
N ALA D 343 -11.10 -24.79 -22.91
CA ALA D 343 -12.15 -25.77 -22.76
C ALA D 343 -13.06 -25.73 -23.97
N SER D 344 -13.65 -26.88 -24.30
CA SER D 344 -14.43 -27.04 -25.52
C SER D 344 -15.93 -26.88 -25.33
N ARG D 345 -16.40 -26.92 -24.09
CA ARG D 345 -17.82 -27.06 -23.77
C ARG D 345 -18.16 -26.09 -22.63
N ASN D 346 -17.97 -24.80 -22.88
CA ASN D 346 -18.42 -23.76 -21.95
C ASN D 346 -19.88 -24.00 -21.53
N ILE D 347 -20.08 -24.27 -20.24
CA ILE D 347 -21.37 -24.63 -19.67
C ILE D 347 -21.76 -23.55 -18.68
N GLY D 348 -23.01 -23.09 -18.76
CA GLY D 348 -23.48 -22.05 -17.87
C GLY D 348 -24.33 -22.49 -16.69
N ASN D 349 -24.28 -23.76 -16.32
CA ASN D 349 -25.07 -24.26 -15.20
C ASN D 349 -24.39 -25.45 -14.55
N LEU D 350 -24.67 -25.65 -13.26
CA LEU D 350 -24.07 -26.75 -12.52
C LEU D 350 -24.69 -28.08 -12.88
N ASN D 351 -26.01 -28.11 -13.11
CA ASN D 351 -26.70 -29.36 -13.41
C ASN D 351 -26.23 -29.97 -14.73
N GLU D 352 -26.07 -29.14 -15.76
CA GLU D 352 -25.59 -29.64 -17.04
C GLU D 352 -24.13 -30.10 -16.93
N LEU D 353 -23.35 -29.46 -16.07
CA LEU D 353 -21.99 -29.91 -15.82
C LEU D 353 -21.98 -31.30 -15.17
N VAL D 354 -22.88 -31.52 -14.20
CA VAL D 354 -23.02 -32.83 -13.57
C VAL D 354 -23.42 -33.87 -14.60
N GLY D 355 -24.38 -33.53 -15.46
CA GLY D 355 -24.80 -34.46 -16.50
C GLY D 355 -23.71 -34.79 -17.49
N ALA D 356 -22.91 -33.80 -17.88
CA ALA D 356 -21.81 -34.02 -18.81
C ALA D 356 -20.72 -34.89 -18.19
N VAL D 357 -20.39 -34.64 -16.91
CA VAL D 357 -19.39 -35.45 -16.22
C VAL D 357 -19.87 -36.89 -16.08
N LEU D 358 -21.15 -37.08 -15.73
CA LEU D 358 -21.68 -38.42 -15.56
C LEU D 358 -21.77 -39.16 -16.89
N ASP D 359 -22.12 -38.46 -17.97
CA ASP D 359 -22.14 -39.08 -19.29
C ASP D 359 -20.75 -39.44 -19.75
N TYR D 360 -19.74 -38.63 -19.41
CA TYR D 360 -18.37 -38.96 -19.76
C TYR D 360 -17.86 -40.14 -18.95
N ILE D 361 -18.34 -40.30 -17.72
CA ILE D 361 -18.00 -41.50 -16.94
C ILE D 361 -18.59 -42.75 -17.60
N GLY D 362 -19.86 -42.67 -18.00
CA GLY D 362 -20.51 -43.80 -18.62
C GLY D 362 -21.94 -43.46 -18.95
N GLY D 363 -22.70 -44.50 -19.30
CA GLY D 363 -24.11 -44.31 -19.60
C GLY D 363 -24.97 -44.17 -18.36
N PHE D 364 -24.80 -43.05 -17.65
CA PHE D 364 -25.52 -42.81 -16.40
C PHE D 364 -26.27 -41.50 -16.47
N LYS D 365 -27.50 -41.52 -15.97
CA LYS D 365 -28.31 -40.32 -15.77
C LYS D 365 -28.47 -40.08 -14.28
N TRP D 366 -28.59 -38.81 -13.90
CA TRP D 366 -28.62 -38.43 -12.48
C TRP D 366 -29.88 -38.98 -11.81
N GLU D 367 -31.01 -38.98 -12.52
CA GLU D 367 -32.23 -39.54 -11.95
C GLU D 367 -32.18 -41.06 -11.87
N GLU D 368 -31.29 -41.68 -12.66
CA GLU D 368 -31.22 -43.15 -12.66
C GLU D 368 -30.48 -43.68 -11.43
N VAL D 369 -29.42 -43.01 -11.01
CA VAL D 369 -28.55 -43.54 -9.96
C VAL D 369 -28.95 -42.98 -8.60
N GLN D 370 -30.12 -42.37 -8.51
CA GLN D 370 -30.63 -41.90 -7.22
C GLN D 370 -31.43 -42.98 -6.50
N LYS D 371 -30.85 -44.18 -6.44
CA LYS D 371 -31.48 -45.31 -5.79
C LYS D 371 -30.51 -46.21 -5.04
N SER D 372 -29.23 -45.85 -4.97
CA SER D 372 -28.23 -46.71 -4.33
C SER D 372 -27.58 -45.99 -3.15
N MET E 1 -35.79 -24.39 5.73
CA MET E 1 -36.22 -23.18 5.05
C MET E 1 -35.56 -21.96 5.70
N LEU E 2 -35.05 -21.05 4.87
CA LEU E 2 -34.30 -19.90 5.33
C LEU E 2 -34.88 -18.62 4.77
N ILE E 3 -34.99 -17.59 5.61
CA ILE E 3 -35.39 -16.26 5.19
C ILE E 3 -34.14 -15.40 5.13
N GLU E 4 -33.88 -14.82 3.96
CA GLU E 4 -32.65 -14.07 3.72
C GLU E 4 -32.99 -12.65 3.30
N ILE E 5 -32.36 -11.68 3.97
CA ILE E 5 -32.62 -10.27 3.74
C ILE E 5 -31.31 -9.61 3.32
N HIS E 6 -31.31 -8.98 2.14
CA HIS E 6 -30.17 -8.24 1.64
C HIS E 6 -30.52 -6.77 1.59
N MET E 7 -29.60 -5.92 2.02
CA MET E 7 -29.90 -4.52 2.30
C MET E 7 -28.77 -3.63 1.81
N ILE E 8 -29.13 -2.50 1.21
CA ILE E 8 -28.17 -1.48 0.79
C ILE E 8 -28.59 -0.17 1.45
N GLN E 9 -27.63 0.49 2.10
CA GLN E 9 -27.90 1.69 2.87
C GLN E 9 -26.68 2.59 2.82
N ASN E 10 -26.88 3.85 2.43
CA ASN E 10 -25.81 4.83 2.39
C ASN E 10 -25.87 5.69 3.63
N HIS E 11 -24.70 5.94 4.22
CA HIS E 11 -24.62 6.61 5.52
C HIS E 11 -23.93 7.97 5.40
N SER E 12 -24.39 8.89 6.23
CA SER E 12 -23.79 10.21 6.35
C SER E 12 -22.39 10.10 6.96
N PRO E 13 -21.53 11.14 6.78
CA PRO E 13 -20.23 11.13 7.48
C PRO E 13 -20.38 10.99 8.98
N ALA E 14 -19.96 9.85 9.51
CA ALA E 14 -20.31 9.47 10.87
C ALA E 14 -19.32 8.44 11.40
N ASN E 15 -19.36 8.27 12.72
CA ASN E 15 -18.50 7.33 13.43
C ASN E 15 -19.41 6.37 14.19
N LEU E 16 -19.92 5.35 13.49
CA LEU E 16 -20.91 4.46 14.10
C LEU E 16 -20.24 3.36 14.91
N ASN E 17 -19.03 2.98 14.53
CA ASN E 17 -18.25 1.99 15.25
C ASN E 17 -16.80 2.43 15.24
N ARG E 18 -16.06 2.04 16.27
CA ARG E 18 -14.67 2.48 16.39
C ARG E 18 -13.86 1.50 17.20
N ASP E 19 -12.53 1.61 17.07
CA ASP E 19 -11.59 0.86 17.87
C ASP E 19 -11.24 1.69 19.12
N ASP E 20 -10.13 1.34 19.78
CA ASP E 20 -9.74 1.99 21.03
C ASP E 20 -9.41 3.47 20.85
N LEU E 21 -8.79 3.85 19.73
CA LEU E 21 -8.29 5.22 19.58
C LEU E 21 -9.30 6.17 18.96
N GLY E 22 -10.35 5.65 18.32
CA GLY E 22 -11.36 6.49 17.69
C GLY E 22 -11.48 6.34 16.18
N ALA E 23 -10.64 5.53 15.57
CA ALA E 23 -10.70 5.27 14.13
C ALA E 23 -11.92 4.42 13.79
N PRO E 24 -12.58 4.67 12.67
CA PRO E 24 -13.59 3.73 12.20
C PRO E 24 -12.94 2.41 11.79
N LYS E 25 -13.69 1.33 11.97
CA LYS E 25 -13.17 0.02 11.64
C LYS E 25 -12.98 -0.14 10.14
N THR E 26 -11.87 -0.75 9.75
CA THR E 26 -11.51 -0.95 8.35
C THR E 26 -11.35 -2.43 8.07
N CYS E 27 -11.49 -2.79 6.80
CA CYS E 27 -11.44 -4.18 6.37
C CYS E 27 -10.66 -4.30 5.07
N TYR E 28 -10.10 -5.48 4.83
CA TYR E 28 -9.32 -5.77 3.62
C TYR E 28 -10.08 -6.76 2.76
N PHE E 29 -10.96 -6.23 1.90
CA PHE E 29 -11.77 -7.04 1.00
C PHE E 29 -11.58 -6.56 -0.42
N GLY E 30 -11.36 -7.51 -1.33
CA GLY E 30 -11.15 -7.16 -2.73
C GLY E 30 -9.85 -6.47 -3.01
N GLY E 31 -8.85 -6.65 -2.15
CA GLY E 31 -7.55 -6.03 -2.33
C GLY E 31 -7.48 -4.57 -1.96
N VAL E 32 -8.60 -3.99 -1.52
CA VAL E 32 -8.67 -2.56 -1.22
C VAL E 32 -9.31 -2.40 0.14
N LEU E 33 -9.12 -1.21 0.73
CA LEU E 33 -9.64 -0.95 2.06
C LEU E 33 -11.16 -0.78 2.00
N ARG E 34 -11.85 -1.42 2.95
CA ARG E 34 -13.30 -1.28 3.10
C ARG E 34 -13.63 -0.83 4.50
N SER E 35 -14.58 0.10 4.60
CA SER E 35 -15.12 0.49 5.89
C SER E 35 -15.98 -0.63 6.46
N ARG E 36 -15.94 -0.78 7.78
CA ARG E 36 -16.55 -1.92 8.45
C ARG E 36 -17.34 -1.49 9.67
N ILE E 37 -18.52 -2.08 9.83
CA ILE E 37 -19.32 -1.97 11.05
C ILE E 37 -19.50 -3.38 11.60
N SER E 38 -19.18 -3.56 12.88
CA SER E 38 -19.22 -4.89 13.48
C SER E 38 -20.64 -5.43 13.55
N SER E 39 -20.76 -6.75 13.41
CA SER E 39 -22.06 -7.39 13.44
C SER E 39 -22.69 -7.34 14.82
N GLN E 40 -21.88 -7.39 15.88
CA GLN E 40 -22.42 -7.32 17.23
C GLN E 40 -23.05 -5.96 17.51
N CYS E 41 -22.52 -4.90 16.90
CA CYS E 41 -23.16 -3.59 16.99
C CYS E 41 -24.55 -3.61 16.39
N ILE E 42 -24.71 -4.24 15.22
CA ILE E 42 -26.01 -4.34 14.57
C ILE E 42 -26.96 -5.19 15.40
N LYS E 43 -26.47 -6.31 15.93
CA LYS E 43 -27.32 -7.19 16.73
C LYS E 43 -27.80 -6.51 18.01
N ARG E 44 -26.91 -5.76 18.67
CA ARG E 44 -27.30 -5.06 19.88
C ARG E 44 -28.22 -3.88 19.60
N SER E 45 -28.03 -3.19 18.47
CA SER E 45 -28.93 -2.10 18.13
C SER E 45 -30.30 -2.63 17.72
N ILE E 46 -30.36 -3.83 17.16
CA ILE E 46 -31.64 -4.47 16.91
C ILE E 46 -32.30 -4.87 18.23
N ARG E 47 -31.51 -5.44 19.15
CA ARG E 47 -32.05 -5.93 20.41
C ARG E 47 -32.61 -4.80 21.26
N THR E 48 -31.90 -3.68 21.33
CA THR E 48 -32.37 -2.52 22.08
C THR E 48 -32.98 -1.53 21.08
N SER E 49 -34.30 -1.65 20.92
CA SER E 49 -35.03 -0.88 19.93
C SER E 49 -36.50 -0.79 20.31
N ASN E 50 -37.19 0.18 19.70
CA ASN E 50 -38.60 0.44 20.02
C ASN E 50 -39.52 -0.62 19.41
N ASP E 51 -39.16 -1.17 18.26
CA ASP E 51 -39.94 -2.20 17.60
C ASP E 51 -39.76 -3.57 18.24
N PHE E 52 -38.65 -3.78 18.93
CA PHE E 52 -38.36 -5.05 19.59
C PHE E 52 -38.63 -5.00 21.08
N LYS E 53 -39.40 -4.02 21.55
CA LYS E 53 -39.71 -3.91 22.97
C LYS E 53 -40.60 -5.06 23.42
N ALA E 54 -41.59 -5.41 22.60
CA ALA E 54 -42.58 -6.41 23.03
C ALA E 54 -41.97 -7.80 23.12
N LEU E 55 -41.15 -8.17 22.15
CA LEU E 55 -40.49 -9.48 22.14
C LEU E 55 -39.10 -9.40 22.77
N LEU E 56 -39.05 -8.83 23.95
CA LEU E 56 -37.90 -8.93 24.82
C LEU E 56 -38.10 -10.22 25.61
N GLY E 57 -37.33 -10.40 26.67
CA GLY E 57 -37.43 -11.61 27.45
C GLY E 57 -36.10 -12.06 28.02
N GLY E 58 -35.00 -11.87 27.29
CA GLY E 58 -33.70 -12.28 27.78
C GLY E 58 -32.88 -11.08 28.23
N VAL E 59 -32.12 -11.27 29.31
CA VAL E 59 -31.26 -10.23 29.86
C VAL E 59 -29.84 -10.79 29.96
N ARG E 60 -28.85 -9.92 29.83
CA ARG E 60 -27.44 -10.30 29.87
C ARG E 60 -26.70 -9.35 30.79
N THR E 61 -26.27 -9.85 31.94
CA THR E 61 -25.69 -9.01 32.99
C THR E 61 -24.77 -9.86 33.87
N ARG E 62 -24.04 -9.18 34.76
CA ARG E 62 -23.23 -9.81 35.79
C ARG E 62 -23.65 -9.41 37.19
N ARG E 63 -24.85 -8.86 37.35
CA ARG E 63 -25.30 -8.27 38.60
C ARG E 63 -26.61 -8.89 39.05
N LEU E 64 -26.64 -10.23 39.08
CA LEU E 64 -27.83 -10.95 39.52
C LEU E 64 -28.20 -10.61 40.96
N ALA E 65 -27.21 -10.32 41.80
CA ALA E 65 -27.47 -10.06 43.22
C ALA E 65 -28.32 -8.81 43.41
N ASP E 66 -28.02 -7.75 42.67
CA ASP E 66 -28.77 -6.50 42.77
C ASP E 66 -30.24 -6.72 42.40
N LEU E 67 -30.50 -7.33 41.25
CA LEU E 67 -31.87 -7.57 40.80
C LEU E 67 -32.60 -8.55 41.71
N ILE E 68 -31.89 -9.52 42.29
CA ILE E 68 -32.50 -10.48 43.20
C ILE E 68 -32.94 -9.76 44.47
N GLN E 69 -32.08 -8.89 45.00
CA GLN E 69 -32.46 -8.10 46.17
C GLN E 69 -33.64 -7.17 45.86
N GLN E 70 -33.66 -6.59 44.66
CA GLN E 70 -34.81 -5.77 44.26
C GLN E 70 -36.09 -6.58 44.13
N GLU E 71 -36.02 -7.81 43.62
CA GLU E 71 -37.20 -8.67 43.53
C GLU E 71 -37.72 -9.03 44.92
N ALA E 72 -36.81 -9.34 45.85
CA ALA E 72 -37.21 -9.79 47.18
C ALA E 72 -37.37 -8.64 48.17
N GLY E 73 -37.21 -7.40 47.71
CA GLY E 73 -37.44 -6.22 48.52
C GLY E 73 -36.58 -6.09 49.76
N GLU E 74 -37.21 -5.80 50.90
CA GLU E 74 -36.49 -5.59 52.16
C GLU E 74 -36.27 -6.93 52.84
N THR E 75 -35.17 -7.60 52.50
CA THR E 75 -34.88 -8.91 53.04
C THR E 75 -33.39 -9.12 53.32
N GLU E 76 -32.60 -8.06 53.15
CA GLU E 76 -31.12 -8.11 53.15
C GLU E 76 -30.71 -9.10 52.07
N CYS E 77 -30.14 -10.27 52.40
CA CYS E 77 -29.90 -11.37 51.46
C CYS E 77 -28.90 -11.00 50.37
N TRP E 78 -28.10 -9.97 50.60
CA TRP E 78 -27.08 -9.56 49.63
C TRP E 78 -25.89 -10.50 49.67
N LYS E 79 -25.29 -10.65 50.86
CA LYS E 79 -24.12 -11.51 51.02
C LYS E 79 -24.45 -12.97 50.76
N LYS E 80 -25.66 -13.40 51.16
CA LYS E 80 -26.07 -14.79 50.94
C LYS E 80 -26.23 -15.10 49.46
N ALA E 81 -26.84 -14.19 48.70
CA ALA E 81 -26.98 -14.40 47.26
C ALA E 81 -25.63 -14.32 46.56
N GLN E 82 -24.75 -13.44 47.03
CA GLN E 82 -23.40 -13.37 46.48
C GLN E 82 -22.65 -14.68 46.71
N GLU E 83 -22.79 -15.26 47.91
CA GLU E 83 -22.16 -16.53 48.21
C GLU E 83 -22.75 -17.66 47.38
N ILE E 84 -24.07 -17.63 47.17
CA ILE E 84 -24.71 -18.68 46.36
C ILE E 84 -24.23 -18.58 44.91
N LEU E 85 -24.07 -17.35 44.40
CA LEU E 85 -23.55 -17.18 43.04
C LEU E 85 -22.09 -17.60 42.93
N ASN E 86 -21.30 -17.40 43.99
CA ASN E 86 -19.94 -17.90 43.98
C ASN E 86 -19.91 -19.43 44.01
N LYS E 87 -20.79 -20.03 44.82
CA LYS E 87 -20.83 -21.48 44.95
C LYS E 87 -21.42 -22.16 43.72
N CYS E 88 -22.20 -21.43 42.92
CA CYS E 88 -22.77 -22.01 41.70
C CYS E 88 -21.69 -22.33 40.69
N GLY E 89 -20.66 -21.49 40.61
CA GLY E 89 -19.56 -21.73 39.68
C GLY E 89 -19.19 -20.55 38.84
N PHE E 90 -19.78 -19.40 39.13
CA PHE E 90 -19.45 -18.17 38.41
C PHE E 90 -18.04 -17.75 38.77
N LYS E 91 -17.12 -17.89 37.82
CA LYS E 91 -15.70 -17.75 38.10
C LYS E 91 -15.35 -16.32 38.49
N ASN E 92 -14.52 -16.20 39.51
CA ASN E 92 -14.11 -14.91 40.06
C ASN E 92 -12.59 -14.78 40.06
N LYS E 93 -11.96 -15.21 38.96
CA LYS E 93 -10.53 -15.02 38.80
C LYS E 93 -10.23 -13.55 38.54
N ASP E 94 -9.05 -13.12 38.99
CA ASP E 94 -8.60 -11.72 38.93
C ASP E 94 -9.58 -10.78 39.63
N ASP E 95 -10.17 -11.29 40.72
CA ASP E 95 -11.16 -10.59 41.58
C ASP E 95 -12.25 -9.87 40.79
N ASN E 96 -12.60 -10.40 39.61
CA ASN E 96 -13.55 -9.75 38.72
C ASN E 96 -14.74 -10.68 38.49
N THR E 97 -15.92 -10.25 38.91
CA THR E 97 -17.14 -10.96 38.56
C THR E 97 -17.38 -10.79 37.06
N LYS E 98 -17.55 -11.91 36.37
CA LYS E 98 -17.59 -11.91 34.92
C LYS E 98 -18.51 -13.05 34.47
N MET E 99 -18.37 -13.47 33.22
CA MET E 99 -19.21 -14.48 32.60
C MET E 99 -20.67 -14.02 32.59
N LEU E 100 -20.90 -13.01 31.76
CA LEU E 100 -22.19 -12.35 31.52
C LEU E 100 -23.33 -13.37 31.46
N VAL E 101 -24.26 -13.24 32.40
CA VAL E 101 -25.27 -14.27 32.64
C VAL E 101 -26.48 -14.02 31.74
N PHE E 102 -26.87 -15.04 30.98
CA PHE E 102 -27.90 -14.95 29.97
C PHE E 102 -29.09 -15.79 30.40
N MET E 103 -30.10 -15.15 30.99
CA MET E 103 -31.31 -15.83 31.41
C MET E 103 -32.49 -14.90 31.22
N SER E 104 -33.69 -15.49 31.17
CA SER E 104 -34.90 -14.69 31.04
C SER E 104 -35.24 -13.99 32.34
N LYS E 105 -35.84 -12.78 32.23
CA LYS E 105 -36.13 -11.99 33.41
C LYS E 105 -37.46 -12.32 34.07
N ASP E 106 -38.25 -13.23 33.51
CA ASP E 106 -39.48 -13.65 34.17
C ASP E 106 -39.23 -14.77 35.19
N LYS E 107 -38.00 -15.25 35.28
CA LYS E 107 -37.63 -16.30 36.23
C LYS E 107 -36.77 -15.78 37.37
N ILE E 108 -36.66 -14.46 37.51
CA ILE E 108 -35.92 -13.88 38.62
C ILE E 108 -36.64 -14.14 39.95
N LYS E 109 -37.97 -14.12 39.91
CA LYS E 109 -38.77 -14.37 41.12
C LYS E 109 -38.54 -15.78 41.65
N ASP E 110 -38.36 -16.75 40.76
CA ASP E 110 -38.05 -18.10 41.20
C ASP E 110 -36.68 -18.16 41.87
N LEU E 111 -35.71 -17.41 41.35
CA LEU E 111 -34.39 -17.33 41.98
C LEU E 111 -34.50 -16.75 43.39
N ALA E 112 -35.24 -15.65 43.54
CA ALA E 112 -35.38 -15.03 44.86
C ALA E 112 -36.14 -15.94 45.81
N ARG E 113 -37.13 -16.69 45.30
CA ARG E 113 -37.87 -17.61 46.14
C ARG E 113 -36.99 -18.76 46.65
N ILE E 114 -36.22 -19.37 45.75
CA ILE E 114 -35.40 -20.50 46.13
C ILE E 114 -34.26 -20.05 47.05
N VAL E 115 -33.69 -18.88 46.78
CA VAL E 115 -32.60 -18.39 47.62
C VAL E 115 -33.10 -18.03 49.01
N LEU E 116 -34.31 -17.46 49.12
CA LEU E 116 -34.86 -17.05 50.40
C LEU E 116 -35.52 -18.18 51.17
N ASP E 117 -35.24 -19.45 50.88
CA ASP E 117 -35.73 -20.54 51.72
C ASP E 117 -34.77 -20.73 52.88
N ASN E 118 -35.28 -21.20 54.02
CA ASN E 118 -34.45 -21.44 55.18
C ASN E 118 -34.28 -22.92 55.50
N SER E 119 -35.12 -23.79 54.93
CA SER E 119 -34.99 -25.22 55.18
C SER E 119 -33.72 -25.79 54.55
N LEU E 120 -33.38 -25.33 53.35
CA LEU E 120 -32.19 -25.82 52.67
C LEU E 120 -31.00 -24.92 52.98
N GLY E 121 -29.80 -25.49 52.80
CA GLY E 121 -28.58 -24.79 53.15
C GLY E 121 -28.07 -23.91 52.02
N LEU E 122 -26.85 -24.17 51.55
CA LEU E 122 -26.26 -23.38 50.48
C LEU E 122 -25.96 -24.20 49.22
N THR E 123 -25.52 -25.44 49.37
CA THR E 123 -25.35 -26.31 48.21
C THR E 123 -26.70 -26.58 47.54
N GLU E 124 -27.74 -26.81 48.33
CA GLU E 124 -29.06 -27.09 47.79
C GLU E 124 -29.62 -25.87 47.05
N ALA E 125 -29.48 -24.68 47.64
CA ALA E 125 -29.99 -23.47 47.00
C ALA E 125 -29.22 -23.18 45.70
N ALA E 126 -27.90 -23.41 45.72
CA ALA E 126 -27.11 -23.18 44.51
C ALA E 126 -27.47 -24.15 43.40
N GLN E 127 -27.67 -25.44 43.75
CA GLN E 127 -28.08 -26.41 42.75
C GLN E 127 -29.46 -26.08 42.18
N GLN E 128 -30.37 -25.60 43.03
CA GLN E 128 -31.69 -25.23 42.55
C GLN E 128 -31.64 -23.98 41.68
N VAL E 129 -30.73 -23.04 42.00
CA VAL E 129 -30.53 -21.86 41.15
C VAL E 129 -29.98 -22.28 39.79
N ALA E 130 -29.05 -23.25 39.79
CA ALA E 130 -28.51 -23.77 38.54
C ALA E 130 -29.60 -24.45 37.72
N ASN E 131 -30.49 -25.19 38.37
CA ASN E 131 -31.58 -25.83 37.64
C ASN E 131 -32.59 -24.80 37.14
N VAL E 132 -32.73 -23.68 37.83
CA VAL E 132 -33.59 -22.61 37.33
C VAL E 132 -32.98 -21.97 36.09
N ILE E 133 -31.68 -21.63 36.14
CA ILE E 133 -31.06 -20.91 35.03
C ILE E 133 -30.92 -21.81 33.80
N ALA E 134 -30.57 -23.09 34.01
CA ALA E 134 -30.31 -23.96 32.88
C ALA E 134 -31.59 -24.34 32.15
N GLN E 135 -32.76 -24.03 32.71
CA GLN E 135 -34.04 -24.27 32.06
C GLN E 135 -34.90 -23.01 31.98
N ALA E 136 -34.27 -21.85 31.78
CA ALA E 136 -34.98 -20.60 31.49
C ALA E 136 -34.43 -20.07 30.17
N THR E 137 -34.96 -20.61 29.07
CA THR E 137 -34.52 -20.30 27.70
C THR E 137 -35.72 -20.03 26.81
N LEU E 138 -36.65 -19.19 27.30
CA LEU E 138 -37.91 -19.00 26.61
C LEU E 138 -38.14 -17.55 26.23
N ALA E 139 -37.14 -16.93 25.63
CA ALA E 139 -37.23 -15.55 25.18
C ALA E 139 -36.96 -15.46 23.69
N PRO E 140 -37.50 -14.44 23.02
CA PRO E 140 -37.13 -14.23 21.60
C PRO E 140 -35.65 -13.96 21.39
N ASP E 141 -34.99 -13.24 22.31
CA ASP E 141 -33.59 -12.91 22.10
C ASP E 141 -32.69 -14.11 22.30
N ILE E 142 -32.99 -14.95 23.30
CA ILE E 142 -32.24 -16.19 23.46
C ILE E 142 -32.52 -17.14 22.30
N ALA E 143 -33.75 -17.10 21.76
CA ALA E 143 -34.07 -17.92 20.59
C ALA E 143 -33.29 -17.46 19.36
N LEU E 144 -33.12 -16.15 19.19
CA LEU E 144 -32.43 -15.61 18.02
C LEU E 144 -30.91 -15.74 18.17
N CYS E 145 -30.35 -15.05 19.17
CA CYS E 145 -28.90 -14.93 19.28
C CYS E 145 -28.23 -16.19 19.84
N GLY E 146 -28.97 -17.06 20.53
CA GLY E 146 -28.38 -18.23 21.14
C GLY E 146 -27.68 -17.89 22.43
N ARG E 147 -27.14 -18.93 23.07
CA ARG E 147 -26.51 -18.74 24.38
C ARG E 147 -25.46 -19.80 24.60
N MET E 148 -24.33 -19.39 25.20
CA MET E 148 -23.33 -20.31 25.72
C MET E 148 -22.87 -19.79 27.07
N LEU E 149 -22.67 -20.71 28.02
CA LEU E 149 -22.33 -20.34 29.40
C LEU E 149 -21.60 -21.52 30.04
N GLU E 150 -20.29 -21.36 30.29
CA GLU E 150 -19.43 -22.40 30.84
C GLU E 150 -18.87 -21.96 32.19
N PRO E 151 -19.56 -22.23 33.29
CA PRO E 151 -19.00 -21.94 34.61
C PRO E 151 -17.81 -22.82 34.94
N ASN E 152 -16.88 -22.27 35.70
CA ASN E 152 -15.62 -22.94 35.98
C ASN E 152 -15.79 -24.08 36.97
N ASP E 153 -14.91 -25.07 36.86
CA ASP E 153 -14.88 -26.22 37.76
C ASP E 153 -13.96 -26.01 38.94
N LYS E 154 -13.32 -24.84 39.05
CA LYS E 154 -12.36 -24.60 40.11
C LYS E 154 -13.03 -24.07 41.39
N ASP E 155 -13.78 -22.98 41.27
CA ASP E 155 -14.37 -22.32 42.44
C ASP E 155 -15.77 -22.84 42.78
N LYS E 156 -16.34 -23.70 41.94
CA LYS E 156 -17.67 -24.21 42.21
C LYS E 156 -17.65 -25.25 43.32
N ASP E 157 -18.82 -25.49 43.90
CA ASP E 157 -18.97 -26.59 44.83
C ASP E 157 -18.79 -27.92 44.11
N LYS E 158 -18.19 -28.89 44.80
CA LYS E 158 -18.03 -30.22 44.23
C LYS E 158 -19.37 -30.88 43.96
N LYS E 159 -20.34 -30.71 44.85
CA LYS E 159 -21.66 -31.33 44.71
C LYS E 159 -22.64 -30.44 43.97
N VAL E 160 -22.24 -29.95 42.79
CA VAL E 160 -23.11 -29.23 41.88
C VAL E 160 -22.91 -29.82 40.49
N LYS E 161 -24.01 -30.26 39.86
CA LYS E 161 -23.96 -30.84 38.53
C LYS E 161 -24.72 -29.93 37.56
N TRP E 162 -24.14 -29.72 36.39
CA TRP E 162 -24.64 -28.76 35.42
C TRP E 162 -25.25 -29.48 34.23
N SER E 163 -26.47 -29.11 33.87
CA SER E 163 -27.21 -29.75 32.79
C SER E 163 -26.84 -29.11 31.45
N ASN E 164 -27.63 -29.40 30.42
CA ASN E 164 -27.40 -28.83 29.10
C ASN E 164 -27.77 -27.35 29.08
N THR E 165 -26.83 -26.51 28.70
CA THR E 165 -26.99 -25.06 28.78
C THR E 165 -26.89 -24.37 27.42
N THR E 166 -26.80 -25.11 26.33
CA THR E 166 -26.57 -24.54 25.01
C THR E 166 -27.89 -24.44 24.25
N VAL E 167 -28.08 -23.30 23.56
CA VAL E 167 -29.16 -23.14 22.60
C VAL E 167 -28.55 -22.63 21.30
N GLU E 168 -28.87 -23.31 20.20
CA GLU E 168 -28.32 -22.95 18.90
C GLU E 168 -29.04 -21.72 18.35
N ALA E 169 -28.26 -20.77 17.84
CA ALA E 169 -28.79 -19.48 17.42
C ALA E 169 -29.61 -19.61 16.15
N ALA E 170 -30.51 -18.65 15.95
CA ALA E 170 -31.41 -18.65 14.78
C ALA E 170 -31.19 -17.46 13.87
N LEU E 171 -30.13 -16.67 14.08
CA LEU E 171 -29.88 -15.48 13.28
C LEU E 171 -28.39 -15.40 12.94
N GLN E 172 -28.10 -15.16 11.66
CA GLN E 172 -26.73 -14.99 11.19
C GLN E 172 -26.62 -13.62 10.52
N VAL E 173 -25.68 -12.81 11.00
CA VAL E 173 -25.50 -11.44 10.52
C VAL E 173 -24.04 -11.27 10.10
N ALA E 174 -23.82 -10.77 8.89
CA ALA E 174 -22.47 -10.54 8.39
C ALA E 174 -21.97 -9.15 8.75
N HIS E 175 -20.66 -8.97 8.61
CA HIS E 175 -20.05 -7.67 8.87
C HIS E 175 -20.31 -6.72 7.71
N ALA E 176 -20.74 -5.50 8.04
CA ALA E 176 -21.09 -4.52 7.01
C ALA E 176 -19.84 -4.07 6.25
N ILE E 177 -19.92 -4.11 4.92
CA ILE E 177 -18.81 -3.77 4.04
C ILE E 177 -19.27 -2.70 3.07
N SER E 178 -18.50 -1.62 2.96
CA SER E 178 -18.78 -0.62 1.96
C SER E 178 -18.51 -1.18 0.56
N THR E 179 -19.24 -0.66 -0.41
CA THR E 179 -19.19 -1.15 -1.77
C THR E 179 -17.99 -0.61 -2.56
N HIS E 180 -17.23 0.30 -1.98
CA HIS E 180 -16.19 1.02 -2.72
C HIS E 180 -14.96 1.17 -1.82
N ILE E 181 -14.06 2.07 -2.21
CA ILE E 181 -12.84 2.31 -1.45
C ILE E 181 -13.18 2.93 -0.10
N ALA E 182 -12.34 2.66 0.91
CA ALA E 182 -12.52 3.26 2.23
C ALA E 182 -11.60 4.47 2.34
N ARG E 183 -12.18 5.60 2.74
CA ARG E 183 -11.46 6.87 2.77
C ARG E 183 -11.72 7.58 4.09
N PRO E 184 -10.89 7.33 5.10
CA PRO E 184 -11.03 8.07 6.36
C PRO E 184 -10.47 9.48 6.26
N GLU E 185 -11.06 10.38 7.06
CA GLU E 185 -10.52 11.71 7.27
C GLU E 185 -10.17 11.88 8.75
N ILE E 186 -9.59 13.04 9.06
CA ILE E 186 -9.25 13.40 10.44
C ILE E 186 -9.85 14.76 10.73
N ASP E 187 -10.49 14.91 11.89
CA ASP E 187 -11.07 16.17 12.33
C ASP E 187 -10.25 16.73 13.48
N TYR E 188 -10.11 18.05 13.53
CA TYR E 188 -9.28 18.71 14.52
C TYR E 188 -10.14 19.59 15.43
N PHE E 189 -9.94 19.44 16.74
CA PHE E 189 -10.83 20.05 17.73
C PHE E 189 -10.03 20.65 18.88
N VAL E 190 -10.59 21.72 19.47
CA VAL E 190 -10.00 22.42 20.60
C VAL E 190 -11.13 22.72 21.60
N ALA E 191 -10.75 22.94 22.85
CA ALA E 191 -11.70 23.17 23.94
C ALA E 191 -11.90 24.67 24.14
N ALA E 192 -13.12 25.14 23.90
CA ALA E 192 -13.46 26.54 24.09
C ALA E 192 -13.83 26.83 25.55
N ASP E 193 -13.43 28.00 26.03
CA ASP E 193 -13.73 28.45 27.37
C ASP E 193 -14.55 29.73 27.30
N ASP E 194 -15.65 29.77 28.04
CA ASP E 194 -16.54 30.93 27.98
C ASP E 194 -15.93 32.14 28.69
N VAL E 195 -15.35 31.94 29.85
CA VAL E 195 -14.69 33.03 30.59
C VAL E 195 -13.37 33.34 29.91
N PRO E 196 -13.13 34.59 29.51
CA PRO E 196 -11.88 34.92 28.81
C PRO E 196 -10.65 34.78 29.68
N GLY E 197 -10.68 35.41 30.86
CA GLY E 197 -9.55 35.35 31.78
C GLY E 197 -8.49 36.39 31.50
N HIS E 204 -4.62 22.14 23.70
CA HIS E 204 -4.61 22.70 22.36
C HIS E 204 -5.39 21.84 21.38
N ILE E 205 -4.81 21.60 20.21
CA ILE E 205 -5.51 20.89 19.14
C ILE E 205 -5.36 19.39 19.36
N GLY E 206 -6.39 18.64 18.96
CA GLY E 206 -6.36 17.20 18.94
C GLY E 206 -6.85 16.65 17.62
N GLU E 207 -7.17 15.36 17.62
CA GLU E 207 -7.65 14.74 16.40
C GLU E 207 -8.80 13.78 16.68
N SER E 208 -9.76 13.74 15.75
CA SER E 208 -10.83 12.76 15.73
C SER E 208 -11.02 12.29 14.29
N MET E 209 -11.49 11.05 14.14
CA MET E 209 -11.54 10.41 12.83
C MET E 209 -12.98 10.05 12.48
N PHE E 210 -13.35 10.26 11.21
CA PHE E 210 -14.70 9.98 10.75
C PHE E 210 -14.65 9.48 9.30
N ALA E 211 -15.69 8.76 8.91
CA ALA E 211 -15.77 8.22 7.55
C ALA E 211 -17.23 8.19 7.10
N SER E 212 -17.43 8.17 5.78
CA SER E 212 -18.75 8.04 5.17
C SER E 212 -18.70 6.92 4.16
N ALA E 213 -19.73 6.07 4.16
CA ALA E 213 -19.74 4.92 3.26
C ALA E 213 -21.17 4.45 3.06
N CYS E 214 -21.39 3.78 1.93
CA CYS E 214 -22.63 3.08 1.63
C CYS E 214 -22.39 1.59 1.82
N PHE E 215 -23.18 0.97 2.69
CA PHE E 215 -22.89 -0.37 3.20
C PHE E 215 -23.80 -1.41 2.56
N TYR E 216 -23.32 -2.64 2.55
CA TYR E 216 -24.09 -3.80 2.14
C TYR E 216 -24.22 -4.73 3.34
N LYS E 217 -25.46 -5.00 3.75
CA LYS E 217 -25.74 -5.79 4.94
C LYS E 217 -26.48 -7.06 4.55
N TYR E 218 -26.28 -8.12 5.35
CA TYR E 218 -26.85 -9.42 5.04
C TYR E 218 -27.30 -10.08 6.33
N PHE E 219 -28.59 -10.40 6.42
CA PHE E 219 -29.17 -11.11 7.55
C PHE E 219 -29.77 -12.43 7.06
N SER E 220 -29.74 -13.44 7.93
CA SER E 220 -30.32 -14.74 7.62
C SER E 220 -31.04 -15.28 8.84
N ILE E 221 -32.24 -15.82 8.63
CA ILE E 221 -33.08 -16.36 9.69
C ILE E 221 -33.50 -17.77 9.30
N ASP E 222 -33.29 -18.71 10.22
CA ASP E 222 -33.73 -20.10 10.04
C ASP E 222 -35.06 -20.28 10.75
N TRP E 223 -36.10 -20.59 9.98
CA TRP E 223 -37.45 -20.64 10.53
C TRP E 223 -37.65 -21.84 11.45
N GLU E 224 -37.15 -23.01 11.06
CA GLU E 224 -37.39 -24.21 11.86
C GLU E 224 -36.65 -24.16 13.19
N GLN E 225 -35.44 -23.59 13.21
CA GLN E 225 -34.71 -23.48 14.46
C GLN E 225 -35.35 -22.44 15.39
N LEU E 226 -35.89 -21.36 14.81
CA LEU E 226 -36.61 -20.38 15.61
C LEU E 226 -37.89 -20.98 16.20
N VAL E 227 -38.61 -21.79 15.43
CA VAL E 227 -39.81 -22.43 15.94
C VAL E 227 -39.47 -23.45 17.02
N LYS E 228 -38.42 -24.25 16.79
CA LYS E 228 -37.97 -25.23 17.77
C LYS E 228 -37.49 -24.57 19.05
N ASN E 229 -36.92 -23.36 18.95
CA ASN E 229 -36.45 -22.65 20.13
C ASN E 229 -37.59 -22.13 21.00
N LEU E 230 -38.77 -21.88 20.42
CA LEU E 230 -39.91 -21.35 21.17
C LEU E 230 -40.93 -22.42 21.53
N LYS E 231 -40.54 -23.69 21.52
CA LYS E 231 -41.38 -24.81 21.94
C LYS E 231 -42.68 -24.89 21.13
N GLY E 232 -42.58 -24.71 19.82
CA GLY E 232 -43.71 -24.91 18.94
C GLY E 232 -44.65 -23.74 18.79
N ASP E 233 -44.31 -22.57 19.32
CA ASP E 233 -45.15 -21.39 19.14
C ASP E 233 -44.84 -20.79 17.78
N THR E 234 -45.61 -21.20 16.77
CA THR E 234 -45.41 -20.68 15.41
C THR E 234 -45.85 -19.22 15.31
N ASN E 235 -46.88 -18.86 16.07
CA ASN E 235 -47.37 -17.48 16.08
C ASN E 235 -46.31 -16.51 16.58
N LEU E 236 -45.62 -16.88 17.67
CA LEU E 236 -44.57 -16.03 18.20
C LEU E 236 -43.37 -15.98 17.27
N ALA E 237 -43.08 -17.09 16.58
CA ALA E 237 -41.99 -17.08 15.60
C ALA E 237 -42.28 -16.13 14.44
N ALA E 238 -43.53 -16.12 13.97
CA ALA E 238 -43.92 -15.16 12.94
C ALA E 238 -43.81 -13.73 13.43
N HIS E 239 -44.26 -13.47 14.67
CA HIS E 239 -44.12 -12.13 15.22
C HIS E 239 -42.65 -11.74 15.38
N THR E 240 -41.80 -12.70 15.76
CA THR E 240 -40.37 -12.44 15.88
C THR E 240 -39.75 -12.05 14.54
N VAL E 241 -40.10 -12.79 13.49
CA VAL E 241 -39.58 -12.47 12.15
C VAL E 241 -40.04 -11.10 11.69
N GLY E 242 -41.34 -10.80 11.89
CA GLY E 242 -41.85 -9.51 11.45
C GLY E 242 -41.26 -8.33 12.20
N ALA E 243 -41.17 -8.44 13.53
CA ALA E 243 -40.58 -7.36 14.32
C ALA E 243 -39.10 -7.20 14.04
N PHE E 244 -38.40 -8.31 13.78
CA PHE E 244 -37.00 -8.22 13.38
C PHE E 244 -36.84 -7.50 12.05
N LEU E 245 -37.73 -7.77 11.10
CA LEU E 245 -37.63 -7.10 9.80
C LEU E 245 -37.89 -5.60 9.95
N LEU E 246 -38.91 -5.23 10.74
CA LEU E 246 -39.16 -3.82 11.02
C LEU E 246 -37.96 -3.17 11.71
N ALA E 247 -37.30 -3.93 12.59
CA ALA E 247 -36.11 -3.44 13.28
C ALA E 247 -34.95 -3.19 12.34
N ALA E 248 -34.51 -4.24 11.64
CA ALA E 248 -33.37 -4.15 10.75
C ALA E 248 -33.60 -3.18 9.61
N ALA E 249 -34.87 -2.86 9.32
CA ALA E 249 -35.14 -1.73 8.45
C ALA E 249 -34.96 -0.39 9.17
N LYS E 250 -35.51 -0.25 10.38
CA LYS E 250 -35.68 1.07 11.00
C LYS E 250 -34.84 1.28 12.25
N THR E 251 -33.64 0.69 12.31
CA THR E 251 -32.71 1.03 13.39
C THR E 251 -31.34 1.35 12.82
N ASN E 252 -30.63 2.26 13.47
CA ASN E 252 -29.23 2.55 13.19
C ASN E 252 -28.43 2.49 14.48
N PRO E 253 -27.18 2.02 14.40
CA PRO E 253 -26.35 1.88 15.61
C PRO E 253 -26.13 3.20 16.32
N SER E 254 -26.14 3.15 17.66
CA SER E 254 -26.05 4.35 18.50
C SER E 254 -24.63 4.46 19.05
N GLY E 255 -23.75 5.03 18.23
CA GLY E 255 -22.40 5.35 18.65
C GLY E 255 -21.95 6.63 17.98
N LYS E 256 -21.55 7.62 18.78
CA LYS E 256 -21.23 8.97 18.30
C LYS E 256 -22.36 9.55 17.44
N GLN E 257 -23.60 9.14 17.72
CA GLN E 257 -24.75 9.68 17.01
C GLN E 257 -25.07 11.08 17.48
N ASN E 258 -24.53 11.49 18.63
CA ASN E 258 -24.71 12.85 19.11
C ASN E 258 -23.86 13.83 18.33
N SER E 259 -22.73 13.38 17.78
CA SER E 259 -21.84 14.23 16.99
C SER E 259 -22.11 14.17 15.50
N PHE E 260 -22.44 12.99 14.98
CA PHE E 260 -22.88 12.83 13.59
C PHE E 260 -24.18 12.04 13.62
N ALA E 261 -25.31 12.71 13.44
CA ALA E 261 -26.61 12.06 13.51
C ALA E 261 -26.91 11.38 12.18
N ALA E 262 -26.30 10.21 11.98
CA ALA E 262 -26.54 9.44 10.77
C ALA E 262 -27.67 8.46 11.04
N HIS E 263 -28.89 8.91 10.76
CA HIS E 263 -30.09 8.07 10.88
C HIS E 263 -30.67 7.80 9.50
N ASN E 264 -29.81 7.53 8.53
CA ASN E 264 -30.25 7.25 7.17
C ASN E 264 -30.96 5.91 7.08
N TYR E 265 -31.86 5.79 6.08
CA TYR E 265 -32.70 4.64 5.79
C TYR E 265 -32.23 3.90 4.55
N PRO E 266 -32.44 2.58 4.52
CA PRO E 266 -32.06 1.80 3.34
C PRO E 266 -32.83 2.22 2.10
N ASP E 267 -32.14 2.17 0.96
CA ASP E 267 -32.74 2.49 -0.33
C ASP E 267 -33.16 1.25 -1.11
N GLY E 268 -32.83 0.06 -0.61
CA GLY E 268 -33.28 -1.15 -1.27
C GLY E 268 -33.08 -2.39 -0.44
N ILE E 269 -34.15 -3.16 -0.25
CA ILE E 269 -34.14 -4.40 0.52
C ILE E 269 -34.75 -5.51 -0.31
N LEU E 270 -34.03 -6.61 -0.45
CA LEU E 270 -34.48 -7.78 -1.19
C LEU E 270 -34.73 -8.91 -0.19
N VAL E 271 -35.96 -9.41 -0.17
CA VAL E 271 -36.35 -10.48 0.74
C VAL E 271 -36.55 -11.74 -0.11
N GLU E 272 -35.80 -12.79 0.21
CA GLU E 272 -35.84 -14.02 -0.56
C GLU E 272 -35.96 -15.21 0.38
N PHE E 273 -36.57 -16.29 -0.13
CA PHE E 273 -36.78 -17.52 0.62
C PHE E 273 -36.16 -18.67 -0.15
N LYS E 274 -35.24 -19.39 0.50
CA LYS E 274 -34.57 -20.51 -0.15
C LYS E 274 -34.09 -21.48 0.90
N ASN E 275 -33.70 -22.67 0.44
CA ASN E 275 -33.20 -23.73 1.31
C ASN E 275 -31.70 -23.66 1.54
N SER E 276 -30.99 -22.75 0.89
CA SER E 276 -29.55 -22.64 1.01
C SER E 276 -29.16 -21.19 1.24
N PRO E 277 -28.11 -20.94 2.03
CA PRO E 277 -27.69 -19.57 2.29
C PRO E 277 -26.99 -18.95 1.09
N ILE E 278 -27.39 -17.72 0.76
CA ILE E 278 -26.91 -17.04 -0.43
C ILE E 278 -26.43 -15.65 -0.02
N SER E 279 -25.19 -15.33 -0.38
CA SER E 279 -24.60 -14.03 -0.10
C SER E 279 -24.25 -13.34 -1.41
N TYR E 280 -24.43 -12.02 -1.44
CA TYR E 280 -24.16 -11.22 -2.63
C TYR E 280 -22.92 -10.35 -2.45
N ALA E 281 -21.98 -10.79 -1.61
CA ALA E 281 -20.81 -9.97 -1.29
C ALA E 281 -19.81 -9.90 -2.43
N ASN E 282 -19.76 -10.93 -3.28
CA ASN E 282 -18.79 -10.95 -4.37
C ASN E 282 -19.13 -9.99 -5.50
N ALA E 283 -20.34 -9.41 -5.49
CA ALA E 283 -20.70 -8.42 -6.50
C ALA E 283 -19.79 -7.19 -6.41
N PHE E 284 -19.45 -6.77 -5.21
CA PHE E 284 -18.65 -5.57 -5.00
C PHE E 284 -17.16 -5.90 -4.78
N VAL E 285 -16.68 -6.98 -5.39
CA VAL E 285 -15.25 -7.29 -5.33
C VAL E 285 -14.46 -6.29 -6.15
N ARG E 286 -15.11 -5.64 -7.12
CA ARG E 286 -14.53 -4.50 -7.82
C ARG E 286 -15.11 -3.22 -7.22
N PRO E 287 -14.29 -2.32 -6.69
CA PRO E 287 -14.83 -1.10 -6.08
C PRO E 287 -15.55 -0.24 -7.10
N VAL E 288 -16.65 0.38 -6.66
CA VAL E 288 -17.48 1.16 -7.56
C VAL E 288 -16.83 2.53 -7.72
N SER E 289 -16.52 2.90 -8.95
CA SER E 289 -15.86 4.17 -9.26
C SER E 289 -16.92 5.16 -9.71
N VAL E 290 -17.05 6.26 -8.97
CA VAL E 290 -18.09 7.24 -9.24
C VAL E 290 -17.78 7.97 -10.55
N VAL E 291 -18.77 8.02 -11.44
CA VAL E 291 -18.62 8.66 -12.75
C VAL E 291 -19.51 9.89 -12.77
N LYS E 292 -19.48 10.63 -13.87
CA LYS E 292 -20.31 11.83 -13.99
C LYS E 292 -21.77 11.51 -14.28
N GLU E 293 -22.05 10.46 -15.05
CA GLU E 293 -23.41 10.21 -15.52
C GLU E 293 -24.27 9.41 -14.54
N SER E 294 -23.68 8.87 -13.47
CA SER E 294 -24.42 8.02 -12.54
C SER E 294 -23.96 8.33 -11.12
N ASP E 295 -24.29 7.44 -10.19
CA ASP E 295 -23.98 7.59 -8.78
C ASP E 295 -23.43 6.29 -8.19
N LEU E 296 -22.99 6.39 -6.94
CA LEU E 296 -22.56 5.23 -6.17
C LEU E 296 -23.72 4.27 -5.93
N VAL E 297 -24.87 4.80 -5.53
CA VAL E 297 -25.97 3.96 -5.07
C VAL E 297 -26.54 3.13 -6.22
N GLU E 298 -26.85 3.76 -7.34
CA GLU E 298 -27.47 3.01 -8.42
C GLU E 298 -26.48 2.08 -9.11
N GLN E 299 -25.18 2.42 -9.11
CA GLN E 299 -24.20 1.44 -9.57
C GLN E 299 -24.11 0.25 -8.62
N SER E 300 -24.26 0.50 -7.32
CA SER E 300 -24.26 -0.59 -6.36
C SER E 300 -25.44 -1.52 -6.58
N ILE E 301 -26.64 -0.96 -6.72
CA ILE E 301 -27.83 -1.78 -7.00
C ILE E 301 -27.75 -2.41 -8.38
N GLY E 302 -27.13 -1.75 -9.36
CA GLY E 302 -26.98 -2.36 -10.67
C GLY E 302 -26.05 -3.57 -10.65
N GLN E 303 -24.93 -3.46 -9.97
CA GLN E 303 -24.02 -4.60 -9.84
C GLN E 303 -24.63 -5.69 -8.99
N LEU E 304 -25.42 -5.30 -7.98
CA LEU E 304 -26.17 -6.27 -7.20
C LEU E 304 -27.18 -7.03 -8.07
N SER E 305 -27.88 -6.31 -8.94
CA SER E 305 -28.84 -6.95 -9.84
C SER E 305 -28.13 -7.87 -10.83
N ASN E 306 -26.96 -7.46 -11.33
CA ASN E 306 -26.18 -8.30 -12.23
C ASN E 306 -25.77 -9.59 -11.54
N TYR E 307 -25.30 -9.49 -10.30
CA TYR E 307 -24.94 -10.71 -9.57
C TYR E 307 -26.17 -11.54 -9.22
N VAL E 308 -27.31 -10.90 -9.02
CA VAL E 308 -28.55 -11.63 -8.77
C VAL E 308 -28.93 -12.46 -9.99
N ASN E 309 -28.81 -11.87 -11.19
CA ASN E 309 -29.02 -12.64 -12.42
C ASN E 309 -28.05 -13.80 -12.52
N ASP E 310 -26.75 -13.54 -12.28
CA ASP E 310 -25.75 -14.57 -12.44
C ASP E 310 -26.00 -15.76 -11.51
N ILE E 311 -26.29 -15.48 -10.25
CA ILE E 311 -26.58 -16.57 -9.31
C ILE E 311 -27.93 -17.22 -9.60
N ARG E 312 -28.91 -16.48 -10.11
CA ARG E 312 -30.23 -17.06 -10.37
C ARG E 312 -30.20 -18.03 -11.54
N LEU E 313 -29.62 -17.61 -12.67
CA LEU E 313 -29.53 -18.47 -13.84
C LEU E 313 -28.34 -19.43 -13.81
N GLY E 314 -27.45 -19.29 -12.84
CA GLY E 314 -26.29 -20.16 -12.80
C GLY E 314 -26.31 -21.20 -11.70
N TYR E 315 -26.90 -20.87 -10.56
CA TYR E 315 -26.86 -21.74 -9.38
C TYR E 315 -28.22 -22.17 -8.90
N TYR E 316 -29.20 -21.27 -8.86
CA TYR E 316 -30.50 -21.56 -8.27
C TYR E 316 -31.39 -22.41 -9.18
N ASP E 317 -30.96 -22.71 -10.40
CA ASP E 317 -31.78 -23.47 -11.34
C ASP E 317 -31.76 -24.94 -10.92
N GLU E 318 -32.70 -25.28 -10.05
CA GLU E 318 -32.93 -26.68 -9.66
C GLU E 318 -34.42 -27.00 -9.66
N GLN E 319 -34.76 -28.19 -9.17
CA GLN E 319 -36.17 -28.57 -9.01
C GLN E 319 -36.84 -27.78 -7.90
N SER E 320 -36.07 -27.18 -6.99
CA SER E 320 -36.63 -26.43 -5.88
C SER E 320 -36.66 -24.95 -6.23
N PRO E 321 -37.83 -24.34 -6.39
CA PRO E 321 -37.89 -22.95 -6.84
C PRO E 321 -37.62 -21.95 -5.71
N VAL E 322 -37.14 -20.78 -6.12
CA VAL E 322 -36.77 -19.71 -5.20
C VAL E 322 -37.63 -18.49 -5.53
N ILE E 323 -38.28 -17.94 -4.51
CA ILE E 323 -39.19 -16.82 -4.67
C ILE E 323 -38.67 -15.66 -3.84
N GLY E 324 -38.53 -14.50 -4.48
CA GLY E 324 -38.06 -13.31 -3.78
C GLY E 324 -38.86 -12.10 -4.18
N PHE E 325 -38.94 -11.14 -3.26
CA PHE E 325 -39.55 -9.85 -3.53
C PHE E 325 -38.49 -8.76 -3.37
N TRP E 326 -38.67 -7.65 -4.09
CA TRP E 326 -37.80 -6.51 -4.00
C TRP E 326 -38.60 -5.30 -3.54
N PHE E 327 -37.99 -4.46 -2.72
CA PHE E 327 -38.63 -3.24 -2.25
C PHE E 327 -37.66 -2.08 -2.30
N SER E 328 -38.14 -0.95 -2.80
CA SER E 328 -37.51 0.35 -2.70
C SER E 328 -38.58 1.37 -2.36
N PRO E 329 -38.23 2.48 -1.71
CA PRO E 329 -39.25 3.46 -1.32
C PRO E 329 -39.91 4.11 -2.53
N ASN E 330 -41.17 3.75 -2.78
CA ASN E 330 -41.98 4.25 -3.91
C ASN E 330 -41.29 3.89 -5.23
N ASN E 331 -40.58 2.76 -5.24
CA ASN E 331 -39.86 2.24 -6.39
C ASN E 331 -38.89 3.27 -6.98
N ARG E 332 -38.15 3.95 -6.09
CA ARG E 332 -37.26 5.01 -6.56
C ARG E 332 -35.98 4.43 -7.17
N TYR E 333 -35.55 3.25 -6.71
CA TYR E 333 -34.48 2.51 -7.38
C TYR E 333 -34.96 1.14 -7.84
N PRO E 334 -35.30 0.99 -9.10
CA PRO E 334 -35.62 -0.35 -9.63
C PRO E 334 -34.37 -1.17 -9.82
N LEU E 335 -34.59 -2.47 -10.07
CA LEU E 335 -33.50 -3.41 -10.28
C LEU E 335 -32.96 -3.32 -11.70
N GLY E 336 -32.21 -4.33 -12.14
CA GLY E 336 -31.55 -4.34 -13.43
C GLY E 336 -32.43 -4.02 -14.62
N TYR E 337 -32.00 -3.04 -15.42
CA TYR E 337 -32.85 -2.51 -16.48
C TYR E 337 -32.97 -3.48 -17.65
N LYS E 338 -31.94 -4.28 -17.89
CA LYS E 338 -31.93 -5.18 -19.04
C LYS E 338 -32.62 -6.50 -18.79
N HIS E 339 -33.05 -6.78 -17.56
CA HIS E 339 -33.69 -8.05 -17.23
C HIS E 339 -35.14 -7.87 -16.81
N SER E 340 -35.41 -7.06 -15.78
CA SER E 340 -36.74 -6.65 -15.34
C SER E 340 -37.64 -7.79 -14.89
N LYS E 341 -37.08 -8.98 -14.69
CA LYS E 341 -37.85 -10.15 -14.27
C LYS E 341 -37.27 -10.82 -13.03
N LEU E 342 -36.34 -10.17 -12.32
CA LEU E 342 -35.67 -10.83 -11.21
C LEU E 342 -36.59 -11.02 -10.02
N ALA E 343 -37.25 -9.96 -9.58
CA ALA E 343 -38.13 -10.03 -8.43
C ALA E 343 -39.50 -10.52 -8.88
N SER E 344 -40.06 -11.46 -8.13
CA SER E 344 -41.42 -11.91 -8.41
C SER E 344 -42.44 -10.80 -8.21
N ARG E 345 -42.25 -9.96 -7.20
CA ARG E 345 -43.16 -8.85 -6.91
C ARG E 345 -42.32 -7.62 -6.60
N ASN E 346 -42.71 -6.49 -7.19
CA ASN E 346 -42.08 -5.21 -6.88
C ASN E 346 -43.09 -4.37 -6.11
N ILE E 347 -42.70 -3.94 -4.90
CA ILE E 347 -43.59 -3.26 -3.98
C ILE E 347 -42.97 -1.96 -3.52
N GLY E 348 -43.80 -1.03 -3.09
CA GLY E 348 -43.36 0.28 -2.65
C GLY E 348 -43.57 0.59 -1.18
N ASN E 349 -43.88 -0.41 -0.35
CA ASN E 349 -44.09 -0.17 1.07
C ASN E 349 -43.54 -1.34 1.87
N LEU E 350 -43.12 -1.05 3.11
CA LEU E 350 -42.57 -2.09 3.98
C LEU E 350 -43.66 -2.90 4.67
N ASN E 351 -44.80 -2.29 4.96
CA ASN E 351 -45.90 -3.02 5.57
C ASN E 351 -46.42 -4.11 4.65
N GLU E 352 -46.49 -3.82 3.35
CA GLU E 352 -46.86 -4.86 2.39
C GLU E 352 -45.76 -5.90 2.25
N LEU E 353 -44.50 -5.51 2.48
CA LEU E 353 -43.41 -6.50 2.50
C LEU E 353 -43.59 -7.51 3.63
N VAL E 354 -43.83 -7.02 4.86
CA VAL E 354 -43.98 -7.97 5.96
C VAL E 354 -45.29 -8.74 5.83
N GLY E 355 -46.32 -8.12 5.24
CA GLY E 355 -47.53 -8.88 4.94
C GLY E 355 -47.28 -10.03 3.98
N ALA E 356 -46.55 -9.76 2.88
CA ALA E 356 -46.24 -10.80 1.91
C ALA E 356 -45.36 -11.89 2.51
N VAL E 357 -44.39 -11.50 3.36
CA VAL E 357 -43.51 -12.48 3.98
C VAL E 357 -44.29 -13.40 4.91
N LEU E 358 -45.11 -12.79 5.81
CA LEU E 358 -45.90 -13.57 6.74
C LEU E 358 -46.92 -14.45 6.02
N ASP E 359 -47.44 -13.99 4.88
CA ASP E 359 -48.29 -14.84 4.06
C ASP E 359 -47.52 -16.00 3.45
N TYR E 360 -46.30 -15.77 2.99
CA TYR E 360 -45.56 -16.83 2.32
C TYR E 360 -45.05 -17.89 3.29
N ILE E 361 -44.84 -17.55 4.57
CA ILE E 361 -44.29 -18.54 5.49
C ILE E 361 -45.32 -19.64 5.75
N GLY E 362 -46.43 -19.29 6.41
CA GLY E 362 -47.49 -20.24 6.67
C GLY E 362 -48.87 -19.63 6.60
N GLY E 363 -48.92 -18.33 6.31
CA GLY E 363 -50.17 -17.62 6.23
C GLY E 363 -50.48 -16.95 7.54
N PHE E 364 -50.21 -15.66 7.64
CA PHE E 364 -50.31 -14.94 8.91
C PHE E 364 -50.72 -13.51 8.64
N LYS E 365 -51.65 -13.01 9.46
CA LYS E 365 -52.07 -11.61 9.41
C LYS E 365 -51.37 -10.85 10.52
N TRP E 366 -51.10 -9.56 10.26
CA TRP E 366 -50.22 -8.79 11.13
C TRP E 366 -50.82 -8.58 12.53
N GLU E 367 -52.13 -8.39 12.62
CA GLU E 367 -52.75 -8.15 13.92
C GLU E 367 -52.80 -9.43 14.76
N GLU E 368 -53.02 -10.58 14.12
CA GLU E 368 -53.10 -11.84 14.84
C GLU E 368 -51.75 -12.23 15.43
N VAL E 369 -50.65 -11.84 14.78
CA VAL E 369 -49.35 -12.11 15.37
C VAL E 369 -48.91 -11.00 16.32
N GLN E 370 -49.41 -9.78 16.12
CA GLN E 370 -49.11 -8.71 17.07
C GLN E 370 -49.78 -8.95 18.42
N LYS E 371 -50.98 -9.53 18.44
CA LYS E 371 -51.73 -9.70 19.68
C LYS E 371 -51.30 -10.92 20.50
N SER E 372 -50.14 -11.50 20.25
CA SER E 372 -49.70 -12.68 20.99
C SER E 372 -48.76 -12.38 22.14
N LYS E 373 -48.31 -11.14 22.29
CA LYS E 373 -47.44 -10.74 23.39
C LYS E 373 -47.67 -9.28 23.78
N MET F 1 -42.40 12.00 21.58
CA MET F 1 -42.18 12.45 20.21
C MET F 1 -40.83 13.16 20.06
N LEU F 2 -40.31 13.17 18.83
CA LEU F 2 -39.03 13.77 18.50
C LEU F 2 -39.27 14.92 17.54
N ILE F 3 -38.54 16.02 17.71
CA ILE F 3 -38.65 17.16 16.81
C ILE F 3 -37.40 17.20 15.93
N GLU F 4 -37.61 17.28 14.61
CA GLU F 4 -36.54 17.31 13.63
C GLU F 4 -36.53 18.66 12.94
N ILE F 5 -35.33 19.19 12.69
CA ILE F 5 -35.15 20.42 11.94
C ILE F 5 -34.15 20.15 10.82
N HIS F 6 -34.63 20.14 9.57
CA HIS F 6 -33.77 20.09 8.39
C HIS F 6 -33.83 21.43 7.71
N MET F 7 -32.66 21.97 7.33
CA MET F 7 -32.60 23.27 6.68
C MET F 7 -31.61 23.25 5.52
N ILE F 8 -31.98 23.93 4.44
CA ILE F 8 -31.10 24.18 3.30
C ILE F 8 -30.86 25.68 3.26
N GLN F 9 -29.59 26.08 3.29
CA GLN F 9 -29.24 27.49 3.38
C GLN F 9 -27.99 27.77 2.56
N ASN F 10 -28.06 28.81 1.72
CA ASN F 10 -26.91 29.25 0.95
C ASN F 10 -26.12 30.29 1.72
N HIS F 11 -24.79 30.21 1.60
CA HIS F 11 -23.89 31.14 2.27
C HIS F 11 -23.06 31.89 1.25
N SER F 12 -22.54 33.05 1.66
CA SER F 12 -21.68 33.86 0.82
C SER F 12 -20.31 33.21 0.69
N PRO F 13 -19.49 33.65 -0.27
CA PRO F 13 -18.07 33.24 -0.28
C PRO F 13 -17.40 33.58 1.04
N ALA F 14 -16.95 32.56 1.75
CA ALA F 14 -16.52 32.74 3.14
C ALA F 14 -15.64 31.58 3.57
N ASN F 15 -15.19 31.65 4.82
CA ASN F 15 -14.49 30.57 5.53
C ASN F 15 -15.05 30.58 6.95
N LEU F 16 -16.13 29.83 7.17
CA LEU F 16 -16.79 29.84 8.47
C LEU F 16 -16.17 28.88 9.48
N ASN F 17 -15.34 27.94 9.03
CA ASN F 17 -14.79 26.91 9.90
C ASN F 17 -13.52 26.36 9.30
N ARG F 18 -12.42 26.36 10.07
CA ARG F 18 -11.07 26.20 9.55
C ARG F 18 -10.38 25.05 10.29
N ASP F 19 -9.44 24.39 9.60
CA ASP F 19 -8.60 23.35 10.21
C ASP F 19 -7.34 24.00 10.78
N ASP F 20 -6.33 23.18 11.07
CA ASP F 20 -5.07 23.74 11.58
C ASP F 20 -4.33 24.53 10.51
N LEU F 21 -4.36 24.08 9.25
CA LEU F 21 -3.56 24.71 8.21
C LEU F 21 -4.09 26.09 7.84
N GLY F 22 -5.39 26.22 7.63
CA GLY F 22 -5.98 27.46 7.15
C GLY F 22 -6.93 27.29 5.99
N ALA F 23 -7.25 26.05 5.60
CA ALA F 23 -8.24 25.57 4.65
C ALA F 23 -9.56 25.34 5.38
N PRO F 24 -10.71 25.51 4.72
CA PRO F 24 -11.94 24.93 5.26
C PRO F 24 -11.84 23.41 5.28
N LYS F 25 -12.48 22.80 6.27
CA LYS F 25 -12.50 21.35 6.40
C LYS F 25 -13.34 20.75 5.28
N THR F 26 -12.94 19.58 4.80
CA THR F 26 -13.60 18.94 3.68
C THR F 26 -13.89 17.49 4.01
N CYS F 27 -14.97 16.99 3.43
CA CYS F 27 -15.47 15.65 3.68
C CYS F 27 -15.82 15.02 2.34
N TYR F 28 -16.01 13.71 2.36
CA TYR F 28 -16.18 12.92 1.15
C TYR F 28 -17.49 12.13 1.22
N PHE F 29 -18.48 12.60 0.48
CA PHE F 29 -19.82 12.04 0.49
C PHE F 29 -20.22 11.66 -0.93
N GLY F 30 -20.58 10.38 -1.11
CA GLY F 30 -21.01 9.92 -2.41
C GLY F 30 -19.92 9.84 -3.45
N GLY F 31 -18.66 9.84 -3.03
CA GLY F 31 -17.54 9.72 -3.94
C GLY F 31 -16.93 11.02 -4.42
N VAL F 32 -17.50 12.18 -4.07
CA VAL F 32 -16.96 13.47 -4.49
C VAL F 32 -16.74 14.34 -3.25
N LEU F 33 -15.94 15.40 -3.44
CA LEU F 33 -15.63 16.36 -2.39
C LEU F 33 -16.85 17.17 -1.97
N ARG F 34 -16.92 17.48 -0.68
CA ARG F 34 -17.90 18.41 -0.16
C ARG F 34 -17.28 19.18 0.99
N SER F 35 -17.67 20.44 1.10
CA SER F 35 -17.24 21.27 2.22
C SER F 35 -17.99 20.89 3.48
N ARG F 36 -17.49 21.33 4.63
CA ARG F 36 -18.01 20.83 5.90
C ARG F 36 -17.87 21.88 6.99
N ILE F 37 -18.95 22.04 7.77
CA ILE F 37 -18.93 22.79 9.02
C ILE F 37 -19.30 21.81 10.13
N SER F 38 -18.47 21.75 11.17
CA SER F 38 -18.59 20.71 12.19
C SER F 38 -19.80 20.95 13.09
N SER F 39 -20.12 19.93 13.89
CA SER F 39 -21.29 19.97 14.76
C SER F 39 -21.09 20.96 15.90
N GLN F 40 -19.90 20.96 16.51
CA GLN F 40 -19.66 21.79 17.69
C GLN F 40 -19.65 23.27 17.36
N CYS F 41 -19.25 23.65 16.14
CA CYS F 41 -19.35 25.04 15.73
C CYS F 41 -20.81 25.49 15.65
N ILE F 42 -21.69 24.67 15.08
CA ILE F 42 -23.11 25.02 15.01
C ILE F 42 -23.72 25.06 16.41
N LYS F 43 -23.34 24.11 17.26
CA LYS F 43 -23.85 24.07 18.62
C LYS F 43 -23.44 25.32 19.40
N ARG F 44 -22.19 25.75 19.25
CA ARG F 44 -21.72 26.92 19.98
C ARG F 44 -22.22 28.21 19.35
N SER F 45 -22.54 28.19 18.05
CA SER F 45 -23.10 29.39 17.42
C SER F 45 -24.55 29.59 17.84
N ILE F 46 -25.32 28.51 17.94
CA ILE F 46 -26.67 28.60 18.50
C ILE F 46 -26.59 28.97 19.98
N ARG F 47 -25.55 28.48 20.67
CA ARG F 47 -25.39 28.75 22.10
C ARG F 47 -25.21 30.24 22.39
N THR F 48 -24.44 30.94 21.56
CA THR F 48 -24.08 32.33 21.79
C THR F 48 -25.12 33.29 21.19
N SER F 49 -26.13 32.77 20.50
CA SER F 49 -27.11 33.59 19.81
C SER F 49 -27.94 34.43 20.78
N ASN F 50 -28.38 35.60 20.30
CA ASN F 50 -29.17 36.51 21.12
C ASN F 50 -30.56 35.96 21.43
N ASP F 51 -31.11 35.11 20.57
CA ASP F 51 -32.39 34.47 20.89
C ASP F 51 -32.25 33.46 22.03
N PHE F 52 -31.04 32.98 22.29
CA PHE F 52 -30.77 32.05 23.38
C PHE F 52 -30.20 32.75 24.61
N LYS F 53 -30.23 34.08 24.65
CA LYS F 53 -29.67 34.81 25.78
C LYS F 53 -30.52 34.64 27.04
N ALA F 54 -31.85 34.70 26.90
CA ALA F 54 -32.72 34.71 28.07
C ALA F 54 -32.82 33.35 28.75
N LEU F 55 -32.40 32.28 28.09
CA LEU F 55 -32.40 30.94 28.65
C LEU F 55 -30.99 30.37 28.72
N LEU F 56 -30.02 31.25 28.96
CA LEU F 56 -28.62 30.89 28.92
C LEU F 56 -28.20 30.45 30.33
N GLY F 57 -28.05 29.15 30.51
CA GLY F 57 -27.57 28.60 31.77
C GLY F 57 -26.43 27.63 31.57
N GLY F 58 -25.34 27.83 32.29
CA GLY F 58 -24.16 27.00 32.19
C GLY F 58 -22.92 27.87 32.05
N VAL F 59 -21.78 27.29 32.44
CA VAL F 59 -20.49 28.00 32.41
C VAL F 59 -19.53 27.36 31.43
N ARG F 60 -19.24 26.07 31.60
CA ARG F 60 -18.27 25.32 30.79
C ARG F 60 -16.90 25.99 30.86
N THR F 61 -16.39 26.03 32.08
CA THR F 61 -15.06 26.57 32.34
C THR F 61 -14.26 25.55 33.12
N ARG F 62 -13.01 25.90 33.32
CA ARG F 62 -12.07 24.94 33.81
C ARG F 62 -11.26 25.56 34.95
N ARG F 63 -11.45 26.87 35.19
CA ARG F 63 -10.90 27.59 36.32
C ARG F 63 -12.08 28.13 37.13
N LEU F 64 -12.52 27.36 38.13
CA LEU F 64 -13.63 27.81 38.98
C LEU F 64 -13.21 28.83 40.03
N ALA F 65 -11.93 28.86 40.40
CA ALA F 65 -11.47 29.66 41.53
C ALA F 65 -11.63 31.16 41.26
N ASP F 66 -11.40 31.59 40.02
CA ASP F 66 -11.59 32.99 39.69
C ASP F 66 -13.06 33.38 39.76
N LEU F 67 -13.96 32.44 39.43
CA LEU F 67 -15.38 32.70 39.60
C LEU F 67 -15.78 32.72 41.07
N ILE F 68 -15.08 31.92 41.90
CA ILE F 68 -15.26 31.98 43.34
C ILE F 68 -14.83 33.35 43.88
N GLN F 69 -13.76 33.91 43.31
CA GLN F 69 -13.11 35.17 43.69
C GLN F 69 -13.98 36.42 43.57
N GLN F 70 -15.26 36.33 43.18
CA GLN F 70 -16.06 37.53 43.02
C GLN F 70 -16.36 38.25 44.34
N GLU F 71 -16.19 37.58 45.47
CA GLU F 71 -16.41 38.21 46.76
C GLU F 71 -15.34 39.25 47.03
N ALA F 72 -15.69 40.26 47.85
CA ALA F 72 -14.76 41.35 48.14
C ALA F 72 -13.62 40.91 49.04
N GLY F 73 -13.88 40.03 50.00
CA GLY F 73 -12.86 39.60 50.93
C GLY F 73 -11.83 38.73 50.23
N GLU F 74 -10.63 39.26 50.00
CA GLU F 74 -9.59 38.58 49.21
C GLU F 74 -9.03 37.45 50.05
N THR F 75 -9.72 36.32 50.04
CA THR F 75 -9.31 35.16 50.82
C THR F 75 -9.48 33.85 50.07
N GLU F 76 -9.89 33.88 48.80
CA GLU F 76 -10.14 32.63 48.12
C GLU F 76 -9.47 32.55 46.75
N CYS F 77 -8.51 33.44 46.44
CA CYS F 77 -7.72 33.31 45.21
C CYS F 77 -6.66 32.23 45.42
N TRP F 78 -5.69 32.50 46.29
CA TRP F 78 -4.82 31.44 46.79
C TRP F 78 -5.26 31.05 48.20
N LYS F 79 -6.32 30.24 48.23
CA LYS F 79 -6.82 29.70 49.48
C LYS F 79 -6.44 28.23 49.58
N LYS F 80 -6.95 27.55 50.61
CA LYS F 80 -6.89 26.10 50.66
C LYS F 80 -7.79 25.45 49.61
N ALA F 81 -8.69 26.22 48.99
CA ALA F 81 -9.49 25.73 47.88
C ALA F 81 -8.64 25.33 46.69
N GLN F 82 -7.51 26.00 46.47
CA GLN F 82 -6.54 25.62 45.45
C GLN F 82 -5.82 24.31 45.76
N GLU F 83 -6.19 23.62 46.83
CA GLU F 83 -5.67 22.28 47.10
C GLU F 83 -6.84 21.32 47.33
N ILE F 84 -7.96 21.84 47.81
CA ILE F 84 -9.17 21.05 47.95
C ILE F 84 -9.80 20.70 46.61
N LEU F 85 -9.81 21.62 45.63
CA LEU F 85 -10.22 21.27 44.28
C LEU F 85 -9.27 20.24 43.66
N ASN F 86 -7.99 20.28 44.04
CA ASN F 86 -7.05 19.27 43.60
C ASN F 86 -7.36 17.92 44.22
N LYS F 87 -7.78 17.91 45.49
CA LYS F 87 -8.28 16.69 46.11
C LYS F 87 -9.62 16.26 45.52
N CYS F 88 -10.32 17.19 44.84
CA CYS F 88 -11.50 16.83 44.08
C CYS F 88 -11.11 16.25 42.72
N GLY F 89 -9.82 16.26 42.39
CA GLY F 89 -9.31 15.70 41.15
C GLY F 89 -9.18 16.68 40.00
N PHE F 90 -9.71 17.90 40.14
CA PHE F 90 -9.69 18.88 39.05
C PHE F 90 -8.28 19.44 38.97
N LYS F 91 -7.40 18.68 38.33
CA LYS F 91 -5.95 18.91 38.36
C LYS F 91 -5.56 20.21 37.67
N ASN F 96 -0.53 21.30 34.30
CA ASN F 96 -1.04 20.33 33.35
C ASN F 96 -2.43 20.70 32.88
N THR F 97 -3.34 19.73 32.89
CA THR F 97 -4.72 19.97 32.53
C THR F 97 -5.44 20.54 33.74
N LYS F 98 -6.74 20.79 33.59
CA LYS F 98 -7.55 21.28 34.70
C LYS F 98 -9.00 20.78 34.65
N MET F 99 -9.36 19.89 33.71
CA MET F 99 -10.58 19.07 33.73
C MET F 99 -11.86 19.91 33.73
N LEU F 100 -12.13 20.52 32.57
CA LEU F 100 -13.24 21.46 32.37
C LEU F 100 -14.59 20.90 32.83
N VAL F 101 -15.48 21.81 33.22
CA VAL F 101 -16.61 21.52 34.11
C VAL F 101 -17.89 22.14 33.55
N PHE F 102 -18.91 21.30 33.33
CA PHE F 102 -20.18 21.69 32.70
C PHE F 102 -21.27 21.92 33.74
N MET F 103 -21.12 22.92 34.62
CA MET F 103 -22.15 23.11 35.63
C MET F 103 -22.80 24.48 35.49
N SER F 104 -23.67 24.81 36.45
CA SER F 104 -24.61 25.91 36.32
C SER F 104 -24.00 27.26 36.69
N LYS F 105 -24.84 28.29 36.77
CA LYS F 105 -24.40 29.67 37.01
C LYS F 105 -24.67 30.13 38.43
N ASP F 106 -25.93 30.10 38.87
CA ASP F 106 -26.28 30.61 40.18
C ASP F 106 -25.90 29.65 41.31
N LYS F 107 -25.96 28.34 41.04
CA LYS F 107 -25.73 27.35 42.09
C LYS F 107 -24.29 27.39 42.60
N ILE F 108 -23.32 27.40 41.68
CA ILE F 108 -21.91 27.45 42.08
C ILE F 108 -21.62 28.71 42.89
N LYS F 109 -22.07 29.86 42.39
CA LYS F 109 -21.84 31.13 43.06
C LYS F 109 -22.42 31.12 44.47
N ASP F 110 -23.73 30.93 44.58
CA ASP F 110 -24.41 30.99 45.87
C ASP F 110 -23.87 29.96 46.86
N LEU F 111 -23.96 28.66 46.50
CA LEU F 111 -23.64 27.64 47.48
C LEU F 111 -22.14 27.61 47.78
N ALA F 112 -21.29 27.65 46.73
CA ALA F 112 -19.85 27.66 46.95
C ALA F 112 -19.40 28.87 47.76
N ARG F 113 -19.84 30.08 47.40
CA ARG F 113 -19.43 31.24 48.18
C ARG F 113 -20.04 31.26 49.58
N ILE F 114 -21.03 30.41 49.84
CA ILE F 114 -21.33 30.11 51.24
C ILE F 114 -20.25 29.21 51.86
N VAL F 115 -19.87 28.11 51.19
CA VAL F 115 -19.18 27.01 51.89
C VAL F 115 -17.66 27.17 51.89
N LEU F 116 -17.09 27.94 50.95
CA LEU F 116 -15.63 28.03 50.84
C LEU F 116 -15.02 29.23 51.55
N ASP F 117 -15.55 29.58 52.72
CA ASP F 117 -14.82 30.43 53.66
C ASP F 117 -15.05 29.89 55.07
N ASN F 118 -15.21 28.58 55.18
CA ASN F 118 -15.72 27.94 56.38
C ASN F 118 -14.59 27.37 57.23
N SER F 119 -14.92 27.08 58.48
CA SER F 119 -14.01 26.45 59.42
C SER F 119 -14.03 24.93 59.32
N LEU F 120 -14.66 24.37 58.28
CA LEU F 120 -14.71 22.93 58.10
C LEU F 120 -13.32 22.35 57.89
N GLY F 121 -12.52 23.01 57.07
CA GLY F 121 -11.17 22.58 56.80
C GLY F 121 -11.10 21.55 55.67
N LEU F 122 -10.01 20.80 55.68
CA LEU F 122 -9.78 19.79 54.65
C LEU F 122 -10.70 18.59 54.85
N THR F 123 -10.95 17.90 53.74
CA THR F 123 -11.71 16.66 53.66
C THR F 123 -13.15 16.79 54.14
N GLU F 124 -13.68 18.01 54.24
CA GLU F 124 -15.08 18.21 54.62
C GLU F 124 -15.85 19.08 53.64
N ALA F 125 -15.22 20.15 53.12
CA ALA F 125 -15.89 21.03 52.18
C ALA F 125 -15.82 20.52 50.74
N ALA F 126 -14.85 19.64 50.44
CA ALA F 126 -14.79 19.02 49.13
C ALA F 126 -16.03 18.19 48.86
N GLN F 127 -16.53 17.49 49.89
CA GLN F 127 -17.77 16.74 49.75
C GLN F 127 -18.95 17.67 49.48
N GLN F 128 -18.95 18.86 50.10
CA GLN F 128 -20.03 19.81 49.86
C GLN F 128 -19.98 20.37 48.45
N VAL F 129 -18.79 20.72 47.95
CA VAL F 129 -18.68 21.18 46.56
C VAL F 129 -19.00 20.06 45.59
N ALA F 130 -18.65 18.82 45.94
CA ALA F 130 -19.04 17.68 45.12
C ALA F 130 -20.55 17.53 45.06
N ASN F 131 -21.23 17.70 46.20
CA ASN F 131 -22.69 17.59 46.21
C ASN F 131 -23.34 18.73 45.45
N VAL F 132 -22.72 19.92 45.48
CA VAL F 132 -23.24 21.05 44.72
C VAL F 132 -23.01 20.85 43.22
N ILE F 133 -21.84 20.34 42.86
CA ILE F 133 -21.40 20.31 41.47
C ILE F 133 -21.94 19.09 40.72
N ALA F 134 -21.87 17.90 41.30
CA ALA F 134 -22.37 16.68 40.67
C ALA F 134 -23.89 16.56 40.73
N GLN F 135 -24.58 17.65 41.03
CA GLN F 135 -26.04 17.70 41.05
C GLN F 135 -26.51 18.97 40.38
N ALA F 136 -25.58 19.77 39.85
CA ALA F 136 -25.90 21.04 39.19
C ALA F 136 -26.34 20.86 37.74
N THR F 137 -27.38 20.03 37.53
CA THR F 137 -27.85 19.66 36.21
C THR F 137 -28.90 20.61 35.66
N LEU F 138 -29.67 21.28 36.53
CA LEU F 138 -30.80 22.08 36.11
C LEU F 138 -30.30 23.32 35.37
N ALA F 139 -30.22 23.22 34.04
CA ALA F 139 -29.88 24.29 33.12
C ALA F 139 -30.27 23.82 31.71
N PRO F 140 -30.94 24.65 30.92
CA PRO F 140 -31.40 24.21 29.59
C PRO F 140 -30.28 23.79 28.65
N ASP F 141 -29.14 24.48 28.69
CA ASP F 141 -28.03 24.12 27.82
C ASP F 141 -27.45 22.76 28.21
N ILE F 142 -27.44 22.46 29.51
CA ILE F 142 -27.11 21.10 29.94
C ILE F 142 -28.19 20.12 29.49
N ALA F 143 -29.46 20.54 29.57
CA ALA F 143 -30.58 19.66 29.24
C ALA F 143 -30.51 19.20 27.79
N LEU F 144 -30.08 20.06 26.88
CA LEU F 144 -29.98 19.68 25.47
C LEU F 144 -28.63 19.11 25.13
N CYS F 145 -27.57 19.67 25.69
CA CYS F 145 -26.20 19.37 25.28
C CYS F 145 -25.65 18.14 25.97
N GLY F 146 -25.94 17.95 27.25
CA GLY F 146 -25.35 16.85 28.00
C GLY F 146 -24.23 17.31 28.91
N ARG F 147 -23.66 16.34 29.62
CA ARG F 147 -22.71 16.64 30.67
C ARG F 147 -21.82 15.42 30.92
N MET F 148 -20.58 15.68 31.28
CA MET F 148 -19.62 14.64 31.66
C MET F 148 -18.57 15.26 32.58
N LEU F 149 -18.08 14.45 33.55
CA LEU F 149 -16.96 14.86 34.45
C LEU F 149 -16.31 13.65 35.15
N GLU F 150 -15.31 13.03 34.53
CA GLU F 150 -14.60 11.89 35.15
C GLU F 150 -13.32 12.34 35.83
N PRO F 151 -13.21 12.13 37.14
CA PRO F 151 -12.05 12.65 37.88
C PRO F 151 -10.85 11.72 38.03
N ASN F 152 -9.70 12.29 38.38
CA ASN F 152 -8.48 11.50 38.47
C ASN F 152 -8.39 10.64 39.69
N ASP F 153 -8.72 9.38 39.54
CA ASP F 153 -8.63 8.40 40.61
C ASP F 153 -7.20 8.23 41.12
N LYS F 154 -6.23 8.87 40.48
CA LYS F 154 -4.85 8.89 40.95
C LYS F 154 -4.44 10.25 41.51
N ASP F 155 -5.33 11.24 41.51
CA ASP F 155 -4.97 12.56 42.01
C ASP F 155 -6.10 13.21 42.81
N LYS F 156 -6.94 12.41 43.46
CA LYS F 156 -8.04 12.94 44.25
C LYS F 156 -8.02 12.33 45.64
N ASP F 157 -8.75 12.98 46.56
CA ASP F 157 -8.79 12.54 47.94
C ASP F 157 -9.50 11.21 48.07
N LYS F 158 -8.97 10.34 48.94
CA LYS F 158 -9.51 8.99 49.11
C LYS F 158 -10.80 8.96 49.92
N LYS F 159 -11.07 9.96 50.75
CA LYS F 159 -12.24 9.96 51.61
C LYS F 159 -13.47 10.59 50.98
N VAL F 160 -13.38 11.03 49.73
CA VAL F 160 -14.47 11.69 49.03
C VAL F 160 -15.10 10.72 48.05
N LYS F 161 -16.43 10.70 47.99
CA LYS F 161 -17.18 9.87 47.06
C LYS F 161 -17.96 10.75 46.10
N TRP F 162 -18.33 10.15 44.97
CA TRP F 162 -18.99 10.85 43.87
C TRP F 162 -20.30 10.15 43.52
N SER F 163 -21.36 10.93 43.35
CA SER F 163 -22.62 10.44 42.81
C SER F 163 -22.59 10.57 41.30
N ASN F 164 -23.74 10.38 40.65
CA ASN F 164 -23.80 10.45 39.20
C ASN F 164 -23.73 11.89 38.71
N THR F 165 -22.87 12.13 37.73
CA THR F 165 -22.79 13.40 37.02
C THR F 165 -22.96 13.22 35.52
N THR F 166 -23.62 12.14 35.12
CA THR F 166 -23.81 11.80 33.72
C THR F 166 -25.21 12.23 33.30
N VAL F 167 -25.29 13.15 32.35
CA VAL F 167 -26.55 13.70 31.86
C VAL F 167 -26.68 13.34 30.39
N GLU F 168 -27.74 12.61 30.06
CA GLU F 168 -27.97 12.16 28.69
C GLU F 168 -28.37 13.34 27.83
N ALA F 169 -27.78 13.44 26.65
CA ALA F 169 -28.04 14.56 25.75
C ALA F 169 -29.41 14.42 25.13
N ALA F 170 -30.17 15.52 25.15
CA ALA F 170 -31.45 15.56 24.46
C ALA F 170 -31.33 16.13 23.06
N LEU F 171 -30.15 16.57 22.63
CA LEU F 171 -29.94 17.13 21.30
C LEU F 171 -28.92 16.29 20.54
N GLN F 172 -29.26 15.94 19.30
CA GLN F 172 -28.38 15.25 18.37
C GLN F 172 -28.18 16.14 17.15
N VAL F 173 -26.91 16.40 16.81
CA VAL F 173 -26.56 17.32 15.73
C VAL F 173 -25.69 16.59 14.71
N ALA F 174 -25.97 16.81 13.43
CA ALA F 174 -25.17 16.28 12.33
C ALA F 174 -24.39 17.41 11.68
N HIS F 175 -23.31 17.04 10.99
CA HIS F 175 -22.45 18.00 10.34
C HIS F 175 -23.12 18.58 9.10
N ALA F 176 -22.62 19.74 8.67
CA ALA F 176 -23.17 20.46 7.53
C ALA F 176 -22.44 20.06 6.26
N ILE F 177 -23.17 19.51 5.29
CA ILE F 177 -22.62 19.07 4.03
C ILE F 177 -23.25 19.87 2.90
N SER F 178 -22.59 19.87 1.75
CA SER F 178 -23.05 20.58 0.58
C SER F 178 -23.97 19.70 -0.26
N THR F 179 -24.58 20.31 -1.27
CA THR F 179 -25.36 19.59 -2.27
C THR F 179 -24.68 19.62 -3.63
N HIS F 180 -23.46 20.15 -3.72
CA HIS F 180 -22.73 20.25 -4.97
C HIS F 180 -21.24 20.09 -4.67
N ILE F 181 -20.42 20.13 -5.71
CA ILE F 181 -19.01 19.78 -5.61
C ILE F 181 -18.24 20.91 -4.93
N ALA F 182 -17.24 20.55 -4.13
CA ALA F 182 -16.43 21.54 -3.44
C ALA F 182 -15.35 22.11 -4.36
N ARG F 183 -15.25 23.43 -4.39
CA ARG F 183 -14.41 24.16 -5.33
C ARG F 183 -13.48 25.08 -4.55
N PRO F 184 -12.36 24.56 -4.03
CA PRO F 184 -11.49 25.38 -3.18
C PRO F 184 -10.71 26.40 -4.00
N GLU F 185 -10.70 27.65 -3.50
CA GLU F 185 -10.03 28.76 -4.14
C GLU F 185 -9.01 29.37 -3.20
N ILE F 186 -7.83 29.69 -3.74
CA ILE F 186 -6.75 30.32 -2.98
C ILE F 186 -6.75 31.81 -3.28
N ASP F 187 -6.79 32.63 -2.24
CA ASP F 187 -6.75 34.07 -2.38
C ASP F 187 -5.39 34.58 -1.91
N TYR F 188 -4.77 35.43 -2.74
CA TYR F 188 -3.48 36.02 -2.44
C TYR F 188 -3.65 37.46 -2.00
N PHE F 189 -3.16 37.79 -0.81
CA PHE F 189 -3.28 39.12 -0.23
C PHE F 189 -1.91 39.73 -0.06
N VAL F 190 -1.77 41.00 -0.43
CA VAL F 190 -0.49 41.70 -0.31
C VAL F 190 -0.70 42.88 0.61
N ALA F 191 0.02 42.90 1.73
CA ALA F 191 -0.10 43.99 2.69
C ALA F 191 0.83 45.13 2.32
N ALA F 192 0.27 46.32 2.16
CA ALA F 192 1.03 47.49 1.74
C ALA F 192 1.67 48.16 2.95
N ASP F 193 2.45 49.20 2.67
CA ASP F 193 3.17 49.93 3.69
C ASP F 193 2.82 51.42 3.60
N ASP F 194 2.60 52.03 4.76
CA ASP F 194 2.23 53.44 4.81
C ASP F 194 3.42 54.38 4.66
N VAL F 195 4.64 53.86 4.68
CA VAL F 195 5.85 54.65 4.54
C VAL F 195 6.69 54.06 3.42
N PRO F 196 7.11 54.84 2.42
CA PRO F 196 7.92 54.29 1.33
C PRO F 196 9.28 53.86 1.81
N GLY F 197 9.80 52.82 1.17
CA GLY F 197 11.10 52.30 1.55
C GLY F 197 11.52 51.18 0.61
N GLU F 198 12.62 50.52 0.95
CA GLU F 198 13.13 49.42 0.16
C GLU F 198 12.26 48.19 0.43
N HIS F 204 5.58 37.43 0.96
CA HIS F 204 4.82 38.65 1.16
C HIS F 204 3.63 38.70 0.20
N ILE F 205 3.24 37.52 -0.29
CA ILE F 205 2.19 37.43 -1.29
C ILE F 205 0.88 36.91 -0.72
N GLY F 206 0.89 36.32 0.47
CA GLY F 206 -0.34 35.95 1.16
C GLY F 206 -0.97 34.68 0.66
N GLU F 207 -1.38 33.77 1.56
CA GLU F 207 -1.94 32.49 1.12
C GLU F 207 -3.11 32.15 2.04
N SER F 208 -4.32 32.42 1.57
CA SER F 208 -5.55 32.09 2.29
C SER F 208 -6.52 31.39 1.34
N MET F 209 -7.38 30.56 1.91
CA MET F 209 -8.33 29.79 1.13
C MET F 209 -9.75 30.17 1.50
N PHE F 210 -10.66 30.03 0.53
CA PHE F 210 -12.06 30.32 0.76
C PHE F 210 -12.89 29.55 -0.25
N ALA F 211 -14.19 29.50 0.01
CA ALA F 211 -15.13 28.79 -0.86
C ALA F 211 -16.52 29.35 -0.62
N SER F 212 -17.45 28.94 -1.49
CA SER F 212 -18.87 29.20 -1.29
C SER F 212 -19.65 27.94 -1.63
N ALA F 213 -20.70 27.68 -0.85
CA ALA F 213 -21.56 26.53 -1.06
C ALA F 213 -22.87 26.75 -0.33
N CYS F 214 -23.92 26.07 -0.81
CA CYS F 214 -25.18 25.99 -0.10
C CYS F 214 -25.20 24.71 0.72
N PHE F 215 -25.63 24.81 1.97
CA PHE F 215 -25.42 23.77 2.96
C PHE F 215 -26.72 23.13 3.39
N TYR F 216 -26.62 21.94 3.97
CA TYR F 216 -27.75 21.18 4.47
C TYR F 216 -27.43 20.69 5.88
N LYS F 217 -28.33 20.96 6.82
CA LYS F 217 -28.10 20.68 8.23
C LYS F 217 -29.30 19.92 8.79
N TYR F 218 -29.06 19.22 9.92
CA TYR F 218 -30.09 18.37 10.50
C TYR F 218 -29.84 18.24 12.00
N PHE F 219 -30.87 18.57 12.80
CA PHE F 219 -30.82 18.46 14.25
C PHE F 219 -32.03 17.70 14.76
N SER F 220 -31.88 17.12 15.96
CA SER F 220 -32.95 16.39 16.63
C SER F 220 -32.97 16.73 18.11
N ILE F 221 -34.16 16.98 18.65
CA ILE F 221 -34.35 17.20 20.07
C ILE F 221 -35.40 16.23 20.58
N ASP F 222 -35.13 15.59 21.72
CA ASP F 222 -36.10 14.74 22.38
C ASP F 222 -36.91 15.57 23.37
N TRP F 223 -38.22 15.30 23.43
CA TRP F 223 -39.10 16.07 24.31
C TRP F 223 -39.13 15.50 25.71
N GLU F 224 -39.33 14.18 25.83
CA GLU F 224 -39.43 13.57 27.14
C GLU F 224 -38.09 13.59 27.87
N GLN F 225 -36.97 13.52 27.13
CA GLN F 225 -35.67 13.61 27.76
C GLN F 225 -35.39 15.05 28.22
N LEU F 226 -35.86 16.02 27.46
CA LEU F 226 -35.81 17.42 27.87
C LEU F 226 -36.56 17.64 29.17
N VAL F 227 -37.80 17.17 29.22
CA VAL F 227 -38.64 17.33 30.40
C VAL F 227 -38.02 16.61 31.59
N LYS F 228 -37.45 15.43 31.36
CA LYS F 228 -36.83 14.66 32.43
C LYS F 228 -35.61 15.37 32.99
N ASN F 229 -34.70 15.84 32.11
CA ASN F 229 -33.50 16.50 32.59
C ASN F 229 -33.77 17.89 33.15
N LEU F 230 -34.93 18.49 32.88
CA LEU F 230 -35.37 19.66 33.62
C LEU F 230 -36.12 19.29 34.89
N LYS F 231 -35.97 18.04 35.36
CA LYS F 231 -36.55 17.55 36.62
C LYS F 231 -38.08 17.70 36.65
N GLY F 232 -38.70 17.44 35.50
CA GLY F 232 -40.14 17.50 35.36
C GLY F 232 -40.70 18.85 34.96
N ASP F 233 -39.86 19.83 34.65
CA ASP F 233 -40.32 21.18 34.32
C ASP F 233 -40.67 21.21 32.84
N THR F 234 -41.95 21.03 32.53
CA THR F 234 -42.41 21.12 31.15
C THR F 234 -42.50 22.55 30.66
N ASN F 235 -42.61 23.51 31.59
CA ASN F 235 -42.81 24.90 31.19
C ASN F 235 -41.53 25.46 30.59
N LEU F 236 -40.38 25.16 31.18
CA LEU F 236 -39.11 25.64 30.63
C LEU F 236 -38.70 24.88 29.38
N ALA F 237 -39.17 23.63 29.22
CA ALA F 237 -38.74 22.77 28.13
C ALA F 237 -39.49 23.05 26.83
N ALA F 238 -40.24 24.15 26.79
CA ALA F 238 -40.83 24.63 25.54
C ALA F 238 -40.23 25.98 25.19
N HIS F 239 -39.91 26.78 26.21
CA HIS F 239 -39.18 28.02 26.01
C HIS F 239 -37.81 27.71 25.46
N THR F 240 -37.24 26.59 25.93
CA THR F 240 -36.00 26.08 25.38
C THR F 240 -36.09 25.81 23.89
N VAL F 241 -37.10 25.05 23.47
CA VAL F 241 -37.22 24.64 22.08
C VAL F 241 -37.54 25.85 21.20
N GLY F 242 -38.35 26.79 21.70
CA GLY F 242 -38.64 27.99 20.95
C GLY F 242 -37.42 28.87 20.74
N ALA F 243 -36.61 29.04 21.80
CA ALA F 243 -35.36 29.80 21.65
C ALA F 243 -34.42 29.09 20.68
N PHE F 244 -34.36 27.76 20.75
CA PHE F 244 -33.57 26.98 19.80
C PHE F 244 -34.04 27.17 18.37
N LEU F 245 -35.36 27.20 18.17
CA LEU F 245 -35.93 27.35 16.85
C LEU F 245 -35.63 28.72 16.27
N LEU F 246 -35.73 29.78 17.09
CA LEU F 246 -35.33 31.10 16.62
C LEU F 246 -33.83 31.17 16.35
N ALA F 247 -33.03 30.47 17.16
CA ALA F 247 -31.58 30.55 17.03
C ALA F 247 -31.06 29.84 15.79
N ALA F 248 -31.57 28.64 15.50
CA ALA F 248 -31.05 27.85 14.39
C ALA F 248 -31.37 28.49 13.04
N ALA F 249 -32.42 29.31 13.00
CA ALA F 249 -32.79 29.99 11.76
C ALA F 249 -32.34 31.45 11.71
N LYS F 250 -31.98 32.04 12.86
CA LYS F 250 -31.63 33.45 12.90
C LYS F 250 -30.22 33.68 13.43
N THR F 251 -29.28 32.78 13.09
CA THR F 251 -27.90 32.95 13.54
C THR F 251 -26.98 32.19 12.60
N ASN F 252 -25.95 32.88 12.10
CA ASN F 252 -24.88 32.32 11.31
C ASN F 252 -23.63 32.16 12.15
N PRO F 253 -22.75 31.21 11.82
CA PRO F 253 -21.56 30.98 12.64
C PRO F 253 -20.62 32.18 12.64
N SER F 254 -19.80 32.26 13.68
CA SER F 254 -19.04 33.46 14.02
C SER F 254 -17.59 33.35 13.57
N GLY F 255 -17.36 32.82 12.36
CA GLY F 255 -16.02 32.70 11.83
C GLY F 255 -15.44 34.00 11.34
N LYS F 256 -14.75 34.00 10.21
CA LYS F 256 -14.10 35.20 9.70
C LYS F 256 -15.15 36.13 9.08
N GLN F 257 -16.00 36.67 9.96
CA GLN F 257 -17.14 37.47 9.53
C GLN F 257 -16.82 38.95 9.41
N ASN F 258 -15.66 39.40 9.88
CA ASN F 258 -15.29 40.80 9.66
C ASN F 258 -14.86 41.05 8.23
N SER F 259 -14.40 40.01 7.54
CA SER F 259 -14.01 40.09 6.13
C SER F 259 -14.95 39.35 5.20
N PHE F 260 -15.75 38.40 5.72
CA PHE F 260 -16.71 37.63 4.94
C PHE F 260 -18.08 37.82 5.58
N ALA F 261 -18.82 38.84 5.16
CA ALA F 261 -20.16 39.07 5.69
C ALA F 261 -21.09 38.01 5.13
N ALA F 262 -21.28 36.94 5.90
CA ALA F 262 -22.07 35.78 5.49
C ALA F 262 -23.35 35.68 6.32
N HIS F 263 -23.99 36.82 6.55
CA HIS F 263 -25.21 36.90 7.35
C HIS F 263 -26.41 36.69 6.43
N ASN F 264 -26.51 35.48 5.89
CA ASN F 264 -27.60 35.09 5.01
C ASN F 264 -28.71 34.43 5.82
N TYR F 265 -29.91 34.47 5.28
CA TYR F 265 -31.01 33.78 5.95
C TYR F 265 -31.43 32.55 5.17
N PRO F 266 -31.80 31.47 5.86
CA PRO F 266 -32.12 30.22 5.16
C PRO F 266 -33.34 30.33 4.26
N ASP F 267 -33.31 29.60 3.15
CA ASP F 267 -34.34 29.65 2.13
C ASP F 267 -35.31 28.48 2.21
N GLY F 268 -34.95 27.38 2.86
CA GLY F 268 -35.88 26.29 3.05
C GLY F 268 -35.64 25.50 4.32
N ILE F 269 -36.67 25.43 5.16
CA ILE F 269 -36.60 24.74 6.44
C ILE F 269 -37.78 23.77 6.51
N LEU F 270 -37.49 22.52 6.86
CA LEU F 270 -38.52 21.53 7.10
C LEU F 270 -38.48 21.13 8.57
N VAL F 271 -39.58 21.37 9.29
CA VAL F 271 -39.70 21.08 10.71
C VAL F 271 -40.71 19.95 10.85
N GLU F 272 -40.28 18.80 11.36
CA GLU F 272 -41.13 17.63 11.43
C GLU F 272 -41.24 17.11 12.85
N PHE F 273 -42.33 16.37 13.09
CA PHE F 273 -42.62 15.74 14.39
C PHE F 273 -42.90 14.27 14.12
N LYS F 274 -42.03 13.38 14.60
CA LYS F 274 -42.19 11.96 14.34
C LYS F 274 -41.47 11.17 15.42
N ASN F 275 -41.98 9.96 15.70
CA ASN F 275 -41.48 9.14 16.80
C ASN F 275 -40.03 8.72 16.61
N SER F 276 -39.65 8.31 15.40
CA SER F 276 -38.28 7.90 15.20
C SER F 276 -37.57 8.83 14.22
N PRO F 277 -36.30 9.14 14.43
CA PRO F 277 -35.65 10.19 13.64
C PRO F 277 -35.22 9.69 12.26
N ILE F 278 -35.52 10.50 11.24
CA ILE F 278 -35.20 10.20 9.85
C ILE F 278 -34.34 11.34 9.31
N SER F 279 -33.25 10.99 8.64
CA SER F 279 -32.35 11.97 8.03
C SER F 279 -32.50 11.93 6.52
N TYR F 280 -32.92 13.04 5.93
CA TYR F 280 -33.09 13.15 4.48
C TYR F 280 -31.78 13.60 3.83
N ALA F 281 -30.74 12.81 4.02
CA ALA F 281 -29.41 13.17 3.54
C ALA F 281 -29.01 12.44 2.27
N ASN F 282 -29.71 11.37 1.90
CA ASN F 282 -29.37 10.62 0.70
C ASN F 282 -30.02 11.19 -0.55
N ALA F 283 -30.77 12.28 -0.43
CA ALA F 283 -31.18 13.04 -1.61
C ALA F 283 -30.01 13.71 -2.29
N PHE F 284 -28.93 13.96 -1.57
CA PHE F 284 -27.78 14.70 -2.07
C PHE F 284 -26.57 13.79 -2.28
N VAL F 285 -26.81 12.51 -2.56
CA VAL F 285 -25.74 11.65 -3.06
C VAL F 285 -25.30 12.12 -4.44
N ARG F 286 -26.26 12.45 -5.31
CA ARG F 286 -25.95 13.05 -6.60
C ARG F 286 -25.70 14.53 -6.41
N PRO F 287 -24.50 15.01 -6.74
CA PRO F 287 -24.25 16.45 -6.66
C PRO F 287 -25.13 17.22 -7.64
N VAL F 288 -25.58 18.39 -7.20
CA VAL F 288 -26.43 19.24 -8.03
C VAL F 288 -25.56 19.90 -9.09
N SER F 289 -25.89 19.66 -10.36
CA SER F 289 -25.20 20.27 -11.48
C SER F 289 -26.07 21.37 -12.05
N VAL F 290 -25.48 22.55 -12.28
CA VAL F 290 -26.25 23.68 -12.77
C VAL F 290 -26.59 23.48 -14.25
N VAL F 291 -27.72 24.04 -14.65
CA VAL F 291 -28.13 24.11 -16.05
C VAL F 291 -28.55 25.53 -16.34
N LYS F 292 -28.83 25.81 -17.62
CA LYS F 292 -29.18 27.16 -18.02
C LYS F 292 -30.58 27.58 -17.58
N GLU F 293 -31.42 26.64 -17.17
CA GLU F 293 -32.80 26.97 -16.85
C GLU F 293 -32.97 27.41 -15.41
N SER F 294 -32.35 26.71 -14.47
CA SER F 294 -32.60 26.93 -13.05
C SER F 294 -31.29 27.08 -12.30
N ASP F 295 -31.42 27.40 -11.01
CA ASP F 295 -30.31 27.74 -10.13
C ASP F 295 -29.98 26.56 -9.22
N LEU F 296 -29.17 26.84 -8.18
CA LEU F 296 -28.77 25.81 -7.23
C LEU F 296 -29.82 25.59 -6.15
N VAL F 297 -30.43 26.66 -5.63
CA VAL F 297 -31.43 26.54 -4.58
C VAL F 297 -32.64 25.77 -5.07
N GLU F 298 -33.11 26.08 -6.28
CA GLU F 298 -34.30 25.43 -6.82
C GLU F 298 -34.08 23.93 -7.03
N GLN F 299 -32.93 23.56 -7.60
CA GLN F 299 -32.65 22.14 -7.80
C GLN F 299 -32.44 21.40 -6.48
N SER F 300 -31.76 22.04 -5.52
CA SER F 300 -31.54 21.40 -4.22
C SER F 300 -32.86 21.15 -3.49
N ILE F 301 -33.72 22.16 -3.44
CA ILE F 301 -35.01 22.02 -2.77
C ILE F 301 -35.90 21.04 -3.53
N GLY F 302 -35.81 21.01 -4.86
CA GLY F 302 -36.59 20.04 -5.63
C GLY F 302 -36.17 18.60 -5.38
N GLN F 303 -34.85 18.36 -5.30
CA GLN F 303 -34.37 17.01 -4.99
C GLN F 303 -34.76 16.61 -3.57
N LEU F 304 -34.69 17.55 -2.62
CA LEU F 304 -35.17 17.28 -1.28
C LEU F 304 -36.66 16.94 -1.27
N SER F 305 -37.44 17.65 -2.08
CA SER F 305 -38.87 17.38 -2.19
C SER F 305 -39.13 15.98 -2.71
N ASN F 306 -38.38 15.58 -3.75
CA ASN F 306 -38.56 14.26 -4.34
C ASN F 306 -38.24 13.16 -3.34
N TYR F 307 -37.15 13.32 -2.59
CA TYR F 307 -36.80 12.30 -1.60
C TYR F 307 -37.78 12.27 -0.44
N VAL F 308 -38.29 13.44 -0.03
CA VAL F 308 -39.29 13.50 1.05
C VAL F 308 -40.56 12.77 0.63
N ASN F 309 -41.02 12.99 -0.61
CA ASN F 309 -42.19 12.27 -1.10
C ASN F 309 -41.94 10.77 -1.18
N ASP F 310 -40.74 10.38 -1.63
CA ASP F 310 -40.44 8.95 -1.72
C ASP F 310 -40.46 8.29 -0.35
N ILE F 311 -39.85 8.92 0.65
CA ILE F 311 -39.82 8.35 2.00
C ILE F 311 -41.22 8.27 2.58
N ARG F 312 -42.00 9.36 2.46
CA ARG F 312 -43.34 9.41 3.03
C ARG F 312 -44.26 8.37 2.39
N LEU F 313 -44.23 8.24 1.06
CA LEU F 313 -45.07 7.26 0.40
C LEU F 313 -44.54 5.85 0.52
N GLY F 314 -43.27 5.67 0.90
CA GLY F 314 -42.71 4.35 0.92
C GLY F 314 -42.55 3.68 2.26
N TYR F 315 -42.67 4.41 3.37
CA TYR F 315 -42.41 3.81 4.66
C TYR F 315 -43.61 3.75 5.61
N TYR F 316 -44.83 4.04 5.14
CA TYR F 316 -46.00 3.89 6.00
C TYR F 316 -47.27 3.74 5.17
N ASP F 317 -48.26 3.07 5.76
CA ASP F 317 -49.59 2.91 5.19
C ASP F 317 -50.68 3.04 6.24
N GLU F 318 -50.29 3.24 7.51
CA GLU F 318 -51.25 3.31 8.61
C GLU F 318 -50.83 4.40 9.58
N GLN F 319 -51.78 5.22 10.00
CA GLN F 319 -51.72 6.24 11.07
C GLN F 319 -50.53 7.19 10.86
N SER F 320 -50.19 7.97 11.90
CA SER F 320 -49.08 8.92 12.00
C SER F 320 -48.94 9.78 10.76
N PRO F 321 -49.85 10.73 10.52
CA PRO F 321 -49.76 11.51 9.27
C PRO F 321 -48.78 12.67 9.38
N VAL F 322 -47.62 12.40 9.99
CA VAL F 322 -46.49 13.27 10.32
C VAL F 322 -46.73 14.74 10.01
N ILE F 323 -47.27 15.47 10.98
CA ILE F 323 -47.74 16.83 10.72
C ILE F 323 -46.52 17.74 10.76
N GLY F 324 -45.83 17.83 9.62
CA GLY F 324 -44.63 18.62 9.52
C GLY F 324 -44.88 19.91 8.76
N PHE F 325 -44.10 20.93 9.09
CA PHE F 325 -44.30 22.26 8.52
C PHE F 325 -43.14 22.63 7.62
N TRP F 326 -43.47 23.12 6.43
CA TRP F 326 -42.50 23.59 5.46
C TRP F 326 -42.45 25.11 5.52
N PHE F 327 -41.26 25.65 5.74
CA PHE F 327 -41.07 27.08 5.88
C PHE F 327 -40.24 27.57 4.69
N SER F 328 -40.79 28.53 3.95
CA SER F 328 -40.09 29.24 2.90
C SER F 328 -40.40 30.73 3.05
N PRO F 329 -39.39 31.59 2.95
CA PRO F 329 -39.63 33.03 3.11
C PRO F 329 -40.52 33.60 2.00
N ASN F 330 -41.70 34.10 2.39
CA ASN F 330 -42.71 34.66 1.47
C ASN F 330 -43.13 33.66 0.41
N ASN F 331 -43.06 32.36 0.75
CA ASN F 331 -43.38 31.25 -0.15
C ASN F 331 -42.56 31.33 -1.44
N ARG F 332 -41.28 31.70 -1.29
CA ARG F 332 -40.44 31.94 -2.46
C ARG F 332 -40.11 30.65 -3.20
N TYR F 333 -39.80 29.58 -2.46
CA TYR F 333 -39.36 28.32 -3.07
C TYR F 333 -40.32 27.22 -2.66
N PRO F 334 -41.18 26.75 -3.57
CA PRO F 334 -42.12 25.68 -3.22
C PRO F 334 -41.42 24.34 -3.06
N LEU F 335 -42.01 23.50 -2.19
CA LEU F 335 -41.58 22.12 -2.00
C LEU F 335 -42.09 21.27 -3.16
N GLY F 336 -41.42 21.42 -4.30
CA GLY F 336 -41.77 20.63 -5.47
C GLY F 336 -42.87 21.21 -6.32
N TYR F 337 -42.73 21.10 -7.64
CA TYR F 337 -43.73 21.54 -8.59
C TYR F 337 -44.55 20.39 -9.15
N LYS F 338 -44.42 19.21 -8.57
CA LYS F 338 -45.25 18.06 -8.91
C LYS F 338 -46.51 18.07 -8.04
N HIS F 339 -47.22 16.93 -7.98
CA HIS F 339 -48.36 16.76 -7.09
C HIS F 339 -48.05 17.25 -5.68
N SER F 340 -48.95 18.07 -5.15
CA SER F 340 -48.75 18.88 -3.96
C SER F 340 -49.06 18.06 -2.70
N LYS F 341 -49.26 18.76 -1.57
CA LYS F 341 -49.66 18.19 -0.29
C LYS F 341 -48.60 17.23 0.25
N LEU F 342 -47.35 17.69 0.26
CA LEU F 342 -46.28 16.95 0.91
C LEU F 342 -46.12 17.36 2.37
N ALA F 343 -46.17 18.66 2.65
CA ALA F 343 -46.15 19.18 4.01
C ALA F 343 -47.57 19.51 4.43
N SER F 344 -47.80 19.47 5.75
CA SER F 344 -49.15 19.72 6.26
C SER F 344 -49.56 21.17 6.02
N ARG F 345 -48.72 22.12 6.41
CA ARG F 345 -48.96 23.52 6.10
C ARG F 345 -47.68 24.15 5.60
N ASN F 346 -47.81 25.21 4.81
CA ASN F 346 -46.67 25.94 4.27
C ASN F 346 -46.69 27.35 4.84
N ILE F 347 -45.59 27.74 5.48
CA ILE F 347 -45.53 28.95 6.29
C ILE F 347 -44.58 29.93 5.61
N GLY F 348 -45.01 31.19 5.49
CA GLY F 348 -44.17 32.23 4.94
C GLY F 348 -43.63 33.17 5.99
N ASN F 349 -43.65 32.74 7.26
CA ASN F 349 -43.16 33.55 8.35
C ASN F 349 -42.58 32.65 9.42
N LEU F 350 -41.59 33.15 10.17
CA LEU F 350 -40.96 32.35 11.21
C LEU F 350 -41.80 32.36 12.49
N ASN F 351 -42.42 33.49 12.81
CA ASN F 351 -43.16 33.58 14.07
C ASN F 351 -44.49 32.82 14.00
N GLU F 352 -45.14 32.82 12.84
CA GLU F 352 -46.32 31.98 12.66
C GLU F 352 -45.95 30.51 12.77
N LEU F 353 -44.77 30.14 12.27
CA LEU F 353 -44.25 28.80 12.45
C LEU F 353 -44.03 28.48 13.93
N VAL F 354 -43.48 29.44 14.68
CA VAL F 354 -43.22 29.22 16.11
C VAL F 354 -44.54 29.02 16.86
N GLY F 355 -45.55 29.84 16.54
CA GLY F 355 -46.85 29.67 17.16
C GLY F 355 -47.49 28.34 16.83
N ALA F 356 -47.39 27.91 15.57
CA ALA F 356 -47.98 26.63 15.17
C ALA F 356 -47.24 25.45 15.82
N VAL F 357 -45.91 25.53 15.89
CA VAL F 357 -45.12 24.47 16.51
C VAL F 357 -45.44 24.35 17.99
N LEU F 358 -45.50 25.49 18.69
CA LEU F 358 -45.90 25.49 20.10
C LEU F 358 -47.33 25.00 20.29
N ASP F 359 -48.22 25.28 19.33
CA ASP F 359 -49.58 24.74 19.39
C ASP F 359 -49.55 23.22 19.26
N TYR F 360 -48.61 22.69 18.47
CA TYR F 360 -48.45 21.24 18.41
C TYR F 360 -47.83 20.69 19.69
N ILE F 361 -47.07 21.52 20.43
CA ILE F 361 -46.45 21.08 21.68
C ILE F 361 -47.51 20.79 22.76
N GLY F 362 -48.75 21.26 22.58
CA GLY F 362 -49.74 21.10 23.63
C GLY F 362 -50.47 22.35 24.04
N GLY F 363 -50.63 23.28 23.10
CA GLY F 363 -51.39 24.49 23.33
C GLY F 363 -50.60 25.63 23.93
N PHE F 364 -49.27 25.55 23.89
CA PHE F 364 -48.45 26.53 24.57
C PHE F 364 -48.37 27.82 23.78
N LYS F 365 -48.53 28.94 24.48
CA LYS F 365 -48.55 30.26 23.87
C LYS F 365 -47.17 30.90 23.97
N TRP F 366 -46.74 31.55 22.89
CA TRP F 366 -45.45 32.22 22.89
C TRP F 366 -45.44 33.44 23.82
N GLU F 367 -46.53 34.20 23.83
CA GLU F 367 -46.61 35.40 24.68
C GLU F 367 -46.70 35.07 26.17
N GLU F 368 -47.06 33.83 26.52
CA GLU F 368 -47.19 33.45 27.91
C GLU F 368 -46.03 32.59 28.41
N VAL F 369 -45.19 32.06 27.52
CA VAL F 369 -44.12 31.17 27.97
C VAL F 369 -42.83 31.95 28.20
N GLN F 370 -42.72 33.18 27.67
CA GLN F 370 -41.52 33.98 27.90
C GLN F 370 -41.33 34.35 29.38
N LYS F 371 -42.42 34.39 30.15
CA LYS F 371 -42.32 34.75 31.57
C LYS F 371 -41.65 33.67 32.41
N SER F 372 -41.40 32.49 31.83
CA SER F 372 -40.76 31.41 32.59
C SER F 372 -39.36 31.79 33.02
N LYS F 373 -38.59 32.42 32.14
CA LYS F 373 -37.21 32.76 32.45
C LYS F 373 -36.75 33.98 31.65
N MET G 1 -27.37 48.03 17.60
CA MET G 1 -28.03 48.71 16.49
C MET G 1 -27.13 48.68 15.27
N LEU G 2 -27.65 48.17 14.15
CA LEU G 2 -26.85 47.95 12.96
C LEU G 2 -27.44 48.70 11.77
N ILE G 3 -26.56 49.33 11.00
CA ILE G 3 -26.92 50.02 9.77
C ILE G 3 -26.33 49.24 8.61
N GLU G 4 -27.18 48.84 7.66
CA GLU G 4 -26.74 48.09 6.50
C GLU G 4 -26.75 48.97 5.27
N ILE G 5 -25.78 48.72 4.40
CA ILE G 5 -25.42 49.61 3.30
C ILE G 5 -25.32 48.75 2.03
N HIS G 6 -25.86 49.26 0.92
CA HIS G 6 -26.04 48.47 -0.30
C HIS G 6 -25.72 49.30 -1.53
N MET G 7 -24.56 49.02 -2.13
CA MET G 7 -24.07 49.67 -3.34
C MET G 7 -24.40 48.84 -4.57
N ILE G 8 -25.05 49.48 -5.55
CA ILE G 8 -25.42 48.83 -6.80
C ILE G 8 -24.68 49.55 -7.91
N GLN G 9 -23.52 49.01 -8.30
CA GLN G 9 -22.56 49.75 -9.11
C GLN G 9 -22.18 48.97 -10.35
N ASN G 10 -22.29 49.61 -11.51
CA ASN G 10 -21.87 49.05 -12.78
C ASN G 10 -20.50 49.59 -13.15
N HIS G 11 -19.61 48.71 -13.61
CA HIS G 11 -18.25 49.11 -13.97
C HIS G 11 -18.04 49.05 -15.48
N SER G 12 -17.24 49.99 -15.98
CA SER G 12 -16.71 49.90 -17.32
C SER G 12 -15.65 48.80 -17.39
N PRO G 13 -15.35 48.28 -18.59
CA PRO G 13 -14.28 47.30 -18.73
C PRO G 13 -12.94 47.86 -18.26
N ALA G 14 -12.30 47.14 -17.35
CA ALA G 14 -11.01 47.53 -16.79
C ALA G 14 -10.39 46.31 -16.11
N ASN G 15 -9.33 46.54 -15.35
CA ASN G 15 -8.72 45.53 -14.49
C ASN G 15 -8.35 46.25 -13.19
N LEU G 16 -9.30 46.26 -12.24
CA LEU G 16 -9.14 47.02 -11.00
C LEU G 16 -8.40 46.25 -9.91
N ASN G 17 -8.55 44.93 -9.87
CA ASN G 17 -7.91 44.11 -8.85
C ASN G 17 -7.42 42.84 -9.50
N ARG G 18 -6.15 42.49 -9.26
CA ARG G 18 -5.54 41.33 -9.87
C ARG G 18 -4.70 40.60 -8.84
N ASP G 19 -4.52 39.30 -9.08
CA ASP G 19 -3.58 38.50 -8.33
C ASP G 19 -2.24 38.55 -9.06
N ASP G 20 -1.30 37.67 -8.71
CA ASP G 20 0.00 37.68 -9.37
C ASP G 20 -0.09 37.26 -10.84
N LEU G 21 -1.20 36.66 -11.26
CA LEU G 21 -1.39 36.29 -12.66
C LEU G 21 -1.53 37.50 -13.56
N GLY G 22 -1.98 38.63 -13.03
CA GLY G 22 -2.47 39.72 -13.84
C GLY G 22 -3.93 39.60 -14.21
N ALA G 23 -4.51 38.41 -14.05
CA ALA G 23 -5.91 38.15 -14.25
C ALA G 23 -6.71 38.68 -13.06
N PRO G 24 -7.95 39.11 -13.28
CA PRO G 24 -8.77 39.59 -12.16
C PRO G 24 -9.14 38.46 -11.21
N LYS G 25 -9.43 38.84 -9.96
CA LYS G 25 -9.88 37.87 -8.97
C LYS G 25 -11.25 37.32 -9.37
N THR G 26 -11.50 36.07 -8.98
CA THR G 26 -12.75 35.41 -9.34
C THR G 26 -13.23 34.55 -8.18
N CYS G 27 -14.49 34.12 -8.25
CA CYS G 27 -15.08 33.26 -7.24
C CYS G 27 -16.23 32.45 -7.83
N TYR G 28 -16.62 31.40 -7.11
CA TYR G 28 -17.75 30.54 -7.46
C TYR G 28 -18.88 30.80 -6.46
N PHE G 29 -20.08 31.08 -6.97
CA PHE G 29 -21.23 31.34 -6.13
C PHE G 29 -22.46 30.90 -6.90
N GLY G 30 -23.32 30.10 -6.29
CA GLY G 30 -24.40 29.55 -7.11
C GLY G 30 -23.91 28.62 -8.21
N GLY G 31 -22.65 28.18 -8.14
CA GLY G 31 -22.08 27.22 -9.06
C GLY G 31 -21.47 27.77 -10.32
N VAL G 32 -21.40 29.08 -10.51
CA VAL G 32 -20.79 29.63 -11.72
C VAL G 32 -19.75 30.69 -11.37
N LEU G 33 -18.83 30.89 -12.31
CA LEU G 33 -17.68 31.77 -12.13
C LEU G 33 -18.10 33.23 -12.16
N ARG G 34 -17.61 34.02 -11.20
CA ARG G 34 -17.93 35.45 -11.10
C ARG G 34 -16.69 36.28 -10.86
N SER G 35 -16.86 37.59 -11.01
CA SER G 35 -15.81 38.56 -10.74
C SER G 35 -15.67 38.77 -9.23
N ARG G 36 -14.50 39.22 -8.81
CA ARG G 36 -14.22 39.33 -7.39
C ARG G 36 -13.35 40.54 -7.09
N ILE G 37 -13.73 41.27 -6.04
CA ILE G 37 -12.93 42.34 -5.46
C ILE G 37 -12.79 42.05 -3.97
N SER G 38 -11.56 41.94 -3.48
CA SER G 38 -11.35 41.60 -2.08
C SER G 38 -11.66 42.78 -1.17
N SER G 39 -12.12 42.47 0.04
CA SER G 39 -12.59 43.51 0.96
C SER G 39 -11.45 44.35 1.52
N GLN G 40 -10.26 43.75 1.68
CA GLN G 40 -9.12 44.53 2.15
C GLN G 40 -8.70 45.58 1.13
N CYS G 41 -8.84 45.26 -0.17
CA CYS G 41 -8.58 46.26 -1.19
C CYS G 41 -9.58 47.42 -1.13
N ILE G 42 -10.85 47.11 -0.88
CA ILE G 42 -11.87 48.15 -0.77
C ILE G 42 -11.59 49.04 0.44
N LYS G 43 -11.26 48.43 1.58
CA LYS G 43 -10.93 49.20 2.78
C LYS G 43 -9.68 50.03 2.57
N ARG G 44 -8.69 49.48 1.87
CA ARG G 44 -7.46 50.22 1.61
C ARG G 44 -7.72 51.41 0.68
N SER G 45 -8.57 51.23 -0.32
CA SER G 45 -8.92 52.34 -1.20
C SER G 45 -9.68 53.43 -0.45
N ILE G 46 -10.65 53.03 0.38
CA ILE G 46 -11.46 54.03 1.10
C ILE G 46 -10.63 54.74 2.17
N ARG G 47 -9.70 54.03 2.80
CA ARG G 47 -8.83 54.64 3.80
C ARG G 47 -7.94 55.72 3.18
N THR G 48 -7.36 55.44 2.02
CA THR G 48 -6.52 56.42 1.32
C THR G 48 -7.34 57.19 0.29
N SER G 49 -8.32 57.95 0.79
CA SER G 49 -9.16 58.79 -0.06
C SER G 49 -9.23 60.18 0.54
N ASN G 50 -9.62 61.15 -0.31
CA ASN G 50 -9.73 62.52 0.13
C ASN G 50 -10.83 62.70 1.17
N ASP G 51 -11.96 62.00 1.00
CA ASP G 51 -13.07 62.12 1.94
C ASP G 51 -12.71 61.54 3.30
N PHE G 52 -12.02 60.40 3.33
CA PHE G 52 -11.60 59.78 4.58
C PHE G 52 -10.14 60.14 4.87
N LYS G 53 -9.93 61.45 5.04
CA LYS G 53 -8.61 62.00 5.31
C LYS G 53 -8.49 62.66 6.68
N ALA G 54 -9.55 63.31 7.15
CA ALA G 54 -9.52 63.92 8.47
C ALA G 54 -9.43 62.89 9.58
N LEU G 55 -10.01 61.71 9.38
CA LEU G 55 -9.93 60.61 10.34
C LEU G 55 -8.79 59.65 10.04
N LEU G 56 -7.99 59.94 9.01
CA LEU G 56 -6.81 59.13 8.70
C LEU G 56 -5.72 59.50 9.69
N GLY G 57 -5.63 58.77 10.79
CA GLY G 57 -4.66 59.06 11.81
C GLY G 57 -3.90 57.83 12.27
N GLY G 58 -4.37 56.67 11.85
CA GLY G 58 -3.71 55.40 12.14
C GLY G 58 -2.72 55.06 11.04
N VAL G 59 -1.63 54.41 11.43
CA VAL G 59 -0.55 54.12 10.49
C VAL G 59 -0.17 52.65 10.62
N ARG G 60 -0.01 51.99 9.47
CA ARG G 60 0.43 50.60 9.40
C ARG G 60 1.85 50.59 8.88
N THR G 61 2.79 50.27 9.75
CA THR G 61 4.21 50.37 9.44
C THR G 61 4.91 49.05 9.66
N ARG G 62 5.95 48.83 8.85
CA ARG G 62 6.91 47.76 9.03
C ARG G 62 8.28 48.29 9.43
N ARG G 63 8.53 49.59 9.25
CA ARG G 63 9.81 50.23 9.51
C ARG G 63 9.59 51.40 10.48
N LEU G 64 9.68 51.11 11.77
CA LEU G 64 9.36 52.08 12.82
C LEU G 64 10.52 53.01 13.17
N ALA G 65 11.77 52.58 12.98
CA ALA G 65 12.90 53.41 13.37
C ALA G 65 13.05 54.65 12.48
N ASP G 66 12.53 54.61 11.26
CA ASP G 66 12.68 55.72 10.33
C ASP G 66 11.91 56.94 10.81
N LEU G 67 10.64 56.76 11.19
CA LEU G 67 9.87 57.92 11.65
C LEU G 67 10.27 58.37 13.05
N ILE G 68 10.83 57.47 13.86
CA ILE G 68 11.45 57.90 15.12
C ILE G 68 12.63 58.81 14.84
N GLN G 69 13.49 58.41 13.89
CA GLN G 69 14.65 59.22 13.53
C GLN G 69 14.23 60.56 12.95
N GLN G 70 13.16 60.58 12.15
CA GLN G 70 12.66 61.82 11.59
C GLN G 70 12.06 62.72 12.67
N GLU G 71 11.30 62.15 13.60
CA GLU G 71 10.62 62.95 14.61
C GLU G 71 11.58 63.50 15.65
N ALA G 72 12.63 62.74 16.00
CA ALA G 72 13.57 63.20 17.01
C ALA G 72 14.33 64.44 16.57
N GLY G 73 14.68 64.51 15.28
CA GLY G 73 15.33 65.69 14.75
C GLY G 73 16.65 65.42 14.07
N GLU G 74 17.67 66.20 14.42
CA GLU G 74 18.98 66.10 13.80
C GLU G 74 19.92 65.13 14.50
N THR G 75 19.47 64.51 15.60
CA THR G 75 20.32 63.59 16.34
C THR G 75 20.40 62.24 15.61
N GLU G 76 21.31 61.40 16.08
CA GLU G 76 21.50 60.04 15.57
C GLU G 76 20.83 59.08 16.54
N CYS G 77 19.72 58.46 16.11
CA CYS G 77 19.01 57.54 17.00
C CYS G 77 18.45 56.31 16.30
N TRP G 78 19.00 55.93 15.13
CA TRP G 78 18.46 54.76 14.43
C TRP G 78 18.88 53.46 15.10
N LYS G 79 20.15 53.36 15.49
CA LYS G 79 20.68 52.08 15.97
C LYS G 79 20.13 51.72 17.34
N LYS G 80 20.02 52.70 18.25
CA LYS G 80 19.51 52.42 19.59
C LYS G 80 18.04 52.07 19.56
N ALA G 81 17.24 52.82 18.79
CA ALA G 81 15.82 52.48 18.64
C ALA G 81 15.65 51.12 17.97
N GLN G 82 16.52 50.79 17.02
CA GLN G 82 16.43 49.50 16.35
C GLN G 82 16.78 48.35 17.29
N GLU G 83 17.78 48.54 18.15
CA GLU G 83 18.11 47.52 19.14
C GLU G 83 17.02 47.39 20.21
N ILE G 84 16.38 48.50 20.58
CA ILE G 84 15.25 48.46 21.51
C ILE G 84 14.09 47.67 20.90
N LEU G 85 13.79 47.94 19.63
CA LEU G 85 12.75 47.19 18.92
C LEU G 85 13.15 45.73 18.73
N ASN G 86 14.45 45.45 18.62
CA ASN G 86 14.92 44.08 18.52
C ASN G 86 14.67 43.32 19.82
N LYS G 87 15.09 43.88 20.96
CA LYS G 87 14.93 43.16 22.20
C LYS G 87 13.51 43.20 22.74
N CYS G 88 12.66 44.11 22.23
CA CYS G 88 11.24 44.05 22.56
C CYS G 88 10.61 42.77 22.03
N GLY G 89 11.14 42.22 20.95
CA GLY G 89 10.66 40.95 20.42
C GLY G 89 9.84 41.09 19.17
N PHE G 90 10.23 41.99 18.28
CA PHE G 90 9.46 42.26 17.08
C PHE G 90 9.98 41.43 15.89
N LYS G 91 10.14 40.14 16.14
CA LYS G 91 10.49 39.11 15.15
C LYS G 91 11.74 39.50 14.33
N ASN G 92 12.87 39.55 15.04
CA ASN G 92 14.14 39.69 14.35
C ASN G 92 14.59 38.40 13.67
N LYS G 93 13.88 37.30 13.88
CA LYS G 93 14.17 36.06 13.19
C LYS G 93 13.97 36.21 11.68
N ASP G 94 14.84 35.54 10.92
CA ASP G 94 14.74 35.39 9.47
C ASP G 94 14.91 36.71 8.72
N ASP G 95 15.70 37.63 9.29
CA ASP G 95 16.22 38.82 8.62
C ASP G 95 15.15 39.84 8.23
N ASN G 96 13.88 39.55 8.53
CA ASN G 96 12.78 40.41 8.11
C ASN G 96 12.05 40.96 9.31
N THR G 97 11.38 42.09 9.10
CA THR G 97 10.51 42.74 10.07
C THR G 97 9.06 42.41 9.77
N LYS G 98 8.79 41.17 9.33
CA LYS G 98 7.53 40.81 8.68
C LYS G 98 6.29 41.08 9.52
N MET G 99 6.43 41.12 10.84
CA MET G 99 5.33 41.51 11.70
C MET G 99 4.95 42.97 11.47
N LEU G 100 3.65 43.24 11.49
CA LEU G 100 3.11 44.55 11.17
C LEU G 100 2.33 45.09 12.36
N VAL G 101 2.48 46.39 12.63
CA VAL G 101 1.82 47.00 13.77
C VAL G 101 0.76 47.96 13.25
N PHE G 102 -0.41 47.97 13.89
CA PHE G 102 -1.52 48.83 13.52
C PHE G 102 -1.85 49.84 14.63
N MET G 103 -0.83 50.52 15.14
CA MET G 103 -1.07 51.60 16.09
C MET G 103 -1.60 52.81 15.34
N SER G 104 -2.34 53.67 16.04
CA SER G 104 -2.50 55.03 15.53
C SER G 104 -1.29 55.86 15.92
N LYS G 105 -1.18 56.12 17.23
CA LYS G 105 -0.06 56.76 17.90
C LYS G 105 0.55 57.89 17.07
N ASP G 106 -0.28 58.88 16.71
CA ASP G 106 0.28 59.91 15.83
C ASP G 106 1.17 60.87 16.60
N LYS G 107 1.12 60.81 17.93
CA LYS G 107 2.05 61.54 18.79
C LYS G 107 3.26 60.65 19.06
N ILE G 108 4.10 60.50 18.03
CA ILE G 108 5.39 59.79 18.06
C ILE G 108 6.39 60.36 19.06
N LYS G 109 6.24 61.62 19.46
CA LYS G 109 7.24 62.29 20.28
C LYS G 109 7.49 61.60 21.61
N ASP G 110 6.51 60.84 22.12
CA ASP G 110 6.69 60.12 23.38
C ASP G 110 7.75 59.03 23.25
N LEU G 111 7.68 58.23 22.19
CA LEU G 111 8.68 57.19 21.98
C LEU G 111 10.05 57.79 21.72
N ALA G 112 10.08 58.93 21.02
CA ALA G 112 11.34 59.64 20.80
C ALA G 112 11.95 60.14 22.10
N ARG G 113 11.10 60.57 23.05
CA ARG G 113 11.60 60.96 24.36
C ARG G 113 12.15 59.75 25.12
N ILE G 114 11.49 58.61 25.00
CA ILE G 114 11.96 57.40 25.69
C ILE G 114 13.31 56.95 25.14
N VAL G 115 13.47 56.91 23.82
CA VAL G 115 14.71 56.38 23.24
C VAL G 115 15.86 57.35 23.47
N LEU G 116 15.57 58.65 23.52
CA LEU G 116 16.60 59.67 23.72
C LEU G 116 16.91 59.94 25.19
N ASP G 117 16.34 59.17 26.11
CA ASP G 117 16.58 59.36 27.53
C ASP G 117 17.86 58.64 27.91
N ASN G 118 18.90 59.41 28.24
CA ASN G 118 20.18 58.84 28.69
C ASN G 118 20.19 58.65 30.21
N SER G 119 19.17 57.98 30.72
CA SER G 119 19.05 57.72 32.15
C SER G 119 18.61 56.31 32.51
N LEU G 120 18.09 55.52 31.58
CA LEU G 120 17.56 54.20 31.87
C LEU G 120 18.29 53.14 31.05
N GLY G 121 18.27 51.91 31.57
CA GLY G 121 18.90 50.81 30.90
C GLY G 121 18.11 50.36 29.69
N LEU G 122 18.73 49.46 28.92
CA LEU G 122 18.14 48.99 27.67
C LEU G 122 16.94 48.07 27.89
N THR G 123 16.74 47.56 29.10
CA THR G 123 15.58 46.75 29.41
C THR G 123 14.35 47.61 29.72
N GLU G 124 14.54 48.72 30.44
CA GLU G 124 13.40 49.49 30.92
C GLU G 124 12.73 50.29 29.81
N ALA G 125 13.52 50.91 28.93
CA ALA G 125 12.94 51.68 27.83
C ALA G 125 12.15 50.79 26.88
N ALA G 126 12.54 49.52 26.77
CA ALA G 126 11.73 48.54 26.06
C ALA G 126 10.34 48.40 26.67
N GLN G 127 10.26 48.35 28.00
CA GLN G 127 8.95 48.23 28.64
C GLN G 127 8.16 49.53 28.56
N GLN G 128 8.84 50.68 28.60
CA GLN G 128 8.14 51.95 28.41
C GLN G 128 7.53 52.05 27.02
N VAL G 129 8.28 51.61 26.00
CA VAL G 129 7.75 51.54 24.64
C VAL G 129 6.55 50.58 24.58
N ALA G 130 6.71 49.40 25.21
CA ALA G 130 5.64 48.41 25.26
C ALA G 130 4.40 48.93 25.99
N ASN G 131 4.58 49.92 26.86
CA ASN G 131 3.44 50.47 27.60
C ASN G 131 2.76 51.60 26.83
N VAL G 132 3.53 52.38 26.07
CA VAL G 132 2.90 53.49 25.35
C VAL G 132 2.23 53.00 24.07
N ILE G 133 2.77 51.93 23.46
CA ILE G 133 2.26 51.48 22.17
C ILE G 133 0.85 50.90 22.28
N ALA G 134 0.48 50.40 23.47
CA ALA G 134 -0.72 49.59 23.63
C ALA G 134 -1.91 50.39 24.14
N GLN G 135 -1.95 51.72 23.95
CA GLN G 135 -2.97 52.54 24.61
C GLN G 135 -3.60 53.60 23.71
N ALA G 136 -3.26 53.63 22.41
CA ALA G 136 -3.76 54.68 21.53
C ALA G 136 -5.27 54.62 21.32
N THR G 137 -5.75 53.59 20.61
CA THR G 137 -7.17 53.24 20.43
C THR G 137 -7.97 54.34 19.72
N LEU G 138 -7.29 55.44 19.35
CA LEU G 138 -7.93 56.60 18.72
C LEU G 138 -7.91 56.41 17.20
N ALA G 139 -8.17 57.50 16.43
CA ALA G 139 -8.08 57.52 14.98
C ALA G 139 -9.03 56.51 14.35
N PRO G 140 -10.32 56.87 14.18
CA PRO G 140 -11.39 55.87 13.96
C PRO G 140 -11.21 54.85 12.83
N ASP G 141 -10.12 54.93 12.06
CA ASP G 141 -9.74 53.80 11.21
C ASP G 141 -9.43 52.56 12.05
N ILE G 142 -8.96 52.74 13.30
CA ILE G 142 -8.84 51.63 14.24
C ILE G 142 -10.10 51.47 15.08
N ALA G 143 -11.12 52.30 14.85
CA ALA G 143 -12.47 51.96 15.30
C ALA G 143 -13.23 51.19 14.24
N LEU G 144 -12.58 50.87 13.11
CA LEU G 144 -13.13 49.99 12.10
C LEU G 144 -12.34 48.70 11.94
N CYS G 145 -11.10 48.65 12.40
CA CYS G 145 -10.28 47.44 12.39
C CYS G 145 -9.34 47.51 13.59
N GLY G 146 -8.28 46.71 13.54
CA GLY G 146 -7.22 46.85 14.53
C GLY G 146 -6.90 45.65 15.38
N ARG G 147 -5.79 44.99 15.04
CA ARG G 147 -5.27 43.83 15.75
C ARG G 147 -3.75 44.05 15.81
N MET G 148 -3.39 45.22 16.33
CA MET G 148 -2.08 45.87 16.22
C MET G 148 -0.84 44.97 16.37
N LEU G 149 -0.84 44.03 17.30
CA LEU G 149 0.45 43.46 17.67
C LEU G 149 0.27 42.10 18.34
N GLU G 150 0.98 41.12 17.80
CA GLU G 150 1.20 39.85 18.49
C GLU G 150 2.70 39.70 18.71
N PRO G 151 3.20 39.96 19.92
CA PRO G 151 4.64 39.88 20.14
C PRO G 151 5.14 38.45 20.12
N ASN G 152 6.24 38.25 19.40
CA ASN G 152 6.93 36.96 19.44
C ASN G 152 7.57 36.76 20.80
N ASP G 153 7.42 35.57 21.34
CA ASP G 153 8.02 35.24 22.63
C ASP G 153 9.43 34.68 22.51
N LYS G 154 9.84 34.24 21.32
CA LYS G 154 11.14 33.61 21.15
C LYS G 154 12.27 34.64 21.19
N ASP G 155 12.11 35.77 20.49
CA ASP G 155 13.17 36.74 20.35
C ASP G 155 13.11 37.86 21.38
N LYS G 156 12.10 37.86 22.25
CA LYS G 156 11.97 38.92 23.24
C LYS G 156 12.68 38.53 24.52
N ASP G 157 12.95 39.55 25.35
CA ASP G 157 13.61 39.34 26.63
C ASP G 157 12.67 38.62 27.60
N LYS G 158 13.24 38.16 28.70
CA LYS G 158 12.48 37.52 29.76
C LYS G 158 11.99 38.53 30.80
N LYS G 159 12.21 39.83 30.57
CA LYS G 159 11.82 40.86 31.51
C LYS G 159 10.79 41.83 30.91
N VAL G 160 9.90 41.34 30.05
CA VAL G 160 8.85 42.16 29.46
C VAL G 160 7.53 41.42 29.59
N LYS G 161 6.48 42.16 29.94
CA LYS G 161 5.11 41.65 29.96
C LYS G 161 4.26 42.55 29.06
N TRP G 162 3.41 41.94 28.25
CA TRP G 162 2.59 42.67 27.28
C TRP G 162 1.16 42.76 27.76
N SER G 163 0.47 43.83 27.33
CA SER G 163 -0.91 44.09 27.71
C SER G 163 -1.85 43.59 26.60
N ASN G 164 -3.12 43.95 26.71
CA ASN G 164 -4.13 43.53 25.75
C ASN G 164 -3.90 44.17 24.39
N THR G 165 -4.23 43.42 23.32
CA THR G 165 -4.00 43.84 21.94
C THR G 165 -5.19 43.54 21.04
N THR G 166 -6.40 43.85 21.49
CA THR G 166 -7.60 43.64 20.69
C THR G 166 -8.53 44.84 20.85
N VAL G 167 -9.03 45.36 19.73
CA VAL G 167 -9.87 46.54 19.71
C VAL G 167 -11.35 46.20 19.51
N GLU G 168 -11.66 45.00 19.02
CA GLU G 168 -13.02 44.54 18.70
C GLU G 168 -13.68 45.44 17.64
N ALA G 169 -13.13 45.30 16.42
CA ALA G 169 -13.65 45.99 15.24
C ALA G 169 -15.13 45.72 15.04
N ALA G 170 -15.81 46.68 14.39
CA ALA G 170 -17.26 46.70 14.29
C ALA G 170 -17.78 46.57 12.86
N LEU G 171 -16.89 46.62 11.87
CA LEU G 171 -17.31 46.78 10.48
C LEU G 171 -17.15 45.46 9.75
N GLN G 172 -18.21 45.03 9.06
CA GLN G 172 -18.21 43.79 8.30
C GLN G 172 -18.40 44.13 6.82
N VAL G 173 -17.41 43.75 6.00
CA VAL G 173 -17.37 44.09 4.60
C VAL G 173 -17.42 42.79 3.80
N ALA G 174 -18.46 42.61 3.01
CA ALA G 174 -18.55 41.42 2.17
C ALA G 174 -17.65 41.59 0.94
N HIS G 175 -17.24 40.46 0.38
CA HIS G 175 -16.50 40.48 -0.87
C HIS G 175 -17.40 40.95 -2.00
N ALA G 176 -16.92 41.93 -2.76
CA ALA G 176 -17.68 42.45 -3.88
C ALA G 176 -17.73 41.41 -5.00
N ILE G 177 -18.95 41.15 -5.50
CA ILE G 177 -19.17 40.12 -6.49
C ILE G 177 -20.08 40.65 -7.59
N SER G 178 -20.17 39.88 -8.67
CA SER G 178 -20.92 40.27 -9.85
C SER G 178 -22.30 39.62 -9.88
N THR G 179 -23.17 40.20 -10.70
CA THR G 179 -24.54 39.72 -10.88
C THR G 179 -24.68 38.79 -12.07
N HIS G 180 -23.58 38.39 -12.70
CA HIS G 180 -23.61 37.54 -13.88
C HIS G 180 -22.35 36.69 -13.88
N ILE G 181 -22.02 36.13 -15.03
CA ILE G 181 -20.85 35.28 -15.19
C ILE G 181 -19.74 36.10 -15.84
N ALA G 182 -18.55 36.05 -15.25
CA ALA G 182 -17.41 36.79 -15.77
C ALA G 182 -16.83 36.10 -16.99
N ARG G 183 -16.35 36.91 -17.93
CA ARG G 183 -15.76 36.41 -19.18
C ARG G 183 -14.40 37.06 -19.39
N PRO G 184 -13.30 36.30 -19.34
CA PRO G 184 -11.97 36.92 -19.41
C PRO G 184 -11.51 37.15 -20.84
N GLU G 185 -10.76 38.23 -21.03
CA GLU G 185 -10.23 38.64 -22.33
C GLU G 185 -8.74 38.97 -22.21
N ILE G 186 -7.98 38.57 -23.22
CA ILE G 186 -6.54 38.82 -23.29
C ILE G 186 -6.28 39.99 -24.23
N ASP G 187 -5.54 40.98 -23.75
CA ASP G 187 -5.10 42.12 -24.55
C ASP G 187 -3.62 41.95 -24.89
N TYR G 188 -3.30 41.98 -26.17
CA TYR G 188 -1.92 41.85 -26.64
C TYR G 188 -1.30 43.23 -26.83
N PHE G 189 -0.02 43.35 -26.49
CA PHE G 189 0.71 44.61 -26.58
C PHE G 189 2.08 44.38 -27.22
N VAL G 190 2.75 45.49 -27.54
CA VAL G 190 4.08 45.45 -28.14
C VAL G 190 4.81 46.76 -27.83
N ALA G 191 6.12 46.64 -27.57
CA ALA G 191 6.93 47.83 -27.31
C ALA G 191 7.20 48.63 -28.58
N ALA G 192 7.70 47.96 -29.63
CA ALA G 192 7.81 48.53 -30.99
C ALA G 192 8.71 49.76 -31.01
N ASP G 193 10.02 49.48 -30.91
CA ASP G 193 11.10 50.47 -30.79
C ASP G 193 10.93 51.70 -31.67
N ASP G 194 11.33 52.85 -31.13
CA ASP G 194 11.48 54.07 -31.90
C ASP G 194 12.67 54.02 -32.86
N VAL G 195 13.81 53.51 -32.41
CA VAL G 195 15.03 53.51 -33.23
C VAL G 195 15.00 52.32 -34.19
N PRO G 196 15.10 52.56 -35.50
CA PRO G 196 15.12 51.45 -36.46
C PRO G 196 16.47 50.74 -36.44
N GLY G 197 16.46 49.53 -36.99
CA GLY G 197 17.67 48.72 -37.07
C GLY G 197 17.38 47.25 -37.27
N ILE G 205 5.27 39.65 -28.40
CA ILE G 205 3.92 40.08 -28.06
C ILE G 205 3.60 39.62 -26.65
N GLY G 206 3.07 40.53 -25.83
CA GLY G 206 2.75 40.21 -24.46
C GLY G 206 1.27 39.90 -24.26
N GLU G 207 0.93 39.65 -23.00
CA GLU G 207 -0.44 39.25 -22.66
C GLU G 207 -0.88 39.93 -21.37
N SER G 208 -2.00 40.65 -21.46
CA SER G 208 -2.61 41.31 -20.32
C SER G 208 -4.09 40.96 -20.27
N MET G 209 -4.61 40.80 -19.06
CA MET G 209 -5.96 40.26 -18.85
C MET G 209 -6.87 41.35 -18.27
N PHE G 210 -8.14 41.31 -18.67
CA PHE G 210 -9.16 42.16 -18.07
C PHE G 210 -10.53 41.56 -18.33
N ALA G 211 -11.52 42.06 -17.59
CA ALA G 211 -12.91 41.66 -17.78
C ALA G 211 -13.79 42.78 -17.24
N SER G 212 -15.10 42.64 -17.46
CA SER G 212 -16.06 43.64 -17.04
C SER G 212 -17.18 42.99 -16.25
N ALA G 213 -17.69 43.71 -15.25
CA ALA G 213 -18.77 43.19 -14.42
C ALA G 213 -19.50 44.34 -13.74
N CYS G 214 -20.76 44.08 -13.39
CA CYS G 214 -21.57 44.96 -12.57
C CYS G 214 -21.65 44.36 -11.17
N PHE G 215 -21.47 45.20 -10.16
CA PHE G 215 -21.23 44.73 -8.80
C PHE G 215 -22.34 45.14 -7.84
N TYR G 216 -22.47 44.35 -6.78
CA TYR G 216 -23.28 44.68 -5.61
C TYR G 216 -22.36 44.64 -4.39
N LYS G 217 -22.56 45.57 -3.46
CA LYS G 217 -21.75 45.65 -2.25
C LYS G 217 -22.62 45.70 -1.01
N TYR G 218 -22.08 45.20 0.10
CA TYR G 218 -22.77 45.18 1.38
C TYR G 218 -21.83 45.67 2.47
N PHE G 219 -22.26 46.71 3.19
CA PHE G 219 -21.54 47.21 4.35
C PHE G 219 -22.48 47.29 5.54
N SER G 220 -22.00 46.85 6.69
CA SER G 220 -22.80 46.86 7.91
C SER G 220 -21.97 47.42 9.05
N ILE G 221 -22.55 48.34 9.82
CA ILE G 221 -21.84 49.03 10.88
C ILE G 221 -22.64 48.93 12.17
N ASP G 222 -21.98 48.57 13.27
CA ASP G 222 -22.59 48.51 14.58
C ASP G 222 -22.30 49.81 15.32
N TRP G 223 -23.33 50.66 15.46
CA TRP G 223 -23.16 52.01 16.00
C TRP G 223 -22.69 51.97 17.45
N GLU G 224 -23.22 51.04 18.25
CA GLU G 224 -22.82 50.95 19.65
C GLU G 224 -21.36 50.56 19.79
N GLN G 225 -20.90 49.57 19.02
CA GLN G 225 -19.51 49.18 19.08
C GLN G 225 -18.60 50.26 18.50
N LEU G 226 -19.07 50.97 17.47
CA LEU G 226 -18.29 52.08 16.93
C LEU G 226 -18.08 53.18 17.96
N VAL G 227 -19.14 53.50 18.73
CA VAL G 227 -19.01 54.49 19.80
C VAL G 227 -18.09 53.97 20.90
N LYS G 228 -18.25 52.70 21.29
CA LYS G 228 -17.47 52.15 22.40
C LYS G 228 -16.00 51.98 22.04
N ASN G 229 -15.68 51.87 20.75
CA ASN G 229 -14.28 51.71 20.37
C ASN G 229 -13.53 53.04 20.35
N LEU G 230 -14.25 54.16 20.32
CA LEU G 230 -13.66 55.49 20.41
C LEU G 230 -13.74 56.07 21.81
N LYS G 231 -14.23 55.29 22.78
CA LYS G 231 -14.44 55.71 24.17
C LYS G 231 -15.34 56.95 24.24
N GLY G 232 -16.55 56.78 23.73
CA GLY G 232 -17.51 57.86 23.70
C GLY G 232 -17.32 58.75 22.49
N ASP G 233 -17.63 60.03 22.68
CA ASP G 233 -17.53 61.10 21.68
C ASP G 233 -18.39 60.69 20.48
N THR G 234 -19.70 60.76 20.69
CA THR G 234 -20.65 60.43 19.62
C THR G 234 -20.49 61.36 18.41
N ASN G 235 -19.88 62.53 18.59
CA ASN G 235 -19.56 63.39 17.46
C ASN G 235 -18.55 62.76 16.52
N LEU G 236 -17.53 62.06 17.05
CA LEU G 236 -16.58 61.37 16.19
C LEU G 236 -17.24 60.21 15.47
N ALA G 237 -18.11 59.48 16.17
CA ALA G 237 -18.81 58.37 15.54
C ALA G 237 -19.70 58.87 14.41
N ALA G 238 -20.41 59.98 14.63
CA ALA G 238 -21.23 60.58 13.59
C ALA G 238 -20.39 61.08 12.42
N HIS G 239 -19.28 61.76 12.72
CA HIS G 239 -18.40 62.25 11.66
C HIS G 239 -17.81 61.10 10.86
N THR G 240 -17.44 60.01 11.54
CA THR G 240 -16.87 58.86 10.84
C THR G 240 -17.93 58.13 10.03
N VAL G 241 -19.18 58.08 10.52
CA VAL G 241 -20.27 57.48 9.75
C VAL G 241 -20.50 58.28 8.47
N GLY G 242 -20.62 59.60 8.60
CA GLY G 242 -20.82 60.44 7.43
C GLY G 242 -19.65 60.38 6.46
N ALA G 243 -18.43 60.39 7.00
CA ALA G 243 -17.24 60.38 6.16
C ALA G 243 -17.07 59.04 5.45
N PHE G 244 -17.40 57.94 6.13
CA PHE G 244 -17.27 56.63 5.50
C PHE G 244 -18.37 56.40 4.47
N LEU G 245 -19.58 56.91 4.73
CA LEU G 245 -20.64 56.83 3.72
C LEU G 245 -20.28 57.66 2.49
N LEU G 246 -19.75 58.88 2.70
CA LEU G 246 -19.30 59.70 1.59
C LEU G 246 -18.13 59.07 0.87
N ALA G 247 -17.26 58.37 1.60
CA ALA G 247 -16.13 57.71 0.98
C ALA G 247 -16.59 56.52 0.14
N ALA G 248 -17.45 55.67 0.69
CA ALA G 248 -17.95 54.52 -0.06
C ALA G 248 -18.80 54.94 -1.26
N ALA G 249 -19.44 56.11 -1.19
CA ALA G 249 -20.21 56.58 -2.34
C ALA G 249 -19.30 56.97 -3.50
N LYS G 250 -18.07 57.42 -3.21
CA LYS G 250 -17.11 57.78 -4.26
C LYS G 250 -15.71 57.33 -3.85
N THR G 251 -15.36 56.09 -4.17
CA THR G 251 -14.00 55.57 -4.01
C THR G 251 -13.84 54.33 -4.87
N ASN G 252 -12.71 54.23 -5.56
CA ASN G 252 -12.36 53.13 -6.45
C ASN G 252 -10.91 52.77 -6.18
N PRO G 253 -10.53 51.48 -6.28
CA PRO G 253 -9.11 51.12 -6.19
C PRO G 253 -8.30 51.76 -7.30
N SER G 254 -7.05 52.11 -6.99
CA SER G 254 -6.12 52.66 -7.96
C SER G 254 -5.32 51.54 -8.63
N GLY G 255 -6.05 50.64 -9.28
CA GLY G 255 -5.43 49.54 -9.97
C GLY G 255 -5.37 49.74 -11.47
N LYS G 256 -4.19 50.12 -11.97
CA LYS G 256 -3.93 50.34 -13.39
C LYS G 256 -4.86 51.39 -13.99
N GLN G 257 -5.33 52.33 -13.17
CA GLN G 257 -6.25 53.37 -13.62
C GLN G 257 -5.63 54.32 -14.63
N ASN G 258 -4.30 54.36 -14.72
CA ASN G 258 -3.64 55.19 -15.72
C ASN G 258 -3.91 54.70 -17.14
N SER G 259 -4.19 53.40 -17.31
CA SER G 259 -4.51 52.83 -18.61
C SER G 259 -5.84 52.09 -18.63
N PHE G 260 -6.44 51.80 -17.49
CA PHE G 260 -7.72 51.12 -17.35
C PHE G 260 -8.69 51.98 -16.56
N ALA G 261 -8.81 53.25 -16.95
CA ALA G 261 -9.57 54.23 -16.19
C ALA G 261 -11.05 53.85 -16.12
N ALA G 262 -11.54 53.63 -14.90
CA ALA G 262 -12.89 53.14 -14.63
C ALA G 262 -13.55 53.96 -13.52
N HIS G 263 -13.50 55.28 -13.66
CA HIS G 263 -14.10 56.18 -12.67
C HIS G 263 -15.62 56.15 -12.76
N ASN G 264 -16.24 55.12 -12.17
CA ASN G 264 -17.68 54.95 -12.19
C ASN G 264 -18.24 55.03 -10.77
N TYR G 265 -19.50 55.65 -10.63
CA TYR G 265 -20.27 55.80 -9.41
C TYR G 265 -21.34 54.72 -9.31
N PRO G 266 -21.81 54.40 -8.09
CA PRO G 266 -22.92 53.46 -7.96
C PRO G 266 -24.20 54.00 -8.59
N ASP G 267 -24.98 53.09 -9.18
CA ASP G 267 -26.27 53.47 -9.75
C ASP G 267 -27.36 53.55 -8.70
N GLY G 268 -27.32 52.70 -7.69
CA GLY G 268 -28.35 52.70 -6.66
C GLY G 268 -27.78 52.55 -5.26
N ILE G 269 -28.27 53.36 -4.32
CA ILE G 269 -27.74 53.37 -2.96
C ILE G 269 -28.90 53.13 -2.00
N LEU G 270 -28.74 52.14 -1.13
CA LEU G 270 -29.79 51.71 -0.20
C LEU G 270 -29.22 51.63 1.21
N VAL G 271 -30.01 52.10 2.18
CA VAL G 271 -29.70 51.93 3.59
C VAL G 271 -30.93 51.33 4.27
N GLU G 272 -30.70 50.57 5.34
CA GLU G 272 -31.77 50.03 6.17
C GLU G 272 -31.33 50.12 7.63
N PHE G 273 -32.31 50.13 8.54
CA PHE G 273 -32.05 50.21 9.96
C PHE G 273 -32.73 49.05 10.67
N LYS G 274 -31.93 48.16 11.25
CA LYS G 274 -32.43 47.02 12.01
C LYS G 274 -31.32 46.48 12.89
N ASN G 275 -31.72 45.83 13.99
CA ASN G 275 -30.79 45.37 15.01
C ASN G 275 -30.04 44.09 14.65
N SER G 276 -30.18 43.61 13.42
CA SER G 276 -29.55 42.35 13.02
C SER G 276 -28.83 42.52 11.70
N PRO G 277 -27.79 41.71 11.46
CA PRO G 277 -27.16 41.71 10.13
C PRO G 277 -27.81 40.73 9.17
N ILE G 278 -28.26 41.23 8.02
CA ILE G 278 -28.84 40.40 6.97
C ILE G 278 -28.24 40.82 5.64
N SER G 279 -27.68 39.87 4.90
CA SER G 279 -27.18 40.14 3.57
C SER G 279 -28.21 39.71 2.52
N TYR G 280 -28.17 40.38 1.38
CA TYR G 280 -29.02 40.04 0.24
C TYR G 280 -28.17 39.40 -0.85
N ALA G 281 -27.21 38.58 -0.44
CA ALA G 281 -26.31 37.93 -1.39
C ALA G 281 -27.02 36.86 -2.20
N ASN G 282 -28.14 36.33 -1.70
CA ASN G 282 -28.88 35.32 -2.45
C ASN G 282 -29.71 35.90 -3.57
N ALA G 283 -29.79 37.23 -3.68
CA ALA G 283 -30.52 37.84 -4.78
C ALA G 283 -29.86 37.58 -6.12
N PHE G 284 -28.58 37.26 -6.14
CA PHE G 284 -27.83 36.97 -7.34
C PHE G 284 -27.35 35.52 -7.36
N VAL G 285 -28.15 34.63 -6.76
CA VAL G 285 -27.93 33.19 -6.95
C VAL G 285 -28.12 32.82 -8.42
N ARG G 286 -29.17 33.36 -9.05
CA ARG G 286 -29.38 33.19 -10.48
C ARG G 286 -28.68 34.31 -11.23
N PRO G 287 -27.62 34.03 -11.99
CA PRO G 287 -26.92 35.10 -12.71
C PRO G 287 -27.79 35.70 -13.80
N VAL G 288 -27.64 37.01 -13.99
CA VAL G 288 -28.55 37.77 -14.82
C VAL G 288 -28.16 37.63 -16.28
N SER G 289 -29.12 37.21 -17.11
CA SER G 289 -28.96 37.18 -18.55
C SER G 289 -29.73 38.34 -19.16
N VAL G 290 -29.15 38.96 -20.18
CA VAL G 290 -29.67 40.23 -20.70
C VAL G 290 -30.78 39.96 -21.70
N VAL G 291 -31.87 40.71 -21.58
CA VAL G 291 -32.89 40.76 -22.62
C VAL G 291 -32.64 42.01 -23.45
N LYS G 292 -33.26 42.07 -24.62
CA LYS G 292 -33.07 43.22 -25.51
C LYS G 292 -33.81 44.47 -25.02
N GLU G 293 -34.93 44.31 -24.32
CA GLU G 293 -35.78 45.42 -23.94
C GLU G 293 -35.30 46.14 -22.68
N SER G 294 -34.23 45.66 -22.04
CA SER G 294 -33.73 46.29 -20.82
C SER G 294 -32.23 46.06 -20.75
N ASP G 295 -31.60 46.63 -19.73
CA ASP G 295 -30.16 46.51 -19.50
C ASP G 295 -29.90 45.65 -18.28
N LEU G 296 -28.61 45.42 -18.01
CA LEU G 296 -28.20 44.56 -16.91
C LEU G 296 -28.53 45.18 -15.55
N VAL G 297 -28.32 46.50 -15.42
CA VAL G 297 -28.46 47.17 -14.13
C VAL G 297 -29.92 47.16 -13.67
N GLU G 298 -30.85 47.41 -14.60
CA GLU G 298 -32.27 47.39 -14.25
C GLU G 298 -32.71 45.99 -13.82
N GLN G 299 -32.20 44.96 -14.49
CA GLN G 299 -32.52 43.59 -14.10
C GLN G 299 -31.95 43.29 -12.71
N SER G 300 -30.76 43.78 -12.41
CA SER G 300 -30.16 43.56 -11.09
C SER G 300 -30.95 44.26 -9.98
N ILE G 301 -31.36 45.51 -10.21
CA ILE G 301 -32.08 46.21 -9.15
C ILE G 301 -33.48 45.61 -8.99
N GLY G 302 -34.07 45.12 -10.08
CA GLY G 302 -35.33 44.41 -9.95
C GLY G 302 -35.20 43.12 -9.16
N GLN G 303 -34.10 42.39 -9.37
CA GLN G 303 -33.85 41.19 -8.58
C GLN G 303 -33.68 41.52 -7.10
N LEU G 304 -32.91 42.57 -6.80
CA LEU G 304 -32.75 42.98 -5.40
C LEU G 304 -34.08 43.45 -4.82
N SER G 305 -34.90 44.14 -5.61
CA SER G 305 -36.18 44.63 -5.12
C SER G 305 -37.13 43.49 -4.79
N ASN G 306 -37.23 42.50 -5.68
CA ASN G 306 -38.04 41.32 -5.40
C ASN G 306 -37.53 40.55 -4.19
N TYR G 307 -36.20 40.43 -4.08
CA TYR G 307 -35.62 39.74 -2.93
C TYR G 307 -35.89 40.47 -1.63
N VAL G 308 -35.81 41.81 -1.65
CA VAL G 308 -36.03 42.60 -0.45
C VAL G 308 -37.48 42.53 -0.02
N ASN G 309 -38.41 42.60 -0.99
CA ASN G 309 -39.82 42.40 -0.68
C ASN G 309 -40.06 41.02 -0.08
N ASP G 310 -39.41 39.99 -0.62
CA ASP G 310 -39.63 38.63 -0.15
C ASP G 310 -39.07 38.41 1.25
N ILE G 311 -37.87 38.94 1.53
CA ILE G 311 -37.31 38.78 2.87
C ILE G 311 -38.05 39.62 3.89
N ARG G 312 -38.44 40.86 3.52
CA ARG G 312 -39.18 41.72 4.43
C ARG G 312 -40.56 41.15 4.75
N LEU G 313 -41.18 40.47 3.78
CA LEU G 313 -42.39 39.71 4.07
C LEU G 313 -42.09 38.31 4.61
N GLY G 314 -40.82 37.95 4.75
CA GLY G 314 -40.44 36.64 5.22
C GLY G 314 -40.14 36.52 6.70
N TYR G 315 -39.53 37.54 7.29
CA TYR G 315 -39.08 37.49 8.69
C TYR G 315 -39.64 38.66 9.51
N TYR G 316 -40.86 39.11 9.21
CA TYR G 316 -41.36 40.34 9.82
C TYR G 316 -41.66 40.13 11.30
N ASP G 317 -41.13 41.01 12.13
CA ASP G 317 -41.36 41.00 13.57
C ASP G 317 -41.92 42.35 13.98
N GLU G 318 -43.00 42.33 14.76
CA GLU G 318 -43.64 43.57 15.19
C GLU G 318 -42.83 44.33 16.24
N GLN G 319 -41.83 43.70 16.84
CA GLN G 319 -41.03 44.32 17.89
C GLN G 319 -39.84 45.09 17.35
N SER G 320 -39.51 44.95 16.07
CA SER G 320 -38.33 45.58 15.50
C SER G 320 -38.65 46.10 14.11
N PRO G 321 -39.14 47.33 14.00
CA PRO G 321 -39.46 47.89 12.69
C PRO G 321 -38.20 48.20 11.89
N VAL G 322 -38.35 48.18 10.57
CA VAL G 322 -37.27 48.43 9.62
C VAL G 322 -37.58 49.70 8.85
N ILE G 323 -36.64 50.63 8.84
CA ILE G 323 -36.77 51.90 8.12
C ILE G 323 -35.69 51.93 7.06
N GLY G 324 -36.07 52.24 5.83
CA GLY G 324 -35.14 52.20 4.71
C GLY G 324 -35.31 53.39 3.81
N PHE G 325 -34.16 53.90 3.34
CA PHE G 325 -34.10 55.01 2.40
C PHE G 325 -33.60 54.50 1.06
N TRP G 326 -34.14 55.05 -0.02
CA TRP G 326 -33.70 54.71 -1.37
C TRP G 326 -33.22 55.97 -2.08
N PHE G 327 -32.11 55.85 -2.81
CA PHE G 327 -31.52 56.98 -3.51
C PHE G 327 -31.19 56.57 -4.94
N SER G 328 -31.55 57.44 -5.89
CA SER G 328 -31.27 57.23 -7.30
C SER G 328 -30.82 58.54 -7.94
N PRO G 329 -29.94 58.49 -8.97
CA PRO G 329 -29.46 59.74 -9.57
C PRO G 329 -30.54 60.44 -10.37
N ASN G 330 -31.07 61.52 -9.81
CA ASN G 330 -32.26 62.21 -10.33
C ASN G 330 -33.42 61.24 -10.51
N ASN G 331 -33.54 60.30 -9.56
CA ASN G 331 -34.56 59.24 -9.55
C ASN G 331 -34.53 58.43 -10.85
N ARG G 332 -33.32 58.03 -11.26
CA ARG G 332 -33.15 57.24 -12.47
C ARG G 332 -33.68 55.81 -12.28
N TYR G 333 -33.32 55.18 -11.17
CA TYR G 333 -33.66 53.77 -10.92
C TYR G 333 -34.55 53.65 -9.69
N PRO G 334 -35.87 53.60 -9.87
CA PRO G 334 -36.75 53.34 -8.73
C PRO G 334 -36.62 51.92 -8.21
N LEU G 335 -36.86 51.75 -6.91
CA LEU G 335 -36.82 50.43 -6.30
C LEU G 335 -38.14 49.69 -6.49
N GLY G 336 -39.22 50.26 -5.96
CA GLY G 336 -40.54 49.65 -6.08
C GLY G 336 -41.22 50.00 -7.38
N TYR G 337 -40.79 49.34 -8.46
CA TYR G 337 -41.26 49.69 -9.80
C TYR G 337 -42.73 49.33 -9.99
N LYS G 338 -43.12 48.12 -9.61
CA LYS G 338 -44.47 47.65 -9.96
C LYS G 338 -45.52 48.16 -8.98
N HIS G 339 -45.46 47.70 -7.72
CA HIS G 339 -46.48 48.08 -6.74
C HIS G 339 -45.95 48.38 -5.34
N SER G 340 -44.80 47.88 -4.95
CA SER G 340 -44.38 47.90 -3.55
C SER G 340 -43.75 49.23 -3.18
N LYS G 341 -44.14 49.77 -2.02
CA LYS G 341 -43.45 50.91 -1.41
C LYS G 341 -42.50 50.39 -0.33
N LEU G 342 -41.48 49.68 -0.80
CA LEU G 342 -40.53 49.03 0.09
C LEU G 342 -39.73 50.04 0.90
N ALA G 343 -39.29 51.12 0.26
CA ALA G 343 -38.52 52.14 0.94
C ALA G 343 -39.44 53.14 1.63
N SER G 344 -39.02 53.59 2.81
CA SER G 344 -39.81 54.58 3.55
C SER G 344 -39.78 55.94 2.88
N ARG G 345 -38.68 56.27 2.20
CA ARG G 345 -38.55 57.57 1.56
C ARG G 345 -37.50 57.48 0.45
N ASN G 346 -37.74 58.20 -0.64
CA ASN G 346 -36.81 58.27 -1.76
C ASN G 346 -36.19 59.65 -1.82
N ILE G 347 -34.85 59.70 -1.89
CA ILE G 347 -34.09 60.94 -1.87
C ILE G 347 -33.33 61.04 -3.18
N GLY G 348 -33.31 62.25 -3.76
CA GLY G 348 -32.65 62.49 -5.02
C GLY G 348 -31.22 62.95 -4.97
N ASN G 349 -30.68 63.26 -3.79
CA ASN G 349 -29.32 63.76 -3.68
C ASN G 349 -28.58 63.04 -2.55
N LEU G 350 -27.26 62.93 -2.72
CA LEU G 350 -26.43 62.17 -1.80
C LEU G 350 -26.24 62.88 -0.47
N ASN G 351 -26.07 64.21 -0.51
CA ASN G 351 -25.78 64.98 0.69
C ASN G 351 -26.94 64.95 1.68
N GLU G 352 -28.16 65.18 1.19
CA GLU G 352 -29.32 65.09 2.07
C GLU G 352 -29.59 63.65 2.51
N LEU G 353 -29.15 62.67 1.72
CA LEU G 353 -29.26 61.28 2.15
C LEU G 353 -28.40 61.00 3.37
N VAL G 354 -27.13 61.41 3.32
CA VAL G 354 -26.24 61.21 4.47
C VAL G 354 -26.70 62.08 5.64
N GLY G 355 -27.23 63.27 5.37
CA GLY G 355 -27.76 64.11 6.43
C GLY G 355 -28.96 63.49 7.13
N ALA G 356 -29.88 62.90 6.35
CA ALA G 356 -31.01 62.19 6.94
C ALA G 356 -30.56 60.94 7.69
N VAL G 357 -29.49 60.29 7.22
CA VAL G 357 -28.92 59.16 7.95
C VAL G 357 -28.43 59.62 9.32
N LEU G 358 -27.71 60.74 9.36
CA LEU G 358 -27.22 61.28 10.64
C LEU G 358 -28.38 61.72 11.53
N ASP G 359 -29.42 62.31 10.94
CA ASP G 359 -30.60 62.71 11.71
C ASP G 359 -31.30 61.51 12.32
N TYR G 360 -31.43 60.42 11.57
CA TYR G 360 -32.02 59.20 12.13
C TYR G 360 -31.12 58.58 13.18
N ILE G 361 -29.80 58.70 13.03
CA ILE G 361 -28.89 58.15 14.03
C ILE G 361 -29.05 58.88 15.35
N GLY G 362 -28.80 60.19 15.36
CA GLY G 362 -29.05 60.95 16.57
C GLY G 362 -29.47 62.40 16.42
N GLY G 363 -29.96 62.79 15.24
CA GLY G 363 -30.27 64.19 15.00
C GLY G 363 -29.07 65.05 14.67
N PHE G 364 -27.93 64.45 14.35
CA PHE G 364 -26.71 65.21 14.12
C PHE G 364 -26.72 65.90 12.76
N LYS G 365 -26.26 67.14 12.75
CA LYS G 365 -26.10 67.91 11.53
C LYS G 365 -24.65 67.85 11.07
N TRP G 366 -24.45 67.91 9.76
CA TRP G 366 -23.13 67.72 9.18
C TRP G 366 -22.19 68.90 9.41
N GLU G 367 -22.72 70.07 9.80
CA GLU G 367 -21.88 71.25 9.95
C GLU G 367 -20.99 71.15 11.19
N GLU G 368 -21.60 70.88 12.35
CA GLU G 368 -20.84 70.90 13.60
C GLU G 368 -19.99 69.66 13.80
N VAL G 369 -20.43 68.50 13.29
CA VAL G 369 -19.68 67.27 13.52
C VAL G 369 -18.41 67.20 12.67
N GLN G 370 -18.31 68.03 11.63
CA GLN G 370 -17.08 68.10 10.84
C GLN G 370 -15.95 68.78 11.60
N LYS G 371 -16.28 69.61 12.59
CA LYS G 371 -15.26 70.23 13.44
C LYS G 371 -14.56 69.20 14.31
N SER G 372 -15.15 68.03 14.51
CA SER G 372 -14.57 66.94 15.28
C SER G 372 -13.54 66.22 14.40
N LYS G 373 -12.37 66.84 14.25
CA LYS G 373 -11.36 66.26 13.36
C LYS G 373 -10.72 65.03 13.99
N ALA G 374 -10.00 65.22 15.10
CA ALA G 374 -9.27 64.16 15.82
C ALA G 374 -8.36 63.33 14.90
N MET H 1 -6.19 71.25 -11.39
CA MET H 1 -7.42 71.17 -12.15
C MET H 1 -7.55 69.79 -12.76
N LEU H 2 -8.62 69.08 -12.40
CA LEU H 2 -8.86 67.78 -13.01
C LEU H 2 -9.77 67.97 -14.21
N ILE H 3 -9.17 68.05 -15.38
CA ILE H 3 -9.95 68.26 -16.58
C ILE H 3 -10.29 66.91 -17.19
N GLU H 4 -11.49 66.74 -17.71
CA GLU H 4 -11.76 65.50 -18.44
C GLU H 4 -11.91 65.78 -19.93
N ILE H 5 -11.34 64.90 -20.75
CA ILE H 5 -11.38 65.08 -22.19
C ILE H 5 -12.11 63.96 -22.92
N HIS H 6 -13.36 64.18 -23.30
CA HIS H 6 -14.08 63.20 -24.09
C HIS H 6 -13.58 63.32 -25.52
N MET H 7 -13.76 62.29 -26.35
CA MET H 7 -13.38 62.37 -27.77
C MET H 7 -14.12 61.36 -28.64
N ILE H 8 -15.45 61.38 -28.61
CA ILE H 8 -16.23 60.44 -29.37
C ILE H 8 -15.88 60.53 -30.83
N GLN H 9 -15.51 59.40 -31.44
CA GLN H 9 -15.03 59.41 -32.83
C GLN H 9 -15.57 58.33 -33.72
N ASN H 10 -16.01 58.68 -34.93
CA ASN H 10 -16.42 57.66 -35.88
C ASN H 10 -15.15 57.00 -36.44
N HIS H 11 -15.02 55.68 -36.33
CA HIS H 11 -13.77 55.03 -36.76
C HIS H 11 -13.86 54.04 -37.91
N SER H 12 -12.73 53.49 -38.36
CA SER H 12 -12.75 52.66 -39.58
C SER H 12 -12.10 51.26 -39.61
N PRO H 13 -12.53 50.38 -40.53
CA PRO H 13 -11.94 49.03 -40.64
C PRO H 13 -10.54 49.07 -41.17
N ALA H 14 -10.12 50.20 -41.71
CA ALA H 14 -8.74 50.35 -42.19
C ALA H 14 -7.94 51.12 -41.16
N ASN H 15 -8.64 51.92 -40.35
CA ASN H 15 -7.98 52.65 -39.27
C ASN H 15 -8.71 52.47 -37.93
N LEU H 16 -8.41 51.41 -37.19
CA LEU H 16 -9.05 51.18 -35.88
C LEU H 16 -8.04 50.64 -34.85
N ASN H 17 -8.05 49.32 -34.60
CA ASN H 17 -7.14 48.71 -33.63
C ASN H 17 -7.07 47.21 -33.93
N ARG H 18 -5.93 46.70 -34.39
CA ARG H 18 -5.85 45.31 -34.81
C ARG H 18 -4.84 44.51 -34.07
N ASP H 19 -4.86 43.19 -34.23
CA ASP H 19 -3.96 42.36 -33.43
C ASP H 19 -3.55 40.99 -33.90
N ASP H 20 -3.01 40.18 -32.99
CA ASP H 20 -2.46 38.87 -33.31
C ASP H 20 -2.63 38.26 -34.72
N LEU H 21 -3.66 37.44 -34.92
CA LEU H 21 -3.81 36.76 -36.20
C LEU H 21 -4.68 37.56 -37.17
N GLY H 22 -4.83 38.87 -36.94
CA GLY H 22 -5.55 39.73 -37.86
C GLY H 22 -6.90 40.24 -37.39
N ALA H 23 -7.35 39.87 -36.20
CA ALA H 23 -8.68 40.27 -35.78
C ALA H 23 -8.63 41.61 -35.08
N PRO H 24 -9.67 42.45 -35.25
CA PRO H 24 -9.74 43.76 -34.56
C PRO H 24 -9.96 43.76 -33.02
N LYS H 25 -9.92 44.90 -32.34
CA LYS H 25 -9.98 44.90 -30.85
C LYS H 25 -11.34 44.55 -30.27
N THR H 26 -11.39 43.49 -29.48
CA THR H 26 -12.67 43.02 -28.97
C THR H 26 -12.87 42.92 -27.44
N CYS H 27 -13.68 43.80 -26.85
CA CYS H 27 -13.97 43.76 -25.39
C CYS H 27 -15.36 43.22 -25.00
N TYR H 28 -15.60 42.94 -23.72
CA TYR H 28 -16.88 42.35 -23.27
C TYR H 28 -17.75 43.18 -22.29
N PHE H 29 -17.72 44.51 -22.35
CA PHE H 29 -18.58 45.37 -21.51
C PHE H 29 -20.04 44.96 -21.62
N GLY H 30 -20.76 44.95 -20.50
CA GLY H 30 -22.17 44.63 -20.49
C GLY H 30 -22.46 43.19 -20.84
N GLY H 31 -21.43 42.36 -20.88
CA GLY H 31 -21.62 40.98 -21.25
C GLY H 31 -21.93 40.76 -22.72
N VAL H 32 -21.51 41.67 -23.59
CA VAL H 32 -21.71 41.49 -25.04
C VAL H 32 -20.48 42.02 -25.80
N LEU H 33 -19.95 41.24 -26.76
CA LEU H 33 -18.79 41.64 -27.55
C LEU H 33 -18.99 43.05 -28.09
N ARG H 34 -18.03 43.89 -27.72
CA ARG H 34 -18.04 45.24 -28.18
C ARG H 34 -16.67 45.38 -28.81
N SER H 35 -16.16 46.59 -28.93
CA SER H 35 -14.81 46.80 -29.44
C SER H 35 -14.12 47.82 -28.54
N ARG H 36 -12.87 47.58 -28.18
CA ARG H 36 -12.15 48.48 -27.25
C ARG H 36 -10.99 49.24 -27.90
N ILE H 37 -10.41 50.22 -27.20
CA ILE H 37 -9.22 50.89 -27.76
C ILE H 37 -8.02 50.90 -26.81
N SER H 38 -6.96 50.16 -27.14
CA SER H 38 -5.78 50.09 -26.27
C SER H 38 -5.32 51.45 -25.77
N SER H 39 -5.03 51.51 -24.47
CA SER H 39 -4.43 52.70 -23.91
C SER H 39 -3.02 52.49 -24.34
N GLN H 40 -2.74 51.34 -24.96
CA GLN H 40 -1.40 51.06 -25.48
C GLN H 40 -1.26 51.63 -26.88
N CYS H 41 -2.10 51.17 -27.82
CA CYS H 41 -2.09 51.71 -29.17
C CYS H 41 -1.92 53.18 -29.20
N ILE H 42 -2.81 53.88 -28.54
CA ILE H 42 -2.76 55.32 -28.61
C ILE H 42 -1.47 55.91 -28.08
N LYS H 43 -0.65 55.12 -27.41
CA LYS H 43 0.56 55.65 -26.82
C LYS H 43 1.69 55.82 -27.82
N ARG H 44 1.92 54.83 -28.66
CA ARG H 44 2.94 54.98 -29.70
C ARG H 44 2.22 55.54 -30.90
N SER H 45 1.37 56.51 -30.67
CA SER H 45 0.64 57.10 -31.76
C SER H 45 0.39 58.56 -31.46
N ILE H 46 0.42 58.95 -30.20
CA ILE H 46 0.28 60.37 -29.89
C ILE H 46 1.63 60.96 -30.12
N ARG H 47 2.67 60.14 -30.03
CA ARG H 47 4.02 60.61 -30.30
C ARG H 47 4.12 61.29 -31.67
N THR H 48 3.85 60.56 -32.74
CA THR H 48 3.97 61.14 -34.09
C THR H 48 2.67 61.59 -34.63
N SER H 49 1.81 62.06 -33.75
CA SER H 49 0.54 62.58 -34.19
C SER H 49 0.78 63.68 -35.21
N ASN H 50 -0.10 63.80 -36.19
CA ASN H 50 0.05 64.82 -37.24
C ASN H 50 0.63 66.12 -36.72
N ASP H 51 0.05 66.65 -35.64
CA ASP H 51 0.55 67.87 -35.06
C ASP H 51 1.16 67.61 -33.70
N PHE H 52 2.22 66.80 -33.63
CA PHE H 52 2.89 66.56 -32.36
C PHE H 52 4.40 66.52 -32.44
N LYS H 53 4.97 67.49 -33.15
CA LYS H 53 6.41 67.55 -33.30
C LYS H 53 7.02 68.68 -32.47
N ALA H 54 6.22 69.69 -32.15
CA ALA H 54 6.68 70.83 -31.33
C ALA H 54 6.91 70.57 -29.83
N LEU H 55 6.37 69.49 -29.26
CA LEU H 55 6.63 69.14 -27.85
C LEU H 55 6.76 67.61 -27.76
N LEU H 56 7.97 67.08 -27.89
CA LEU H 56 8.12 65.63 -27.92
C LEU H 56 9.52 65.16 -27.68
N GLY H 57 9.89 64.99 -26.42
CA GLY H 57 11.23 64.53 -26.08
C GLY H 57 11.32 63.14 -25.47
N GLY H 58 11.20 62.11 -26.31
CA GLY H 58 11.24 60.75 -25.80
C GLY H 58 12.02 59.75 -26.62
N VAL H 59 13.33 59.70 -26.44
CA VAL H 59 14.08 58.71 -27.14
C VAL H 59 14.09 57.43 -26.37
N ARG H 60 13.18 56.54 -26.71
CA ARG H 60 13.16 55.23 -26.07
C ARG H 60 13.79 54.26 -27.05
N THR H 61 14.51 53.29 -26.53
CA THR H 61 15.19 52.39 -27.41
C THR H 61 15.54 51.11 -26.71
N ARG H 62 16.04 50.13 -27.44
CA ARG H 62 16.47 48.90 -26.83
C ARG H 62 17.88 48.73 -27.29
N ARG H 63 18.50 49.83 -27.71
CA ARG H 63 19.91 49.80 -28.14
C ARG H 63 20.67 51.10 -27.90
N LEU H 64 21.61 51.10 -26.96
CA LEU H 64 22.32 52.33 -26.64
C LEU H 64 23.78 52.14 -26.94
N ALA H 65 24.07 51.42 -28.03
CA ALA H 65 25.47 51.14 -28.41
C ALA H 65 25.77 51.55 -29.85
N ASP H 66 24.92 51.16 -30.78
CA ASP H 66 25.09 51.60 -32.14
C ASP H 66 24.79 53.05 -32.05
N LEU H 67 23.89 53.39 -31.15
CA LEU H 67 23.52 54.78 -30.98
C LEU H 67 24.65 55.60 -30.35
N ILE H 68 25.71 54.95 -29.89
CA ILE H 68 26.78 55.68 -29.21
C ILE H 68 27.79 56.32 -30.17
N GLN H 69 28.27 55.57 -31.15
CA GLN H 69 29.17 56.15 -32.14
C GLN H 69 28.28 56.91 -33.11
N GLN H 70 27.57 57.91 -32.60
CA GLN H 70 26.63 58.66 -33.43
C GLN H 70 26.91 60.15 -33.32
N GLU H 71 26.98 60.66 -32.08
CA GLU H 71 27.33 62.07 -31.89
C GLU H 71 28.81 62.15 -31.59
N ALA H 72 29.54 61.09 -31.92
CA ALA H 72 30.97 61.07 -31.65
C ALA H 72 31.75 60.85 -32.93
N GLY H 73 32.99 61.33 -32.97
CA GLY H 73 33.82 61.15 -34.14
C GLY H 73 34.91 60.14 -33.91
N GLU H 74 34.80 59.37 -32.83
CA GLU H 74 35.79 58.36 -32.52
C GLU H 74 35.60 57.12 -33.35
N THR H 75 35.96 57.19 -34.64
CA THR H 75 35.78 56.05 -35.52
C THR H 75 36.89 55.01 -35.33
N GLU H 76 36.84 54.27 -34.22
CA GLU H 76 37.87 53.28 -33.93
C GLU H 76 37.50 52.36 -32.78
N CYS H 77 36.22 52.34 -32.40
CA CYS H 77 35.84 51.56 -31.21
C CYS H 77 34.41 51.08 -31.11
N TRP H 78 34.18 50.03 -30.31
CA TRP H 78 32.83 49.52 -30.06
C TRP H 78 33.00 48.39 -29.11
N LYS H 79 34.21 48.23 -28.62
CA LYS H 79 34.48 47.19 -27.65
C LYS H 79 34.43 47.85 -26.29
N LYS H 80 33.80 49.01 -26.22
CA LYS H 80 33.65 49.68 -24.96
C LYS H 80 32.21 49.40 -24.60
N ALA H 81 31.41 49.09 -25.61
CA ALA H 81 30.01 48.77 -25.36
C ALA H 81 29.92 47.59 -24.43
N GLN H 82 30.79 46.59 -24.64
CA GLN H 82 30.81 45.44 -23.75
C GLN H 82 31.60 45.75 -22.48
N GLU H 83 31.21 46.83 -21.78
CA GLU H 83 31.87 47.23 -20.54
C GLU H 83 31.10 48.31 -19.80
N ILE H 84 30.34 49.12 -20.50
CA ILE H 84 29.68 50.22 -19.82
C ILE H 84 28.26 49.79 -19.69
N LEU H 85 27.62 49.58 -20.83
CA LEU H 85 26.27 49.07 -20.80
C LEU H 85 26.25 47.79 -19.98
N ASN H 86 27.35 47.02 -20.03
CA ASN H 86 27.40 45.77 -19.30
C ASN H 86 27.90 45.89 -17.87
N LYS H 87 28.40 47.05 -17.46
CA LYS H 87 28.81 47.24 -16.07
C LYS H 87 27.70 47.84 -15.24
N CYS H 88 27.07 48.90 -15.72
CA CYS H 88 25.94 49.45 -14.99
C CYS H 88 24.94 48.34 -14.70
N GLY H 89 24.89 47.32 -15.56
CA GLY H 89 24.02 46.18 -15.32
C GLY H 89 22.90 46.12 -16.32
N PHE H 90 23.07 46.77 -17.46
CA PHE H 90 22.04 46.77 -18.48
C PHE H 90 22.23 45.63 -19.46
N LYS H 91 22.24 44.39 -18.99
CA LYS H 91 22.32 43.26 -19.92
C LYS H 91 20.92 42.92 -20.41
N ASP H 95 18.55 36.84 -23.56
CA ASP H 95 19.02 37.89 -24.45
C ASP H 95 20.31 38.49 -23.97
N ASN H 96 20.58 39.71 -24.41
CA ASN H 96 21.82 40.39 -24.02
C ASN H 96 21.62 41.87 -24.26
N THR H 97 22.16 42.72 -23.39
CA THR H 97 21.98 44.18 -23.51
C THR H 97 20.57 44.54 -23.94
N LYS H 98 19.58 44.13 -23.16
CA LYS H 98 18.20 44.37 -23.54
C LYS H 98 17.43 44.92 -22.40
N MET H 99 17.15 46.21 -22.47
CA MET H 99 16.42 46.88 -21.42
C MET H 99 15.92 48.19 -21.98
N LEU H 100 14.60 48.33 -22.08
CA LEU H 100 14.01 49.55 -22.61
C LEU H 100 14.46 50.80 -21.85
N VAL H 101 15.27 51.64 -22.47
CA VAL H 101 15.68 52.86 -21.82
C VAL H 101 14.96 54.06 -22.42
N PHE H 102 13.89 54.54 -21.78
CA PHE H 102 13.16 55.73 -22.25
C PHE H 102 13.69 56.99 -21.57
N MET H 103 14.14 57.96 -22.36
CA MET H 103 14.73 59.19 -21.82
C MET H 103 14.22 60.50 -22.47
N SER H 104 15.13 61.42 -22.80
CA SER H 104 14.74 62.70 -23.44
C SER H 104 15.68 63.03 -24.61
N LYS H 105 15.15 63.61 -25.69
CA LYS H 105 15.98 63.89 -26.88
C LYS H 105 16.60 65.29 -26.99
N ASP H 106 17.56 65.59 -26.13
CA ASP H 106 18.27 66.87 -26.19
C ASP H 106 19.53 66.81 -25.33
N LYS H 107 19.74 65.69 -24.64
CA LYS H 107 20.89 65.56 -23.77
C LYS H 107 21.55 64.23 -23.95
N ILE H 108 21.57 63.75 -25.18
CA ILE H 108 22.24 62.48 -25.46
C ILE H 108 23.65 62.77 -25.96
N LYS H 109 24.00 64.06 -26.01
CA LYS H 109 25.34 64.45 -26.45
C LYS H 109 26.36 64.15 -25.36
N ASP H 110 25.92 64.11 -24.10
CA ASP H 110 26.83 63.77 -23.01
C ASP H 110 26.91 62.26 -22.91
N LEU H 111 25.85 61.57 -23.33
CA LEU H 111 25.86 60.12 -23.35
C LEU H 111 26.92 59.76 -24.38
N ALA H 112 27.21 60.72 -25.26
CA ALA H 112 28.20 60.51 -26.27
C ALA H 112 29.44 61.37 -25.98
N ARG H 113 29.71 61.69 -24.71
CA ARG H 113 30.83 62.59 -24.41
C ARG H 113 32.01 62.03 -23.58
N ILE H 114 31.71 61.29 -22.54
CA ILE H 114 32.78 60.72 -21.72
C ILE H 114 33.35 59.49 -22.38
N VAL H 115 32.66 58.97 -23.39
CA VAL H 115 33.10 57.78 -24.07
C VAL H 115 34.51 57.96 -24.51
N LEU H 116 34.72 58.94 -25.35
CA LEU H 116 36.04 59.17 -25.91
C LEU H 116 37.15 59.31 -24.88
N ASP H 117 36.82 59.88 -23.71
CA ASP H 117 37.82 60.03 -22.65
C ASP H 117 38.49 58.69 -22.45
N ASN H 118 39.75 58.58 -22.88
CA ASN H 118 40.45 57.30 -22.81
C ASN H 118 40.69 56.80 -21.39
N SER H 119 41.71 57.33 -20.73
CA SER H 119 41.98 56.93 -19.37
C SER H 119 40.73 57.12 -18.58
N LEU H 120 40.15 56.02 -18.13
CA LEU H 120 38.91 56.12 -17.42
C LEU H 120 38.84 55.00 -16.41
N GLY H 121 38.21 55.25 -15.27
CA GLY H 121 37.99 54.18 -14.32
C GLY H 121 36.81 53.41 -14.88
N LEU H 122 37.05 52.37 -15.67
CA LEU H 122 35.95 51.65 -16.30
C LEU H 122 35.16 51.00 -15.23
N THR H 123 35.84 50.64 -14.15
CA THR H 123 35.19 49.98 -13.05
C THR H 123 34.77 51.02 -12.03
N GLU H 124 34.86 52.29 -12.41
CA GLU H 124 34.44 53.37 -11.51
C GLU H 124 33.41 54.30 -12.12
N ALA H 125 33.84 55.19 -13.02
CA ALA H 125 32.93 56.18 -13.62
C ALA H 125 32.02 55.60 -14.68
N ALA H 126 31.64 54.35 -14.52
CA ALA H 126 30.73 53.76 -15.46
C ALA H 126 29.44 54.47 -15.19
N GLN H 127 29.16 54.67 -13.91
CA GLN H 127 27.92 55.34 -13.53
C GLN H 127 28.04 56.84 -13.72
N GLN H 128 28.66 57.27 -14.81
CA GLN H 128 28.70 58.69 -15.09
C GLN H 128 27.76 58.95 -16.24
N VAL H 129 27.34 57.89 -16.90
CA VAL H 129 26.37 58.00 -17.98
C VAL H 129 25.20 57.45 -17.23
N ALA H 130 25.50 56.59 -16.27
CA ALA H 130 24.44 56.04 -15.44
C ALA H 130 24.02 57.03 -14.37
N ASN H 131 24.80 58.09 -14.15
CA ASN H 131 24.35 59.12 -13.21
C ASN H 131 23.44 60.03 -13.99
N VAL H 132 23.63 60.09 -15.31
CA VAL H 132 22.73 60.87 -16.16
C VAL H 132 21.39 60.19 -16.09
N ILE H 133 21.40 58.88 -15.87
CA ILE H 133 20.15 58.19 -15.71
C ILE H 133 19.66 58.51 -14.33
N ALA H 134 18.93 59.61 -14.23
CA ALA H 134 18.36 60.04 -12.94
C ALA H 134 17.16 60.94 -13.22
N GLN H 135 17.30 61.89 -14.15
CA GLN H 135 16.20 62.82 -14.48
C GLN H 135 16.15 63.35 -15.93
N ALA H 136 15.07 63.04 -16.65
CA ALA H 136 14.89 63.55 -18.01
C ALA H 136 13.43 63.96 -18.22
N THR H 137 12.80 64.61 -17.23
CA THR H 137 11.35 64.95 -17.29
C THR H 137 10.89 66.22 -18.03
N LEU H 138 11.76 66.84 -18.82
CA LEU H 138 11.42 68.15 -19.45
C LEU H 138 10.80 68.21 -20.83
N ALA H 139 9.72 67.48 -21.06
CA ALA H 139 9.01 67.51 -22.33
C ALA H 139 7.70 66.74 -22.13
N PRO H 140 6.69 66.90 -23.04
CA PRO H 140 5.44 66.12 -22.92
C PRO H 140 5.57 64.63 -23.15
N ASP H 141 6.54 64.00 -22.51
CA ASP H 141 6.72 62.59 -22.66
C ASP H 141 6.48 61.96 -21.32
N ILE H 142 7.54 61.74 -20.53
CA ILE H 142 7.43 61.08 -19.24
C ILE H 142 6.41 61.71 -18.28
N ALA H 143 6.20 63.03 -18.35
CA ALA H 143 5.18 63.65 -17.53
C ALA H 143 3.88 62.94 -17.76
N LEU H 144 3.68 62.42 -18.97
CA LEU H 144 2.48 61.66 -19.31
C LEU H 144 2.73 60.15 -19.50
N CYS H 145 3.89 59.75 -20.02
CA CYS H 145 4.18 58.33 -20.16
C CYS H 145 4.99 57.85 -18.99
N GLY H 146 5.76 56.80 -19.17
CA GLY H 146 6.61 56.35 -18.08
C GLY H 146 7.55 55.21 -18.34
N ARG H 147 8.53 55.05 -17.46
CA ARG H 147 9.51 53.99 -17.62
C ARG H 147 9.95 53.35 -16.34
N MET H 148 10.51 52.17 -16.44
CA MET H 148 11.01 51.50 -15.28
C MET H 148 12.27 50.84 -15.77
N LEU H 149 13.40 51.36 -15.36
CA LEU H 149 14.68 50.81 -15.77
C LEU H 149 15.22 50.01 -14.62
N GLU H 150 14.81 48.76 -14.51
CA GLU H 150 15.32 47.89 -13.47
C GLU H 150 16.50 47.16 -14.06
N PRO H 151 17.67 47.32 -13.43
CA PRO H 151 18.88 46.70 -13.98
C PRO H 151 19.09 45.30 -13.48
N ASN H 152 19.57 44.42 -14.33
CA ASN H 152 19.86 43.06 -13.91
C ASN H 152 20.63 43.18 -12.64
N ASP H 153 20.22 42.45 -11.62
CA ASP H 153 20.87 42.60 -10.32
C ASP H 153 21.99 41.58 -10.13
N LYS H 154 22.04 40.57 -10.97
CA LYS H 154 23.06 39.55 -10.81
C LYS H 154 24.21 39.73 -11.79
N ASP H 155 24.78 40.93 -11.84
CA ASP H 155 25.94 41.19 -12.69
C ASP H 155 26.48 42.53 -12.24
N LYS H 156 25.96 43.04 -11.13
CA LYS H 156 26.38 44.35 -10.62
C LYS H 156 27.86 44.53 -10.36
N ASP H 157 28.31 45.77 -10.31
CA ASP H 157 29.71 46.05 -10.05
C ASP H 157 29.92 46.03 -8.58
N LYS H 158 31.18 46.15 -8.15
CA LYS H 158 31.48 46.23 -6.72
C LYS H 158 30.65 47.34 -6.10
N LYS H 159 30.49 48.43 -6.82
CA LYS H 159 29.74 49.55 -6.30
C LYS H 159 28.51 49.80 -7.14
N VAL H 160 28.63 50.69 -8.10
CA VAL H 160 27.50 51.05 -8.94
C VAL H 160 26.36 51.72 -8.17
N LYS H 161 26.24 53.05 -8.32
CA LYS H 161 25.18 53.78 -7.64
C LYS H 161 23.96 53.89 -8.52
N TRP H 162 22.95 53.11 -8.19
CA TRP H 162 21.78 53.11 -9.02
C TRP H 162 20.71 53.83 -8.28
N SER H 163 20.61 55.13 -8.53
CA SER H 163 19.59 55.92 -7.88
C SER H 163 18.27 55.47 -8.44
N ASN H 164 17.19 55.75 -7.72
CA ASN H 164 15.89 55.29 -8.16
C ASN H 164 15.65 55.54 -9.63
N THR H 165 15.73 54.51 -10.45
CA THR H 165 15.48 54.66 -11.86
C THR H 165 14.05 54.28 -12.16
N THR H 166 13.11 54.94 -11.52
CA THR H 166 11.70 54.60 -11.69
C THR H 166 10.86 55.84 -11.86
N VAL H 167 10.03 55.90 -12.89
CA VAL H 167 9.13 57.04 -13.04
C VAL H 167 7.67 56.57 -13.10
N GLU H 168 6.75 57.46 -13.46
CA GLU H 168 5.32 57.11 -13.53
C GLU H 168 4.61 57.95 -14.59
N ALA H 169 3.32 57.72 -14.80
CA ALA H 169 2.56 58.57 -15.73
C ALA H 169 1.76 59.62 -14.97
N ALA H 170 0.92 60.41 -15.66
CA ALA H 170 0.06 61.36 -14.95
C ALA H 170 -1.33 61.35 -15.53
N LEU H 171 -1.43 61.65 -16.81
CA LEU H 171 -2.72 61.62 -17.48
C LEU H 171 -3.12 60.16 -17.65
N GLN H 172 -4.42 59.87 -17.72
CA GLN H 172 -4.88 58.50 -17.93
C GLN H 172 -5.56 58.30 -19.27
N VAL H 173 -5.20 57.23 -19.98
CA VAL H 173 -5.76 56.99 -21.31
C VAL H 173 -6.80 55.87 -21.22
N ALA H 174 -7.99 56.08 -21.79
CA ALA H 174 -9.03 55.07 -21.60
C ALA H 174 -9.71 54.53 -22.82
N HIS H 175 -9.80 53.20 -22.86
CA HIS H 175 -10.35 52.52 -24.01
C HIS H 175 -11.61 53.13 -24.56
N ALA H 176 -11.59 53.51 -25.82
CA ALA H 176 -12.82 53.97 -26.41
C ALA H 176 -13.69 52.74 -26.37
N ILE H 177 -14.88 52.88 -25.83
CA ILE H 177 -15.72 51.71 -25.71
C ILE H 177 -16.81 51.71 -26.78
N SER H 178 -16.87 50.66 -27.60
CA SER H 178 -17.86 50.60 -28.68
C SER H 178 -19.25 50.73 -28.19
N THR H 179 -20.05 51.43 -28.95
CA THR H 179 -21.41 51.63 -28.55
C THR H 179 -22.20 50.42 -28.99
N HIS H 180 -21.52 49.39 -29.50
CA HIS H 180 -22.28 48.28 -30.03
C HIS H 180 -21.58 46.97 -30.14
N ILE H 181 -22.34 45.92 -30.42
CA ILE H 181 -21.73 44.65 -30.68
C ILE H 181 -21.16 44.99 -32.00
N ALA H 182 -19.96 44.55 -32.30
CA ALA H 182 -19.39 45.00 -33.54
C ALA H 182 -20.15 44.34 -34.68
N ARG H 183 -19.69 44.54 -35.90
CA ARG H 183 -20.44 43.99 -37.00
C ARG H 183 -19.80 42.78 -37.61
N PRO H 184 -20.57 41.68 -37.74
CA PRO H 184 -20.03 40.53 -38.46
C PRO H 184 -19.85 40.94 -39.93
N GLU H 185 -18.78 40.53 -40.60
CA GLU H 185 -18.51 41.00 -41.97
C GLU H 185 -19.18 40.27 -43.14
N ILE H 186 -18.60 40.41 -44.33
CA ILE H 186 -19.16 39.75 -45.52
C ILE H 186 -18.56 38.38 -45.78
N ASP H 187 -18.95 37.39 -44.99
CA ASP H 187 -18.44 36.06 -45.17
C ASP H 187 -18.64 35.65 -46.60
N TYR H 188 -17.54 35.28 -47.25
CA TYR H 188 -17.59 34.88 -48.67
C TYR H 188 -17.46 33.39 -48.89
N PHE H 189 -18.21 32.59 -48.14
CA PHE H 189 -18.22 31.17 -48.41
C PHE H 189 -19.44 30.94 -49.26
N VAL H 190 -20.61 31.37 -48.78
CA VAL H 190 -21.84 31.25 -49.56
C VAL H 190 -21.70 32.23 -50.69
N ALA H 191 -21.24 31.77 -51.85
CA ALA H 191 -20.99 32.69 -52.94
C ALA H 191 -21.37 32.08 -54.26
N ALA H 192 -21.30 32.88 -55.32
CA ALA H 192 -21.71 32.41 -56.64
C ALA H 192 -20.97 33.17 -57.71
N SER H 208 -15.09 53.11 -48.04
CA SER H 208 -16.52 53.30 -48.20
C SER H 208 -17.15 52.04 -48.77
N MET H 209 -16.61 50.88 -48.41
CA MET H 209 -17.14 49.61 -48.90
C MET H 209 -17.20 48.62 -47.76
N PHE H 210 -17.14 49.11 -46.52
CA PHE H 210 -17.10 48.21 -45.36
C PHE H 210 -17.93 48.68 -44.16
N ALA H 211 -17.62 48.17 -42.97
CA ALA H 211 -18.40 48.52 -41.78
C ALA H 211 -17.57 49.09 -40.62
N SER H 212 -17.95 50.27 -40.13
CA SER H 212 -17.17 50.95 -39.09
C SER H 212 -17.62 50.75 -37.64
N ALA H 213 -16.73 50.95 -36.68
CA ALA H 213 -17.09 50.83 -35.28
C ALA H 213 -16.93 52.13 -34.50
N CYS H 214 -17.92 52.49 -33.68
CA CYS H 214 -17.87 53.76 -32.97
C CYS H 214 -17.05 53.59 -31.72
N PHE H 215 -16.47 54.67 -31.21
CA PHE H 215 -15.56 54.54 -30.09
C PHE H 215 -15.53 55.78 -29.26
N TYR H 216 -16.28 55.79 -28.18
CA TYR H 216 -16.33 56.96 -27.31
C TYR H 216 -14.99 57.06 -26.58
N LYS H 217 -14.05 57.81 -27.17
CA LYS H 217 -12.71 57.88 -26.60
C LYS H 217 -12.65 58.75 -25.39
N TYR H 218 -11.83 58.37 -24.42
CA TYR H 218 -11.81 59.11 -23.19
C TYR H 218 -10.42 59.21 -22.60
N PHE H 219 -10.00 60.42 -22.23
CA PHE H 219 -8.70 60.62 -21.61
C PHE H 219 -8.95 61.58 -20.45
N SER H 220 -8.13 61.57 -19.40
CA SER H 220 -8.28 62.55 -18.32
C SER H 220 -6.94 63.09 -17.84
N ILE H 221 -6.87 64.39 -17.53
CA ILE H 221 -5.62 65.00 -17.03
C ILE H 221 -5.78 65.85 -15.75
N ASP H 222 -5.03 65.54 -14.68
CA ASP H 222 -5.16 66.25 -13.40
C ASP H 222 -4.23 67.45 -13.24
N TRP H 223 -3.55 67.63 -12.11
CA TRP H 223 -2.70 68.83 -12.01
C TRP H 223 -1.23 68.83 -11.55
N GLU H 224 -0.97 68.48 -10.28
CA GLU H 224 0.41 68.57 -9.72
C GLU H 224 1.43 67.56 -10.19
N GLN H 225 1.12 66.85 -11.26
CA GLN H 225 2.07 65.92 -11.84
C GLN H 225 1.74 66.06 -13.31
N LEU H 226 0.75 66.89 -13.60
CA LEU H 226 0.37 67.11 -14.99
C LEU H 226 1.05 68.36 -15.48
N VAL H 227 1.24 69.30 -14.58
CA VAL H 227 1.90 70.54 -14.95
C VAL H 227 3.28 70.64 -14.27
N LYS H 228 3.39 70.16 -13.04
CA LYS H 228 4.65 70.33 -12.29
C LYS H 228 5.72 69.29 -12.51
N ASN H 229 5.62 68.52 -13.58
CA ASN H 229 6.70 67.60 -13.86
C ASN H 229 7.62 68.24 -14.90
N LEU H 230 7.35 69.50 -15.24
CA LEU H 230 8.23 70.23 -16.17
C LEU H 230 9.29 70.97 -15.41
N LYS H 231 9.40 70.70 -14.10
CA LYS H 231 10.37 71.35 -13.24
C LYS H 231 10.88 72.66 -13.80
N GLY H 232 9.97 73.60 -14.05
CA GLY H 232 10.36 74.88 -14.61
C GLY H 232 9.31 75.55 -15.47
N ASP H 233 8.94 74.95 -16.61
CA ASP H 233 7.99 75.59 -17.52
C ASP H 233 6.53 75.40 -17.16
N THR H 234 5.66 76.11 -17.87
CA THR H 234 4.24 76.03 -17.60
C THR H 234 3.57 76.54 -18.85
N ASN H 235 4.21 77.47 -19.55
CA ASN H 235 3.67 77.91 -20.83
C ASN H 235 3.79 76.63 -21.59
N LEU H 236 4.80 75.84 -21.25
CA LEU H 236 4.93 74.52 -21.86
C LEU H 236 3.79 73.61 -21.47
N ALA H 237 3.24 73.77 -20.26
CA ALA H 237 2.07 73.00 -19.85
C ALA H 237 0.85 73.38 -20.69
N ALA H 238 0.64 74.67 -20.94
CA ALA H 238 -0.47 75.11 -21.76
C ALA H 238 -0.33 74.62 -23.19
N HIS H 239 0.88 74.69 -23.74
CA HIS H 239 1.10 74.19 -25.10
C HIS H 239 0.92 72.68 -25.17
N THR H 240 1.32 71.97 -24.11
CA THR H 240 1.11 70.52 -24.06
C THR H 240 -0.37 70.19 -24.09
N VAL H 241 -1.18 70.93 -23.32
CA VAL H 241 -2.63 70.71 -23.31
C VAL H 241 -3.22 70.99 -24.69
N GLY H 242 -2.83 72.11 -25.30
CA GLY H 242 -3.38 72.46 -26.60
C GLY H 242 -2.99 71.49 -27.70
N ALA H 243 -1.71 71.07 -27.72
CA ALA H 243 -1.25 70.14 -28.74
C ALA H 243 -1.81 68.75 -28.52
N PHE H 244 -2.03 68.35 -27.27
CA PHE H 244 -2.60 67.03 -27.01
C PHE H 244 -4.08 66.99 -27.39
N LEU H 245 -4.80 68.09 -27.18
CA LEU H 245 -6.18 68.17 -27.67
C LEU H 245 -6.22 68.25 -29.20
N LEU H 246 -5.21 68.87 -29.81
CA LEU H 246 -5.17 68.97 -31.27
C LEU H 246 -4.79 67.65 -31.92
N ALA H 247 -3.96 66.85 -31.26
CA ALA H 247 -3.44 65.61 -31.82
C ALA H 247 -4.53 64.59 -32.10
N ALA H 248 -5.18 64.12 -31.03
CA ALA H 248 -6.10 62.98 -31.09
C ALA H 248 -7.24 63.19 -32.08
N ALA H 249 -7.62 64.45 -32.29
CA ALA H 249 -8.66 64.81 -33.24
C ALA H 249 -8.28 64.37 -34.65
N LYS H 250 -7.02 64.60 -35.04
CA LYS H 250 -6.59 64.49 -36.44
C LYS H 250 -5.32 63.64 -36.57
N THR H 251 -5.30 62.49 -35.90
CA THR H 251 -4.23 61.51 -36.08
C THR H 251 -4.87 60.14 -36.18
N ASN H 252 -4.16 59.21 -36.83
CA ASN H 252 -4.79 57.94 -37.17
C ASN H 252 -4.12 56.77 -36.48
N PRO H 253 -4.80 56.15 -35.51
CA PRO H 253 -4.26 54.92 -34.90
C PRO H 253 -4.27 53.75 -35.88
N SER H 254 -3.18 53.61 -36.65
CA SER H 254 -3.05 52.66 -37.76
C SER H 254 -4.07 52.95 -38.86
N GLY H 255 -3.95 54.12 -39.47
CA GLY H 255 -4.78 54.48 -40.59
C GLY H 255 -4.05 55.46 -41.49
N LYS H 256 -4.70 55.79 -42.60
CA LYS H 256 -4.23 56.81 -43.55
C LYS H 256 -2.82 56.54 -44.08
N HIS H 263 -12.86 64.65 -43.52
CA HIS H 263 -12.33 65.58 -42.52
C HIS H 263 -12.22 64.91 -41.15
N ASN H 264 -13.18 64.04 -40.84
CA ASN H 264 -13.23 63.29 -39.57
C ASN H 264 -13.22 64.22 -38.36
N TYR H 265 -14.00 65.31 -38.44
CA TYR H 265 -14.21 66.17 -37.28
C TYR H 265 -15.14 65.49 -36.27
N PRO H 266 -14.79 65.52 -34.98
CA PRO H 266 -15.63 64.86 -33.97
C PRO H 266 -17.01 65.49 -33.88
N ASP H 267 -18.03 64.66 -33.60
CA ASP H 267 -19.41 65.13 -33.62
C ASP H 267 -19.74 65.98 -32.41
N GLY H 268 -19.16 65.68 -31.25
CA GLY H 268 -19.49 66.45 -30.07
C GLY H 268 -18.50 66.34 -28.93
N ILE H 269 -18.02 67.50 -28.46
CA ILE H 269 -16.98 67.58 -27.45
C ILE H 269 -17.53 68.29 -26.22
N LEU H 270 -17.41 67.65 -25.06
CA LEU H 270 -17.74 68.25 -23.79
C LEU H 270 -16.44 68.37 -23.00
N VAL H 271 -16.12 69.58 -22.57
CA VAL H 271 -14.92 69.84 -21.78
C VAL H 271 -15.35 70.46 -20.46
N GLU H 272 -14.98 69.88 -19.34
CA GLU H 272 -15.50 70.43 -18.08
C GLU H 272 -14.43 70.99 -17.17
N PHE H 273 -14.76 72.05 -16.44
CA PHE H 273 -13.81 72.57 -15.50
C PHE H 273 -14.15 72.02 -14.12
N LYS H 274 -14.26 70.71 -14.03
CA LYS H 274 -14.55 70.06 -12.75
C LYS H 274 -13.26 69.67 -12.04
N ASN H 275 -13.34 68.72 -11.12
CA ASN H 275 -12.15 68.27 -10.41
C ASN H 275 -12.12 66.76 -10.20
N SER H 276 -12.58 66.00 -11.20
CA SER H 276 -12.54 64.54 -11.11
C SER H 276 -12.63 63.89 -12.48
N PRO H 277 -11.77 62.91 -12.74
CA PRO H 277 -11.94 62.21 -14.02
C PRO H 277 -13.02 61.18 -13.81
N ILE H 278 -13.82 60.91 -14.82
CA ILE H 278 -14.92 59.98 -14.62
C ILE H 278 -15.11 59.03 -15.79
N SER H 279 -14.54 57.83 -15.73
CA SER H 279 -14.79 56.87 -16.81
C SER H 279 -16.25 56.81 -16.97
N TYR H 280 -16.72 57.32 -18.08
CA TYR H 280 -18.11 57.40 -18.27
C TYR H 280 -18.30 56.26 -19.19
N ALA H 281 -17.44 55.27 -19.06
CA ALA H 281 -17.52 54.13 -19.93
C ALA H 281 -18.50 53.13 -19.40
N ASN H 282 -19.44 53.63 -18.61
CA ASN H 282 -20.46 52.77 -18.02
C ASN H 282 -21.73 53.11 -18.67
N ALA H 283 -22.04 54.42 -18.68
CA ALA H 283 -23.28 54.91 -19.26
C ALA H 283 -23.84 54.04 -20.35
N PHE H 284 -22.98 53.50 -21.20
CA PHE H 284 -23.51 52.74 -22.29
C PHE H 284 -23.44 51.26 -22.12
N VAL H 285 -24.15 50.68 -21.15
CA VAL H 285 -24.19 49.21 -20.94
C VAL H 285 -25.04 48.50 -21.97
N ARG H 286 -26.08 49.13 -22.47
CA ARG H 286 -26.88 48.53 -23.51
C ARG H 286 -26.20 48.82 -24.84
N PRO H 287 -25.79 47.76 -25.56
CA PRO H 287 -25.11 47.93 -26.84
C PRO H 287 -25.96 48.54 -27.93
N VAL H 288 -25.83 49.85 -28.18
CA VAL H 288 -26.61 50.52 -29.22
C VAL H 288 -26.77 49.60 -30.42
N SER H 289 -27.96 49.07 -30.62
CA SER H 289 -28.21 48.19 -31.73
C SER H 289 -28.70 49.01 -32.90
N VAL H 290 -28.65 48.45 -34.10
CA VAL H 290 -29.07 49.20 -35.28
C VAL H 290 -29.72 48.38 -36.38
N VAL H 291 -30.92 48.78 -36.78
CA VAL H 291 -31.58 48.13 -37.89
C VAL H 291 -30.85 48.60 -39.15
N LYS H 292 -31.04 49.87 -39.49
CA LYS H 292 -30.29 50.42 -40.61
C LYS H 292 -29.15 51.20 -40.00
N GLU H 293 -27.93 50.67 -40.05
CA GLU H 293 -26.79 51.30 -39.40
C GLU H 293 -26.18 52.49 -40.08
N SER H 294 -26.94 53.56 -40.25
CA SER H 294 -26.37 54.76 -40.81
C SER H 294 -26.28 55.77 -39.69
N ASP H 295 -26.75 55.39 -38.52
CA ASP H 295 -26.73 56.30 -37.39
C ASP H 295 -26.21 55.63 -36.14
N LEU H 296 -25.12 54.88 -36.24
CA LEU H 296 -24.56 54.18 -35.10
C LEU H 296 -23.91 55.12 -34.12
N VAL H 297 -23.76 56.38 -34.51
CA VAL H 297 -23.08 57.32 -33.65
C VAL H 297 -24.13 58.18 -33.04
N GLU H 298 -25.37 57.99 -33.44
CA GLU H 298 -26.39 58.88 -32.96
C GLU H 298 -27.10 58.43 -31.71
N GLN H 299 -26.49 57.53 -30.96
CA GLN H 299 -27.12 57.17 -29.71
C GLN H 299 -26.25 57.62 -28.58
N SER H 300 -25.06 58.07 -28.89
CA SER H 300 -24.25 58.64 -27.84
C SER H 300 -24.94 59.91 -27.37
N ILE H 301 -25.01 60.95 -28.21
CA ILE H 301 -25.61 62.25 -27.84
C ILE H 301 -26.74 62.34 -26.82
N GLY H 302 -28.00 62.23 -27.26
CA GLY H 302 -29.14 62.41 -26.37
C GLY H 302 -29.06 61.53 -25.13
N GLN H 303 -28.60 60.29 -25.30
CA GLN H 303 -28.39 59.40 -24.15
C GLN H 303 -27.32 59.94 -23.21
N LEU H 304 -26.23 60.47 -23.79
CA LEU H 304 -25.20 61.12 -22.98
C LEU H 304 -25.74 62.32 -22.24
N SER H 305 -26.61 63.12 -22.89
CA SER H 305 -27.20 64.28 -22.24
C SER H 305 -28.10 63.85 -21.07
N ASN H 306 -28.85 62.77 -21.27
CA ASN H 306 -29.68 62.22 -20.20
C ASN H 306 -28.82 61.82 -19.00
N TYR H 307 -27.72 61.10 -19.25
CA TYR H 307 -26.87 60.65 -18.16
C TYR H 307 -26.13 61.80 -17.50
N VAL H 308 -25.76 62.83 -18.28
CA VAL H 308 -25.14 64.03 -17.72
C VAL H 308 -26.11 64.75 -16.79
N ASN H 309 -27.37 64.91 -17.23
CA ASN H 309 -28.37 65.56 -16.40
C ASN H 309 -28.62 64.77 -15.12
N ASP H 310 -28.66 63.43 -15.23
CA ASP H 310 -28.88 62.60 -14.06
C ASP H 310 -27.72 62.70 -13.06
N ILE H 311 -26.49 62.71 -13.55
CA ILE H 311 -25.34 62.87 -12.65
C ILE H 311 -25.36 64.25 -12.00
N ARG H 312 -25.58 65.30 -12.79
CA ARG H 312 -25.56 66.67 -12.29
C ARG H 312 -26.66 66.95 -11.29
N LEU H 313 -27.82 66.29 -11.41
CA LEU H 313 -28.85 66.38 -10.39
C LEU H 313 -28.75 65.24 -9.38
N GLY H 314 -27.70 64.43 -9.45
CA GLY H 314 -27.56 63.33 -8.52
C GLY H 314 -26.31 63.27 -7.66
N TYR H 315 -25.23 63.97 -8.04
CA TYR H 315 -23.98 63.78 -7.30
C TYR H 315 -23.18 65.07 -7.10
N TYR H 316 -23.78 66.24 -7.29
CA TYR H 316 -23.06 67.49 -7.09
C TYR H 316 -23.97 68.57 -6.52
N GLY H 324 -19.20 73.54 -18.55
CA GLY H 324 -18.92 72.48 -19.50
C GLY H 324 -19.12 72.86 -20.95
N PHE H 325 -18.08 73.39 -21.58
CA PHE H 325 -18.21 73.93 -22.94
C PHE H 325 -18.53 72.82 -23.93
N TRP H 326 -19.31 73.15 -24.95
CA TRP H 326 -19.72 72.21 -25.96
C TRP H 326 -19.15 72.60 -27.33
N PHE H 327 -18.74 71.60 -28.10
CA PHE H 327 -18.24 71.80 -29.45
C PHE H 327 -19.05 70.95 -30.41
N SER H 328 -19.60 71.58 -31.44
CA SER H 328 -20.34 70.89 -32.49
C SER H 328 -19.94 71.46 -33.84
N PRO H 329 -19.78 70.60 -34.86
CA PRO H 329 -19.33 71.08 -36.17
C PRO H 329 -20.41 71.91 -36.85
N ASN H 330 -20.18 73.22 -36.90
CA ASN H 330 -21.18 74.20 -37.34
C ASN H 330 -22.47 74.10 -36.52
N ASN H 331 -22.32 73.79 -35.24
CA ASN H 331 -23.43 73.64 -34.28
C ASN H 331 -24.46 72.62 -34.77
N ARG H 332 -23.97 71.47 -35.26
CA ARG H 332 -24.86 70.46 -35.83
C ARG H 332 -25.63 69.71 -34.74
N TYR H 333 -24.94 69.27 -33.69
CA TYR H 333 -25.55 68.45 -32.65
C TYR H 333 -25.52 69.17 -31.31
N PRO H 334 -26.57 69.88 -30.94
CA PRO H 334 -26.59 70.58 -29.65
C PRO H 334 -26.94 69.65 -28.50
N LEU H 335 -26.28 69.89 -27.37
CA LEU H 335 -26.50 69.14 -26.13
C LEU H 335 -26.90 70.17 -25.08
N GLY H 336 -28.19 70.52 -25.06
CA GLY H 336 -28.67 71.53 -24.14
C GLY H 336 -30.07 71.32 -23.61
N TYR H 337 -30.68 70.17 -23.93
CA TYR H 337 -32.06 69.81 -23.59
C TYR H 337 -33.09 70.79 -24.17
N LYS H 338 -32.66 71.71 -25.04
CA LYS H 338 -33.43 72.79 -25.67
C LYS H 338 -33.91 73.84 -24.67
N HIS H 339 -33.68 73.62 -23.37
CA HIS H 339 -34.04 74.61 -22.35
C HIS H 339 -33.00 74.80 -21.26
N SER H 340 -32.11 73.83 -21.00
CA SER H 340 -31.25 73.85 -19.82
C SER H 340 -29.87 74.40 -20.16
N LYS H 341 -29.32 75.16 -19.23
CA LYS H 341 -27.96 75.69 -19.37
C LYS H 341 -26.97 74.79 -18.64
N LEU H 342 -26.95 73.51 -19.04
CA LEU H 342 -25.98 72.56 -18.50
C LEU H 342 -24.62 72.68 -19.19
N ALA H 343 -24.53 73.48 -20.24
CA ALA H 343 -23.26 73.82 -20.90
C ALA H 343 -23.04 75.32 -20.79
N SER H 344 -21.80 75.72 -20.51
CA SER H 344 -21.51 77.13 -20.33
C SER H 344 -21.62 77.90 -21.64
N ARG H 345 -20.99 77.38 -22.69
CA ARG H 345 -21.09 78.00 -24.01
C ARG H 345 -20.85 76.94 -25.07
N ASN H 346 -21.41 77.19 -26.26
CA ASN H 346 -21.26 76.30 -27.41
C ASN H 346 -20.34 76.95 -28.42
N ILE H 347 -19.33 76.21 -28.87
CA ILE H 347 -18.30 76.71 -29.77
C ILE H 347 -18.33 75.89 -31.06
N GLY H 348 -18.27 76.58 -32.19
CA GLY H 348 -18.30 75.95 -33.49
C GLY H 348 -16.96 75.73 -34.15
N ASN H 349 -15.86 76.14 -33.54
CA ASN H 349 -14.53 76.01 -34.10
C ASN H 349 -13.60 75.34 -33.09
N LEU H 350 -12.71 74.49 -33.60
CA LEU H 350 -11.75 73.82 -32.72
C LEU H 350 -10.76 74.81 -32.12
N ASN H 351 -10.34 75.80 -32.90
CA ASN H 351 -9.35 76.77 -32.43
C ASN H 351 -9.91 77.64 -31.30
N GLU H 352 -11.16 78.09 -31.45
CA GLU H 352 -11.78 78.89 -30.39
C GLU H 352 -12.03 78.06 -29.14
N LEU H 353 -12.34 76.77 -29.30
CA LEU H 353 -12.48 75.87 -28.16
C LEU H 353 -11.16 75.69 -27.43
N VAL H 354 -10.06 75.56 -28.19
CA VAL H 354 -8.73 75.49 -27.59
C VAL H 354 -8.41 76.78 -26.85
N GLY H 355 -8.75 77.92 -27.45
CA GLY H 355 -8.50 79.20 -26.80
C GLY H 355 -9.30 79.37 -25.53
N ALA H 356 -10.56 78.94 -25.53
CA ALA H 356 -11.38 79.00 -24.32
C ALA H 356 -10.84 78.10 -23.23
N VAL H 357 -10.41 76.89 -23.59
CA VAL H 357 -9.84 75.96 -22.61
C VAL H 357 -8.57 76.54 -22.00
N LEU H 358 -7.71 77.13 -22.83
CA LEU H 358 -6.49 77.73 -22.31
C LEU H 358 -6.76 79.01 -21.53
N ASP H 359 -7.82 79.73 -21.85
CA ASP H 359 -8.16 80.96 -21.13
C ASP H 359 -8.78 80.69 -19.77
N ILE H 361 -7.83 77.61 -18.34
CA ILE H 361 -6.72 76.83 -17.76
C ILE H 361 -5.85 77.70 -16.87
N GLY H 362 -5.51 78.90 -17.33
CA GLY H 362 -4.68 79.80 -16.54
C GLY H 362 -4.50 81.16 -17.18
N GLY H 363 -5.17 81.39 -18.31
CA GLY H 363 -5.08 82.67 -18.98
C GLY H 363 -4.22 82.67 -20.23
N PHE H 364 -3.49 81.59 -20.47
CA PHE H 364 -2.63 81.50 -21.65
C PHE H 364 -3.47 81.60 -22.91
N LYS H 365 -3.01 82.39 -23.87
CA LYS H 365 -3.72 82.43 -25.14
C LYS H 365 -2.96 81.48 -26.05
N TRP H 366 -3.58 81.04 -27.14
CA TRP H 366 -2.92 80.06 -28.00
C TRP H 366 -1.58 80.54 -28.55
N GLU H 367 -1.47 81.84 -28.83
CA GLU H 367 -0.20 82.39 -29.30
C GLU H 367 0.89 82.09 -28.29
N GLU H 368 0.67 82.48 -27.03
CA GLU H 368 1.64 82.21 -25.97
C GLU H 368 1.91 80.73 -25.93
N VAL H 369 0.85 79.93 -25.78
CA VAL H 369 1.01 78.49 -25.77
C VAL H 369 1.88 77.99 -26.89
N GLN H 370 1.39 78.06 -28.13
CA GLN H 370 2.13 77.53 -29.28
C GLN H 370 3.63 77.75 -29.20
N LYS H 371 4.05 78.94 -28.76
CA LYS H 371 5.47 79.22 -28.58
C LYS H 371 6.05 78.38 -27.47
N SER H 372 6.33 77.10 -27.76
CA SER H 372 6.96 76.22 -26.78
C SER H 372 7.77 75.15 -27.51
N LYS H 373 8.94 75.54 -28.03
CA LYS H 373 9.79 74.62 -28.78
C LYS H 373 9.04 74.01 -29.93
N MET I 1 31.01 -40.98 -22.29
CA MET I 1 30.18 -39.78 -22.38
C MET I 1 29.07 -39.83 -21.34
N LEU I 2 28.92 -38.74 -20.60
CA LEU I 2 27.96 -38.62 -19.51
C LEU I 2 26.88 -37.61 -19.89
N ILE I 3 25.62 -38.00 -19.70
CA ILE I 3 24.48 -37.14 -19.96
C ILE I 3 23.95 -36.64 -18.63
N GLU I 4 24.02 -35.33 -18.41
CA GLU I 4 23.68 -34.73 -17.13
C GLU I 4 22.46 -33.83 -17.29
N ILE I 5 21.51 -33.98 -16.36
CA ILE I 5 20.21 -33.35 -16.44
C ILE I 5 20.06 -32.39 -15.27
N HIS I 6 19.75 -31.14 -15.55
CA HIS I 6 19.57 -30.11 -14.53
C HIS I 6 18.10 -29.79 -14.41
N MET I 7 17.63 -29.63 -13.18
CA MET I 7 16.22 -29.83 -12.85
C MET I 7 15.78 -28.81 -11.82
N ILE I 8 14.85 -27.93 -12.20
CA ILE I 8 14.26 -26.95 -11.29
C ILE I 8 12.76 -27.15 -11.28
N GLN I 9 12.18 -27.29 -10.08
CA GLN I 9 10.76 -27.57 -9.90
C GLN I 9 10.27 -26.90 -8.63
N ASN I 10 9.04 -26.39 -8.66
CA ASN I 10 8.38 -25.86 -7.48
C ASN I 10 7.34 -26.85 -6.98
N HIS I 11 7.04 -26.78 -5.67
CA HIS I 11 6.26 -27.78 -4.98
C HIS I 11 5.33 -27.09 -3.98
N SER I 12 4.11 -27.57 -3.86
CA SER I 12 3.08 -26.97 -3.00
C SER I 12 3.29 -27.40 -1.55
N PRO I 13 2.64 -26.70 -0.57
CA PRO I 13 2.74 -27.12 0.84
C PRO I 13 2.36 -28.57 1.11
N ALA I 14 3.33 -29.36 1.54
CA ALA I 14 3.13 -30.80 1.74
C ALA I 14 4.25 -31.31 2.64
N ASN I 15 4.36 -32.64 2.71
CA ASN I 15 5.47 -33.30 3.41
C ASN I 15 5.72 -34.63 2.71
N LEU I 16 6.66 -34.64 1.76
CA LEU I 16 6.92 -35.88 1.03
C LEU I 16 7.79 -36.84 1.82
N ASN I 17 8.88 -36.38 2.40
CA ASN I 17 9.80 -37.24 3.13
C ASN I 17 9.95 -36.71 4.55
N ARG I 18 9.90 -37.62 5.52
CA ARG I 18 10.03 -37.27 6.92
C ARG I 18 10.99 -38.23 7.62
N ASP I 19 11.51 -37.79 8.78
CA ASP I 19 12.43 -38.60 9.57
C ASP I 19 11.66 -39.37 10.65
N ASP I 20 12.39 -39.90 11.64
CA ASP I 20 11.77 -40.66 12.71
C ASP I 20 10.88 -39.79 13.59
N LEU I 21 11.28 -38.54 13.83
CA LEU I 21 10.45 -37.60 14.58
C LEU I 21 9.38 -36.99 13.70
N GLY I 22 9.39 -37.31 12.41
CA GLY I 22 8.42 -36.82 11.46
C GLY I 22 8.82 -35.57 10.69
N ALA I 23 9.94 -34.91 11.04
CA ALA I 23 10.23 -33.59 10.49
C ALA I 23 10.55 -33.65 9.00
N PRO I 24 10.24 -32.59 8.25
CA PRO I 24 10.70 -32.53 6.86
C PRO I 24 12.21 -32.61 6.83
N LYS I 25 12.73 -33.41 5.91
CA LYS I 25 14.16 -33.66 5.88
C LYS I 25 14.88 -32.39 5.46
N THR I 26 16.03 -32.14 6.08
CA THR I 26 16.70 -30.85 6.00
C THR I 26 18.21 -31.05 6.06
N CYS I 27 18.91 -30.38 5.14
CA CYS I 27 20.37 -30.34 5.12
C CYS I 27 20.82 -28.91 5.42
N TYR I 28 22.14 -28.73 5.50
CA TYR I 28 22.75 -27.44 5.80
C TYR I 28 23.57 -26.99 4.60
N PHE I 29 23.35 -25.76 4.16
CA PHE I 29 24.07 -25.22 3.01
C PHE I 29 24.04 -23.70 3.05
N GLY I 30 25.18 -23.10 2.74
CA GLY I 30 25.25 -21.66 2.56
C GLY I 30 25.07 -20.85 3.81
N GLY I 31 25.42 -21.41 4.97
CA GLY I 31 25.28 -20.69 6.22
C GLY I 31 23.92 -20.76 6.87
N VAL I 32 22.95 -21.44 6.24
CA VAL I 32 21.59 -21.56 6.75
C VAL I 32 21.07 -22.97 6.49
N LEU I 33 19.82 -23.20 6.86
CA LEU I 33 19.18 -24.51 6.77
C LEU I 33 18.41 -24.64 5.45
N ARG I 34 18.52 -25.81 4.83
CA ARG I 34 17.95 -26.05 3.51
C ARG I 34 16.91 -27.17 3.55
N SER I 35 15.79 -26.95 2.87
CA SER I 35 14.81 -28.02 2.69
C SER I 35 15.38 -29.11 1.80
N ARG I 36 15.04 -30.36 2.12
CA ARG I 36 15.73 -31.52 1.55
C ARG I 36 14.76 -32.63 1.24
N ILE I 37 14.89 -33.20 0.03
CA ILE I 37 14.20 -34.42 -0.35
C ILE I 37 15.26 -35.43 -0.75
N SER I 38 15.20 -36.62 -0.16
CA SER I 38 16.28 -37.59 -0.28
C SER I 38 16.41 -38.12 -1.71
N SER I 39 17.64 -38.46 -2.09
CA SER I 39 17.86 -39.16 -3.35
C SER I 39 17.33 -40.59 -3.28
N GLN I 40 17.42 -41.21 -2.11
CA GLN I 40 16.82 -42.52 -1.87
C GLN I 40 15.30 -42.42 -1.71
N CYS I 41 14.71 -41.25 -1.90
CA CYS I 41 13.28 -41.06 -2.10
C CYS I 41 12.92 -41.02 -3.58
N ILE I 42 13.67 -40.26 -4.37
CA ILE I 42 13.48 -40.23 -5.82
C ILE I 42 13.73 -41.61 -6.40
N LYS I 43 14.72 -42.34 -5.86
CA LYS I 43 14.78 -43.77 -6.05
C LYS I 43 13.74 -44.44 -5.15
N ARG I 44 12.98 -45.37 -5.73
CA ARG I 44 11.71 -45.94 -5.25
C ARG I 44 10.57 -44.94 -5.31
N SER I 45 10.80 -43.71 -5.79
CA SER I 45 9.71 -42.88 -6.30
C SER I 45 9.54 -43.06 -7.80
N ILE I 46 10.59 -42.79 -8.58
CA ILE I 46 10.58 -43.12 -10.01
C ILE I 46 10.52 -44.63 -10.19
N ARG I 47 11.37 -45.35 -9.45
CA ARG I 47 11.45 -46.79 -9.54
C ARG I 47 10.14 -47.43 -9.07
N THR I 48 9.87 -48.63 -9.60
CA THR I 48 8.69 -49.47 -9.33
C THR I 48 7.35 -48.73 -9.57
N SER I 49 7.38 -47.60 -10.28
CA SER I 49 6.18 -46.87 -10.64
C SER I 49 5.63 -47.38 -11.97
N ASN I 50 4.36 -47.04 -12.22
CA ASN I 50 3.67 -47.57 -13.40
C ASN I 50 4.08 -46.88 -14.70
N ASP I 51 4.36 -45.57 -14.65
CA ASP I 51 4.67 -44.84 -15.87
C ASP I 51 6.01 -45.25 -16.46
N PHE I 52 6.96 -45.63 -15.62
CA PHE I 52 8.30 -45.99 -16.08
C PHE I 52 8.33 -47.36 -16.76
N LYS I 53 7.43 -48.27 -16.40
CA LYS I 53 7.40 -49.61 -16.99
C LYS I 53 6.73 -49.52 -18.36
N ALA I 54 7.53 -49.13 -19.36
CA ALA I 54 7.03 -48.95 -20.71
C ALA I 54 7.96 -49.59 -21.75
N LEU I 138 19.13 -59.82 -21.46
CA LEU I 138 19.05 -58.43 -21.05
C LEU I 138 17.66 -58.09 -20.53
N ALA I 139 17.61 -57.36 -19.42
CA ALA I 139 16.36 -56.95 -18.80
C ALA I 139 16.44 -55.49 -18.36
N PRO I 140 15.43 -54.67 -18.66
CA PRO I 140 15.47 -53.27 -18.23
C PRO I 140 15.18 -53.13 -16.75
N ASP I 141 15.44 -51.91 -16.24
CA ASP I 141 15.32 -51.49 -14.85
C ASP I 141 16.28 -52.24 -13.91
N ILE I 142 17.20 -53.03 -14.46
CA ILE I 142 18.27 -53.64 -13.70
C ILE I 142 19.62 -53.02 -14.06
N ALA I 143 19.85 -52.81 -15.36
CA ALA I 143 21.05 -52.10 -15.80
C ALA I 143 21.01 -50.63 -15.37
N LEU I 144 19.82 -50.03 -15.33
CA LEU I 144 19.71 -48.63 -14.93
C LEU I 144 19.92 -48.48 -13.43
N CYS I 145 19.06 -49.10 -12.62
CA CYS I 145 19.18 -49.10 -11.17
C CYS I 145 19.36 -50.53 -10.70
N GLY I 146 20.34 -50.76 -9.84
CA GLY I 146 20.78 -52.10 -9.51
C GLY I 146 20.01 -52.72 -8.36
N ARG I 147 20.36 -53.99 -8.11
CA ARG I 147 19.80 -54.75 -6.99
C ARG I 147 20.76 -55.91 -6.70
N MET I 148 21.38 -55.89 -5.53
CA MET I 148 22.31 -56.93 -5.06
C MET I 148 23.46 -57.19 -6.04
N THR I 166 27.59 -56.82 -7.65
CA THR I 166 28.38 -56.11 -8.64
C THR I 166 27.54 -55.72 -9.84
N VAL I 167 26.33 -55.20 -9.59
CA VAL I 167 25.42 -54.85 -10.68
C VAL I 167 25.96 -53.65 -11.46
N GLU I 168 26.58 -52.70 -10.75
CA GLU I 168 27.17 -51.49 -11.33
C GLU I 168 26.12 -50.67 -12.09
N ALA I 169 25.17 -50.15 -11.31
CA ALA I 169 24.09 -49.34 -11.87
C ALA I 169 24.66 -48.05 -12.46
N ALA I 170 24.09 -47.64 -13.60
CA ALA I 170 24.61 -46.53 -14.38
C ALA I 170 23.82 -45.24 -14.20
N LEU I 171 22.93 -45.17 -13.22
CA LEU I 171 22.18 -43.95 -12.92
C LEU I 171 22.51 -43.50 -11.51
N GLN I 172 22.81 -42.20 -11.37
CA GLN I 172 23.14 -41.59 -10.09
C GLN I 172 22.22 -40.42 -9.83
N VAL I 173 21.57 -40.42 -8.65
CA VAL I 173 20.62 -39.39 -8.26
C VAL I 173 21.16 -38.72 -7.00
N ALA I 174 21.08 -37.39 -6.97
CA ALA I 174 21.59 -36.61 -5.86
C ALA I 174 20.45 -36.08 -5.00
N HIS I 175 20.81 -35.50 -3.85
CA HIS I 175 19.84 -34.97 -2.90
C HIS I 175 19.30 -33.64 -3.40
N ALA I 176 17.98 -33.54 -3.52
CA ALA I 176 17.34 -32.28 -3.87
C ALA I 176 17.52 -31.28 -2.73
N ILE I 177 17.68 -30.01 -3.09
CA ILE I 177 18.00 -28.96 -2.15
C ILE I 177 17.18 -27.73 -2.50
N SER I 178 16.64 -27.06 -1.48
CA SER I 178 15.89 -25.84 -1.72
C SER I 178 16.82 -24.72 -2.17
N THR I 179 16.23 -23.71 -2.80
CA THR I 179 16.97 -22.52 -3.21
C THR I 179 16.75 -21.33 -2.29
N HIS I 180 16.07 -21.54 -1.16
CA HIS I 180 15.89 -20.48 -0.18
C HIS I 180 15.94 -21.10 1.22
N ILE I 181 15.79 -20.24 2.23
CA ILE I 181 15.84 -20.70 3.61
C ILE I 181 14.60 -21.55 3.90
N ALA I 182 14.82 -22.68 4.56
CA ALA I 182 13.70 -23.55 4.94
C ALA I 182 12.80 -22.83 5.94
N ARG I 183 11.49 -22.94 5.72
CA ARG I 183 10.49 -22.25 6.52
C ARG I 183 9.42 -23.24 6.99
N PRO I 184 9.73 -24.08 7.98
CA PRO I 184 8.75 -25.06 8.43
C PRO I 184 7.64 -24.42 9.24
N GLU I 185 6.50 -25.13 9.27
CA GLU I 185 5.33 -24.69 10.03
C GLU I 185 4.64 -25.93 10.59
N ILE I 186 3.84 -25.71 11.64
CA ILE I 186 3.14 -26.79 12.33
C ILE I 186 1.65 -26.47 12.33
N ASP I 187 0.84 -27.44 11.90
CA ASP I 187 -0.61 -27.31 11.82
C ASP I 187 -1.27 -27.99 13.01
N TYR I 188 -2.33 -27.38 13.53
CA TYR I 188 -3.06 -27.87 14.70
C TYR I 188 -4.37 -28.48 14.23
N PHE I 189 -4.59 -29.75 14.57
CA PHE I 189 -5.74 -30.51 14.12
C PHE I 189 -6.45 -31.16 15.30
N VAL I 190 -7.77 -31.22 15.23
CA VAL I 190 -8.59 -31.85 16.27
C VAL I 190 -9.44 -32.95 15.64
N ALA I 191 -9.90 -33.86 16.49
CA ALA I 191 -10.69 -35.00 16.07
C ALA I 191 -12.12 -34.85 16.59
N ALA I 192 -13.08 -35.40 15.85
CA ALA I 192 -14.47 -35.26 16.19
C ALA I 192 -15.03 -36.55 16.77
N ASP I 193 -16.29 -36.48 17.19
CA ASP I 193 -17.04 -37.64 17.67
C ASP I 193 -18.40 -37.80 16.98
N ASP I 194 -18.87 -36.78 16.27
CA ASP I 194 -20.11 -36.69 15.48
C ASP I 194 -21.32 -37.39 16.09
N VAL I 195 -21.59 -37.14 17.37
CA VAL I 195 -22.80 -37.65 18.02
C VAL I 195 -23.42 -36.58 18.91
N HIS I 204 -8.90 -32.93 22.63
CA HIS I 204 -7.45 -32.88 22.57
C HIS I 204 -6.97 -32.28 21.26
N ILE I 205 -5.85 -31.55 21.31
CA ILE I 205 -5.28 -30.89 20.15
C ILE I 205 -3.94 -31.54 19.82
N GLY I 206 -3.81 -32.01 18.58
CA GLY I 206 -2.56 -32.54 18.10
C GLY I 206 -1.78 -31.50 17.30
N GLU I 207 -0.71 -31.97 16.65
CA GLU I 207 0.09 -31.12 15.78
C GLU I 207 0.63 -31.93 14.62
N SER I 208 0.43 -31.43 13.40
CA SER I 208 1.07 -31.92 12.20
C SER I 208 1.87 -30.80 11.57
N MET I 209 2.85 -31.15 10.77
CA MET I 209 3.70 -30.11 10.23
C MET I 209 4.07 -30.37 8.77
N PHE I 210 4.49 -29.30 8.10
CA PHE I 210 4.64 -29.26 6.66
C PHE I 210 5.66 -28.20 6.29
N ALA I 211 6.11 -28.27 5.04
CA ALA I 211 7.11 -27.35 4.51
C ALA I 211 6.88 -27.18 3.03
N SER I 212 7.25 -26.01 2.51
CA SER I 212 7.09 -25.66 1.11
C SER I 212 8.39 -25.07 0.59
N ALA I 213 8.89 -25.61 -0.52
CA ALA I 213 10.17 -25.15 -1.05
C ALA I 213 10.26 -25.49 -2.53
N CYS I 214 11.14 -24.77 -3.22
CA CYS I 214 11.48 -25.01 -4.62
C CYS I 214 12.83 -25.70 -4.67
N PHE I 215 12.89 -26.85 -5.33
CA PHE I 215 14.04 -27.73 -5.26
C PHE I 215 14.78 -27.78 -6.59
N TYR I 216 16.11 -27.88 -6.49
CA TYR I 216 16.97 -28.13 -7.63
C TYR I 216 17.42 -29.59 -7.58
N LYS I 217 17.29 -30.30 -8.69
CA LYS I 217 17.70 -31.69 -8.77
C LYS I 217 18.76 -31.85 -9.86
N TYR I 218 19.38 -33.03 -9.88
CA TYR I 218 20.55 -33.28 -10.70
C TYR I 218 20.59 -34.76 -11.06
N PHE I 219 20.62 -35.07 -12.36
CA PHE I 219 20.60 -36.45 -12.83
C PHE I 219 21.77 -36.69 -13.77
N SER I 220 22.43 -37.85 -13.62
CA SER I 220 23.59 -38.21 -14.41
C SER I 220 23.44 -39.64 -14.92
N ILE I 221 23.80 -39.85 -16.19
CA ILE I 221 23.65 -41.15 -16.85
C ILE I 221 24.95 -41.53 -17.56
N ASP I 222 25.50 -42.69 -17.19
CA ASP I 222 26.69 -43.22 -17.84
C ASP I 222 26.29 -44.04 -19.06
N TRP I 223 26.70 -43.57 -20.24
CA TRP I 223 26.31 -44.25 -21.47
C TRP I 223 27.09 -45.54 -21.68
N GLU I 224 28.40 -45.54 -21.36
CA GLU I 224 29.23 -46.70 -21.62
C GLU I 224 28.85 -47.89 -20.74
N GLN I 225 28.60 -47.64 -19.45
CA GLN I 225 28.17 -48.72 -18.56
C GLN I 225 26.79 -49.24 -18.96
N LEU I 226 25.91 -48.34 -19.43
CA LEU I 226 24.59 -48.76 -19.87
C LEU I 226 24.66 -49.63 -21.11
N VAL I 227 25.56 -49.29 -22.04
CA VAL I 227 25.74 -50.11 -23.24
C VAL I 227 26.39 -51.44 -22.88
N LYS I 228 27.36 -51.42 -21.95
CA LYS I 228 28.03 -52.65 -21.53
C LYS I 228 27.08 -53.59 -20.80
N ASN I 229 26.14 -53.05 -20.03
CA ASN I 229 25.17 -53.86 -19.33
C ASN I 229 24.02 -54.33 -20.22
N LEU I 230 23.93 -53.80 -21.44
CA LEU I 230 22.94 -54.22 -22.41
C LEU I 230 23.46 -55.31 -23.34
N LYS I 231 24.62 -55.88 -23.05
CA LYS I 231 25.25 -56.94 -23.85
C LYS I 231 25.46 -56.49 -25.30
N GLY I 232 25.84 -55.23 -25.48
CA GLY I 232 26.05 -54.66 -26.79
C GLY I 232 24.84 -53.99 -27.41
N ASP I 233 23.68 -54.04 -26.74
CA ASP I 233 22.50 -53.37 -27.26
C ASP I 233 22.67 -51.85 -27.10
N THR I 234 22.24 -51.11 -28.12
CA THR I 234 22.37 -49.66 -28.14
C THR I 234 21.04 -48.95 -28.24
N ASN I 235 20.12 -49.44 -29.07
CA ASN I 235 18.76 -48.89 -29.11
C ASN I 235 18.04 -49.10 -27.79
N LEU I 236 18.32 -50.21 -27.10
CA LEU I 236 17.71 -50.45 -25.80
C LEU I 236 18.28 -49.53 -24.73
N ALA I 237 19.58 -49.20 -24.82
CA ALA I 237 20.17 -48.28 -23.85
C ALA I 237 19.59 -46.88 -23.97
N ALA I 238 19.50 -46.37 -25.20
CA ALA I 238 18.84 -45.09 -25.44
C ALA I 238 17.36 -45.14 -25.14
N HIS I 239 16.71 -46.29 -25.36
CA HIS I 239 15.31 -46.46 -25.00
C HIS I 239 15.11 -46.34 -23.50
N THR I 240 15.99 -46.98 -22.71
CA THR I 240 15.90 -46.89 -21.26
C THR I 240 16.22 -45.48 -20.77
N VAL I 241 17.15 -44.80 -21.44
CA VAL I 241 17.47 -43.41 -21.07
C VAL I 241 16.26 -42.51 -21.30
N GLY I 242 15.64 -42.63 -22.48
CA GLY I 242 14.43 -41.88 -22.74
C GLY I 242 13.33 -42.20 -21.75
N ALA I 243 13.16 -43.50 -21.43
CA ALA I 243 12.14 -43.92 -20.49
C ALA I 243 12.37 -43.28 -19.11
N PHE I 244 13.63 -43.23 -18.67
CA PHE I 244 13.94 -42.57 -17.41
C PHE I 244 13.70 -41.07 -17.48
N LEU I 245 13.93 -40.45 -18.64
CA LEU I 245 13.65 -39.03 -18.79
C LEU I 245 12.15 -38.73 -18.62
N LEU I 246 11.31 -39.48 -19.32
CA LEU I 246 9.85 -39.28 -19.16
C LEU I 246 9.37 -39.66 -17.78
N ALA I 247 9.97 -40.66 -17.13
CA ALA I 247 9.59 -40.98 -15.76
C ALA I 247 9.97 -39.86 -14.80
N ALA I 248 11.23 -39.40 -14.87
CA ALA I 248 11.74 -38.42 -13.92
C ALA I 248 11.07 -37.06 -14.09
N ALA I 249 10.65 -36.71 -15.31
CA ALA I 249 9.97 -35.44 -15.48
C ALA I 249 8.55 -35.44 -14.92
N LYS I 250 7.96 -36.61 -14.70
CA LYS I 250 6.57 -36.74 -14.26
C LYS I 250 6.45 -37.70 -13.08
N THR I 251 7.31 -37.55 -12.07
CA THR I 251 7.22 -38.39 -10.88
C THR I 251 7.40 -37.55 -9.63
N ASN I 252 6.54 -37.80 -8.65
CA ASN I 252 6.63 -37.23 -7.31
C ASN I 252 6.68 -38.36 -6.29
N PRO I 253 7.24 -38.12 -5.12
CA PRO I 253 7.09 -39.08 -4.02
C PRO I 253 5.64 -39.17 -3.57
N SER I 254 5.26 -40.35 -3.09
CA SER I 254 3.93 -40.59 -2.58
C SER I 254 3.96 -40.43 -1.05
N GLY I 255 3.99 -39.17 -0.62
CA GLY I 255 4.06 -38.88 0.80
C GLY I 255 2.68 -38.69 1.42
N LYS I 256 2.44 -37.52 2.01
CA LYS I 256 1.13 -37.18 2.57
C LYS I 256 0.29 -36.48 1.50
N GLN I 257 0.04 -37.20 0.42
CA GLN I 257 -0.57 -36.62 -0.78
C GLN I 257 -2.08 -36.66 -0.75
N ASN I 258 -2.69 -37.50 0.09
CA ASN I 258 -4.15 -37.52 0.19
C ASN I 258 -4.66 -36.25 0.86
N SER I 259 -3.94 -35.76 1.87
CA SER I 259 -4.33 -34.56 2.58
C SER I 259 -3.70 -33.30 1.98
N PHE I 260 -2.45 -33.38 1.56
CA PHE I 260 -1.77 -32.30 0.84
C PHE I 260 -1.59 -32.77 -0.60
N ALA I 261 -2.55 -32.49 -1.47
CA ALA I 261 -2.50 -32.97 -2.85
C ALA I 261 -1.46 -32.15 -3.61
N ALA I 262 -0.20 -32.57 -3.46
CA ALA I 262 0.93 -31.90 -4.11
C ALA I 262 1.22 -32.62 -5.42
N HIS I 263 0.76 -32.03 -6.53
CA HIS I 263 0.89 -32.61 -7.85
C HIS I 263 1.38 -31.57 -8.85
N ASN I 264 2.43 -30.83 -8.47
CA ASN I 264 2.95 -29.78 -9.32
C ASN I 264 3.81 -30.34 -10.45
N TYR I 265 3.96 -29.54 -11.51
CA TYR I 265 4.72 -29.90 -12.69
C TYR I 265 5.89 -28.94 -12.89
N PRO I 266 6.99 -29.38 -13.51
CA PRO I 266 8.23 -28.61 -13.50
C PRO I 266 8.14 -27.31 -14.28
N ASP I 267 9.24 -26.55 -14.23
CA ASP I 267 9.31 -25.24 -14.87
C ASP I 267 10.61 -24.97 -15.61
N GLY I 268 11.49 -25.96 -15.76
CA GLY I 268 12.68 -25.80 -16.58
C GLY I 268 13.63 -26.97 -16.49
N ILE I 269 14.13 -27.44 -17.64
CA ILE I 269 15.16 -28.47 -17.70
C ILE I 269 16.26 -28.09 -18.69
N LEU I 270 17.51 -28.23 -18.23
CA LEU I 270 18.71 -28.07 -19.03
C LEU I 270 19.50 -29.37 -18.97
N VAL I 271 19.91 -29.87 -20.12
CA VAL I 271 20.59 -31.16 -20.23
C VAL I 271 22.01 -30.92 -20.72
N GLU I 272 22.98 -31.62 -20.13
CA GLU I 272 24.39 -31.39 -20.42
C GLU I 272 25.08 -32.70 -20.81
N PHE I 273 26.13 -32.57 -21.61
CA PHE I 273 26.93 -33.69 -22.11
C PHE I 273 28.40 -33.47 -21.79
N LYS I 274 28.69 -33.04 -20.56
CA LYS I 274 30.03 -32.62 -20.18
C LYS I 274 30.95 -33.82 -20.00
N ASN I 275 32.25 -33.52 -19.92
CA ASN I 275 33.26 -34.58 -19.86
C ASN I 275 33.30 -35.24 -18.48
N SER I 276 33.13 -34.48 -17.41
CA SER I 276 33.20 -34.98 -16.05
C SER I 276 31.96 -34.55 -15.28
N PRO I 277 31.54 -35.33 -14.28
CA PRO I 277 30.32 -34.96 -13.53
C PRO I 277 30.55 -33.73 -12.67
N ILE I 278 29.67 -32.74 -12.84
CA ILE I 278 29.74 -31.51 -12.08
C ILE I 278 28.33 -30.95 -11.91
N SER I 279 27.94 -30.65 -10.67
CA SER I 279 26.65 -30.07 -10.36
C SER I 279 26.73 -28.55 -10.31
N TYR I 280 25.57 -27.92 -10.20
CA TYR I 280 25.45 -26.47 -10.10
C TYR I 280 24.88 -26.07 -8.74
N ALA I 281 25.10 -26.90 -7.72
CA ALA I 281 24.58 -26.61 -6.39
C ALA I 281 25.26 -25.42 -5.76
N ASN I 282 26.50 -25.12 -6.15
CA ASN I 282 27.21 -23.96 -5.64
C ASN I 282 26.64 -22.64 -6.15
N ALA I 283 25.74 -22.67 -7.13
CA ALA I 283 25.04 -21.47 -7.54
C ALA I 283 24.10 -20.95 -6.48
N PHE I 284 23.65 -21.83 -5.58
CA PHE I 284 22.71 -21.47 -4.52
C PHE I 284 23.40 -21.38 -3.16
N VAL I 285 24.62 -20.86 -3.14
CA VAL I 285 25.26 -20.51 -1.86
C VAL I 285 24.55 -19.32 -1.22
N ARG I 286 24.25 -18.29 -2.00
CA ARG I 286 23.46 -17.17 -1.49
C ARG I 286 21.98 -17.51 -1.56
N PRO I 287 21.26 -17.46 -0.44
CA PRO I 287 19.81 -17.74 -0.50
C PRO I 287 19.05 -16.68 -1.27
N VAL I 288 18.00 -17.12 -1.94
CA VAL I 288 17.25 -16.28 -2.87
C VAL I 288 16.26 -15.42 -2.10
N SER I 289 16.38 -14.10 -2.25
CA SER I 289 15.44 -13.15 -1.69
C SER I 289 14.43 -12.74 -2.76
N VAL I 290 13.15 -12.78 -2.41
CA VAL I 290 12.10 -12.44 -3.36
C VAL I 290 11.94 -10.93 -3.42
N VAL I 291 12.00 -10.39 -4.63
CA VAL I 291 11.79 -8.97 -4.89
C VAL I 291 10.41 -8.81 -5.50
N LYS I 292 9.93 -7.56 -5.54
CA LYS I 292 8.58 -7.29 -6.03
C LYS I 292 8.46 -7.57 -7.52
N GLU I 293 9.50 -7.27 -8.29
CA GLU I 293 9.45 -7.34 -9.75
C GLU I 293 9.77 -8.73 -10.29
N SER I 294 9.69 -9.77 -9.47
CA SER I 294 9.99 -11.13 -9.90
C SER I 294 9.28 -12.10 -8.97
N ASP I 295 9.66 -13.37 -9.03
CA ASP I 295 9.12 -14.39 -8.14
C ASP I 295 10.27 -15.30 -7.72
N LEU I 296 9.93 -16.43 -7.13
CA LEU I 296 10.94 -17.38 -6.68
C LEU I 296 11.55 -18.15 -7.85
N VAL I 297 10.71 -18.59 -8.79
CA VAL I 297 11.19 -19.46 -9.87
C VAL I 297 12.07 -18.68 -10.84
N GLU I 298 11.67 -17.45 -11.17
CA GLU I 298 12.46 -16.61 -12.07
C GLU I 298 13.84 -16.30 -11.48
N GLN I 299 13.89 -15.96 -10.20
CA GLN I 299 15.17 -15.64 -9.58
C GLN I 299 16.03 -16.89 -9.42
N SER I 300 15.41 -18.04 -9.15
CA SER I 300 16.17 -19.30 -9.11
C SER I 300 16.79 -19.63 -10.46
N ILE I 301 16.00 -19.46 -11.54
CA ILE I 301 16.54 -19.77 -12.86
C ILE I 301 17.58 -18.74 -13.29
N GLY I 302 17.45 -17.49 -12.82
CA GLY I 302 18.49 -16.51 -13.08
C GLY I 302 19.79 -16.81 -12.35
N GLN I 303 19.67 -17.28 -11.11
CA GLN I 303 20.87 -17.73 -10.38
C GLN I 303 21.51 -18.93 -11.06
N LEU I 304 20.69 -19.78 -11.68
CA LEU I 304 21.27 -20.86 -12.49
C LEU I 304 21.95 -20.29 -13.74
N SER I 305 21.43 -19.19 -14.27
CA SER I 305 22.00 -18.60 -15.49
C SER I 305 23.36 -17.96 -15.21
N ASN I 306 23.49 -17.23 -14.10
CA ASN I 306 24.78 -16.60 -13.76
C ASN I 306 25.65 -17.55 -12.97
N TYR I 307 25.68 -18.81 -13.40
CA TYR I 307 26.71 -19.77 -13.06
C TYR I 307 27.12 -20.64 -14.23
N VAL I 308 26.30 -20.69 -15.28
CA VAL I 308 26.69 -21.28 -16.56
C VAL I 308 27.26 -20.22 -17.49
N ASN I 309 26.88 -18.95 -17.32
CA ASN I 309 27.57 -17.88 -18.06
C ASN I 309 29.04 -17.80 -17.66
N ASP I 310 29.35 -18.12 -16.40
CA ASP I 310 30.72 -18.23 -15.93
C ASP I 310 31.32 -19.57 -16.34
N ILE I 311 32.43 -19.96 -15.71
CA ILE I 311 33.16 -21.21 -15.94
C ILE I 311 33.79 -21.23 -17.33
N ARG I 312 32.96 -21.11 -18.37
CA ARG I 312 33.49 -21.04 -19.73
C ARG I 312 34.32 -19.78 -19.95
N LEU I 313 33.84 -18.64 -19.45
CA LEU I 313 34.67 -17.44 -19.45
C LEU I 313 35.83 -17.59 -18.48
N GLY I 314 35.60 -18.22 -17.33
CA GLY I 314 36.64 -18.41 -16.33
C GLY I 314 37.40 -19.70 -16.49
N VAL I 322 31.62 -26.99 -23.80
CA VAL I 322 30.55 -27.98 -23.83
C VAL I 322 29.28 -27.34 -24.38
N ILE I 323 28.23 -28.15 -24.52
CA ILE I 323 26.95 -27.67 -25.03
C ILE I 323 25.86 -28.01 -24.01
N GLY I 324 24.65 -27.51 -24.28
CA GLY I 324 23.52 -27.84 -23.46
C GLY I 324 22.17 -27.56 -24.10
N PHE I 325 21.28 -28.55 -24.10
CA PHE I 325 19.92 -28.39 -24.59
C PHE I 325 19.03 -27.93 -23.45
N TRP I 326 18.16 -26.95 -23.72
CA TRP I 326 17.28 -26.37 -22.72
C TRP I 326 15.84 -26.47 -23.18
N PHE I 327 14.91 -26.66 -22.23
CA PHE I 327 13.49 -26.67 -22.50
C PHE I 327 12.75 -25.98 -21.36
N SER I 328 11.68 -25.27 -21.71
CA SER I 328 10.76 -24.60 -20.81
C SER I 328 9.38 -24.67 -21.42
N PRO I 329 8.31 -24.93 -20.60
CA PRO I 329 7.01 -25.28 -21.19
C PRO I 329 6.32 -24.10 -21.87
N ASN I 330 6.21 -24.16 -23.19
CA ASN I 330 5.75 -23.06 -24.03
C ASN I 330 6.64 -21.83 -23.85
N ASN I 331 7.91 -22.08 -23.51
CA ASN I 331 8.95 -21.06 -23.33
C ASN I 331 8.51 -19.97 -22.33
N ARG I 332 8.30 -20.41 -21.09
CA ARG I 332 7.68 -19.52 -20.09
C ARG I 332 8.71 -18.62 -19.42
N TYR I 333 9.82 -19.18 -18.96
CA TYR I 333 10.83 -18.45 -18.19
C TYR I 333 12.18 -18.64 -18.87
N PRO I 334 12.50 -17.84 -19.89
CA PRO I 334 13.64 -18.16 -20.76
C PRO I 334 14.97 -18.06 -20.04
N LEU I 335 15.86 -19.01 -20.34
CA LEU I 335 17.13 -19.12 -19.65
C LEU I 335 18.01 -17.93 -19.98
N GLY I 336 18.52 -17.29 -18.94
CA GLY I 336 19.31 -16.10 -19.18
C GLY I 336 18.43 -14.91 -19.40
N TYR I 337 18.86 -13.79 -18.86
CA TYR I 337 18.09 -12.56 -18.98
C TYR I 337 18.70 -11.61 -20.01
N LYS I 338 19.37 -12.19 -21.00
CA LYS I 338 19.83 -11.50 -22.18
C LYS I 338 19.70 -12.47 -23.35
N HIS I 339 20.33 -12.12 -24.47
CA HIS I 339 20.35 -12.96 -25.67
C HIS I 339 21.58 -13.86 -25.71
N SER I 340 22.08 -14.28 -24.55
CA SER I 340 23.26 -15.14 -24.51
C SER I 340 22.95 -16.52 -25.07
N LYS I 341 24.00 -17.19 -25.55
CA LYS I 341 23.92 -18.55 -26.07
C LYS I 341 24.34 -19.56 -25.03
N LEU I 342 23.97 -19.31 -23.77
CA LEU I 342 24.33 -20.17 -22.64
C LEU I 342 23.74 -21.57 -22.77
N ALA I 343 22.66 -21.72 -23.53
CA ALA I 343 22.13 -23.02 -23.92
C ALA I 343 22.13 -23.12 -25.43
N SER I 344 22.39 -24.32 -25.95
CA SER I 344 22.51 -24.49 -27.39
C SER I 344 21.19 -24.26 -28.10
N ARG I 345 20.12 -24.91 -27.63
CA ARG I 345 18.81 -24.82 -28.25
C ARG I 345 17.75 -24.77 -27.17
N ASN I 346 16.74 -23.91 -27.37
CA ASN I 346 15.61 -23.81 -26.47
C ASN I 346 14.37 -24.39 -27.14
N ILE I 347 13.75 -25.37 -26.48
CA ILE I 347 12.70 -26.20 -27.07
C ILE I 347 11.43 -26.04 -26.24
N GLY I 348 10.29 -26.40 -26.83
CA GLY I 348 9.00 -26.20 -26.20
C GLY I 348 8.17 -27.42 -25.85
N ASN I 349 8.72 -28.63 -25.95
CA ASN I 349 8.02 -29.85 -25.58
C ASN I 349 8.96 -30.78 -24.81
N LEU I 350 8.37 -31.60 -23.96
CA LEU I 350 9.16 -32.63 -23.28
C LEU I 350 9.59 -33.73 -24.25
N ASN I 351 8.68 -34.16 -25.12
CA ASN I 351 9.02 -35.15 -26.14
C ASN I 351 10.09 -34.61 -27.09
N GLU I 352 10.00 -33.33 -27.44
CA GLU I 352 11.00 -32.75 -28.33
C GLU I 352 12.36 -32.66 -27.65
N LEU I 353 12.40 -32.35 -26.35
CA LEU I 353 13.66 -32.35 -25.63
C LEU I 353 14.26 -33.75 -25.55
N VAL I 354 13.40 -34.76 -25.32
CA VAL I 354 13.88 -36.15 -25.28
C VAL I 354 14.41 -36.57 -26.64
N GLY I 355 13.71 -36.20 -27.72
CA GLY I 355 14.18 -36.48 -29.06
C GLY I 355 15.47 -35.76 -29.38
N ALA I 356 15.65 -34.55 -28.84
CA ALA I 356 16.91 -33.85 -29.02
C ALA I 356 18.06 -34.55 -28.29
N VAL I 357 17.80 -35.07 -27.10
CA VAL I 357 18.80 -35.83 -26.38
C VAL I 357 19.18 -37.09 -27.16
N LEU I 358 18.18 -37.81 -27.67
CA LEU I 358 18.44 -39.00 -28.47
C LEU I 358 19.18 -38.65 -29.76
N ASP I 359 18.86 -37.51 -30.35
CA ASP I 359 19.50 -37.05 -31.58
C ASP I 359 20.97 -36.71 -31.34
N TYR I 360 21.28 -36.06 -30.21
CA TYR I 360 22.66 -35.79 -29.87
C TYR I 360 23.43 -37.06 -29.53
N ILE I 361 22.76 -38.06 -28.96
CA ILE I 361 23.43 -39.35 -28.77
C ILE I 361 23.80 -39.97 -30.13
N GLY I 362 22.90 -39.88 -31.09
CA GLY I 362 23.16 -40.39 -32.43
C GLY I 362 21.90 -40.32 -33.26
N GLY I 363 21.94 -41.01 -34.39
CA GLY I 363 20.72 -41.14 -35.16
C GLY I 363 19.73 -41.99 -34.40
N PHE I 364 18.71 -41.37 -33.83
CA PHE I 364 17.80 -42.05 -32.91
C PHE I 364 16.42 -41.42 -33.02
N LYS I 365 15.41 -42.26 -33.23
CA LYS I 365 14.02 -41.84 -33.36
C LYS I 365 13.24 -42.29 -32.15
N TRP I 366 12.28 -41.46 -31.73
CA TRP I 366 11.51 -41.73 -30.51
C TRP I 366 10.17 -42.38 -30.82
N PRO J 4 59.62 -31.33 -14.22
CA PRO J 4 58.33 -32.02 -14.26
C PRO J 4 57.66 -32.10 -12.88
N PRO J 5 56.34 -31.96 -12.85
CA PRO J 5 55.62 -32.08 -11.57
C PRO J 5 55.73 -33.47 -10.98
N ASN J 6 55.85 -33.52 -9.65
CA ASN J 6 55.97 -34.78 -8.92
C ASN J 6 54.77 -35.09 -8.03
N THR J 7 53.87 -34.14 -7.80
CA THR J 7 52.71 -34.38 -6.97
C THR J 7 51.50 -33.68 -7.56
N LEU J 8 50.37 -34.40 -7.62
CA LEU J 8 49.13 -33.90 -8.20
C LEU J 8 48.24 -33.33 -7.10
N PHE J 9 47.15 -32.70 -7.52
CA PHE J 9 46.22 -32.06 -6.60
C PHE J 9 44.79 -32.40 -6.98
N LEU J 10 43.99 -32.79 -5.99
CA LEU J 10 42.58 -33.07 -6.16
C LEU J 10 41.77 -32.21 -5.21
N ARG J 11 40.64 -31.69 -5.71
CA ARG J 11 39.76 -30.82 -4.94
C ARG J 11 38.45 -31.54 -4.69
N LEU J 12 38.03 -31.59 -3.43
CA LEU J 12 36.79 -32.25 -3.02
C LEU J 12 35.86 -31.21 -2.39
N GLU J 13 34.64 -31.11 -2.92
CA GLU J 13 33.63 -30.23 -2.35
C GLU J 13 32.26 -30.74 -2.77
N GLY J 14 31.30 -30.71 -1.84
CA GLY J 14 29.93 -31.04 -2.15
C GLY J 14 29.00 -30.54 -1.07
N ALA J 15 27.70 -30.59 -1.39
CA ALA J 15 26.68 -30.18 -0.43
C ALA J 15 26.67 -31.07 0.80
N LEU J 16 26.83 -32.37 0.59
CA LEU J 16 26.94 -33.33 1.69
C LEU J 16 28.02 -34.34 1.36
N GLN J 17 28.75 -34.77 2.38
CA GLN J 17 29.74 -35.83 2.18
C GLN J 17 29.85 -36.64 3.45
N SER J 18 30.33 -37.87 3.29
CA SER J 18 30.56 -38.78 4.40
C SER J 18 31.77 -39.63 4.07
N TRP J 19 32.58 -39.91 5.09
CA TRP J 19 33.75 -40.77 4.94
C TRP J 19 33.79 -41.68 6.17
N GLY J 20 33.50 -42.96 5.98
CA GLY J 20 33.24 -43.84 7.10
C GLY J 20 34.49 -44.20 7.87
N SER J 21 34.30 -44.44 9.17
CA SER J 21 35.37 -44.80 10.09
C SER J 21 35.30 -46.28 10.42
N ASN J 22 36.15 -46.72 11.34
CA ASN J 22 36.12 -48.09 11.81
C ASN J 22 34.95 -48.35 12.76
N GLU J 23 34.32 -47.32 13.29
CA GLU J 23 33.29 -47.46 14.32
C GLU J 23 31.90 -47.61 13.71
N ALA J 24 31.77 -48.52 12.75
CA ALA J 24 30.47 -48.84 12.16
C ALA J 24 30.52 -50.28 11.66
N LYS J 25 30.09 -51.21 12.51
CA LYS J 25 29.94 -52.61 12.11
C LYS J 25 28.48 -53.04 12.10
N PHE J 26 27.55 -52.10 12.12
CA PHE J 26 26.12 -52.36 12.17
C PHE J 26 25.41 -51.24 11.42
N ALA J 27 24.11 -51.09 11.69
CA ALA J 27 23.29 -50.10 11.00
C ALA J 27 23.55 -48.67 11.45
N LEU J 28 24.43 -48.44 12.41
CA LEU J 28 24.86 -47.08 12.77
C LEU J 28 26.14 -46.77 12.01
N ARG J 29 26.03 -45.95 10.96
CA ARG J 29 27.18 -45.54 10.17
C ARG J 29 27.61 -44.15 10.62
N ARG J 30 28.77 -44.05 11.27
CA ARG J 30 29.36 -42.78 11.63
C ARG J 30 30.42 -42.38 10.60
N THR J 31 30.71 -41.09 10.54
CA THR J 31 31.64 -40.54 9.56
C THR J 31 32.87 -39.97 10.25
N ALA J 32 33.89 -39.69 9.44
CA ALA J 32 35.12 -39.07 9.91
C ALA J 32 35.14 -37.58 9.57
N ASP J 33 36.09 -36.87 10.17
CA ASP J 33 36.20 -35.43 9.95
C ASP J 33 36.81 -35.08 8.60
N ALA J 34 37.66 -35.95 8.06
CA ALA J 34 38.39 -35.67 6.84
C ALA J 34 38.27 -36.84 5.87
N PRO J 35 38.41 -36.60 4.57
CA PRO J 35 38.42 -37.71 3.61
C PRO J 35 39.61 -38.62 3.85
N THR J 36 39.33 -39.90 4.03
CA THR J 36 40.37 -40.86 4.35
C THR J 36 41.16 -41.24 3.09
N LYS J 37 42.26 -41.96 3.31
CA LYS J 37 43.10 -42.40 2.21
C LYS J 37 42.35 -43.39 1.32
N SER J 38 41.58 -44.29 1.92
CA SER J 38 40.89 -45.33 1.16
C SER J 38 39.84 -44.73 0.21
N GLY J 39 39.20 -43.63 0.63
CA GLY J 39 38.22 -43.00 -0.24
C GLY J 39 38.83 -42.43 -1.51
N VAL J 40 39.94 -41.72 -1.38
CA VAL J 40 40.61 -41.15 -2.55
C VAL J 40 41.22 -42.26 -3.40
N LEU J 41 41.76 -43.32 -2.77
CA LEU J 41 42.26 -44.46 -3.54
C LEU J 41 41.16 -45.11 -4.36
N GLY J 42 39.97 -45.27 -3.76
CA GLY J 42 38.86 -45.83 -4.50
C GLY J 42 38.39 -44.94 -5.64
N LEU J 43 38.34 -43.62 -5.40
CA LEU J 43 37.94 -42.70 -6.47
C LEU J 43 38.94 -42.70 -7.62
N LEU J 44 40.24 -42.78 -7.29
CA LEU J 44 41.26 -42.80 -8.34
C LEU J 44 41.22 -44.13 -9.10
N CYS J 45 40.93 -45.23 -8.41
CA CYS J 45 40.73 -46.50 -9.09
C CYS J 45 39.54 -46.44 -10.03
N ALA J 46 38.46 -45.77 -9.61
CA ALA J 46 37.31 -45.59 -10.49
C ALA J 46 37.68 -44.72 -11.70
N ALA J 47 38.46 -43.65 -11.47
CA ALA J 47 38.82 -42.74 -12.56
C ALA J 47 39.71 -43.42 -13.59
N MET J 48 40.68 -44.23 -13.13
CA MET J 48 41.45 -45.02 -14.08
C MET J 48 40.62 -46.15 -14.68
N GLY J 49 39.80 -46.82 -13.88
CA GLY J 49 38.94 -47.87 -14.39
C GLY J 49 39.48 -49.26 -14.16
N ILE J 50 40.04 -49.48 -12.99
CA ILE J 50 40.57 -50.77 -12.59
C ILE J 50 39.46 -51.60 -11.95
N GLY J 51 39.47 -52.90 -12.21
CA GLY J 51 38.48 -53.80 -11.62
C GLY J 51 38.67 -53.95 -10.12
N ARG J 52 37.55 -54.29 -9.46
CA ARG J 52 37.57 -54.50 -8.02
C ARG J 52 38.38 -55.72 -7.64
N ALA J 53 38.42 -56.74 -8.49
CA ALA J 53 39.25 -57.91 -8.25
C ALA J 53 40.68 -57.69 -8.69
N GLU J 54 40.95 -56.59 -9.35
CA GLU J 54 42.29 -56.42 -9.87
C GLU J 54 43.12 -55.50 -8.96
N ALA J 55 42.47 -54.65 -8.13
CA ALA J 55 43.15 -53.67 -7.27
C ALA J 55 44.16 -54.34 -6.36
N ALA J 56 43.85 -55.53 -5.86
CA ALA J 56 44.77 -56.26 -4.99
C ALA J 56 45.96 -56.88 -5.72
N ASP J 57 45.94 -56.94 -7.05
CA ASP J 57 47.02 -57.55 -7.83
C ASP J 57 47.86 -56.45 -8.46
N SER J 58 48.90 -56.02 -7.76
CA SER J 58 49.91 -55.06 -8.24
C SER J 58 49.30 -53.72 -8.63
N TRP J 59 48.23 -53.33 -7.98
CA TRP J 59 47.64 -52.03 -8.27
C TRP J 59 47.34 -51.20 -7.03
N LEU J 60 46.99 -51.81 -5.91
CA LEU J 60 46.80 -51.04 -4.69
C LEU J 60 48.10 -50.64 -3.98
N PRO J 61 49.08 -51.55 -3.73
CA PRO J 61 50.29 -51.09 -3.01
C PRO J 61 51.12 -50.08 -3.79
N LYS J 62 51.01 -50.10 -5.12
CA LYS J 62 51.74 -49.17 -5.97
C LYS J 62 51.36 -47.72 -5.66
N LEU J 63 50.07 -47.46 -5.44
CA LEU J 63 49.63 -46.13 -5.04
C LEU J 63 49.63 -45.97 -3.53
N ALA J 64 49.56 -47.07 -2.78
CA ALA J 64 49.69 -46.99 -1.33
C ALA J 64 51.08 -46.58 -0.89
N ASN J 65 52.09 -46.72 -1.76
CA ASN J 65 53.42 -46.20 -1.48
C ASN J 65 53.47 -44.67 -1.49
N LEU J 66 52.44 -44.00 -2.00
CA LEU J 66 52.45 -42.55 -2.07
C LEU J 66 52.21 -41.93 -0.69
N ARG J 67 52.48 -40.62 -0.60
CA ARG J 67 52.27 -39.87 0.62
C ARG J 67 50.97 -39.09 0.53
N MET J 68 50.21 -39.11 1.62
CA MET J 68 48.85 -38.55 1.67
C MET J 68 48.88 -37.20 2.39
N GLY J 69 48.21 -36.21 1.80
CA GLY J 69 48.13 -34.89 2.41
C GLY J 69 46.81 -34.18 2.17
N VAL J 70 46.15 -33.76 3.26
CA VAL J 70 44.83 -33.15 3.22
C VAL J 70 44.90 -31.80 3.90
N ARG J 71 44.20 -30.81 3.35
CA ARG J 71 44.09 -29.48 3.95
C ARG J 71 42.62 -29.15 4.16
N ILE J 72 42.32 -28.50 5.29
CA ILE J 72 40.94 -28.22 5.66
C ILE J 72 40.70 -26.74 5.37
N ASP J 73 39.95 -26.46 4.30
CA ASP J 73 39.59 -25.08 3.98
C ASP J 73 38.49 -24.58 4.91
N ARG J 74 37.46 -25.41 5.13
CA ARG J 74 36.31 -25.09 5.95
C ARG J 74 35.66 -26.40 6.34
N PRO J 75 35.48 -26.67 7.63
CA PRO J 75 34.94 -27.97 8.07
C PRO J 75 33.42 -27.99 8.20
N GLY J 76 32.89 -29.21 8.21
CA GLY J 76 31.47 -29.43 8.05
C GLY J 76 30.69 -29.49 9.36
N ILE J 77 29.38 -29.37 9.21
CA ILE J 77 28.43 -29.55 10.31
C ILE J 77 27.94 -30.98 10.30
N ARG J 78 28.03 -31.65 11.45
CA ARG J 78 27.69 -33.06 11.54
C ARG J 78 26.18 -33.24 11.42
N TRP J 79 25.74 -33.95 10.38
CA TRP J 79 24.34 -34.08 10.04
C TRP J 79 23.96 -35.55 9.93
N TRP J 80 22.68 -35.83 10.18
CA TRP J 80 22.16 -37.19 10.23
C TRP J 80 20.93 -37.32 9.34
N ASP J 81 20.85 -38.42 8.61
CA ASP J 81 19.74 -38.73 7.72
C ASP J 81 19.18 -40.10 8.07
N PHE J 82 17.86 -40.20 8.22
CA PHE J 82 17.22 -41.45 8.62
C PHE J 82 16.92 -42.21 7.33
N HIS J 83 17.40 -43.43 7.27
CA HIS J 83 17.31 -44.32 6.11
C HIS J 83 16.44 -45.52 6.42
N THR J 84 15.62 -45.92 5.44
CA THR J 84 14.79 -47.13 5.55
C THR J 84 15.09 -48.07 4.39
N VAL J 85 15.14 -49.36 4.69
CA VAL J 85 15.44 -50.40 3.71
C VAL J 85 14.27 -51.37 3.63
N GLY J 86 13.86 -51.70 2.41
CA GLY J 86 12.89 -52.76 2.20
C GLY J 86 11.50 -52.47 2.70
N ALA J 87 10.98 -51.28 2.45
CA ALA J 87 9.59 -50.98 2.77
C ALA J 87 8.67 -51.68 1.76
N GLY J 88 7.78 -52.54 2.26
CA GLY J 88 6.86 -53.25 1.40
C GLY J 88 7.43 -54.42 0.64
N GLN J 89 8.63 -54.89 0.98
CA GLN J 89 9.24 -56.00 0.25
C GLN J 89 9.75 -57.08 1.19
N ARG J 90 10.33 -58.14 0.64
CA ARG J 90 10.84 -59.27 1.40
C ARG J 90 12.34 -59.39 1.19
N MET J 91 13.09 -59.44 2.29
CA MET J 91 14.54 -59.38 2.27
C MET J 91 15.16 -60.78 2.30
N ARG J 92 16.44 -60.85 1.93
CA ARG J 92 17.17 -62.11 1.89
C ARG J 92 17.86 -62.36 3.23
N MET J 93 17.65 -63.55 3.78
CA MET J 93 18.21 -63.97 5.06
C MET J 93 19.27 -65.04 4.85
N ALA J 94 20.14 -65.19 5.85
CA ALA J 94 21.42 -65.87 5.67
C ALA J 94 21.42 -67.36 6.01
N GLU J 95 20.34 -67.90 6.59
CA GLU J 95 20.36 -69.29 7.05
C GLU J 95 20.14 -70.27 5.90
N LEU J 96 20.89 -71.37 5.93
CA LEU J 96 20.69 -72.50 5.04
C LEU J 96 20.62 -73.76 5.88
N LYS J 97 19.91 -74.76 5.39
CA LYS J 97 19.72 -76.00 6.14
C LYS J 97 21.03 -76.76 6.30
N ALA J 98 21.14 -77.49 7.41
CA ALA J 98 22.38 -78.18 7.72
C ALA J 98 22.58 -79.37 6.78
N PRO J 99 23.66 -79.41 6.01
CA PRO J 99 23.85 -80.50 5.05
C PRO J 99 24.53 -81.72 5.64
N LYS J 100 24.09 -82.13 6.84
CA LYS J 100 24.50 -83.36 7.50
C LYS J 100 26.02 -83.52 7.60
N LYS J 101 26.59 -84.27 6.66
CA LYS J 101 28.03 -84.53 6.62
C LYS J 101 28.80 -83.23 6.40
N PRO J 102 29.81 -82.93 7.21
CA PRO J 102 30.60 -81.71 7.01
C PRO J 102 31.64 -81.78 5.90
N SER J 103 31.68 -82.87 5.13
CA SER J 103 32.68 -82.99 4.08
C SER J 103 32.36 -82.12 2.88
N MET J 104 31.08 -81.94 2.56
CA MET J 104 30.65 -81.12 1.44
C MET J 104 30.22 -79.78 2.02
N VAL J 105 31.06 -78.76 1.83
CA VAL J 105 30.81 -77.40 2.28
C VAL J 105 31.35 -76.44 1.22
N GLY J 106 31.00 -75.18 1.37
CA GLY J 106 31.64 -74.11 0.60
C GLY J 106 31.20 -74.12 -0.86
N ALA J 107 32.18 -74.18 -1.76
CA ALA J 107 31.90 -74.06 -3.19
C ALA J 107 31.15 -75.27 -3.73
N ALA J 108 31.40 -76.46 -3.16
CA ALA J 108 30.64 -77.64 -3.56
C ALA J 108 29.17 -77.50 -3.17
N LEU J 109 28.90 -76.86 -2.05
CA LEU J 109 27.53 -76.61 -1.63
C LEU J 109 26.87 -75.53 -2.47
N ALA J 110 27.65 -74.55 -2.93
CA ALA J 110 27.09 -73.45 -3.70
C ALA J 110 26.71 -73.86 -5.12
N GLU J 111 27.23 -74.99 -5.61
CA GLU J 111 26.83 -75.47 -6.93
C GLU J 111 25.41 -76.00 -6.92
N THR J 112 24.92 -76.45 -5.77
CA THR J 112 23.57 -76.95 -5.63
C THR J 112 22.57 -75.87 -5.20
N LEU J 113 23.02 -74.62 -5.08
CA LEU J 113 22.14 -73.54 -4.67
C LEU J 113 21.15 -73.21 -5.79
N THR J 114 19.90 -72.97 -5.42
CA THR J 114 18.83 -72.60 -6.34
C THR J 114 18.21 -71.29 -5.91
N PRO J 115 17.59 -70.54 -6.85
CA PRO J 115 16.82 -69.35 -6.44
C PRO J 115 15.68 -69.67 -5.49
N SER J 116 15.04 -70.84 -5.62
CA SER J 116 13.97 -71.21 -4.71
C SER J 116 14.50 -71.73 -3.36
N LYS J 117 15.79 -72.08 -3.29
CA LYS J 117 16.34 -72.56 -2.03
C LYS J 117 16.44 -71.44 -0.99
N VAL J 118 16.54 -70.19 -1.44
CA VAL J 118 16.58 -69.08 -0.50
C VAL J 118 15.19 -68.79 0.04
N LYS J 119 15.15 -68.12 1.19
CA LYS J 119 13.92 -67.79 1.89
C LYS J 119 13.87 -66.30 2.13
N THR J 120 12.67 -65.74 2.12
CA THR J 120 12.47 -64.30 2.16
C THR J 120 11.69 -63.90 3.41
N ARG J 121 12.04 -62.74 3.97
CA ARG J 121 11.37 -62.20 5.15
C ARG J 121 11.01 -60.74 4.90
N ALA J 122 9.76 -60.39 5.14
CA ALA J 122 9.28 -59.01 4.99
C ALA J 122 9.40 -58.30 6.33
N GLU J 123 10.25 -57.29 6.38
CA GLU J 123 10.45 -56.48 7.57
C GLU J 123 10.91 -55.09 7.11
N THR J 124 11.30 -54.26 8.06
CA THR J 124 11.77 -52.90 7.75
C THR J 124 13.09 -52.68 8.46
N LEU J 125 14.16 -52.48 7.68
CA LEU J 125 15.48 -52.26 8.25
C LEU J 125 15.78 -50.76 8.31
N LEU J 126 15.95 -50.26 9.53
CA LEU J 126 16.11 -48.84 9.79
C LEU J 126 17.58 -48.54 10.06
N SER J 127 18.06 -47.43 9.52
CA SER J 127 19.43 -47.00 9.77
C SER J 127 19.48 -45.49 9.73
N ARG J 128 20.48 -44.94 10.42
CA ARG J 128 20.76 -43.51 10.40
C ARG J 128 22.20 -43.31 9.98
N ARG J 129 22.41 -42.51 8.95
CA ARG J 129 23.73 -42.31 8.35
C ARG J 129 24.13 -40.85 8.51
N GLU J 130 25.39 -40.64 8.86
CA GLU J 130 25.90 -39.30 9.15
C GLU J 130 26.52 -38.70 7.90
N TYR J 131 26.22 -37.42 7.65
CA TYR J 131 26.80 -36.67 6.55
C TYR J 131 27.36 -35.35 7.06
N LEU J 132 28.35 -34.85 6.35
CA LEU J 132 29.00 -33.57 6.64
C LEU J 132 28.52 -32.52 5.65
N ALA J 133 28.08 -31.37 6.15
CA ALA J 133 27.51 -30.33 5.31
C ALA J 133 28.47 -29.16 5.17
N ASP J 134 28.66 -28.69 3.95
CA ASP J 134 29.47 -27.51 3.62
C ASP J 134 30.92 -27.67 4.06
N ALA J 135 31.60 -28.64 3.44
CA ALA J 135 33.00 -28.92 3.74
C ALA J 135 33.83 -28.88 2.46
N SER J 136 35.09 -28.44 2.61
CA SER J 136 36.02 -28.31 1.50
C SER J 136 37.34 -28.98 1.88
N PHE J 137 37.96 -29.64 0.90
CA PHE J 137 39.20 -30.35 1.14
C PHE J 137 40.06 -30.34 -0.13
N LEU J 138 41.36 -30.47 0.06
CA LEU J 138 42.32 -30.63 -1.04
C LEU J 138 43.16 -31.86 -0.79
N VAL J 139 43.25 -32.73 -1.79
CA VAL J 139 44.07 -33.94 -1.72
C VAL J 139 45.28 -33.75 -2.63
N ALA J 140 46.47 -33.81 -2.04
CA ALA J 140 47.72 -33.62 -2.77
C ALA J 140 48.58 -34.86 -2.55
N LEU J 141 48.71 -35.69 -3.58
CA LEU J 141 49.41 -36.96 -3.49
C LEU J 141 50.79 -36.86 -4.14
N GLN J 142 51.83 -37.21 -3.38
CA GLN J 142 53.21 -37.08 -3.82
C GLN J 142 53.75 -38.44 -4.26
N GLY J 143 54.05 -38.57 -5.54
CA GLY J 143 54.53 -39.82 -6.09
C GLY J 143 55.51 -39.61 -7.21
N GLU J 144 55.61 -40.62 -8.08
CA GLU J 144 56.50 -40.51 -9.23
C GLU J 144 55.91 -39.52 -10.23
N PRO J 145 56.77 -38.69 -10.87
CA PRO J 145 56.26 -37.75 -11.88
C PRO J 145 55.49 -38.42 -13.01
N GLU J 146 55.96 -39.59 -13.48
CA GLU J 146 55.19 -40.35 -14.46
C GLU J 146 53.87 -40.83 -13.86
N LEU J 147 53.89 -41.28 -12.60
CA LEU J 147 52.69 -41.76 -11.96
C LEU J 147 51.68 -40.64 -11.74
N VAL J 148 52.16 -39.46 -11.36
CA VAL J 148 51.29 -38.29 -11.21
C VAL J 148 50.72 -37.88 -12.55
N ALA J 149 51.53 -37.94 -13.62
CA ALA J 149 51.02 -37.62 -14.95
C ALA J 149 49.93 -38.59 -15.37
N LYS J 150 50.13 -39.88 -15.11
CA LYS J 150 49.11 -40.88 -15.43
C LYS J 150 47.84 -40.65 -14.61
N LEU J 151 47.99 -40.34 -13.33
CA LEU J 151 46.84 -40.07 -12.46
C LEU J 151 46.06 -38.86 -12.94
N SER J 152 46.77 -37.78 -13.30
CA SER J 152 46.11 -36.56 -13.77
C SER J 152 45.41 -36.79 -15.11
N ALA J 153 46.04 -37.54 -16.01
CA ALA J 153 45.39 -37.86 -17.29
C ALA J 153 44.15 -38.70 -17.06
N ALA J 154 44.20 -39.64 -16.11
CA ALA J 154 43.03 -40.46 -15.80
C ALA J 154 41.90 -39.63 -15.23
N LEU J 155 42.21 -38.70 -14.31
CA LEU J 155 41.14 -37.90 -13.71
C LEU J 155 40.68 -36.76 -14.62
N ALA J 156 41.40 -36.50 -15.72
CA ALA J 156 40.92 -35.52 -16.68
C ALA J 156 39.60 -35.97 -17.31
N LYS J 157 39.48 -37.26 -17.61
CA LYS J 157 38.24 -37.84 -18.11
C LYS J 157 38.05 -39.19 -17.42
N PRO J 158 37.18 -39.27 -16.42
CA PRO J 158 37.01 -40.54 -15.70
C PRO J 158 36.21 -41.54 -16.53
N VAL J 159 36.65 -42.79 -16.47
CA VAL J 159 35.97 -43.85 -17.22
C VAL J 159 34.57 -44.08 -16.67
N TRP J 160 34.46 -44.21 -15.34
CA TRP J 160 33.19 -44.37 -14.66
C TRP J 160 32.81 -43.05 -13.99
N ALA J 161 31.56 -42.97 -13.55
CA ALA J 161 31.12 -41.82 -12.77
C ALA J 161 31.78 -41.84 -11.40
N ILE J 162 31.96 -40.66 -10.82
CA ILE J 162 32.66 -40.49 -9.55
C ILE J 162 31.71 -39.84 -8.55
N TYR J 163 31.84 -40.22 -7.28
CA TYR J 163 31.03 -39.60 -6.23
C TYR J 163 31.91 -39.20 -5.04
N LEU J 164 31.28 -38.78 -3.95
CA LEU J 164 31.99 -38.16 -2.83
C LEU J 164 31.85 -39.00 -1.56
N GLY J 165 32.14 -40.29 -1.66
CA GLY J 165 32.11 -41.16 -0.50
C GLY J 165 30.91 -42.07 -0.55
N ARG J 166 29.77 -41.50 -0.94
CA ARG J 166 28.56 -42.23 -1.19
C ARG J 166 27.98 -41.78 -2.53
N LYS J 167 27.25 -42.68 -3.19
CA LYS J 167 26.91 -42.50 -4.60
C LYS J 167 25.94 -41.34 -4.84
N SER J 168 25.35 -40.76 -3.80
CA SER J 168 24.40 -39.68 -3.95
C SER J 168 24.99 -38.31 -3.69
N CYS J 169 26.31 -38.21 -3.51
CA CYS J 169 26.97 -36.95 -3.18
C CYS J 169 27.70 -36.45 -4.41
N PRO J 170 27.20 -35.41 -5.06
CA PRO J 170 27.71 -35.03 -6.38
C PRO J 170 28.85 -34.03 -6.28
N PRO J 171 29.72 -33.96 -7.28
CA PRO J 171 30.71 -32.89 -7.33
C PRO J 171 30.07 -31.57 -7.72
N SER J 172 30.48 -30.51 -7.00
CA SER J 172 30.05 -29.16 -7.32
C SER J 172 31.19 -28.24 -7.71
N ARG J 173 32.43 -28.69 -7.60
CA ARG J 173 33.62 -28.06 -8.16
C ARG J 173 34.42 -29.11 -8.89
N PRO J 174 35.21 -28.71 -9.90
CA PRO J 174 36.00 -29.70 -10.64
C PRO J 174 37.11 -30.30 -9.78
N VAL J 175 37.22 -31.63 -9.83
CA VAL J 175 38.31 -32.32 -9.16
C VAL J 175 39.63 -32.06 -9.89
N CYS J 176 39.57 -31.86 -11.21
CA CYS J 176 40.75 -31.61 -12.04
C CYS J 176 41.03 -30.12 -12.18
N GLU J 177 40.69 -29.33 -11.17
CA GLU J 177 40.84 -27.89 -11.24
C GLU J 177 42.30 -27.44 -11.10
N HIS J 178 43.12 -28.17 -10.34
CA HIS J 178 44.46 -27.73 -10.00
C HIS J 178 45.50 -28.47 -10.83
N PRO J 179 46.37 -27.76 -11.56
CA PRO J 179 47.42 -28.45 -12.29
C PRO J 179 48.54 -28.89 -11.36
N PRO J 180 49.14 -30.05 -11.61
CA PRO J 180 50.20 -30.54 -10.73
C PRO J 180 51.48 -29.71 -10.81
N GLY J 181 52.29 -29.81 -9.75
CA GLY J 181 53.52 -29.05 -9.64
C GLY J 181 54.61 -29.88 -8.99
N PHE J 182 55.79 -29.27 -8.91
CA PHE J 182 56.97 -29.89 -8.31
C PHE J 182 57.29 -29.19 -7.01
N TYR J 183 57.20 -29.91 -5.89
CA TYR J 183 57.55 -29.40 -4.58
C TYR J 183 58.28 -30.48 -3.80
N ASN J 184 59.14 -30.04 -2.88
CA ASN J 184 59.95 -30.99 -2.11
C ASN J 184 59.16 -31.61 -0.96
N THR J 185 58.38 -30.82 -0.24
CA THR J 185 57.65 -31.29 0.93
C THR J 185 56.16 -31.17 0.70
N LEU J 186 55.39 -31.99 1.42
CA LEU J 186 53.94 -31.91 1.35
C LEU J 186 53.42 -30.61 1.94
N GLU J 187 54.13 -30.04 2.93
CA GLU J 187 53.70 -28.80 3.55
C GLU J 187 53.72 -27.64 2.56
N GLU J 188 54.81 -27.52 1.80
CA GLU J 188 54.90 -26.45 0.81
C GLU J 188 53.90 -26.64 -0.32
N ALA J 189 53.63 -27.89 -0.69
CA ALA J 189 52.63 -28.17 -1.71
C ALA J 189 51.23 -27.80 -1.24
N LEU J 190 50.89 -28.16 0.01
CA LEU J 190 49.57 -27.82 0.55
C LEU J 190 49.45 -26.31 0.78
N SER J 191 50.56 -25.63 1.05
CA SER J 191 50.55 -24.18 1.18
C SER J 191 50.58 -23.47 -0.17
N ALA J 192 50.93 -24.18 -1.24
CA ALA J 192 51.02 -23.54 -2.55
C ALA J 192 49.64 -23.27 -3.14
N VAL J 193 48.73 -24.23 -3.03
CA VAL J 193 47.38 -24.06 -3.58
C VAL J 193 46.63 -23.02 -2.74
N PRO J 194 46.12 -21.96 -3.34
CA PRO J 194 45.58 -20.83 -2.57
C PRO J 194 44.21 -21.16 -1.97
N LEU J 195 43.65 -20.18 -1.29
CA LEU J 195 42.35 -20.30 -0.64
C LEU J 195 41.34 -19.41 -1.35
N GLN J 196 40.20 -20.00 -1.71
CA GLN J 196 39.22 -19.38 -2.60
C GLN J 196 37.99 -18.97 -1.80
N LYS J 197 37.48 -17.77 -2.08
CA LYS J 197 36.25 -17.27 -1.47
C LYS J 197 35.09 -17.38 -2.45
N ARG J 198 33.90 -17.61 -1.89
CA ARG J 198 32.67 -17.70 -2.66
C ARG J 198 31.96 -16.37 -2.83
N TRP J 199 31.72 -15.65 -1.74
CA TRP J 199 31.17 -14.30 -1.80
C TRP J 199 31.93 -13.42 -0.80
N HIS J 200 31.67 -12.12 -0.87
CA HIS J 200 32.62 -11.14 -0.35
C HIS J 200 32.65 -11.11 1.18
N ASN J 201 31.51 -11.25 1.85
CA ASN J 201 31.45 -11.12 3.30
C ASN J 201 31.02 -12.44 3.91
N GLU J 202 31.97 -13.14 4.53
CA GLU J 202 31.70 -14.42 5.17
C GLU J 202 32.81 -14.70 6.17
N PRO J 203 32.58 -15.58 7.15
CA PRO J 203 33.67 -15.95 8.07
C PRO J 203 34.76 -16.74 7.34
N LEU J 204 36.00 -16.42 7.68
CA LEU J 204 37.18 -17.09 7.15
C LEU J 204 37.96 -17.72 8.30
N PRO J 205 38.33 -18.99 8.19
CA PRO J 205 39.09 -19.63 9.28
C PRO J 205 40.52 -19.11 9.33
N GLN J 206 40.90 -18.58 10.50
CA GLN J 206 42.25 -18.06 10.67
C GLN J 206 43.29 -19.18 10.75
N ILE J 207 42.86 -20.38 11.13
CA ILE J 207 43.73 -21.54 11.17
C ILE J 207 43.13 -22.62 10.28
N LEU J 208 43.99 -23.26 9.48
CA LEU J 208 43.57 -24.27 8.52
C LEU J 208 44.27 -25.58 8.85
N PRO J 209 43.61 -26.53 9.50
CA PRO J 209 44.27 -27.79 9.85
C PRO J 209 44.63 -28.61 8.62
N CYS J 210 45.73 -29.36 8.77
CA CYS J 210 46.25 -30.20 7.71
C CYS J 210 46.53 -31.58 8.28
N VAL J 211 46.34 -32.61 7.46
CA VAL J 211 46.60 -33.99 7.84
C VAL J 211 47.72 -34.52 6.97
N MET J 212 48.74 -35.10 7.60
CA MET J 212 49.95 -35.53 6.92
C MET J 212 50.34 -36.92 7.41
N ASP J 213 50.90 -37.74 6.51
CA ASP J 213 51.49 -39.01 6.89
C ASP J 213 52.79 -38.79 7.66
N TRP J 214 53.04 -39.67 8.62
CA TRP J 214 54.21 -39.51 9.48
C TRP J 214 55.43 -40.10 8.77
N ILE J 215 56.42 -39.26 8.48
CA ILE J 215 57.61 -39.69 7.76
C ILE J 215 58.46 -40.58 8.66
N PRO J 216 58.93 -41.74 8.18
CA PRO J 216 59.75 -42.61 9.04
C PRO J 216 61.14 -42.07 9.29
N GLY J 217 61.57 -41.04 8.57
CA GLY J 217 62.89 -40.47 8.80
C GLY J 217 64.01 -41.42 8.45
N TYR J 218 64.92 -41.60 9.39
CA TYR J 218 66.04 -42.52 9.22
C TYR J 218 65.63 -43.92 9.64
N ASP J 219 66.60 -44.84 9.64
CA ASP J 219 66.32 -46.23 10.01
C ASP J 219 66.10 -46.33 11.52
N GLY J 220 64.90 -46.75 11.91
CA GLY J 220 64.50 -46.74 13.31
C GLY J 220 63.42 -45.70 13.54
N GLU J 221 63.65 -44.79 14.49
CA GLU J 221 62.82 -43.60 14.72
C GLU J 221 61.37 -43.99 15.03
N HIS J 222 61.20 -44.59 16.22
CA HIS J 222 59.88 -45.01 16.71
C HIS J 222 58.87 -43.86 16.73
N ALA J 223 57.59 -44.22 16.66
CA ALA J 223 56.53 -43.26 16.39
C ALA J 223 56.39 -42.24 17.53
N PRO J 224 56.04 -41.00 17.21
CA PRO J 224 55.90 -39.98 18.27
C PRO J 224 54.66 -40.22 19.12
N ASP J 225 54.65 -39.55 20.28
CA ASP J 225 53.57 -39.71 21.23
C ASP J 225 52.28 -39.02 20.78
N ASP J 226 52.38 -38.02 19.91
CA ASP J 226 51.21 -37.30 19.42
C ASP J 226 50.65 -37.87 18.13
N ALA J 227 51.22 -38.96 17.61
CA ALA J 227 50.67 -39.60 16.43
C ALA J 227 49.50 -40.51 16.79
N GLU J 228 48.64 -40.76 15.81
CA GLU J 228 47.44 -41.57 15.98
C GLU J 228 47.52 -42.80 15.10
N ILE J 229 46.48 -43.62 15.17
CA ILE J 229 46.35 -44.80 14.30
C ILE J 229 45.07 -44.63 13.49
N HIS J 230 45.07 -45.15 12.27
CA HIS J 230 43.94 -45.09 11.36
C HIS J 230 43.92 -46.32 10.48
N TYR J 231 42.79 -47.02 10.45
CA TYR J 231 42.67 -48.30 9.74
C TYR J 231 42.10 -48.10 8.34
N ASP J 232 42.80 -47.29 7.54
CA ASP J 232 42.31 -46.98 6.19
C ASP J 232 43.42 -47.14 5.16
N LEU J 233 44.16 -48.24 5.23
CA LEU J 233 45.08 -48.61 4.15
C LEU J 233 44.52 -49.84 3.46
N PRO J 234 43.85 -49.70 2.31
CA PRO J 234 43.17 -50.85 1.72
C PRO J 234 44.14 -51.82 1.06
N VAL J 235 43.93 -53.10 1.36
CA VAL J 235 44.66 -54.17 0.69
C VAL J 235 43.78 -54.94 -0.28
N SER J 236 42.49 -55.11 0.02
CA SER J 236 41.55 -55.73 -0.89
C SER J 236 40.23 -54.97 -0.82
N PHE J 237 39.45 -55.04 -1.90
CA PHE J 237 38.17 -54.34 -1.98
C PHE J 237 36.98 -55.27 -2.16
N GLN J 238 37.20 -56.55 -2.47
CA GLN J 238 36.11 -57.51 -2.63
C GLN J 238 36.63 -58.89 -2.26
N PRO J 239 36.47 -59.30 -0.99
CA PRO J 239 35.90 -58.55 0.14
C PRO J 239 36.93 -57.58 0.74
N PRO J 240 36.47 -56.51 1.39
CA PRO J 240 37.40 -55.49 1.89
C PRO J 240 38.40 -56.01 2.92
N ARG J 241 39.62 -55.51 2.82
CA ARG J 241 40.69 -55.74 3.78
C ARG J 241 41.36 -54.40 4.04
N HIS J 242 41.51 -54.02 5.31
CA HIS J 242 42.03 -52.71 5.65
C HIS J 242 43.14 -52.82 6.69
N LEU J 243 44.05 -51.86 6.66
CA LEU J 243 45.31 -51.93 7.37
C LEU J 243 45.53 -50.64 8.15
N PRO J 244 45.94 -50.74 9.42
CA PRO J 244 46.21 -49.53 10.21
C PRO J 244 47.39 -48.73 9.69
N ARG J 245 47.38 -47.43 9.99
CA ARG J 245 48.42 -46.52 9.53
C ARG J 245 48.67 -45.45 10.59
N PHE J 246 49.78 -44.75 10.45
CA PHE J 246 50.17 -43.69 11.37
C PHE J 246 49.83 -42.32 10.77
N VAL J 247 49.20 -41.47 11.58
CA VAL J 247 48.69 -40.17 11.14
C VAL J 247 49.11 -39.12 12.15
N ILE J 248 49.64 -38.00 11.67
CA ILE J 248 49.93 -36.86 12.52
C ILE J 248 49.02 -35.70 12.12
N ARG J 249 49.11 -34.61 12.88
CA ARG J 249 48.31 -33.42 12.63
C ARG J 249 49.20 -32.19 12.69
N ARG J 250 49.07 -31.31 11.71
CA ARG J 250 49.75 -30.03 11.68
C ARG J 250 48.72 -28.94 11.38
N GLU J 251 49.10 -27.70 11.68
CA GLU J 251 48.23 -26.56 11.48
C GLU J 251 48.97 -25.48 10.68
N LEU J 252 48.19 -24.67 9.97
CA LEU J 252 48.75 -23.62 9.13
C LEU J 252 47.93 -22.35 9.30
N VAL J 253 48.58 -21.28 9.72
CA VAL J 253 47.91 -20.01 9.95
C VAL J 253 47.78 -19.25 8.63
N VAL J 254 46.56 -18.76 8.37
CA VAL J 254 46.33 -18.04 7.12
C VAL J 254 46.94 -16.65 7.20
N GLY J 255 47.24 -16.09 6.03
CA GLY J 255 47.82 -14.76 5.94
C GLY J 255 49.33 -14.69 5.89
N GLU J 256 50.03 -15.82 6.00
CA GLU J 256 51.49 -15.82 5.93
C GLU J 256 52.08 -16.88 5.02
N ASP J 257 51.37 -17.98 4.75
CA ASP J 257 51.85 -18.98 3.80
C ASP J 257 50.76 -19.51 2.88
N VAL J 258 49.52 -19.05 3.05
CA VAL J 258 48.44 -19.28 2.08
C VAL J 258 47.72 -17.94 1.90
N GLN J 259 47.62 -17.49 0.65
CA GLN J 259 46.92 -16.25 0.35
C GLN J 259 45.43 -16.49 0.19
N VAL J 260 44.68 -15.40 0.10
CA VAL J 260 43.24 -15.44 -0.09
C VAL J 260 42.93 -14.86 -1.46
N SER J 261 42.29 -15.66 -2.32
CA SER J 261 41.93 -15.18 -3.65
C SER J 261 40.65 -14.35 -3.59
N ARG J 262 40.39 -13.63 -4.68
CA ARG J 262 39.23 -12.76 -4.76
C ARG J 262 37.98 -13.59 -5.09
N GLU J 263 36.85 -12.88 -5.25
CA GLU J 263 35.58 -13.58 -5.46
C GLU J 263 35.48 -14.13 -6.88
N THR J 264 35.97 -13.38 -7.88
CA THR J 264 36.02 -13.79 -9.28
C THR J 264 34.66 -14.23 -9.83
N GLY J 265 33.63 -13.43 -9.55
CA GLY J 265 32.31 -13.73 -10.06
C GLY J 265 31.24 -12.93 -9.35
N THR J 266 29.99 -13.26 -9.68
CA THR J 266 28.81 -12.63 -9.11
C THR J 266 27.91 -13.68 -8.48
N SER J 267 27.38 -13.38 -7.30
CA SER J 267 26.54 -14.31 -6.55
C SER J 267 25.05 -14.09 -6.81
N VAL J 268 24.55 -12.89 -6.51
CA VAL J 268 23.14 -12.59 -6.70
C VAL J 268 22.85 -12.42 -8.19
N TRP J 269 21.60 -12.65 -8.58
CA TRP J 269 21.24 -12.59 -9.99
C TRP J 269 20.70 -11.21 -10.39
N ARG J 270 19.56 -10.81 -9.80
CA ARG J 270 18.87 -9.52 -9.94
C ARG J 270 18.31 -9.26 -11.35
N PRO J 271 17.18 -8.54 -11.48
CA PRO J 271 16.62 -8.23 -12.83
C PRO J 271 17.41 -7.15 -13.63
N LYS J 272 17.05 -6.75 -14.88
CA LYS J 272 17.73 -5.65 -15.59
C LYS J 272 17.37 -4.24 -15.14
N GLY J 273 18.06 -3.35 -15.82
CA GLY J 273 18.01 -1.94 -15.57
C GLY J 273 16.87 -1.31 -16.33
N THR J 274 15.93 -0.78 -15.58
CA THR J 274 14.93 0.16 -16.06
C THR J 274 15.54 1.55 -15.89
N ARG J 275 14.74 2.61 -15.93
CA ARG J 275 15.14 3.98 -15.59
C ARG J 275 16.24 4.49 -16.52
N ALA J 276 15.90 4.56 -17.81
CA ALA J 276 16.79 5.18 -18.78
C ALA J 276 16.98 6.65 -18.43
N ASP J 277 18.22 7.12 -18.57
CA ASP J 277 18.55 8.49 -18.22
C ASP J 277 18.21 9.42 -19.38
N TYR J 278 17.58 10.55 -19.05
CA TYR J 278 17.11 11.50 -20.04
C TYR J 278 18.08 12.66 -20.25
N ASN J 279 19.27 12.61 -19.66
CA ASN J 279 20.29 13.62 -19.87
C ASN J 279 21.50 13.08 -20.61
N ASN J 280 21.49 11.79 -20.97
CA ASN J 280 22.57 11.19 -21.74
C ASN J 280 22.52 11.66 -23.19
N SER J 281 23.70 11.68 -23.83
CA SER J 281 23.80 12.22 -25.18
C SER J 281 23.16 11.29 -26.22
N GLU J 282 23.28 9.97 -26.03
CA GLU J 282 22.68 9.03 -26.97
C GLU J 282 21.16 9.17 -26.99
N TYR J 283 20.57 9.44 -25.81
CA TYR J 283 19.12 9.64 -25.75
C TYR J 283 18.69 10.86 -26.55
N LYS J 284 19.43 11.97 -26.43
CA LYS J 284 19.07 13.17 -27.19
C LYS J 284 19.27 12.96 -28.69
N LYS J 285 20.32 12.23 -29.07
CA LYS J 285 20.54 11.95 -30.49
C LYS J 285 19.43 11.09 -31.08
N VAL J 286 19.04 10.02 -30.37
CA VAL J 286 17.97 9.16 -30.86
C VAL J 286 16.63 9.90 -30.87
N ARG J 287 16.38 10.73 -29.86
CA ARG J 287 15.16 11.52 -29.83
C ARG J 287 15.09 12.49 -30.99
N ALA J 288 16.22 13.15 -31.31
CA ALA J 288 16.26 14.06 -32.44
C ALA J 288 16.03 13.33 -33.76
N GLU J 289 16.65 12.15 -33.92
CA GLU J 289 16.46 11.42 -35.17
C GLU J 289 15.02 10.94 -35.33
N ARG J 290 14.40 10.50 -34.24
CA ARG J 290 13.01 10.09 -34.28
C ARG J 290 12.08 11.27 -34.55
N LEU J 291 12.42 12.46 -34.05
CA LEU J 291 11.66 13.65 -34.41
C LEU J 291 11.84 14.00 -35.88
N VAL J 292 13.00 13.69 -36.46
CA VAL J 292 13.18 13.88 -37.90
C VAL J 292 12.33 12.90 -38.68
N MET J 293 12.28 11.63 -38.24
CA MET J 293 11.60 10.58 -39.00
C MET J 293 10.10 10.82 -39.09
N ASP J 294 9.48 11.21 -37.99
CA ASP J 294 8.03 11.42 -37.98
C ASP J 294 7.62 12.73 -38.61
N HIS J 295 8.58 13.49 -39.16
CA HIS J 295 8.35 14.80 -39.77
C HIS J 295 7.76 15.80 -38.77
N ALA J 296 8.09 15.60 -37.49
CA ALA J 296 7.66 16.46 -36.38
C ALA J 296 6.14 16.61 -36.34
N ALA J 297 5.45 15.48 -36.41
CA ALA J 297 4.00 15.43 -36.31
C ALA J 297 3.60 14.41 -35.26
N CYS J 298 2.58 14.76 -34.47
CA CYS J 298 2.05 13.85 -33.47
C CYS J 298 1.48 12.59 -34.12
N MET J 299 1.51 11.49 -33.39
CA MET J 299 1.05 10.22 -33.92
C MET J 299 -0.45 9.99 -33.76
N VAL J 300 -1.09 10.67 -32.82
CA VAL J 300 -2.54 10.57 -32.64
C VAL J 300 -3.27 11.72 -33.35
N CYS J 301 -2.95 12.96 -32.97
CA CYS J 301 -3.70 14.12 -33.43
C CYS J 301 -2.98 14.95 -34.50
N LYS J 302 -1.75 14.58 -34.86
CA LYS J 302 -0.98 15.21 -35.95
C LYS J 302 -0.62 16.69 -35.70
N ALA J 303 -0.41 17.11 -34.47
CA ALA J 303 0.04 18.48 -34.26
C ALA J 303 1.55 18.32 -34.14
N PRO J 304 2.33 19.39 -34.22
CA PRO J 304 3.77 19.15 -34.16
C PRO J 304 4.24 18.38 -32.96
N ALA J 305 5.36 17.68 -33.10
CA ALA J 305 5.88 16.87 -32.02
C ALA J 305 6.99 17.48 -31.19
N THR J 306 6.82 17.48 -29.88
CA THR J 306 7.81 18.05 -28.95
C THR J 306 8.48 17.02 -28.05
N THR J 307 7.72 16.09 -27.48
CA THR J 307 8.28 15.07 -26.60
C THR J 307 8.30 13.71 -27.30
N VAL J 308 8.67 12.69 -26.53
CA VAL J 308 8.79 11.33 -27.02
C VAL J 308 8.32 10.38 -25.90
N GLN J 309 7.49 9.40 -26.26
CA GLN J 309 7.14 8.33 -25.34
C GLN J 309 7.83 7.02 -25.71
N HIS J 310 8.07 6.21 -24.69
CA HIS J 310 8.81 4.97 -24.83
C HIS J 310 7.80 3.81 -24.90
N VAL J 311 7.81 3.09 -26.02
CA VAL J 311 6.86 2.00 -26.19
C VAL J 311 7.18 0.85 -25.23
N ASN J 312 8.46 0.51 -25.10
CA ASN J 312 8.88 -0.48 -24.12
C ASN J 312 10.25 -0.10 -23.57
N TYR J 313 10.57 -0.69 -22.42
CA TYR J 313 11.79 -0.37 -21.69
C TYR J 313 12.71 -1.59 -21.63
N ARG J 314 12.83 -2.30 -22.74
CA ARG J 314 13.71 -3.47 -22.80
C ARG J 314 15.16 -3.09 -22.58
N ARG J 315 15.61 -2.02 -23.24
CA ARG J 315 16.96 -1.51 -23.09
C ARG J 315 16.89 -0.07 -22.59
N ALA J 316 17.77 0.28 -21.66
CA ALA J 316 17.75 1.58 -21.02
C ALA J 316 19.15 2.18 -21.00
N GLY J 317 19.24 3.46 -21.39
CA GLY J 317 20.46 4.23 -21.21
C GLY J 317 21.53 4.01 -22.25
N GLY J 318 22.25 2.89 -22.15
CA GLY J 318 23.35 2.63 -23.06
C GLY J 318 22.90 2.40 -24.50
N LYS J 319 21.86 1.61 -24.69
CA LYS J 319 21.39 1.22 -26.01
C LYS J 319 19.95 1.70 -26.20
N GLU J 320 19.70 2.29 -27.36
CA GLU J 320 18.37 2.81 -27.67
C GLU J 320 18.17 2.74 -29.18
N ILE J 321 17.54 1.67 -29.65
CA ILE J 321 17.16 1.57 -31.05
C ILE J 321 15.93 2.46 -31.25
N PRO J 322 15.84 3.25 -32.32
CA PRO J 322 14.73 4.21 -32.43
C PRO J 322 13.44 3.59 -32.94
N GLU J 323 13.11 2.40 -32.45
CA GLU J 323 11.83 1.77 -32.71
C GLU J 323 10.97 1.64 -31.47
N ASP J 324 11.51 1.97 -30.29
CA ASP J 324 10.76 2.04 -29.06
C ASP J 324 10.23 3.44 -28.76
N LEU J 325 10.44 4.38 -29.67
CA LEU J 325 10.15 5.78 -29.42
C LEU J 325 9.20 6.30 -30.49
N ARG J 326 8.20 7.08 -30.07
CA ARG J 326 7.24 7.69 -30.95
C ARG J 326 7.09 9.16 -30.57
N ALA J 327 6.76 9.99 -31.55
CA ALA J 327 6.69 11.42 -31.35
C ALA J 327 5.25 11.85 -31.08
N LEU J 328 5.00 12.43 -29.91
CA LEU J 328 3.71 13.01 -29.59
C LEU J 328 3.91 14.37 -28.95
N CYS J 329 2.81 15.14 -28.89
CA CYS J 329 2.84 16.49 -28.34
C CYS J 329 2.56 16.45 -26.84
N ARG J 330 2.28 17.62 -26.26
CA ARG J 330 2.20 17.74 -24.81
C ARG J 330 0.94 17.09 -24.25
N LEU J 331 -0.23 17.35 -24.87
CA LEU J 331 -1.48 16.82 -24.36
C LEU J 331 -1.52 15.31 -24.44
N CYS J 332 -1.02 14.74 -25.53
CA CYS J 332 -0.97 13.29 -25.66
C CYS J 332 0.02 12.67 -24.68
N HIS J 333 1.16 13.34 -24.45
CA HIS J 333 2.12 12.83 -23.47
C HIS J 333 1.52 12.81 -22.08
N ASP J 334 0.82 13.88 -21.70
CA ASP J 334 0.20 13.92 -20.37
C ASP J 334 -0.93 12.90 -20.25
N ALA J 335 -1.70 12.70 -21.34
CA ALA J 335 -2.78 11.72 -21.30
C ALA J 335 -2.25 10.31 -21.15
N CYS J 336 -1.27 9.92 -21.95
CA CYS J 336 -0.71 8.58 -21.81
C CYS J 336 0.10 8.45 -20.53
N THR J 337 0.61 9.55 -19.98
CA THR J 337 1.27 9.50 -18.68
C THR J 337 0.27 9.19 -17.58
N MET J 338 -0.91 9.81 -17.62
CA MET J 338 -1.92 9.55 -16.62
C MET J 338 -2.61 8.20 -16.83
N LEU J 339 -2.54 7.64 -18.04
CA LEU J 339 -3.03 6.28 -18.25
C LEU J 339 -2.13 5.21 -17.63
N GLU J 340 -0.91 5.57 -17.20
CA GLU J 340 0.06 4.59 -16.72
C GLU J 340 0.41 4.79 -15.25
N TYR J 341 -0.44 5.48 -14.48
CA TYR J 341 -0.08 5.74 -13.08
C TYR J 341 -0.24 4.49 -12.21
N GLY J 342 -1.25 3.67 -12.48
CA GLY J 342 -1.49 2.51 -11.66
C GLY J 342 -1.74 1.25 -12.47
N SER J 343 -1.07 1.11 -13.60
CA SER J 343 -1.29 -0.02 -14.50
C SER J 343 -0.45 -1.24 -14.19
N GLY J 344 0.80 -1.06 -13.75
CA GLY J 344 1.65 -2.19 -13.42
C GLY J 344 2.00 -3.07 -14.59
N MET J 345 2.14 -2.49 -15.78
CA MET J 345 2.51 -3.24 -16.98
C MET J 345 4.01 -3.25 -17.22
N THR J 346 4.76 -2.46 -16.43
CA THR J 346 6.21 -2.29 -16.46
C THR J 346 6.85 -2.23 -17.86
N THR J 347 6.96 -3.34 -18.59
CA THR J 347 7.79 -3.35 -19.79
C THR J 347 7.09 -2.69 -20.96
N ASN J 348 5.97 -3.25 -21.40
CA ASN J 348 5.27 -2.75 -22.58
C ASN J 348 4.33 -1.62 -22.19
N ARG J 349 4.54 -0.45 -22.79
CA ARG J 349 3.73 0.73 -22.52
C ARG J 349 2.72 0.95 -23.64
N ILE J 350 2.07 2.10 -23.62
CA ILE J 350 0.93 2.34 -24.49
C ILE J 350 1.40 2.71 -25.89
N ASP J 351 0.82 2.05 -26.89
CA ASP J 351 1.15 2.29 -28.28
C ASP J 351 0.10 3.21 -28.89
N PRO J 352 0.46 4.44 -29.26
CA PRO J 352 -0.52 5.33 -29.92
C PRO J 352 -0.96 4.84 -31.29
N CYS J 353 -0.19 3.94 -31.92
CA CYS J 353 -0.59 3.42 -33.23
C CYS J 353 -1.74 2.42 -33.12
N ASP J 354 -1.79 1.66 -32.04
CA ASP J 354 -2.83 0.65 -31.86
C ASP J 354 -4.17 1.33 -31.64
N PRO J 355 -5.21 1.01 -32.43
CA PRO J 355 -6.45 1.79 -32.37
C PRO J 355 -7.26 1.60 -31.09
N ILE J 356 -7.00 0.55 -30.30
CA ILE J 356 -7.86 0.26 -29.15
C ILE J 356 -7.69 1.27 -28.02
N TRP J 357 -6.61 2.04 -28.02
CA TRP J 357 -6.42 3.05 -26.99
C TRP J 357 -6.92 4.43 -27.39
N ARG J 358 -7.31 4.60 -28.66
CA ARG J 358 -7.60 5.94 -29.19
C ARG J 358 -8.80 6.57 -28.51
N GLU J 359 -9.86 5.79 -28.30
CA GLU J 359 -11.06 6.35 -27.70
C GLU J 359 -10.86 6.71 -26.24
N ARG J 360 -10.06 5.94 -25.51
CA ARG J 360 -9.71 6.31 -24.14
C ARG J 360 -8.85 7.57 -24.13
N ILE J 361 -7.87 7.64 -25.03
CA ILE J 361 -6.93 8.76 -25.05
C ILE J 361 -7.64 10.05 -25.39
N LEU J 362 -8.57 10.02 -26.35
CA LEU J 362 -9.30 11.23 -26.72
C LEU J 362 -10.20 11.71 -25.59
N ALA J 363 -10.82 10.79 -24.85
CA ALA J 363 -11.62 11.19 -23.71
C ALA J 363 -10.76 11.78 -22.60
N LYS J 364 -9.58 11.20 -22.37
CA LYS J 364 -8.66 11.78 -21.40
C LYS J 364 -8.20 13.17 -21.83
N ARG J 365 -7.96 13.35 -23.13
CA ARG J 365 -7.57 14.67 -23.63
C ARG J 365 -8.71 15.67 -23.49
N LYS J 366 -9.95 15.23 -23.71
CA LYS J 366 -11.11 16.09 -23.46
C LYS J 366 -11.19 16.49 -21.99
N GLU J 367 -10.89 15.55 -21.09
CA GLU J 367 -10.81 15.86 -19.66
C GLU J 367 -9.73 16.89 -19.37
N ILE J 368 -8.56 16.72 -20.02
CA ILE J 368 -7.43 17.63 -19.77
C ILE J 368 -7.76 19.04 -20.25
N VAL J 369 -8.33 19.16 -21.45
CA VAL J 369 -8.79 20.46 -21.93
C VAL J 369 -9.89 21.04 -21.07
N GLU J 370 -10.79 20.21 -20.54
CA GLU J 370 -11.84 20.68 -19.66
C GLU J 370 -11.33 21.21 -18.32
N PHE J 371 -10.29 20.58 -17.76
CA PHE J 371 -9.96 20.80 -16.35
C PHE J 371 -8.67 21.56 -16.09
N ARG J 372 -7.69 21.52 -16.98
CA ARG J 372 -6.35 22.01 -16.68
C ARG J 372 -6.32 23.52 -16.52
N SER J 373 -5.56 23.99 -15.54
CA SER J 373 -5.25 25.40 -15.38
C SER J 373 -3.84 25.66 -15.90
N ARG J 374 -3.73 26.53 -16.91
CA ARG J 374 -2.43 26.88 -17.46
C ARG J 374 -1.57 27.61 -16.45
N GLY J 375 -2.17 28.55 -15.71
CA GLY J 375 -1.43 29.37 -14.76
C GLY J 375 -0.81 28.62 -13.61
N GLN J 376 -1.26 27.39 -13.35
CA GLN J 376 -0.63 26.51 -12.37
C GLN J 376 0.62 25.84 -12.94
N ARG J 377 0.61 25.55 -14.24
CA ARG J 377 1.79 24.95 -14.88
C ARG J 377 2.94 25.94 -14.95
N PHE J 378 2.68 27.15 -15.43
CA PHE J 378 3.57 28.28 -15.27
C PHE J 378 3.61 28.70 -13.81
N ARG J 379 4.60 29.54 -13.48
CA ARG J 379 4.84 30.00 -12.10
C ARG J 379 4.96 28.81 -11.15
N LYS J 380 6.00 28.01 -11.35
CA LYS J 380 6.05 26.68 -10.73
C LYS J 380 6.15 26.77 -9.22
N MET J 381 5.03 26.50 -8.54
CA MET J 381 5.05 26.34 -7.08
C MET J 381 5.00 24.87 -6.70
N MET K 1 -14.93 20.75 -62.11
CA MET K 1 -15.64 21.68 -61.25
C MET K 1 -14.73 22.27 -60.19
N ILE K 2 -15.28 23.15 -59.36
CA ILE K 2 -14.54 23.83 -58.31
C ILE K 2 -15.22 23.53 -56.99
N TYR K 3 -14.43 23.18 -55.98
CA TYR K 3 -14.95 22.81 -54.67
C TYR K 3 -14.53 23.82 -53.62
N LEU K 4 -15.50 24.34 -52.88
CA LEU K 4 -15.27 25.31 -51.82
C LEU K 4 -15.65 24.68 -50.49
N SER K 5 -14.92 25.03 -49.44
CA SER K 5 -15.18 24.49 -48.10
C SER K 5 -15.02 25.60 -47.06
N ARG K 6 -15.56 25.35 -45.88
CA ARG K 6 -15.50 26.29 -44.78
C ARG K 6 -15.21 25.55 -43.48
N LEU K 7 -14.24 26.07 -42.70
CA LEU K 7 -13.93 25.56 -41.37
C LEU K 7 -14.07 26.68 -40.35
N LEU K 8 -14.66 26.36 -39.21
CA LEU K 8 -14.94 27.33 -38.16
C LEU K 8 -14.12 27.02 -36.92
N ILE K 9 -13.46 28.05 -36.37
CA ILE K 9 -12.64 27.93 -35.18
C ILE K 9 -13.12 28.93 -34.14
N ASP K 10 -13.20 28.48 -32.88
CA ASP K 10 -13.73 29.32 -31.81
C ASP K 10 -12.84 30.53 -31.56
N THR K 11 -11.60 30.30 -31.14
CA THR K 11 -10.60 31.34 -30.84
C THR K 11 -11.17 32.33 -29.82
N GLY K 12 -11.38 31.79 -28.61
CA GLY K 12 -11.96 32.60 -27.54
C GLY K 12 -12.28 31.75 -26.33
N GLY K 13 -13.15 32.29 -25.49
CA GLY K 13 -13.50 31.60 -24.26
C GLY K 13 -12.49 31.85 -23.16
N ASN K 14 -12.37 30.87 -22.27
CA ASN K 14 -11.46 30.98 -21.13
C ASN K 14 -10.02 30.88 -21.61
N PRO K 15 -9.18 31.89 -21.35
CA PRO K 15 -7.77 31.80 -21.76
C PRO K 15 -6.93 30.85 -20.91
N ASP K 16 -7.44 30.40 -19.77
CA ASP K 16 -6.65 29.61 -18.83
C ASP K 16 -6.60 28.14 -19.19
N ARG K 17 -7.32 27.71 -20.20
CA ARG K 17 -7.41 26.31 -20.59
C ARG K 17 -6.60 26.05 -21.86
N PRO K 18 -6.17 24.80 -22.08
CA PRO K 18 -5.53 24.46 -23.35
C PRO K 18 -6.47 24.67 -24.54
N ARG K 19 -5.95 25.30 -25.58
CA ARG K 19 -6.70 25.59 -26.81
C ARG K 19 -5.84 25.20 -28.00
N PRO K 20 -5.80 23.91 -28.36
CA PRO K 20 -4.95 23.47 -29.48
C PRO K 20 -5.32 24.07 -30.82
N GLY K 21 -6.61 24.28 -31.10
CA GLY K 21 -7.00 24.91 -32.35
C GLY K 21 -6.56 26.36 -32.43
N ARG K 22 -6.63 27.07 -31.31
CA ARG K 22 -6.11 28.44 -31.22
C ARG K 22 -4.59 28.46 -31.42
N LYS K 23 -3.89 27.45 -30.90
CA LYS K 23 -2.45 27.37 -31.05
C LYS K 23 -2.02 27.03 -32.48
N TRP K 24 -2.85 26.28 -33.21
CA TRP K 24 -2.50 25.84 -34.56
C TRP K 24 -2.38 27.00 -35.54
N LEU K 25 -3.05 28.12 -35.30
CA LEU K 25 -3.12 29.22 -36.25
C LEU K 25 -1.92 30.17 -36.18
N ASP K 26 -1.02 30.00 -35.23
CA ASP K 26 0.11 30.92 -35.10
C ASP K 26 1.20 30.68 -36.13
N ASN K 27 1.18 29.53 -36.81
CA ASN K 27 2.19 29.16 -37.80
C ASN K 27 1.52 28.85 -39.12
N ILE K 28 2.04 29.43 -40.21
CA ILE K 28 1.37 29.27 -41.49
C ILE K 28 1.78 27.97 -42.17
N TYR K 29 2.99 27.47 -41.89
CA TYR K 29 3.38 26.16 -42.40
C TYR K 29 2.50 25.06 -41.83
N ASN K 30 2.19 25.15 -40.54
CA ASN K 30 1.31 24.16 -39.90
C ASN K 30 -0.10 24.24 -40.46
N VAL K 31 -0.60 25.45 -40.69
CA VAL K 31 -1.94 25.61 -41.26
C VAL K 31 -2.00 25.01 -42.66
N HIS K 32 -1.00 25.31 -43.48
CA HIS K 32 -0.96 24.77 -44.83
C HIS K 32 -0.84 23.25 -44.82
N ARG K 33 -0.01 22.71 -43.93
CA ARG K 33 0.13 21.25 -43.85
C ARG K 33 -1.18 20.61 -43.39
N ARG K 34 -1.82 21.17 -42.37
CA ARG K 34 -3.07 20.62 -41.85
C ARG K 34 -4.16 20.61 -42.91
N LEU K 35 -4.26 21.68 -43.70
CA LEU K 35 -5.13 21.60 -44.88
C LEU K 35 -4.61 20.59 -45.90
N SER K 36 -3.29 20.33 -45.92
CA SER K 36 -2.71 19.48 -46.95
C SER K 36 -2.93 17.98 -46.73
N MET K 37 -3.08 17.51 -45.48
CA MET K 37 -3.39 16.07 -45.37
C MET K 37 -4.85 15.75 -45.69
N ALA K 38 -5.67 16.72 -46.08
CA ALA K 38 -7.08 16.47 -46.37
C ALA K 38 -7.36 15.62 -47.69
N PHE K 39 -6.32 15.00 -48.25
CA PHE K 39 -6.44 14.30 -49.54
C PHE K 39 -5.56 13.06 -49.57
N PRO K 40 -6.05 11.94 -49.04
CA PRO K 40 -5.13 10.81 -49.00
C PRO K 40 -4.95 10.09 -50.30
N SER K 41 -4.09 9.07 -50.29
CA SER K 41 -3.87 8.26 -51.49
C SER K 41 -4.86 7.15 -51.50
N GLY K 42 -5.36 6.81 -52.67
CA GLY K 42 -6.31 5.71 -52.80
C GLY K 42 -5.89 4.53 -51.96
N LEU K 43 -4.58 4.33 -51.81
CA LEU K 43 -4.04 3.24 -51.00
C LEU K 43 -3.97 3.60 -49.52
N ARG K 44 -3.70 4.87 -49.20
CA ARG K 44 -3.54 5.27 -47.80
C ARG K 44 -4.83 5.12 -47.02
N ARG K 45 -5.96 5.56 -47.59
CA ARG K 45 -7.24 5.45 -46.90
C ARG K 45 -7.69 4.00 -46.73
N GLU K 46 -7.12 3.08 -47.51
CA GLU K 46 -7.34 1.65 -47.26
C GLU K 46 -6.33 1.10 -46.25
N GLN K 47 -5.21 1.78 -46.05
CA GLN K 47 -4.19 1.26 -45.15
C GLN K 47 -4.46 1.67 -43.70
N ASP K 48 -4.62 2.96 -43.44
CA ASP K 48 -4.98 3.46 -42.10
C ASP K 48 -6.22 4.35 -42.20
N PRO K 49 -7.42 3.79 -42.06
CA PRO K 49 -8.61 4.63 -41.97
C PRO K 49 -8.68 5.44 -40.69
N HIS K 50 -7.95 5.05 -39.66
CA HIS K 50 -7.95 5.73 -38.38
C HIS K 50 -6.95 6.88 -38.31
N PHE K 51 -6.12 7.07 -39.34
CA PHE K 51 -5.09 8.11 -39.40
C PHE K 51 -4.17 8.05 -38.19
N LEU K 52 -3.71 6.83 -37.87
CA LEU K 52 -2.87 6.60 -36.70
C LEU K 52 -1.53 6.01 -37.10
N LYS K 53 -0.89 6.61 -38.10
CA LYS K 53 0.39 6.14 -38.62
C LYS K 53 1.30 7.35 -38.83
N PRO K 54 2.61 7.12 -38.99
CA PRO K 54 3.51 8.23 -39.30
C PRO K 54 3.11 8.93 -40.59
N PHE K 55 3.22 10.25 -40.58
CA PHE K 55 2.83 11.05 -41.74
C PHE K 55 4.07 11.26 -42.61
N SER K 56 3.96 10.88 -43.88
CA SER K 56 4.94 11.12 -44.91
C SER K 56 4.32 11.92 -46.05
N PRO K 57 5.06 12.86 -46.64
CA PRO K 57 4.53 13.63 -47.78
C PRO K 57 4.21 12.82 -49.04
N ASN K 58 4.79 11.64 -49.25
CA ASN K 58 4.68 11.00 -50.56
C ASN K 58 3.43 10.14 -50.74
N ASP K 59 2.69 9.84 -49.67
CA ASP K 59 1.49 9.01 -49.76
C ASP K 59 0.22 9.84 -49.80
N PHE K 60 0.30 11.08 -50.31
CA PHE K 60 -0.84 11.97 -50.43
C PHE K 60 -0.79 12.65 -51.78
N GLN K 61 -1.96 12.83 -52.40
CA GLN K 61 -2.02 13.38 -53.75
C GLN K 61 -1.69 14.87 -53.76
N LYS K 62 -1.22 15.34 -54.90
CA LYS K 62 -0.73 16.71 -55.05
C LYS K 62 -1.76 17.53 -55.83
N THR K 63 -2.13 18.69 -55.29
CA THR K 63 -3.11 19.55 -55.92
C THR K 63 -2.87 20.98 -55.46
N PRO K 64 -2.72 21.93 -56.37
CA PRO K 64 -2.49 23.35 -55.99
C PRO K 64 -3.75 24.07 -55.52
N PHE K 65 -4.09 23.88 -54.25
CA PHE K 65 -5.26 24.54 -53.70
C PHE K 65 -4.91 25.93 -53.17
N LEU K 66 -5.96 26.70 -52.89
CA LEU K 66 -5.83 28.06 -52.40
C LEU K 66 -6.75 28.28 -51.20
N PHE K 67 -6.30 29.08 -50.26
CA PHE K 67 -7.09 29.30 -49.05
C PHE K 67 -6.84 30.68 -48.49
N ARG K 68 -7.77 31.13 -47.66
CA ARG K 68 -7.64 32.39 -46.92
C ARG K 68 -8.29 32.22 -45.56
N VAL K 69 -7.80 33.00 -44.60
CA VAL K 69 -8.27 32.95 -43.21
C VAL K 69 -8.86 34.32 -42.87
N ASP K 70 -10.06 34.32 -42.30
CA ASP K 70 -10.74 35.56 -41.94
C ASP K 70 -11.20 35.48 -40.48
N ASN K 71 -11.54 36.65 -39.93
CA ASN K 71 -11.89 36.77 -38.52
C ASN K 71 -12.94 37.85 -38.34
N ASN K 72 -13.26 38.13 -37.07
CA ASN K 72 -14.22 39.14 -36.63
C ASN K 72 -15.62 38.91 -37.20
N ILE K 73 -16.21 37.78 -36.78
CA ILE K 73 -17.64 37.53 -36.95
C ILE K 73 -18.26 37.46 -35.58
N ASP K 74 -19.19 38.37 -35.30
CA ASP K 74 -19.82 38.50 -34.00
C ASP K 74 -21.16 37.77 -33.99
N GLY K 75 -21.94 38.01 -32.94
CA GLY K 75 -23.07 37.16 -32.62
C GLY K 75 -22.87 36.57 -31.25
N ASN K 76 -22.23 37.35 -30.37
CA ASN K 76 -21.89 37.04 -28.99
C ASN K 76 -20.87 35.92 -28.87
N ASP K 77 -20.34 35.43 -29.99
CA ASP K 77 -19.28 34.45 -30.02
C ASP K 77 -18.25 34.88 -31.05
N LYS K 78 -16.99 34.51 -30.81
CA LYS K 78 -15.92 34.77 -31.76
C LYS K 78 -15.75 33.56 -32.66
N ARG K 79 -15.39 33.80 -33.92
CA ARG K 79 -15.19 32.73 -34.87
C ARG K 79 -14.02 33.04 -35.78
N ALA K 80 -13.37 31.97 -36.25
CA ALA K 80 -12.30 32.06 -37.25
C ALA K 80 -12.67 31.17 -38.43
N ILE K 81 -12.54 31.69 -39.64
CA ILE K 81 -13.07 31.05 -40.84
C ILE K 81 -11.93 30.74 -41.78
N ILE K 82 -11.85 29.48 -42.22
CA ILE K 82 -10.91 29.04 -43.25
C ILE K 82 -11.73 28.62 -44.46
N ILE K 83 -11.41 29.20 -45.62
CA ILE K 83 -12.11 28.92 -46.88
C ILE K 83 -11.11 28.30 -47.84
N VAL K 84 -11.40 27.06 -48.26
CA VAL K 84 -10.48 26.28 -49.09
C VAL K 84 -11.13 26.05 -50.45
N GLN K 85 -10.38 26.38 -51.51
CA GLN K 85 -10.83 26.16 -52.89
C GLN K 85 -9.89 25.15 -53.54
N SER K 86 -10.46 24.13 -54.18
CA SER K 86 -9.67 23.03 -54.70
C SER K 86 -10.38 22.42 -55.91
N VAL K 87 -9.62 21.62 -56.67
CA VAL K 87 -10.10 20.95 -57.87
C VAL K 87 -10.37 19.47 -57.63
N LEU K 88 -10.24 19.01 -56.39
CA LEU K 88 -10.60 17.65 -56.00
C LEU K 88 -11.47 17.72 -54.76
N GLU K 89 -12.19 16.63 -54.50
CA GLU K 89 -13.10 16.61 -53.37
C GLU K 89 -12.33 16.45 -52.07
N PRO K 90 -12.40 17.41 -51.15
CA PRO K 90 -11.70 17.27 -49.87
C PRO K 90 -12.35 16.20 -49.00
N ASP K 91 -11.52 15.59 -48.15
CA ASP K 91 -11.98 14.57 -47.21
C ASP K 91 -11.77 15.14 -45.80
N TRP K 92 -12.75 15.92 -45.34
CA TRP K 92 -12.63 16.58 -44.04
C TRP K 92 -12.81 15.61 -42.88
N ASP K 93 -13.44 14.46 -43.13
CA ASP K 93 -13.61 13.47 -42.07
C ASP K 93 -12.36 12.65 -41.81
N TYR K 94 -11.35 12.76 -42.66
CA TYR K 94 -10.09 12.05 -42.47
C TYR K 94 -9.00 12.91 -41.87
N CYS K 95 -9.00 14.21 -42.17
CA CYS K 95 -7.96 15.10 -41.65
C CYS K 95 -8.15 15.37 -40.16
N PHE K 96 -9.39 15.51 -39.71
CA PHE K 96 -9.69 15.96 -38.36
C PHE K 96 -10.42 14.91 -37.54
N GLN K 97 -10.19 13.62 -37.79
CA GLN K 97 -10.93 12.61 -37.02
C GLN K 97 -10.38 12.44 -35.62
N ASN K 98 -9.18 12.96 -35.34
CA ASN K 98 -8.63 12.99 -33.98
C ASN K 98 -8.32 14.41 -33.53
N ALA K 99 -9.01 15.40 -34.08
CA ALA K 99 -8.72 16.80 -33.80
C ALA K 99 -10.01 17.62 -33.72
N LEU K 100 -11.09 17.00 -33.21
CA LEU K 100 -12.38 17.67 -33.16
C LEU K 100 -12.40 18.89 -32.23
N ASP K 101 -11.46 18.99 -31.29
CA ASP K 101 -11.42 20.12 -30.39
C ASP K 101 -10.92 21.40 -31.06
N PHE K 102 -10.41 21.29 -32.29
CA PHE K 102 -9.95 22.47 -33.01
C PHE K 102 -11.12 23.36 -33.41
N LEU K 103 -12.24 22.75 -33.78
CA LEU K 103 -13.31 23.43 -34.51
C LEU K 103 -14.59 23.50 -33.68
N ALA K 104 -15.30 24.61 -33.82
CA ALA K 104 -16.56 24.85 -33.14
C ALA K 104 -17.78 24.45 -33.96
N ALA K 105 -17.57 23.88 -35.15
CA ALA K 105 -18.68 23.44 -36.01
C ALA K 105 -18.14 22.40 -36.97
N PRO K 106 -18.97 21.43 -37.37
CA PRO K 106 -18.52 20.45 -38.35
C PRO K 106 -18.29 21.09 -39.69
N PRO K 107 -17.38 20.54 -40.51
CA PRO K 107 -17.06 21.15 -41.80
C PRO K 107 -18.20 20.99 -42.82
N GLU K 108 -18.16 21.84 -43.83
CA GLU K 108 -19.14 21.84 -44.90
C GLU K 108 -18.44 21.95 -46.25
N THR K 109 -19.04 21.35 -47.28
CA THR K 109 -18.53 21.45 -48.64
C THR K 109 -19.68 21.58 -49.61
N LYS K 110 -19.40 22.21 -50.75
CA LYS K 110 -20.41 22.43 -51.78
C LYS K 110 -19.72 22.60 -53.12
N GLU K 111 -20.49 22.41 -54.18
CA GLU K 111 -19.96 22.55 -55.53
C GLU K 111 -19.99 24.02 -55.96
N TYR K 112 -19.16 24.33 -56.95
CA TYR K 112 -19.02 25.71 -57.42
C TYR K 112 -18.75 25.65 -58.93
N ASN K 113 -19.73 26.10 -59.72
CA ASN K 113 -19.61 26.15 -61.17
C ASN K 113 -19.92 27.57 -61.61
N PRO K 114 -18.96 28.49 -61.46
CA PRO K 114 -19.24 29.91 -61.71
C PRO K 114 -19.19 30.21 -63.21
N GLU K 115 -20.32 30.64 -63.76
CA GLU K 115 -20.41 31.04 -65.16
C GLU K 115 -20.76 32.52 -65.22
N PHE K 116 -20.03 33.26 -66.04
CA PHE K 116 -20.11 34.72 -66.09
C PHE K 116 -20.26 35.20 -67.53
N LYS K 117 -20.67 36.45 -67.68
CA LYS K 117 -20.61 37.14 -68.95
C LYS K 117 -19.61 38.29 -68.88
N ALA K 118 -19.16 38.74 -70.05
CA ALA K 118 -18.24 39.86 -70.12
C ALA K 118 -18.94 41.16 -69.74
N GLY K 119 -18.16 42.07 -69.14
CA GLY K 119 -18.73 43.34 -68.68
C GLY K 119 -19.72 43.20 -67.55
N GLN K 120 -19.38 42.39 -66.54
CA GLN K 120 -20.27 42.11 -65.42
C GLN K 120 -19.70 42.75 -64.16
N LEU K 121 -20.56 43.44 -63.41
CA LEU K 121 -20.13 44.04 -62.15
C LEU K 121 -19.97 42.94 -61.09
N LEU K 122 -18.77 42.84 -60.52
CA LEU K 122 -18.44 41.79 -59.57
C LEU K 122 -17.73 42.37 -58.36
N ARG K 123 -18.04 41.82 -57.19
CA ARG K 123 -17.39 42.22 -55.94
C ARG K 123 -16.36 41.18 -55.56
N PHE K 124 -15.14 41.63 -55.24
CA PHE K 124 -14.04 40.72 -54.95
C PHE K 124 -13.33 41.11 -53.65
N ARG K 125 -12.75 40.11 -53.00
CA ARG K 125 -11.92 40.30 -51.82
C ARG K 125 -10.66 39.47 -51.99
N LEU K 126 -9.50 40.10 -51.78
CA LEU K 126 -8.22 39.44 -52.06
C LEU K 126 -7.16 39.99 -51.12
N ARG K 127 -6.34 39.10 -50.58
CA ARG K 127 -5.13 39.47 -49.87
C ARG K 127 -3.93 39.17 -50.78
N VAL K 128 -3.13 40.19 -51.06
CA VAL K 128 -2.10 40.12 -52.09
C VAL K 128 -0.73 40.06 -51.42
N ASN K 129 0.18 39.30 -52.04
CA ASN K 129 1.58 39.25 -51.61
C ASN K 129 2.31 40.41 -52.29
N ALA K 130 2.55 41.48 -51.52
CA ALA K 130 3.21 42.67 -52.04
C ALA K 130 4.71 42.44 -52.02
N SER K 131 5.24 41.88 -53.10
CA SER K 131 6.65 41.54 -53.18
C SER K 131 7.23 41.96 -54.52
N VAL K 132 8.46 42.49 -54.49
CA VAL K 132 9.24 42.79 -55.68
C VAL K 132 10.64 42.24 -55.51
N ARG K 133 11.16 41.61 -56.56
CA ARG K 133 12.53 41.12 -56.57
C ARG K 133 13.45 42.27 -56.99
N ARG K 134 14.49 42.51 -56.18
CA ARG K 134 15.34 43.67 -56.37
C ARG K 134 16.81 43.28 -56.23
N HIS K 135 17.68 44.16 -56.71
CA HIS K 135 19.13 44.04 -56.54
C HIS K 135 19.54 44.80 -55.28
N ILE K 136 20.20 44.11 -54.36
CA ILE K 136 20.57 44.67 -53.07
C ILE K 136 22.07 44.43 -52.86
N PRO K 137 22.83 45.44 -52.45
CA PRO K 137 24.20 45.18 -52.00
C PRO K 137 24.20 44.52 -50.62
N GLU K 138 25.36 44.04 -50.22
CA GLU K 138 25.48 43.20 -49.04
C GLU K 138 26.10 43.99 -47.88
N MET K 139 25.31 44.19 -46.83
CA MET K 139 25.77 44.73 -45.56
C MET K 139 25.92 43.57 -44.57
N VAL K 140 27.02 43.56 -43.82
CA VAL K 140 27.35 42.54 -42.82
C VAL K 140 27.63 43.22 -41.49
N GLN K 141 27.49 42.45 -40.41
CA GLN K 141 28.09 42.73 -39.11
C GLN K 141 27.30 43.81 -38.38
N GLN K 142 27.48 45.06 -38.81
CA GLN K 142 26.88 46.22 -38.14
C GLN K 142 27.23 46.25 -36.66
N ASP K 143 28.52 46.01 -36.37
CA ASP K 143 29.03 46.01 -35.00
C ASP K 143 29.45 47.42 -34.59
N GLY K 144 28.54 48.36 -34.80
CA GLY K 144 28.82 49.77 -34.63
C GLY K 144 29.40 50.45 -35.84
N GLN K 145 29.91 49.67 -36.80
CA GLN K 145 30.42 50.18 -38.07
C GLN K 145 29.99 49.23 -39.17
N THR K 146 29.45 49.79 -40.26
CA THR K 146 28.93 49.00 -41.35
C THR K 146 30.05 48.57 -42.29
N ILE K 147 30.11 47.28 -42.59
CA ILE K 147 31.10 46.72 -43.50
C ILE K 147 30.39 46.32 -44.79
N GLU K 148 30.89 46.84 -45.91
CA GLU K 148 30.29 46.59 -47.22
C GLU K 148 31.10 45.56 -47.98
N THR K 149 30.40 44.63 -48.63
CA THR K 149 31.01 43.60 -49.44
C THR K 149 30.36 43.63 -50.82
N GLY K 150 31.17 43.44 -51.87
CA GLY K 150 30.78 43.71 -53.24
C GLY K 150 29.70 42.79 -53.80
N LYS K 151 29.33 41.73 -53.12
CA LYS K 151 28.30 40.83 -53.63
C LYS K 151 26.94 41.53 -53.63
N ILE K 152 26.25 41.43 -54.77
CA ILE K 152 24.93 42.02 -54.94
C ILE K 152 23.90 40.90 -54.89
N LEU K 153 22.89 41.06 -54.04
CA LEU K 153 21.93 40.00 -53.78
C LEU K 153 20.66 40.20 -54.60
N HIS K 154 20.24 39.13 -55.28
CA HIS K 154 18.94 39.08 -55.96
C HIS K 154 17.95 38.47 -54.98
N LYS K 155 17.15 39.32 -54.34
CA LYS K 155 16.26 38.87 -53.27
C LYS K 155 14.87 39.47 -53.44
N ARG K 156 13.87 38.77 -52.88
CA ARG K 156 12.48 39.19 -52.97
C ARG K 156 12.12 40.01 -51.74
N VAL K 157 11.87 41.30 -51.94
CA VAL K 157 11.54 42.25 -50.89
C VAL K 157 10.12 42.78 -51.13
N SER K 158 9.58 43.53 -50.18
CA SER K 158 8.27 44.14 -50.31
C SER K 158 8.29 45.29 -51.31
N LEU K 159 7.12 45.55 -51.88
CA LEU K 159 6.93 46.73 -52.71
C LEU K 159 7.02 47.99 -51.84
N THR K 160 7.71 49.01 -52.33
CA THR K 160 7.91 50.25 -51.60
C THR K 160 7.33 51.42 -52.37
N TRP K 161 6.60 52.27 -51.66
CA TRP K 161 6.07 53.52 -52.18
C TRP K 161 7.02 54.65 -51.79
N ASP K 162 6.76 55.85 -52.29
CA ASP K 162 7.57 56.99 -51.89
C ASP K 162 6.96 57.69 -50.67
N ALA K 163 7.54 58.83 -50.31
CA ALA K 163 7.08 59.54 -49.12
C ALA K 163 5.86 60.41 -49.38
N SER K 164 5.48 60.62 -50.65
CA SER K 164 4.43 61.57 -50.99
C SER K 164 3.17 60.90 -51.53
N SER K 165 3.06 59.58 -51.47
CA SER K 165 1.89 58.88 -51.96
C SER K 165 1.32 57.96 -50.89
N THR K 166 0.00 57.83 -50.86
CA THR K 166 -0.66 56.95 -49.93
C THR K 166 -0.42 55.48 -50.32
N PRO K 167 -0.43 54.57 -49.34
CA PRO K 167 -0.32 53.14 -49.66
C PRO K 167 -1.43 52.61 -50.56
N ASP K 168 -2.65 53.12 -50.40
CA ASP K 168 -3.78 52.64 -51.19
C ASP K 168 -3.60 52.97 -52.67
N GLN K 169 -3.11 54.17 -52.98
CA GLN K 169 -2.89 54.56 -54.37
C GLN K 169 -1.82 53.69 -55.03
N ALA K 170 -0.73 53.42 -54.31
CA ALA K 170 0.34 52.61 -54.88
C ALA K 170 -0.08 51.16 -55.04
N LEU K 171 -0.85 50.63 -54.08
CA LEU K 171 -1.39 49.28 -54.22
C LEU K 171 -2.35 49.17 -55.40
N ALA K 172 -3.20 50.20 -55.58
CA ALA K 172 -4.13 50.21 -56.70
C ALA K 172 -3.39 50.31 -58.02
N ASP K 173 -2.30 51.09 -58.06
CA ASP K 173 -1.48 51.15 -59.27
C ASP K 173 -0.82 49.82 -59.55
N TRP K 174 -0.32 49.15 -58.51
CA TRP K 174 0.29 47.84 -58.66
C TRP K 174 -0.71 46.79 -59.14
N LEU K 175 -1.98 46.93 -58.76
CA LEU K 175 -3.01 45.99 -59.21
C LEU K 175 -3.55 46.33 -60.60
N ALA K 176 -3.62 47.61 -60.96
CA ALA K 176 -4.07 47.98 -62.29
C ALA K 176 -2.96 47.83 -63.33
N ALA K 177 -1.70 47.79 -62.90
CA ALA K 177 -0.63 47.42 -63.82
C ALA K 177 -0.75 45.97 -64.23
N LYS K 178 -1.37 45.13 -63.40
CA LYS K 178 -1.50 43.72 -63.71
C LYS K 178 -2.87 43.31 -64.22
N SER K 179 -3.91 44.09 -63.95
CA SER K 179 -5.26 43.68 -64.35
C SER K 179 -5.51 43.52 -65.85
N PRO K 180 -4.85 44.23 -66.79
CA PRO K 180 -5.06 43.90 -68.21
C PRO K 180 -4.65 42.48 -68.58
N LYS K 181 -3.63 41.89 -67.94
CA LYS K 181 -3.25 40.56 -68.39
C LYS K 181 -4.16 39.49 -67.80
N LEU K 182 -4.73 39.73 -66.62
CA LEU K 182 -5.64 38.76 -66.03
C LEU K 182 -6.99 38.77 -66.72
N GLY K 183 -7.48 39.94 -67.11
CA GLY K 183 -8.76 40.03 -67.78
C GLY K 183 -9.82 40.82 -67.03
N PHE K 184 -9.40 41.84 -66.29
CA PHE K 184 -10.33 42.63 -65.51
C PHE K 184 -9.82 44.06 -65.42
N THR K 185 -10.73 44.98 -65.05
CA THR K 185 -10.43 46.39 -64.91
C THR K 185 -10.98 46.87 -63.57
N LEU K 186 -10.24 47.70 -62.86
CA LEU K 186 -10.72 48.23 -61.60
C LEU K 186 -11.57 49.49 -61.80
N GLN K 187 -12.43 49.75 -60.82
CA GLN K 187 -13.06 51.05 -60.62
C GLN K 187 -12.82 51.60 -59.24
N ARG K 188 -12.74 50.74 -58.23
CA ARG K 188 -12.40 51.17 -56.89
C ARG K 188 -11.67 50.04 -56.17
N CYS K 189 -10.76 50.43 -55.28
CA CYS K 189 -9.94 49.50 -54.51
C CYS K 189 -9.40 50.24 -53.30
N GLU K 190 -9.72 49.76 -52.10
CA GLU K 190 -9.26 50.38 -50.87
C GLU K 190 -8.51 49.35 -50.02
N LEU K 191 -7.57 49.85 -49.22
CA LEU K 191 -6.76 49.01 -48.36
C LEU K 191 -7.45 48.82 -47.02
N LEU K 192 -7.57 47.56 -46.58
CA LEU K 192 -8.23 47.23 -45.33
C LEU K 192 -7.22 46.93 -44.22
N GLN K 193 -6.28 46.02 -44.49
CA GLN K 193 -5.38 45.53 -43.46
C GLN K 193 -4.08 45.04 -44.10
N LEU K 194 -2.96 45.63 -43.69
CA LEU K 194 -1.65 45.38 -44.27
C LEU K 194 -0.71 44.89 -43.18
N GLY K 195 0.08 43.86 -43.48
CA GLY K 195 0.99 43.33 -42.48
C GLY K 195 1.92 42.22 -42.92
N TRP K 196 2.50 41.54 -41.94
CA TRP K 196 3.50 40.50 -42.16
C TRP K 196 2.98 39.16 -41.66
N VAL K 197 3.57 38.08 -42.17
CA VAL K 197 3.22 36.73 -41.77
C VAL K 197 4.51 35.96 -41.53
N TYR K 198 4.58 35.30 -40.37
CA TYR K 198 5.75 34.51 -39.99
C TYR K 198 5.41 33.02 -40.04
N GLY K 199 6.42 32.22 -40.35
CA GLY K 199 6.27 30.78 -40.36
C GLY K 199 7.61 30.13 -40.09
N SER K 200 7.54 28.89 -39.60
CA SER K 200 8.73 28.12 -39.28
C SER K 200 8.56 26.71 -39.84
N LYS K 201 9.66 26.09 -40.21
CA LYS K 201 9.60 24.89 -41.03
C LYS K 201 10.72 23.92 -40.67
N PRO K 202 10.42 22.64 -40.47
CA PRO K 202 11.48 21.65 -40.25
C PRO K 202 12.27 21.39 -41.52
N GLU K 203 13.59 21.27 -41.36
CA GLU K 203 14.50 20.96 -42.46
C GLU K 203 15.58 20.03 -41.92
N PRO K 204 15.72 18.84 -42.50
CA PRO K 204 16.73 17.89 -42.01
C PRO K 204 18.16 18.34 -42.33
N LYS K 205 19.07 18.04 -41.41
CA LYS K 205 20.47 18.40 -41.54
C LYS K 205 21.33 17.26 -40.98
N ASN K 206 22.41 16.95 -41.68
CA ASN K 206 23.27 15.84 -41.29
C ASN K 206 24.11 16.20 -40.07
N VAL K 207 24.36 15.20 -39.22
CA VAL K 207 25.11 15.41 -37.99
C VAL K 207 26.28 14.43 -37.90
N LYS K 208 26.00 13.14 -37.97
CA LYS K 208 27.02 12.13 -37.72
C LYS K 208 26.70 10.86 -38.51
N VAL K 209 27.75 10.24 -39.03
CA VAL K 209 27.61 8.98 -39.76
C VAL K 209 27.31 7.86 -38.77
N LYS K 210 26.34 7.02 -39.12
CA LYS K 210 25.99 5.88 -38.27
C LYS K 210 27.16 4.91 -38.15
N GLU K 211 27.34 4.37 -36.95
CA GLU K 211 28.38 3.37 -36.73
C GLU K 211 28.09 2.10 -37.52
N GLN K 212 26.83 1.68 -37.55
CA GLN K 212 26.41 0.58 -38.41
C GLN K 212 26.22 1.00 -39.86
N GLY K 213 26.26 2.30 -40.15
CA GLY K 213 26.14 2.77 -41.51
C GLY K 213 24.70 2.94 -41.97
N GLN K 214 24.55 3.03 -43.28
CA GLN K 214 23.26 3.16 -43.96
C GLN K 214 22.50 4.40 -43.49
N GLY K 215 23.06 5.55 -43.79
CA GLY K 215 22.44 6.83 -43.52
C GLY K 215 23.22 7.62 -42.49
N TYR K 216 22.57 8.65 -41.97
CA TYR K 216 23.14 9.54 -40.97
C TYR K 216 22.30 9.46 -39.70
N TRP K 217 22.58 10.35 -38.75
CA TRP K 217 21.78 10.45 -37.54
C TRP K 217 20.79 11.61 -37.58
N ARG K 218 21.16 12.72 -38.21
CA ARG K 218 20.27 13.84 -38.53
C ARG K 218 19.71 14.61 -37.34
N GLU K 219 19.22 15.82 -37.60
CA GLU K 219 18.69 16.72 -36.60
C GLU K 219 17.90 17.80 -37.31
N HIS K 220 16.74 18.16 -36.77
CA HIS K 220 15.86 19.14 -37.37
C HIS K 220 16.39 20.56 -37.13
N LYS K 221 16.47 21.34 -38.21
CA LYS K 221 16.87 22.74 -38.15
C LYS K 221 15.79 23.58 -38.82
N TYR K 222 15.49 24.72 -38.22
CA TYR K 222 14.28 25.47 -38.57
C TYR K 222 14.64 26.80 -39.22
N ASN K 223 14.00 27.09 -40.36
CA ASN K 223 14.26 28.22 -41.22
C ASN K 223 13.10 29.20 -41.22
N PRO K 224 13.36 30.50 -41.04
CA PRO K 224 12.28 31.48 -41.02
C PRO K 224 11.64 31.65 -42.39
N LEU K 225 10.39 32.11 -42.36
CA LEU K 225 9.62 32.37 -43.58
C LEU K 225 8.84 33.65 -43.36
N ARG K 226 9.24 34.72 -44.05
CA ARG K 226 8.59 36.01 -43.91
C ARG K 226 7.97 36.41 -45.24
N PHE K 227 6.72 36.89 -45.18
CA PHE K 227 6.03 37.38 -46.36
C PHE K 227 5.28 38.65 -45.99
N ARG K 228 4.97 39.45 -47.00
CA ARG K 228 4.17 40.65 -46.83
C ARG K 228 2.74 40.39 -47.28
N ALA K 229 1.77 40.87 -46.49
CA ALA K 229 0.37 40.65 -46.75
C ALA K 229 -0.39 41.97 -46.72
N ALA K 230 -1.29 42.16 -47.69
CA ALA K 230 -2.16 43.32 -47.73
C ALA K 230 -3.54 42.87 -48.20
N LEU K 231 -4.55 43.05 -47.35
CA LEU K 231 -5.90 42.60 -47.66
C LEU K 231 -6.65 43.73 -48.36
N LEU K 232 -7.29 43.39 -49.49
CA LEU K 232 -7.98 44.37 -50.31
C LEU K 232 -9.37 43.88 -50.68
N GLU K 233 -10.29 44.83 -50.82
CA GLU K 233 -11.67 44.58 -51.21
C GLU K 233 -12.10 45.65 -52.20
N GLY K 234 -12.84 45.26 -53.22
CA GLY K 234 -13.25 46.23 -54.21
C GLY K 234 -14.25 45.65 -55.20
N VAL K 235 -14.49 46.41 -56.26
CA VAL K 235 -15.41 46.04 -57.33
C VAL K 235 -14.65 46.02 -58.64
N LEU K 236 -14.84 44.94 -59.41
CA LEU K 236 -14.19 44.78 -60.71
C LEU K 236 -15.24 44.50 -61.78
N GLU K 237 -14.81 44.63 -63.03
CA GLU K 237 -15.63 44.28 -64.19
C GLU K 237 -14.82 43.38 -65.11
N VAL K 238 -15.52 42.39 -65.70
CA VAL K 238 -14.88 41.33 -66.47
C VAL K 238 -14.54 41.84 -67.86
N ASP K 239 -13.42 41.34 -68.41
CA ASP K 239 -13.02 41.72 -69.77
C ASP K 239 -12.97 40.50 -70.70
N ASP K 240 -12.69 39.31 -70.17
CA ASP K 240 -12.72 38.11 -71.02
C ASP K 240 -13.22 36.84 -70.30
N PRO K 241 -14.02 36.00 -70.98
CA PRO K 241 -14.61 34.82 -70.32
C PRO K 241 -13.62 33.78 -69.90
N LYS K 242 -13.11 33.00 -70.85
CA LYS K 242 -12.10 32.00 -70.55
C LYS K 242 -10.86 32.66 -69.97
N LEU K 243 -10.76 33.99 -70.00
CA LEU K 243 -9.64 34.66 -69.35
C LEU K 243 -9.92 34.90 -67.85
N PHE K 244 -11.12 35.34 -67.47
CA PHE K 244 -11.43 35.42 -66.04
C PHE K 244 -11.39 34.05 -65.38
N LEU K 245 -11.88 33.02 -66.08
CA LEU K 245 -11.74 31.67 -65.57
C LEU K 245 -10.29 31.20 -65.57
N LYS K 246 -9.45 31.78 -66.44
CA LYS K 246 -8.01 31.54 -66.35
C LYS K 246 -7.43 32.22 -65.11
N THR K 247 -8.00 33.36 -64.71
CA THR K 247 -7.56 34.02 -63.49
C THR K 247 -7.96 33.22 -62.25
N LEU K 248 -9.14 32.60 -62.27
CA LEU K 248 -9.65 31.88 -61.12
C LEU K 248 -9.06 30.47 -61.06
N SER K 249 -8.86 29.96 -59.84
CA SER K 249 -8.33 28.63 -59.56
C SER K 249 -6.92 28.44 -60.12
N SER K 250 -6.19 29.53 -60.30
CA SER K 250 -4.80 29.47 -60.71
C SER K 250 -3.95 30.39 -59.83
N GLY K 251 -4.54 31.49 -59.37
CA GLY K 251 -3.84 32.46 -58.57
C GLY K 251 -3.64 33.79 -59.27
N ILE K 252 -3.47 34.85 -58.48
CA ILE K 252 -3.12 36.17 -59.01
C ILE K 252 -1.71 36.60 -58.63
N GLY K 253 -1.30 36.39 -57.40
CA GLY K 253 0.05 36.74 -56.98
C GLY K 253 0.95 35.54 -56.78
N LYS K 254 1.91 35.67 -55.88
CA LYS K 254 2.85 34.60 -55.61
C LYS K 254 2.54 33.98 -54.24
N ALA K 255 3.40 33.04 -53.82
CA ALA K 255 3.29 32.35 -52.54
C ALA K 255 1.94 31.67 -52.36
N LYS K 256 1.43 31.10 -53.46
CA LYS K 256 0.09 30.50 -53.46
C LYS K 256 -0.01 29.25 -52.60
N SER K 257 1.11 28.55 -52.38
CA SER K 257 1.08 27.39 -51.50
C SER K 257 0.91 27.76 -50.03
N PHE K 258 1.09 29.02 -49.67
CA PHE K 258 0.88 29.49 -48.31
C PHE K 258 -0.29 30.46 -48.22
N GLY K 259 -1.34 30.19 -49.00
CA GLY K 259 -2.59 30.91 -48.92
C GLY K 259 -2.53 32.39 -49.26
N PHE K 260 -1.86 32.74 -50.36
CA PHE K 260 -1.69 34.14 -50.72
C PHE K 260 -2.41 34.53 -52.00
N GLY K 261 -3.13 33.62 -52.64
CA GLY K 261 -4.02 34.01 -53.71
C GLY K 261 -5.37 33.33 -53.62
N LEU K 262 -6.44 34.11 -53.42
CA LEU K 262 -7.79 33.56 -53.41
C LEU K 262 -8.75 34.69 -53.76
N LEU K 263 -9.49 34.51 -54.85
CA LEU K 263 -10.49 35.49 -55.27
C LEU K 263 -11.87 35.04 -54.79
N SER K 264 -12.49 35.86 -53.97
CA SER K 264 -13.84 35.62 -53.46
C SER K 264 -14.78 36.56 -54.19
N VAL K 265 -15.66 36.01 -55.02
CA VAL K 265 -16.40 36.77 -56.01
C VAL K 265 -17.88 36.78 -55.68
N LEU K 266 -18.48 37.97 -55.66
CA LEU K 266 -19.90 38.17 -55.50
C LEU K 266 -20.43 39.05 -56.63
N PRO K 267 -21.44 38.61 -57.37
CA PRO K 267 -22.07 39.48 -58.38
C PRO K 267 -22.91 40.56 -57.72
N ILE K 268 -22.40 41.79 -57.75
CA ILE K 268 -23.09 42.93 -57.17
C ILE K 268 -24.08 43.52 -58.15
MG MG L . 38.83 -64.99 8.83
MG MG M . -0.95 14.77 -29.67
#